data_9QXX
#
_entry.id   9QXX
#
_cell.length_a   1.00
_cell.length_b   1.00
_cell.length_c   1.00
_cell.angle_alpha   90.00
_cell.angle_beta   90.00
_cell.angle_gamma   90.00
#
_symmetry.space_group_name_H-M   'P 1'
#
loop_
_entity.id
_entity.type
_entity.pdbx_description
1 polymer JetB
2 polymer JetA
3 polymer JetC
4 polymer 'Circular plasmid DNA (1843-MER)'
5 non-polymer "ADENOSINE-5'-DIPHOSPHATE"
#
loop_
_entity_poly.entity_id
_entity_poly.type
_entity_poly.pdbx_seq_one_letter_code
_entity_poly.pdbx_strand_id
1 'polypeptide(L)'
;MAGFFDKLINRSVTANAGSEPEPSDEEVTDESVEDSLASSETRTLQKIREATQELLKYGLLEEASKPNLYRIVLSHPEEV
TRILEPLDLDIGIDEIRGLLYVKVRLDETPAQDEWAHPLVRRQRLNLEQSLLVAILRQHFVAWEQESGTGASQAQIAIDD
LLPQLQIYLGDPGSESKERTRLLTLLDQLKGHGLVTSPDAHERIVIRPIIAHLADPINLQALLAWLREQIAQQTSPNDAP
EKDSSEEDVG
;
C,D,H,I
2 'polypeptide(L)'
;GPAAMEENTRQRTENYISAKNQHPAWILLATRRAPLVLSALKTLFEKSHDGIPLEEAIQSLSSILIEHVSQEQYDINQDN
PFLQASRELREWIKRRLIVERDGRIFATDALEVAITFVESLDNRFMTSTASRLSTVQREIENLETRLNPNPANRVATLRR
RISELERELQEAEAGHIEVLETHQAVEHIRDVYNLASSLRADFRRVEDSWREADRALRQSIIGEQYHRGDIVERLLNDQD
ALLNTPEGRVFDSFQQQLRQSSELKAMSERLRVILSHPSASDALNRLQRHDLRWLVKRLVDESQTVLQARARSERDVRGF
MKTGLAAEHHRVGHLLNEFLNLALKLDWQRQMIRKQEVPLPAVGVAVTGIPAIERLRFKEVDDEAEQTLDLSNHAADLTQ
IGDDFWDAFNGLDREVLIQQTLQLLAKENRPVGLAELAELLPPAHDLETFAVWIGMAREAGIEVIDSQREFAELSDGEGR
RWRFNLPTTGLESQALMDIDWEG
;
E,J
3 'polypeptide(L)'
;MNQVSGLAGKESFILTRIELFNWGGFHGLHQAAIHQDGTAVIGPTGSGKTTLVDALMTLLLANPRYNLASTGGHESDRDL
ISYVRGVSGPGDGGEGQSHIARPGKTVTGIAATLEREGKQVRLGALLWFDSTSSSVTDMKRLWLFSDNPGQTLEHWLNVY
HEGGTRLLRQMEKEAIGLWTYPNKKQYLARLRDFFEVGENAFTLLNRAAGLKQLNSIDEIFRELVLDDHSAFDRAAEVAN
SFDGLTEIHQELETARKQQQSLQPVALSWEKYQKQERQLADWLTLESLLPLWFAQQASHLWREKINLLNARLAEAQTSEE
QLQSQLDLQKKVVSDHMQRYLQVGGANIDELNERIKDWQKTLGSREALARQYQQLTRNLGLPSDLSQPQLEANQHEAEAR
REQIAVDIKLKQEEAYQKGALSHHITEELRERENERAEIARRPDSNLPAHYQAFRSELAKALNVDESELPFVAELIQVKP
EEAQWRGAIERAVGSNRLRILVAPESAQEALRWVNQRNNRLHVRLLEVKLPHSPARFFDDGFTRKLLWKDHPWREAVKAL
LAESDRHAVDSPEQLHDTPHAMTVQGLMSGKQRFYDKHDQKRLDEDWLTGFDNRDRLNFLAKEIATLQEQVKTANAAFEF
AKGEVGLLQNQAASFQKIEQIDFDSIDVPGAKSQLDALRERLENLTRPDSDASVAKAKLDEAQTIESELDKQLRAANKVT
CVLDTELTLARAAERKAQQTAQQGMKEEERELSASHFPVVTLEQLPDIRDLERQHERGIQHEIERVKAELHRLNIELTKR
MSEAKRVDTGALVEAGADLDDIPVYLQRLQELTEEALPEKLNRFLDYLNRSSDDGVTQLLSHIEHEVLVIEERLNELNET
MFRVDFQPDRYLRLDTKKVVHESLRTLEKAQRQLNAARFVDDNGESHYKALQVLVAQLRDASERNRTLGAKALLDPRFRL
EFAVSVMDRQSGNVIESRTGSQGGSGGEKEIIASYVLTASLSYALSPAGSRYPLFGTIILDEAFSRSSHAVAGRIIAALR
EFGLHAVFITPNKEMRLLRDHTRSAIVVHRRGQNSNMASLSWEELERHYQRRGNAG
;
A,B,F,G
4 'polydeoxyribonucleotide'
;(DA)(DT)(DA)(DT)(DA)(DT)(DA)(DT)(DA)(DT)(DA)(DT)(DA)(DT)(DA)(DT)(DA)(DT)(DA)(DT)
(DA)(DT)(DA)(DT)(DA)(DT)(DA)(DT)(DA)(DT)(DA)(DT)(DA)(DT)(DA)(DT)(DA)(DT)(DA)(DT)
(DA)(DT)(DA)(DT)(DA)(DT)(DA)(DT)(DA)(DT)(DA)(DT)(DA)(DT)(DA)(DT)(DA)(DT)(DA)(DT)
;
P,Q
#
loop_
_chem_comp.id
_chem_comp.type
_chem_comp.name
_chem_comp.formula
ADP non-polymer ADENOSINE-5'-DIPHOSPHATE 'C10 H15 N5 O10 P2'
DA DNA linking 2'-DEOXYADENOSINE-5'-MONOPHOSPHATE 'C10 H14 N5 O6 P'
DT DNA linking THYMIDINE-5'-MONOPHOSPHATE 'C10 H15 N2 O8 P'
#
# COMPACT_ATOMS: atom_id res chain seq x y z
N SER A 40 -64.74 67.13 -19.92
CA SER A 40 -64.98 68.22 -18.94
C SER A 40 -63.74 68.47 -18.10
N GLU A 41 -63.36 67.47 -17.30
CA GLU A 41 -62.20 67.62 -16.44
C GLU A 41 -60.93 67.25 -17.21
N THR A 42 -59.80 67.74 -16.70
CA THR A 42 -58.53 67.55 -17.39
C THR A 42 -58.12 66.08 -17.39
N ARG A 43 -57.58 65.64 -18.52
CA ARG A 43 -56.95 64.34 -18.64
C ARG A 43 -55.47 64.53 -18.90
N THR A 44 -54.63 63.98 -18.02
CA THR A 44 -53.20 63.96 -18.26
C THR A 44 -52.93 63.35 -19.63
N LEU A 45 -51.91 63.88 -20.32
CA LEU A 45 -51.56 63.38 -21.64
C LEU A 45 -51.56 61.86 -21.65
N GLN A 46 -52.35 61.28 -22.54
CA GLN A 46 -52.51 59.83 -22.57
C GLN A 46 -51.14 59.14 -22.65
N LYS A 47 -50.23 59.69 -23.45
CA LYS A 47 -48.89 59.12 -23.51
C LYS A 47 -48.18 59.23 -22.17
N ILE A 48 -48.36 60.35 -21.47
CA ILE A 48 -47.76 60.50 -20.15
C ILE A 48 -48.33 59.46 -19.19
N ARG A 49 -49.64 59.22 -19.26
CA ARG A 49 -50.25 58.18 -18.42
C ARG A 49 -49.66 56.82 -18.73
N GLU A 50 -49.54 56.49 -20.01
CA GLU A 50 -48.93 55.22 -20.40
C GLU A 50 -47.52 55.10 -19.83
N ALA A 51 -46.70 56.14 -20.02
CA ALA A 51 -45.32 56.07 -19.57
C ALA A 51 -45.21 55.93 -18.06
N THR A 52 -45.99 56.73 -17.32
CA THR A 52 -45.90 56.67 -15.86
C THR A 52 -46.38 55.33 -15.33
N GLN A 53 -47.49 54.80 -15.87
CA GLN A 53 -47.95 53.49 -15.41
C GLN A 53 -46.95 52.39 -15.75
N GLU A 54 -46.38 52.43 -16.95
CA GLU A 54 -45.40 51.42 -17.32
C GLU A 54 -44.16 51.49 -16.44
N LEU A 55 -43.66 52.70 -16.18
CA LEU A 55 -42.49 52.85 -15.33
C LEU A 55 -42.80 52.41 -13.90
N LEU A 56 -44.02 52.66 -13.42
CA LEU A 56 -44.40 52.15 -12.11
C LEU A 56 -44.46 50.63 -12.10
N LYS A 57 -44.96 50.03 -13.18
CA LYS A 57 -45.04 48.58 -13.26
C LYS A 57 -43.66 47.94 -13.20
N TYR A 58 -42.74 48.39 -14.06
CA TYR A 58 -41.44 47.76 -14.12
C TYR A 58 -40.43 48.40 -13.18
N GLY A 59 -40.81 49.49 -12.51
CA GLY A 59 -39.93 50.16 -11.58
C GLY A 59 -38.78 50.92 -12.21
N LEU A 60 -38.44 50.64 -13.46
CA LEU A 60 -37.36 51.32 -14.15
C LEU A 60 -37.70 51.37 -15.63
N LEU A 61 -36.92 52.14 -16.38
CA LEU A 61 -37.21 52.34 -17.80
C LEU A 61 -35.93 52.73 -18.51
N GLU A 62 -35.59 51.99 -19.56
CA GLU A 62 -34.30 52.13 -20.23
C GLU A 62 -34.52 52.56 -21.67
N GLU A 63 -33.80 53.61 -22.08
CA GLU A 63 -33.87 54.07 -23.47
C GLU A 63 -33.50 52.97 -24.44
N ALA A 64 -32.57 52.09 -24.07
CA ALA A 64 -32.05 51.10 -24.99
C ALA A 64 -33.12 50.12 -25.48
N SER A 65 -34.21 49.95 -24.74
CA SER A 65 -35.26 49.02 -25.12
C SER A 65 -36.66 49.58 -25.07
N LYS A 66 -36.86 50.79 -24.56
CA LYS A 66 -38.17 51.42 -24.46
C LYS A 66 -38.02 52.91 -24.67
N PRO A 67 -37.40 53.34 -25.77
CA PRO A 67 -37.05 54.76 -25.91
C PRO A 67 -38.25 55.69 -25.88
N ASN A 68 -39.41 55.27 -26.39
CA ASN A 68 -40.53 56.19 -26.51
C ASN A 68 -41.01 56.67 -25.14
N LEU A 69 -41.29 55.74 -24.22
CA LEU A 69 -41.76 56.14 -22.89
C LEU A 69 -40.65 56.84 -22.12
N TYR A 70 -39.41 56.38 -22.28
CA TYR A 70 -38.27 57.03 -21.66
C TYR A 70 -38.23 58.51 -22.03
N ARG A 71 -38.31 58.81 -23.33
CA ARG A 71 -38.33 60.19 -23.78
C ARG A 71 -39.56 60.92 -23.30
N ILE A 72 -40.73 60.26 -23.32
CA ILE A 72 -41.96 60.90 -22.86
C ILE A 72 -41.79 61.41 -21.45
N VAL A 73 -41.26 60.56 -20.56
CA VAL A 73 -40.99 61.01 -19.20
C VAL A 73 -39.95 62.13 -19.20
N LEU A 74 -38.90 61.98 -20.01
CA LEU A 74 -37.88 63.03 -20.08
C LEU A 74 -38.45 64.33 -20.64
N SER A 75 -39.59 64.28 -21.32
CA SER A 75 -40.20 65.49 -21.86
C SER A 75 -41.07 66.21 -20.83
N HIS A 76 -41.61 65.49 -19.85
CA HIS A 76 -42.41 66.09 -18.80
C HIS A 76 -41.94 65.61 -17.44
N PRO A 77 -40.64 65.69 -17.14
CA PRO A 77 -40.17 65.20 -15.84
C PRO A 77 -40.84 65.88 -14.67
N GLU A 78 -41.13 67.17 -14.77
CA GLU A 78 -41.91 67.83 -13.74
C GLU A 78 -43.23 67.10 -13.53
N GLU A 79 -43.91 66.78 -14.63
CA GLU A 79 -45.21 66.11 -14.53
C GLU A 79 -45.08 64.76 -13.85
N VAL A 80 -44.08 63.96 -14.25
CA VAL A 80 -43.90 62.64 -13.66
C VAL A 80 -43.59 62.77 -12.17
N THR A 81 -42.70 63.69 -11.83
CA THR A 81 -42.36 63.89 -10.43
C THR A 81 -43.58 64.28 -9.61
N ARG A 82 -44.41 65.18 -10.14
CA ARG A 82 -45.64 65.54 -9.45
C ARG A 82 -46.54 64.32 -9.28
N ILE A 83 -46.63 63.49 -10.32
CA ILE A 83 -47.47 62.30 -10.27
C ILE A 83 -46.98 61.36 -9.17
N LEU A 84 -45.65 61.21 -9.04
CA LEU A 84 -45.10 60.33 -8.01
C LEU A 84 -45.26 60.89 -6.61
N GLU A 85 -45.38 62.21 -6.45
CA GLU A 85 -45.40 62.79 -5.12
C GLU A 85 -46.51 62.22 -4.26
N PRO A 86 -47.76 62.12 -4.73
CA PRO A 86 -48.78 61.44 -3.91
C PRO A 86 -48.39 60.02 -3.53
N LEU A 87 -47.67 59.31 -4.41
CA LEU A 87 -47.31 57.93 -4.15
C LEU A 87 -46.19 57.79 -3.15
N ASP A 88 -45.62 58.91 -2.68
CA ASP A 88 -44.39 58.87 -1.88
C ASP A 88 -43.25 58.20 -2.64
N LEU A 89 -43.22 58.41 -3.95
CA LEU A 89 -42.15 57.92 -4.82
C LEU A 89 -41.43 59.11 -5.45
N ASP A 90 -40.40 58.79 -6.22
CA ASP A 90 -39.57 59.82 -6.84
C ASP A 90 -38.89 59.21 -8.06
N ILE A 91 -38.36 60.08 -8.92
CA ILE A 91 -37.75 59.65 -10.18
C ILE A 91 -36.33 60.21 -10.23
N GLY A 92 -35.35 59.32 -10.24
CA GLY A 92 -33.98 59.67 -10.54
C GLY A 92 -33.73 59.60 -12.03
N ILE A 93 -32.55 60.03 -12.45
CA ILE A 93 -32.17 60.05 -13.86
C ILE A 93 -30.70 59.73 -13.99
N ASP A 94 -30.34 59.08 -15.10
CA ASP A 94 -28.94 58.84 -15.47
C ASP A 94 -28.92 58.83 -16.99
N GLU A 95 -28.71 60.00 -17.59
CA GLU A 95 -28.68 60.09 -19.05
C GLU A 95 -27.40 59.49 -19.62
N ILE A 96 -26.36 59.36 -18.81
CA ILE A 96 -25.09 58.85 -19.32
C ILE A 96 -25.25 57.39 -19.76
N ARG A 97 -25.96 56.58 -18.97
CA ARG A 97 -26.23 55.20 -19.33
C ARG A 97 -27.63 54.99 -19.90
N GLY A 98 -28.51 55.99 -19.80
CA GLY A 98 -29.83 55.89 -20.37
C GLY A 98 -30.83 55.14 -19.49
N LEU A 99 -30.89 55.49 -18.21
CA LEU A 99 -31.81 54.88 -17.27
C LEU A 99 -32.67 55.94 -16.60
N LEU A 100 -33.92 55.57 -16.34
CA LEU A 100 -34.83 56.35 -15.50
C LEU A 100 -35.47 55.39 -14.52
N TYR A 101 -35.14 55.54 -13.24
CA TYR A 101 -35.52 54.56 -12.24
C TYR A 101 -36.31 55.23 -11.13
N VAL A 102 -37.24 54.48 -10.56
CA VAL A 102 -38.05 54.94 -9.43
C VAL A 102 -37.24 54.77 -8.16
N LYS A 103 -37.50 55.64 -7.18
CA LYS A 103 -36.85 55.59 -5.88
C LYS A 103 -37.82 56.15 -4.85
N VAL A 104 -37.84 55.53 -3.67
CA VAL A 104 -38.75 55.97 -2.63
C VAL A 104 -38.42 57.42 -2.27
N ARG A 105 -39.46 58.24 -2.19
CA ARG A 105 -39.29 59.63 -1.80
C ARG A 105 -38.77 59.70 -0.37
N LEU A 106 -38.23 60.87 -0.01
CA LEU A 106 -37.60 61.06 1.30
C LEU A 106 -38.04 62.35 1.99
N ASP A 107 -39.13 62.98 1.54
CA ASP A 107 -39.53 64.24 2.13
C ASP A 107 -39.76 64.11 3.63
N GLU A 108 -40.57 63.15 4.06
CA GLU A 108 -40.66 62.81 5.47
C GLU A 108 -40.54 61.31 5.69
N THR A 109 -39.99 60.56 4.74
CA THR A 109 -39.95 59.11 4.85
C THR A 109 -39.08 58.69 6.02
N PRO A 110 -39.56 57.74 6.85
CA PRO A 110 -38.70 57.24 7.94
C PRO A 110 -37.38 56.71 7.43
N ALA A 111 -36.28 57.25 7.96
CA ALA A 111 -34.94 56.83 7.53
C ALA A 111 -34.61 55.40 7.93
N GLN A 112 -35.42 54.78 8.80
CA GLN A 112 -35.17 53.40 9.18
C GLN A 112 -34.98 52.51 7.96
N ASP A 113 -36.00 52.47 7.10
CA ASP A 113 -35.88 51.75 5.83
C ASP A 113 -37.06 52.14 4.95
N GLU A 114 -36.78 52.58 3.72
CA GLU A 114 -37.84 52.90 2.79
C GLU A 114 -38.62 51.66 2.37
N TRP A 115 -38.11 50.47 2.67
CA TRP A 115 -38.77 49.24 2.28
C TRP A 115 -40.12 49.06 2.96
N ALA A 116 -40.34 49.71 4.11
CA ALA A 116 -41.62 49.62 4.79
C ALA A 116 -42.75 50.24 3.99
N HIS A 117 -42.45 51.01 2.96
CA HIS A 117 -43.47 51.64 2.16
C HIS A 117 -44.40 50.57 1.58
N PRO A 118 -45.73 50.72 1.72
CA PRO A 118 -46.63 49.60 1.39
C PRO A 118 -46.61 49.18 -0.07
N LEU A 119 -46.18 50.05 -0.99
CA LEU A 119 -46.32 49.79 -2.42
C LEU A 119 -45.06 49.25 -3.09
N VAL A 120 -43.92 49.29 -2.42
CA VAL A 120 -42.73 48.63 -2.94
C VAL A 120 -42.85 47.15 -2.59
N ARG A 121 -43.44 46.38 -3.49
CA ARG A 121 -43.93 45.06 -3.14
C ARG A 121 -42.80 44.04 -2.97
N ARG A 122 -41.77 44.11 -3.80
CA ARG A 122 -40.69 43.14 -3.69
C ARG A 122 -39.97 43.29 -2.35
N GLN A 123 -39.51 42.17 -1.80
CA GLN A 123 -39.04 42.12 -0.44
C GLN A 123 -37.63 42.71 -0.33
N ARG A 124 -37.15 42.82 0.92
CA ARG A 124 -35.87 43.45 1.18
C ARG A 124 -34.72 42.58 0.68
N LEU A 125 -33.61 43.23 0.35
CA LEU A 125 -32.42 42.50 -0.03
C LEU A 125 -31.77 41.87 1.20
N ASN A 126 -30.98 40.82 0.95
CA ASN A 126 -30.26 40.10 2.01
C ASN A 126 -28.80 39.99 1.62
N LEU A 127 -27.97 39.58 2.59
CA LEU A 127 -26.53 39.81 2.45
C LEU A 127 -25.86 38.83 1.49
N GLU A 128 -26.41 37.64 1.28
CA GLU A 128 -25.90 36.80 0.20
C GLU A 128 -26.21 37.43 -1.16
N GLN A 129 -27.46 37.88 -1.34
CA GLN A 129 -27.78 38.69 -2.51
C GLN A 129 -26.87 39.90 -2.59
N SER A 130 -26.47 40.44 -1.44
CA SER A 130 -25.60 41.61 -1.45
C SER A 130 -24.19 41.25 -1.92
N LEU A 131 -23.69 40.09 -1.52
CA LEU A 131 -22.40 39.64 -2.02
C LEU A 131 -22.45 39.46 -3.53
N LEU A 132 -23.50 38.82 -4.03
CA LEU A 132 -23.63 38.68 -5.47
C LEU A 132 -23.77 40.03 -6.14
N VAL A 133 -24.48 40.97 -5.50
CA VAL A 133 -24.62 42.32 -6.03
C VAL A 133 -23.26 42.99 -6.14
N ALA A 134 -22.42 42.81 -5.11
CA ALA A 134 -21.08 43.38 -5.15
C ALA A 134 -20.27 42.80 -6.31
N ILE A 135 -20.35 41.48 -6.50
CA ILE A 135 -19.61 40.89 -7.62
C ILE A 135 -20.11 41.44 -8.95
N LEU A 136 -21.43 41.52 -9.12
CA LEU A 136 -21.97 42.07 -10.37
C LEU A 136 -21.59 43.53 -10.55
N ARG A 137 -21.57 44.30 -9.46
CA ARG A 137 -21.18 45.70 -9.57
C ARG A 137 -19.72 45.84 -9.98
N GLN A 138 -18.85 44.99 -9.43
CA GLN A 138 -17.45 45.01 -9.85
C GLN A 138 -17.33 44.70 -11.34
N HIS A 139 -18.04 43.66 -11.80
CA HIS A 139 -18.03 43.34 -13.21
C HIS A 139 -18.60 44.48 -14.05
N PHE A 140 -19.63 45.14 -13.55
CA PHE A 140 -20.25 46.24 -14.28
C PHE A 140 -19.30 47.41 -14.44
N VAL A 141 -18.59 47.77 -13.38
CA VAL A 141 -17.63 48.87 -13.49
C VAL A 141 -16.46 48.47 -14.38
N ALA A 142 -16.03 47.20 -14.33
CA ALA A 142 -14.99 46.77 -15.24
C ALA A 142 -15.44 46.92 -16.69
N TRP A 143 -16.67 46.48 -16.99
CA TRP A 143 -17.20 46.64 -18.34
C TRP A 143 -17.31 48.11 -18.72
N GLU A 144 -17.75 48.95 -17.78
CA GLU A 144 -17.86 50.38 -18.06
C GLU A 144 -16.52 50.95 -18.46
N GLN A 145 -15.46 50.61 -17.72
CA GLN A 145 -14.13 51.04 -18.13
C GLN A 145 -13.78 50.52 -19.51
N GLU A 146 -14.08 49.23 -19.77
CA GLU A 146 -13.71 48.64 -21.04
C GLU A 146 -14.35 49.37 -22.21
N SER A 147 -15.67 49.56 -22.16
CA SER A 147 -16.39 50.11 -23.31
C SER A 147 -16.91 51.52 -23.04
N GLY A 148 -16.40 52.20 -22.04
CA GLY A 148 -17.02 53.43 -21.60
C GLY A 148 -18.43 53.13 -21.11
N THR A 149 -19.34 54.06 -21.37
CA THR A 149 -20.75 53.78 -21.11
C THR A 149 -21.34 52.84 -22.15
N GLY A 150 -20.72 52.71 -23.33
CA GLY A 150 -21.10 51.74 -24.32
C GLY A 150 -22.59 51.57 -24.51
N ALA A 151 -23.07 50.35 -24.29
CA ALA A 151 -24.48 50.01 -24.45
C ALA A 151 -24.94 49.28 -23.20
N SER A 152 -26.26 49.16 -23.05
CA SER A 152 -26.82 48.48 -21.89
C SER A 152 -26.33 47.03 -21.79
N GLN A 153 -25.69 46.51 -22.84
CA GLN A 153 -25.19 45.14 -22.84
C GLN A 153 -23.86 45.02 -22.08
N ALA A 154 -23.96 45.07 -20.75
CA ALA A 154 -22.84 44.70 -19.90
C ALA A 154 -22.99 43.24 -19.50
N GLN A 155 -22.38 42.34 -20.26
CA GLN A 155 -22.69 40.92 -20.18
C GLN A 155 -21.63 40.17 -19.37
N ILE A 156 -22.02 39.02 -18.84
CA ILE A 156 -21.12 38.12 -18.12
C ILE A 156 -21.60 36.70 -18.35
N ALA A 157 -20.64 35.79 -18.51
CA ALA A 157 -20.93 34.37 -18.62
C ALA A 157 -21.09 33.78 -17.22
N ILE A 158 -22.12 32.95 -17.05
CA ILE A 158 -22.42 32.41 -15.73
C ILE A 158 -21.24 31.61 -15.19
N ASP A 159 -20.49 30.95 -16.07
CA ASP A 159 -19.40 30.10 -15.59
C ASP A 159 -18.36 30.89 -14.81
N ASP A 160 -18.29 32.20 -15.00
CA ASP A 160 -17.31 33.00 -14.27
C ASP A 160 -17.76 33.27 -12.83
N LEU A 161 -19.07 33.28 -12.58
CA LEU A 161 -19.56 33.52 -11.23
C LEU A 161 -19.26 32.35 -10.30
N LEU A 162 -19.30 31.12 -10.80
CA LEU A 162 -19.13 29.96 -9.93
C LEU A 162 -17.82 30.00 -9.16
N PRO A 163 -16.66 30.25 -9.78
CA PRO A 163 -15.43 30.36 -8.98
C PRO A 163 -15.51 31.42 -7.90
N GLN A 164 -16.23 32.52 -8.14
CA GLN A 164 -16.27 33.59 -7.15
C GLN A 164 -17.07 33.16 -5.93
N LEU A 165 -18.35 32.84 -6.11
CA LEU A 165 -19.18 32.47 -4.96
C LEU A 165 -18.66 31.20 -4.28
N GLN A 166 -17.98 30.34 -5.03
CA GLN A 166 -17.38 29.15 -4.42
C GLN A 166 -16.54 29.52 -3.20
N ILE A 167 -15.78 30.61 -3.31
CA ILE A 167 -14.91 31.03 -2.21
C ILE A 167 -15.72 31.37 -0.96
N TYR A 168 -16.88 32.01 -1.13
CA TYR A 168 -17.65 32.52 -0.01
C TYR A 168 -18.70 31.53 0.48
N LEU A 169 -19.67 31.19 -0.37
CA LEU A 169 -20.75 30.31 0.05
C LEU A 169 -20.30 28.88 0.25
N GLY A 170 -19.07 28.54 -0.15
CA GLY A 170 -18.54 27.22 0.09
C GLY A 170 -18.34 26.42 -1.19
N ASP A 171 -18.28 25.10 -1.02
CA ASP A 171 -18.07 24.18 -2.12
C ASP A 171 -18.65 22.83 -1.74
N PRO A 172 -19.96 22.65 -1.95
CA PRO A 172 -20.58 21.35 -1.64
C PRO A 172 -20.08 20.24 -2.55
N GLY A 173 -19.23 20.59 -3.51
CA GLY A 173 -18.58 19.60 -4.35
C GLY A 173 -19.44 19.06 -5.48
N SER A 174 -20.68 19.52 -5.60
CA SER A 174 -21.57 19.08 -6.67
C SER A 174 -21.81 20.27 -7.58
N GLU A 175 -21.24 20.22 -8.79
CA GLU A 175 -21.38 21.34 -9.72
C GLU A 175 -22.85 21.70 -9.93
N SER A 176 -23.71 20.70 -10.08
CA SER A 176 -25.14 20.98 -10.26
C SER A 176 -25.72 21.73 -9.08
N LYS A 177 -25.37 21.34 -7.85
CA LYS A 177 -25.91 22.01 -6.67
C LYS A 177 -25.50 23.47 -6.63
N GLU A 178 -24.22 23.76 -6.84
CA GLU A 178 -23.77 25.15 -6.82
C GLU A 178 -24.40 25.95 -7.96
N ARG A 179 -24.56 25.31 -9.12
CA ARG A 179 -25.22 25.99 -10.23
C ARG A 179 -26.67 26.31 -9.89
N THR A 180 -27.37 25.38 -9.24
CA THR A 180 -28.74 25.64 -8.82
C THR A 180 -28.79 26.81 -7.84
N ARG A 181 -27.88 26.82 -6.87
CA ARG A 181 -27.82 27.93 -5.92
C ARG A 181 -27.57 29.26 -6.63
N LEU A 182 -26.62 29.27 -7.56
CA LEU A 182 -26.29 30.50 -8.27
C LEU A 182 -27.46 30.98 -9.10
N LEU A 183 -28.15 30.07 -9.78
CA LEU A 183 -29.30 30.44 -10.59
C LEU A 183 -30.44 30.94 -9.71
N THR A 184 -30.63 30.34 -8.54
CA THR A 184 -31.64 30.87 -7.62
C THR A 184 -31.31 32.30 -7.21
N LEU A 185 -30.04 32.56 -6.88
CA LEU A 185 -29.65 33.92 -6.52
C LEU A 185 -29.87 34.88 -7.68
N LEU A 186 -29.47 34.47 -8.89
CA LEU A 186 -29.66 35.34 -10.05
C LEU A 186 -31.13 35.61 -10.33
N ASP A 187 -31.98 34.59 -10.19
CA ASP A 187 -33.41 34.80 -10.38
C ASP A 187 -33.97 35.76 -9.35
N GLN A 188 -33.58 35.59 -8.09
CA GLN A 188 -34.04 36.53 -7.06
C GLN A 188 -33.55 37.95 -7.36
N LEU A 189 -32.33 38.10 -7.87
CA LEU A 189 -31.85 39.43 -8.25
C LEU A 189 -32.68 39.99 -9.39
N LYS A 190 -32.97 39.17 -10.41
CA LYS A 190 -33.84 39.64 -11.48
C LYS A 190 -35.21 40.03 -10.94
N GLY A 191 -35.63 39.43 -9.83
CA GLY A 191 -36.84 39.89 -9.18
C GLY A 191 -36.75 41.35 -8.77
N HIS A 192 -35.57 41.78 -8.35
CA HIS A 192 -35.30 43.19 -8.09
C HIS A 192 -34.96 43.96 -9.35
N GLY A 193 -34.75 43.29 -10.48
CA GLY A 193 -34.55 43.96 -11.73
C GLY A 193 -33.12 44.34 -12.05
N LEU A 194 -32.13 43.67 -11.45
CA LEU A 194 -30.74 44.05 -11.63
C LEU A 194 -30.01 43.19 -12.64
N VAL A 195 -30.64 42.14 -13.17
CA VAL A 195 -29.98 41.24 -14.10
C VAL A 195 -31.05 40.53 -14.92
N THR A 196 -30.83 40.47 -16.23
CA THR A 196 -31.72 39.70 -17.09
C THR A 196 -31.55 38.21 -16.82
N SER A 197 -32.67 37.50 -16.84
CA SER A 197 -32.64 36.07 -16.56
C SER A 197 -31.68 35.37 -17.51
N PRO A 198 -31.20 34.17 -17.15
CA PRO A 198 -30.33 33.43 -18.05
C PRO A 198 -31.01 33.17 -19.38
N ASP A 199 -30.22 33.10 -20.43
CA ASP A 199 -30.70 32.92 -21.79
C ASP A 199 -30.11 31.64 -22.37
N ALA A 200 -30.30 31.44 -23.67
CA ALA A 200 -29.84 30.22 -24.34
C ALA A 200 -28.32 30.08 -24.31
N HIS A 201 -27.58 31.17 -24.16
CA HIS A 201 -26.12 31.13 -24.12
C HIS A 201 -25.58 31.17 -22.69
N GLU A 202 -26.44 31.01 -21.69
CA GLU A 202 -26.02 31.04 -20.29
C GLU A 202 -25.40 32.39 -19.91
N ARG A 203 -25.71 33.42 -20.69
CA ARG A 203 -25.21 34.76 -20.46
C ARG A 203 -26.32 35.67 -19.97
N ILE A 204 -25.94 36.68 -19.19
CA ILE A 204 -26.89 37.65 -18.67
C ILE A 204 -26.30 39.05 -18.84
N VAL A 205 -27.19 40.04 -18.83
CA VAL A 205 -26.81 41.44 -18.95
C VAL A 205 -27.12 42.12 -17.63
N ILE A 206 -26.08 42.62 -16.96
CA ILE A 206 -26.26 43.40 -15.75
C ILE A 206 -27.01 44.67 -16.10
N ARG A 207 -28.20 44.83 -15.54
CA ARG A 207 -28.99 46.01 -15.85
C ARG A 207 -28.29 47.26 -15.31
N PRO A 208 -28.32 48.38 -16.03
CA PRO A 208 -27.63 49.58 -15.53
C PRO A 208 -28.11 50.04 -14.17
N ILE A 209 -29.32 49.66 -13.75
CA ILE A 209 -29.83 50.04 -12.43
C ILE A 209 -28.83 49.67 -11.35
N ILE A 210 -27.97 48.68 -11.59
CA ILE A 210 -27.02 48.23 -10.58
C ILE A 210 -26.15 49.39 -10.11
N ALA A 211 -25.73 50.25 -11.03
CA ALA A 211 -24.81 51.33 -10.66
C ALA A 211 -25.38 52.19 -9.54
N HIS A 212 -26.71 52.36 -9.50
CA HIS A 212 -27.30 53.25 -8.51
C HIS A 212 -27.61 52.53 -7.21
N LEU A 213 -27.83 51.22 -7.24
CA LEU A 213 -28.00 50.48 -5.99
C LEU A 213 -26.68 50.36 -5.25
N ALA A 214 -25.62 50.02 -5.97
CA ALA A 214 -24.27 50.03 -5.40
C ALA A 214 -23.60 51.38 -5.64
N ASP A 215 -24.31 52.44 -5.29
CA ASP A 215 -23.74 53.78 -5.30
C ASP A 215 -22.69 53.87 -4.20
N PRO A 216 -21.48 54.38 -4.49
CA PRO A 216 -20.43 54.40 -3.47
C PRO A 216 -20.91 54.87 -2.10
N ILE A 217 -21.89 55.77 -2.03
CA ILE A 217 -22.43 56.18 -0.73
C ILE A 217 -23.13 55.00 -0.06
N ASN A 218 -24.02 54.32 -0.81
CA ASN A 218 -24.65 53.12 -0.27
C ASN A 218 -23.62 52.06 0.07
N LEU A 219 -22.55 51.98 -0.73
CA LEU A 219 -21.49 51.01 -0.46
C LEU A 219 -20.82 51.31 0.87
N GLN A 220 -20.53 52.58 1.14
CA GLN A 220 -19.95 52.93 2.43
C GLN A 220 -20.91 52.64 3.57
N ALA A 221 -22.20 52.93 3.40
CA ALA A 221 -23.16 52.62 4.44
C ALA A 221 -23.15 51.13 4.76
N LEU A 222 -23.30 50.30 3.72
CA LEU A 222 -23.33 48.86 3.92
C LEU A 222 -22.00 48.36 4.49
N LEU A 223 -20.89 48.99 4.07
CA LEU A 223 -19.58 48.58 4.55
C LEU A 223 -19.42 48.89 6.03
N ALA A 224 -19.90 50.05 6.47
CA ALA A 224 -19.86 50.38 7.88
C ALA A 224 -20.70 49.40 8.67
N TRP A 225 -21.90 49.06 8.17
CA TRP A 225 -22.73 48.09 8.85
C TRP A 225 -22.06 46.72 8.89
N LEU A 226 -21.36 46.36 7.82
CA LEU A 226 -20.68 45.06 7.77
C LEU A 226 -19.51 45.02 8.74
N ARG A 227 -18.78 46.12 8.88
CA ARG A 227 -17.75 46.20 9.90
C ARG A 227 -18.36 46.09 11.29
N GLU A 228 -19.50 46.75 11.50
CA GLU A 228 -20.22 46.60 12.76
C GLU A 228 -20.51 45.14 13.06
N GLN A 229 -21.04 44.42 12.06
CA GLN A 229 -21.36 43.00 12.27
C GLN A 229 -20.10 42.16 12.50
N ILE A 230 -19.03 42.44 11.75
CA ILE A 230 -17.77 41.73 11.98
C ILE A 230 -17.31 41.94 13.42
N ALA A 231 -17.45 43.16 13.93
CA ALA A 231 -17.14 43.39 15.34
C ALA A 231 -18.05 42.57 16.24
N GLN A 232 -19.34 42.50 15.90
CA GLN A 232 -20.27 41.69 16.68
C GLN A 232 -19.92 40.21 16.62
N GLN A 233 -19.19 39.79 15.58
CA GLN A 233 -18.79 38.39 15.48
C GLN A 233 -17.92 37.94 16.63
N THR A 234 -17.26 38.86 17.32
CA THR A 234 -16.41 38.54 18.45
C THR A 234 -17.16 37.69 19.48
N SER B 40 -39.85 70.50 -5.03
CA SER B 40 -41.00 70.97 -5.86
C SER B 40 -41.97 71.77 -4.99
N GLU B 41 -43.23 71.84 -5.40
CA GLU B 41 -44.26 72.55 -4.64
C GLU B 41 -44.50 71.83 -3.32
N THR B 42 -45.38 72.38 -2.49
CA THR B 42 -45.69 71.77 -1.21
C THR B 42 -46.26 70.37 -1.42
N ARG B 43 -46.32 69.62 -0.32
CA ARG B 43 -46.71 68.21 -0.39
C ARG B 43 -48.22 68.05 -0.27
N THR B 44 -48.69 66.91 -0.76
CA THR B 44 -50.02 66.44 -0.42
C THR B 44 -50.05 66.07 1.07
N LEU B 45 -51.25 66.14 1.65
CA LEU B 45 -51.39 65.82 3.07
C LEU B 45 -50.84 64.43 3.33
N GLN B 46 -50.06 64.29 4.41
CA GLN B 46 -49.50 62.99 4.75
C GLN B 46 -50.61 61.98 5.02
N LYS B 47 -51.68 62.41 5.68
CA LYS B 47 -52.82 61.53 5.91
C LYS B 47 -53.42 61.07 4.59
N ILE B 48 -53.59 61.99 3.64
CA ILE B 48 -54.20 61.64 2.36
C ILE B 48 -53.34 60.62 1.62
N ARG B 49 -52.03 60.85 1.57
CA ARG B 49 -51.14 59.92 0.89
C ARG B 49 -51.13 58.57 1.58
N GLU B 50 -51.14 58.55 2.91
CA GLU B 50 -51.19 57.30 3.64
C GLU B 50 -52.47 56.53 3.30
N ALA B 51 -53.61 57.22 3.29
CA ALA B 51 -54.87 56.57 2.96
C ALA B 51 -54.85 56.04 1.53
N THR B 52 -54.33 56.82 0.59
CA THR B 52 -54.28 56.39 -0.81
C THR B 52 -53.41 55.16 -0.96
N GLN B 53 -52.23 55.15 -0.32
CA GLN B 53 -51.36 53.99 -0.42
C GLN B 53 -51.98 52.77 0.25
N GLU B 54 -52.68 52.95 1.36
CA GLU B 54 -53.40 51.84 1.98
C GLU B 54 -54.45 51.29 1.02
N LEU B 55 -55.23 52.17 0.42
CA LEU B 55 -56.30 51.75 -0.49
C LEU B 55 -55.72 51.05 -1.71
N LEU B 56 -54.52 51.45 -2.14
CA LEU B 56 -53.88 50.77 -3.26
C LEU B 56 -53.32 49.41 -2.84
N LYS B 57 -52.73 49.33 -1.64
CA LYS B 57 -52.21 48.05 -1.17
C LYS B 57 -53.33 47.02 -1.06
N TYR B 58 -54.44 47.39 -0.43
CA TYR B 58 -55.52 46.44 -0.19
C TYR B 58 -56.57 46.44 -1.28
N GLY B 59 -56.59 47.44 -2.14
CA GLY B 59 -57.65 47.59 -3.13
C GLY B 59 -58.97 48.02 -2.55
N LEU B 60 -59.05 48.24 -1.24
CA LEU B 60 -60.29 48.64 -0.60
C LEU B 60 -59.99 49.32 0.72
N LEU B 61 -60.98 50.07 1.20
CA LEU B 61 -60.94 50.66 2.54
C LEU B 61 -62.31 50.46 3.17
N GLU B 62 -62.32 50.37 4.50
CA GLU B 62 -63.53 50.03 5.24
C GLU B 62 -63.78 51.07 6.33
N GLU B 63 -65.04 51.45 6.50
CA GLU B 63 -65.41 52.23 7.68
C GLU B 63 -65.47 51.36 8.93
N ALA B 64 -65.72 50.06 8.78
CA ALA B 64 -65.81 49.16 9.92
C ALA B 64 -64.47 48.97 10.62
N SER B 65 -63.36 48.99 9.87
CA SER B 65 -62.05 48.70 10.46
C SER B 65 -61.11 49.89 10.33
N LYS B 66 -61.27 50.66 9.25
CA LYS B 66 -60.42 51.84 9.01
C LYS B 66 -61.28 53.07 8.71
N PRO B 67 -62.14 53.48 9.65
CA PRO B 67 -62.98 54.64 9.39
C PRO B 67 -62.20 55.93 9.20
N ASN B 68 -60.96 56.01 9.71
CA ASN B 68 -60.21 57.25 9.61
C ASN B 68 -59.69 57.47 8.19
N LEU B 69 -58.94 56.50 7.65
CA LEU B 69 -58.51 56.61 6.25
C LEU B 69 -59.71 56.62 5.30
N TYR B 70 -60.75 55.87 5.66
CA TYR B 70 -61.98 55.85 4.87
C TYR B 70 -62.57 57.26 4.75
N ARG B 71 -62.73 57.93 5.88
CA ARG B 71 -63.28 59.29 5.86
C ARG B 71 -62.29 60.28 5.26
N ILE B 72 -60.99 60.00 5.37
CA ILE B 72 -59.99 60.85 4.71
C ILE B 72 -60.18 60.81 3.20
N VAL B 73 -60.32 59.60 2.65
CA VAL B 73 -60.53 59.47 1.21
C VAL B 73 -61.84 60.11 0.81
N LEU B 74 -62.91 59.88 1.59
CA LEU B 74 -64.19 60.46 1.24
C LEU B 74 -64.15 61.99 1.27
N SER B 75 -63.50 62.58 2.29
CA SER B 75 -63.45 64.03 2.38
C SER B 75 -62.49 64.62 1.35
N HIS B 76 -61.68 63.78 0.71
CA HIS B 76 -60.74 64.24 -0.30
C HIS B 76 -60.94 63.44 -1.57
N PRO B 77 -62.14 63.46 -2.16
CA PRO B 77 -62.37 62.63 -3.35
C PRO B 77 -61.74 63.20 -4.61
N GLU B 78 -61.84 64.51 -4.81
CA GLU B 78 -61.26 65.11 -6.01
C GLU B 78 -59.75 64.93 -6.02
N GLU B 79 -59.10 65.15 -4.88
CA GLU B 79 -57.65 64.93 -4.81
C GLU B 79 -57.31 63.47 -5.05
N VAL B 80 -58.07 62.55 -4.47
CA VAL B 80 -57.80 61.13 -4.65
C VAL B 80 -57.88 60.77 -6.13
N THR B 81 -58.98 61.14 -6.78
CA THR B 81 -59.15 60.79 -8.19
C THR B 81 -58.13 61.49 -9.07
N ARG B 82 -57.71 62.71 -8.70
CA ARG B 82 -56.64 63.37 -9.44
C ARG B 82 -55.34 62.58 -9.32
N ILE B 83 -55.03 62.09 -8.12
CA ILE B 83 -53.86 61.25 -7.94
C ILE B 83 -53.97 60.00 -8.79
N LEU B 84 -55.17 59.42 -8.85
CA LEU B 84 -55.37 58.22 -9.65
C LEU B 84 -55.43 58.52 -11.14
N GLU B 85 -55.69 59.77 -11.51
CA GLU B 85 -55.89 60.10 -12.92
C GLU B 85 -54.68 59.73 -13.78
N PRO B 86 -53.45 60.07 -13.42
CA PRO B 86 -52.31 59.62 -14.22
C PRO B 86 -52.23 58.12 -14.35
N LEU B 87 -52.71 57.38 -13.36
CA LEU B 87 -52.61 55.93 -13.37
C LEU B 87 -53.71 55.26 -14.19
N ASP B 88 -54.69 56.02 -14.67
CA ASP B 88 -55.93 55.46 -15.18
C ASP B 88 -56.64 54.62 -14.11
N LEU B 89 -56.69 55.16 -12.90
CA LEU B 89 -57.36 54.52 -11.77
C LEU B 89 -58.47 55.41 -11.25
N ASP B 90 -59.34 54.82 -10.43
CA ASP B 90 -60.44 55.55 -9.82
C ASP B 90 -60.91 54.76 -8.60
N ILE B 91 -61.80 55.37 -7.81
CA ILE B 91 -62.33 54.74 -6.62
C ILE B 91 -63.84 54.61 -6.74
N GLY B 92 -64.34 53.38 -6.74
CA GLY B 92 -65.74 53.11 -6.60
C GLY B 92 -66.12 53.02 -5.13
N ILE B 93 -67.37 53.39 -4.83
CA ILE B 93 -67.78 53.62 -3.46
C ILE B 93 -69.16 53.00 -3.20
N ASP B 94 -69.41 52.68 -1.94
CA ASP B 94 -70.73 52.29 -1.47
C ASP B 94 -70.80 52.64 0.01
N GLU B 95 -71.43 53.79 0.31
CA GLU B 95 -71.44 54.26 1.69
C GLU B 95 -72.29 53.36 2.58
N ILE B 96 -73.40 52.83 2.07
CA ILE B 96 -74.25 51.97 2.88
C ILE B 96 -73.50 50.70 3.29
N ARG B 97 -72.68 50.16 2.39
CA ARG B 97 -71.90 48.97 2.70
C ARG B 97 -70.57 49.29 3.39
N GLY B 98 -70.28 50.57 3.62
CA GLY B 98 -69.01 50.93 4.21
C GLY B 98 -67.83 50.49 3.39
N LEU B 99 -67.94 50.57 2.06
CA LEU B 99 -66.97 49.99 1.14
C LEU B 99 -66.35 51.09 0.29
N LEU B 100 -65.02 51.07 0.21
CA LEU B 100 -64.27 51.81 -0.79
C LEU B 100 -63.40 50.82 -1.53
N TYR B 101 -63.20 51.04 -2.83
CA TYR B 101 -62.43 50.11 -3.63
C TYR B 101 -61.97 50.79 -4.91
N VAL B 102 -60.90 50.25 -5.49
CA VAL B 102 -60.30 50.79 -6.69
C VAL B 102 -60.99 50.17 -7.90
N LYS B 103 -61.02 50.92 -9.00
CA LYS B 103 -61.68 50.49 -10.22
C LYS B 103 -61.04 51.20 -11.41
N VAL B 104 -61.17 50.59 -12.57
CA VAL B 104 -60.43 50.99 -13.77
C VAL B 104 -61.05 52.26 -14.33
N ARG B 105 -60.21 53.26 -14.58
CA ARG B 105 -60.62 54.52 -15.20
C ARG B 105 -60.45 54.49 -16.72
N LEU B 106 -60.06 53.36 -17.29
CA LEU B 106 -59.58 53.34 -18.66
C LEU B 106 -60.67 53.71 -19.65
N ASP B 107 -60.27 54.38 -20.72
CA ASP B 107 -61.12 54.53 -21.89
C ASP B 107 -61.38 53.16 -22.51
N GLU B 108 -62.54 53.01 -23.13
CA GLU B 108 -62.92 51.76 -23.79
C GLU B 108 -62.28 51.71 -25.17
N THR B 109 -61.73 50.54 -25.51
CA THR B 109 -61.08 50.30 -26.79
C THR B 109 -60.16 51.40 -27.28
N PRO B 110 -59.17 51.81 -26.44
CA PRO B 110 -58.04 52.58 -26.98
C PRO B 110 -57.02 51.72 -27.69
N ALA B 111 -56.83 50.48 -27.24
CA ALA B 111 -55.97 49.52 -27.92
C ALA B 111 -56.82 48.34 -28.37
N GLN B 112 -57.67 47.84 -27.48
CA GLN B 112 -58.61 46.77 -27.81
C GLN B 112 -59.80 46.84 -26.86
N ASP B 113 -60.89 46.20 -27.26
CA ASP B 113 -62.14 46.31 -26.51
C ASP B 113 -62.04 45.72 -25.11
N GLU B 114 -61.04 44.90 -24.83
CA GLU B 114 -60.84 44.30 -23.52
C GLU B 114 -59.63 44.97 -22.87
N TRP B 115 -59.78 45.40 -21.63
CA TRP B 115 -58.78 46.26 -21.00
C TRP B 115 -57.63 45.44 -20.46
N ALA B 116 -56.41 45.96 -20.65
CA ALA B 116 -55.17 45.29 -20.28
C ALA B 116 -54.32 46.24 -19.44
N HIS B 117 -54.94 46.84 -18.44
CA HIS B 117 -54.29 47.84 -17.61
C HIS B 117 -52.95 47.32 -17.10
N PRO B 118 -51.83 47.97 -17.43
CA PRO B 118 -50.52 47.39 -17.07
C PRO B 118 -50.34 47.12 -15.58
N LEU B 119 -50.90 47.97 -14.71
CA LEU B 119 -50.70 47.84 -13.28
C LEU B 119 -51.73 46.93 -12.62
N VAL B 120 -52.58 46.25 -13.40
CA VAL B 120 -53.60 45.38 -12.85
C VAL B 120 -53.66 44.09 -13.66
N ARG B 121 -53.10 43.01 -13.12
CA ARG B 121 -53.09 41.73 -13.81
C ARG B 121 -54.39 40.99 -13.54
N ARG B 122 -55.06 40.54 -14.60
CA ARG B 122 -56.36 39.90 -14.47
C ARG B 122 -56.16 38.39 -14.31
N GLN B 123 -56.03 37.97 -13.06
CA GLN B 123 -55.87 36.55 -12.75
C GLN B 123 -57.17 35.82 -13.00
N ARG B 124 -57.07 34.60 -13.52
CA ARG B 124 -58.22 33.71 -13.67
C ARG B 124 -58.10 32.60 -12.64
N LEU B 125 -59.06 32.53 -11.73
CA LEU B 125 -59.02 31.56 -10.65
C LEU B 125 -59.21 30.14 -11.17
N ASN B 126 -58.81 29.17 -10.35
CA ASN B 126 -59.06 27.77 -10.63
C ASN B 126 -60.49 27.41 -10.22
N LEU B 127 -60.89 26.18 -10.53
CA LEU B 127 -62.29 25.80 -10.38
C LEU B 127 -62.76 25.93 -8.93
N GLU B 128 -61.97 25.45 -7.99
CA GLU B 128 -62.39 25.45 -6.58
C GLU B 128 -62.63 26.88 -6.09
N GLN B 129 -61.70 27.79 -6.40
CA GLN B 129 -61.88 29.17 -6.00
C GLN B 129 -63.11 29.77 -6.64
N SER B 130 -63.38 29.44 -7.90
CA SER B 130 -64.59 29.95 -8.55
C SER B 130 -65.83 29.44 -7.85
N LEU B 131 -65.86 28.15 -7.49
CA LEU B 131 -67.01 27.61 -6.78
C LEU B 131 -67.22 28.33 -5.45
N LEU B 132 -66.14 28.53 -4.71
CA LEU B 132 -66.27 29.23 -3.43
C LEU B 132 -66.72 30.66 -3.63
N VAL B 133 -66.24 31.30 -4.71
CA VAL B 133 -66.65 32.67 -5.00
C VAL B 133 -68.15 32.72 -5.28
N ALA B 134 -68.65 31.78 -6.07
CA ALA B 134 -70.09 31.75 -6.36
C ALA B 134 -70.89 31.49 -5.08
N ILE B 135 -70.42 30.56 -4.26
CA ILE B 135 -71.11 30.27 -3.00
C ILE B 135 -71.19 31.53 -2.14
N LEU B 136 -70.05 32.22 -2.00
CA LEU B 136 -70.03 33.43 -1.18
C LEU B 136 -70.90 34.52 -1.77
N ARG B 137 -70.87 34.68 -3.09
CA ARG B 137 -71.70 35.70 -3.73
C ARG B 137 -73.17 35.46 -3.42
N GLN B 138 -73.65 34.24 -3.68
CA GLN B 138 -75.06 33.96 -3.46
C GLN B 138 -75.43 34.03 -1.98
N HIS B 139 -74.58 33.52 -1.10
CA HIS B 139 -74.90 33.54 0.33
C HIS B 139 -74.93 34.98 0.85
N PHE B 140 -73.98 35.81 0.41
CA PHE B 140 -73.96 37.21 0.82
C PHE B 140 -75.17 37.95 0.29
N VAL B 141 -75.58 37.65 -0.95
CA VAL B 141 -76.79 38.25 -1.49
C VAL B 141 -78.00 37.86 -0.64
N ALA B 142 -78.09 36.58 -0.27
CA ALA B 142 -79.20 36.13 0.57
C ALA B 142 -79.19 36.82 1.93
N TRP B 143 -78.01 36.95 2.53
CA TRP B 143 -77.92 37.62 3.82
C TRP B 143 -78.29 39.09 3.69
N GLU B 144 -77.99 39.71 2.56
CA GLU B 144 -78.37 41.11 2.35
C GLU B 144 -79.86 41.24 2.11
N GLN B 145 -80.49 40.22 1.50
CA GLN B 145 -81.95 40.20 1.47
C GLN B 145 -82.52 40.10 2.88
N GLU B 146 -81.92 39.25 3.73
CA GLU B 146 -82.49 39.00 5.05
C GLU B 146 -82.33 40.22 5.95
N SER B 147 -81.14 40.83 5.97
CA SER B 147 -80.88 41.92 6.90
C SER B 147 -80.91 43.28 6.22
N GLY B 148 -81.03 43.31 4.88
CA GLY B 148 -80.86 44.54 4.14
C GLY B 148 -79.46 44.67 3.58
N THR B 149 -79.24 45.65 2.71
CA THR B 149 -77.96 45.78 2.04
C THR B 149 -76.92 46.39 2.97
N GLY B 150 -75.98 45.57 3.43
CA GLY B 150 -74.88 46.04 4.26
C GLY B 150 -75.29 46.40 5.67
N ALA B 151 -76.54 46.12 6.03
CA ALA B 151 -77.02 46.44 7.38
C ALA B 151 -76.41 45.53 8.43
N SER B 152 -76.35 44.22 8.17
CA SER B 152 -75.77 43.27 9.10
C SER B 152 -74.71 42.46 8.37
N GLN B 153 -73.54 42.34 8.98
CA GLN B 153 -72.44 41.61 8.36
C GLN B 153 -72.86 40.18 8.06
N ALA B 154 -72.50 39.70 6.87
CA ALA B 154 -72.78 38.31 6.51
C ALA B 154 -71.74 37.40 7.14
N GLN B 155 -72.19 36.25 7.65
CA GLN B 155 -71.34 35.33 8.36
C GLN B 155 -71.65 33.89 7.95
N ILE B 156 -70.65 33.02 8.07
CA ILE B 156 -70.81 31.60 7.82
C ILE B 156 -69.70 30.86 8.56
N ALA B 157 -69.91 29.57 8.80
CA ALA B 157 -69.00 28.75 9.58
C ALA B 157 -68.20 27.81 8.67
N ILE B 158 -66.99 27.48 9.11
CA ILE B 158 -66.13 26.58 8.36
C ILE B 158 -66.80 25.21 8.23
N ASP B 159 -67.39 24.73 9.32
CA ASP B 159 -68.02 23.41 9.30
C ASP B 159 -69.17 23.35 8.31
N ASP B 160 -69.90 24.46 8.14
CA ASP B 160 -70.93 24.51 7.11
C ASP B 160 -70.32 24.40 5.72
N LEU B 161 -69.19 25.08 5.50
CA LEU B 161 -68.58 25.10 4.17
C LEU B 161 -68.04 23.73 3.78
N LEU B 162 -67.28 23.09 4.67
CA LEU B 162 -66.53 21.91 4.27
C LEU B 162 -67.40 20.85 3.59
N PRO B 163 -68.55 20.47 4.11
CA PRO B 163 -69.37 19.46 3.41
C PRO B 163 -69.75 19.87 2.00
N GLN B 164 -70.06 21.14 1.77
CA GLN B 164 -70.42 21.58 0.42
C GLN B 164 -69.24 21.44 -0.54
N LEU B 165 -68.03 21.79 -0.07
CA LEU B 165 -66.85 21.63 -0.90
C LEU B 165 -66.61 20.15 -1.20
N GLN B 166 -66.81 19.29 -0.21
CA GLN B 166 -66.69 17.86 -0.46
C GLN B 166 -67.74 17.38 -1.47
N ILE B 167 -68.95 17.94 -1.39
CA ILE B 167 -70.02 17.53 -2.29
C ILE B 167 -69.68 17.90 -3.73
N TYR B 168 -69.28 19.15 -3.96
CA TYR B 168 -69.10 19.62 -5.33
C TYR B 168 -67.75 19.21 -5.90
N LEU B 169 -66.73 19.09 -5.05
CA LEU B 169 -65.38 18.75 -5.53
C LEU B 169 -65.09 17.27 -5.38
N GLY B 170 -65.35 16.72 -4.19
CA GLY B 170 -64.99 15.35 -3.89
C GLY B 170 -64.01 15.27 -2.75
N ASP B 171 -63.96 14.15 -2.06
CA ASP B 171 -63.09 14.02 -0.90
C ASP B 171 -61.64 13.92 -1.37
N PRO B 172 -60.75 14.85 -0.97
CA PRO B 172 -59.34 14.70 -1.31
C PRO B 172 -58.66 13.53 -0.62
N GLY B 173 -59.28 12.95 0.40
CA GLY B 173 -58.72 11.79 1.08
C GLY B 173 -58.99 11.75 2.56
N SER B 174 -59.42 12.87 3.14
CA SER B 174 -59.69 12.92 4.57
C SER B 174 -60.31 14.27 4.91
N GLU B 175 -60.85 14.35 6.14
CA GLU B 175 -61.36 15.62 6.63
C GLU B 175 -60.23 16.62 6.82
N SER B 176 -59.06 16.15 7.26
CA SER B 176 -57.93 17.04 7.43
C SER B 176 -57.55 17.72 6.12
N LYS B 177 -57.48 16.94 5.03
CA LYS B 177 -57.18 17.53 3.73
C LYS B 177 -58.27 18.51 3.30
N GLU B 178 -59.53 18.19 3.61
CA GLU B 178 -60.61 19.11 3.28
C GLU B 178 -60.44 20.45 4.01
N ARG B 179 -60.13 20.39 5.30
CA ARG B 179 -59.94 21.62 6.06
C ARG B 179 -58.73 22.40 5.54
N THR B 180 -57.64 21.68 5.20
CA THR B 180 -56.46 22.34 4.67
C THR B 180 -56.77 23.05 3.35
N ARG B 181 -57.49 22.36 2.46
CA ARG B 181 -57.84 22.96 1.18
C ARG B 181 -58.76 24.16 1.35
N LEU B 182 -59.75 24.04 2.23
CA LEU B 182 -60.66 25.15 2.49
C LEU B 182 -59.91 26.35 3.05
N LEU B 183 -59.00 26.11 3.99
CA LEU B 183 -58.25 27.21 4.57
C LEU B 183 -57.28 27.82 3.58
N THR B 184 -56.69 27.02 2.69
CA THR B 184 -55.86 27.58 1.63
C THR B 184 -56.69 28.48 0.71
N LEU B 185 -57.88 28.02 0.32
CA LEU B 185 -58.75 28.83 -0.51
C LEU B 185 -59.13 30.12 0.20
N LEU B 186 -59.49 30.02 1.47
CA LEU B 186 -59.89 31.20 2.24
C LEU B 186 -58.73 32.18 2.37
N ASP B 187 -57.52 31.68 2.65
CA ASP B 187 -56.37 32.55 2.76
C ASP B 187 -56.10 33.27 1.45
N GLN B 188 -56.14 32.53 0.33
CA GLN B 188 -55.91 33.17 -0.97
C GLN B 188 -56.97 34.22 -1.26
N LEU B 189 -58.25 33.88 -1.08
CA LEU B 189 -59.31 34.85 -1.35
C LEU B 189 -59.18 36.08 -0.47
N LYS B 190 -58.90 35.87 0.83
CA LYS B 190 -58.61 36.98 1.72
C LYS B 190 -57.44 37.80 1.19
N GLY B 191 -56.50 37.16 0.51
CA GLY B 191 -55.47 37.91 -0.20
C GLY B 191 -56.04 38.82 -1.26
N HIS B 192 -57.05 38.34 -1.99
CA HIS B 192 -57.80 39.17 -2.93
C HIS B 192 -58.87 40.02 -2.25
N GLY B 193 -58.86 40.09 -0.92
CA GLY B 193 -59.77 40.93 -0.18
C GLY B 193 -61.19 40.44 -0.10
N LEU B 194 -61.46 39.19 -0.51
CA LEU B 194 -62.84 38.72 -0.61
C LEU B 194 -63.40 38.24 0.72
N VAL B 195 -62.57 37.63 1.57
CA VAL B 195 -63.04 37.04 2.82
C VAL B 195 -62.09 37.38 3.95
N THR B 196 -62.61 37.31 5.18
CA THR B 196 -61.80 37.47 6.37
C THR B 196 -61.19 36.13 6.79
N SER B 197 -60.51 36.14 7.93
CA SER B 197 -60.04 34.91 8.53
C SER B 197 -61.08 34.38 9.51
N PRO B 198 -61.10 33.07 9.75
CA PRO B 198 -62.03 32.54 10.75
C PRO B 198 -61.72 33.10 12.13
N ASP B 199 -62.77 33.36 12.90
CA ASP B 199 -62.63 33.87 14.26
C ASP B 199 -62.40 32.69 15.20
N ALA B 200 -62.57 32.92 16.51
CA ALA B 200 -62.42 31.83 17.46
C ALA B 200 -63.42 30.71 17.21
N HIS B 201 -64.67 31.05 16.92
CA HIS B 201 -65.69 30.07 16.56
C HIS B 201 -65.48 29.52 15.15
N GLU B 202 -64.54 30.10 14.39
CA GLU B 202 -64.26 29.68 13.02
C GLU B 202 -65.38 30.07 12.06
N ARG B 203 -65.88 31.29 12.21
CA ARG B 203 -66.79 31.90 11.26
C ARG B 203 -66.12 33.11 10.61
N ILE B 204 -66.30 33.23 9.30
CA ILE B 204 -65.78 34.36 8.55
C ILE B 204 -66.92 35.32 8.24
N VAL B 205 -66.55 36.56 7.90
CA VAL B 205 -67.49 37.56 7.44
C VAL B 205 -67.20 37.84 5.98
N ILE B 206 -68.25 37.87 5.16
CA ILE B 206 -68.08 38.11 3.73
C ILE B 206 -67.82 39.58 3.50
N ARG B 207 -66.73 39.89 2.83
CA ARG B 207 -66.35 41.27 2.56
C ARG B 207 -67.32 41.90 1.56
N PRO B 208 -67.73 43.15 1.76
CA PRO B 208 -68.66 43.80 0.81
C PRO B 208 -68.11 43.87 -0.60
N ILE B 209 -66.80 43.67 -0.76
CA ILE B 209 -66.18 43.73 -2.09
C ILE B 209 -66.82 42.72 -3.03
N ILE B 210 -67.37 41.64 -2.48
CA ILE B 210 -67.99 40.60 -3.29
C ILE B 210 -69.09 41.16 -4.18
N ALA B 211 -69.76 42.23 -3.74
CA ALA B 211 -70.88 42.80 -4.48
C ALA B 211 -70.48 43.35 -5.85
N HIS B 212 -69.18 43.56 -6.09
CA HIS B 212 -68.73 44.22 -7.31
C HIS B 212 -67.83 43.34 -8.17
N LEU B 213 -68.01 42.02 -8.12
CA LEU B 213 -67.21 41.14 -8.96
C LEU B 213 -67.56 41.34 -10.43
N ALA B 214 -66.61 41.00 -11.30
CA ALA B 214 -66.70 41.38 -12.70
C ALA B 214 -67.80 40.58 -13.43
N ASP B 215 -67.63 39.26 -13.50
CA ASP B 215 -68.50 38.43 -14.32
C ASP B 215 -69.39 37.54 -13.46
N PRO B 216 -70.45 38.07 -12.86
CA PRO B 216 -71.38 37.20 -12.13
C PRO B 216 -72.04 36.16 -13.01
N ILE B 217 -72.31 36.49 -14.28
CA ILE B 217 -72.93 35.52 -15.18
C ILE B 217 -72.06 34.28 -15.29
N ASN B 218 -70.74 34.46 -15.44
CA ASN B 218 -69.85 33.32 -15.46
C ASN B 218 -69.92 32.52 -14.17
N LEU B 219 -69.96 33.20 -13.03
CA LEU B 219 -70.02 32.51 -11.74
C LEU B 219 -71.25 31.63 -11.66
N GLN B 220 -72.42 32.19 -11.94
CA GLN B 220 -73.66 31.43 -11.80
C GLN B 220 -73.80 30.35 -12.87
N ALA B 221 -73.34 30.61 -14.10
CA ALA B 221 -73.33 29.57 -15.11
C ALA B 221 -72.42 28.41 -14.70
N LEU B 222 -71.26 28.71 -14.14
CA LEU B 222 -70.37 27.67 -13.66
C LEU B 222 -71.01 26.89 -12.52
N LEU B 223 -71.72 27.58 -11.62
CA LEU B 223 -72.40 26.88 -10.53
C LEU B 223 -73.47 25.94 -11.06
N ALA B 224 -74.26 26.41 -12.03
CA ALA B 224 -75.29 25.57 -12.64
C ALA B 224 -74.65 24.36 -13.31
N TRP B 225 -73.56 24.58 -14.05
CA TRP B 225 -72.87 23.47 -14.70
C TRP B 225 -72.29 22.50 -13.68
N LEU B 226 -71.83 23.02 -12.53
CA LEU B 226 -71.26 22.15 -11.51
C LEU B 226 -72.32 21.26 -10.89
N ARG B 227 -73.49 21.83 -10.57
CA ARG B 227 -74.58 21.00 -10.08
C ARG B 227 -75.04 20.00 -11.14
N GLU B 228 -75.08 20.44 -12.41
CA GLU B 228 -75.43 19.53 -13.49
C GLU B 228 -74.45 18.37 -13.56
N GLN B 229 -73.15 18.65 -13.38
CA GLN B 229 -72.13 17.61 -13.53
C GLN B 229 -72.11 16.68 -12.33
N ILE B 230 -72.36 17.19 -11.12
CA ILE B 230 -72.46 16.28 -9.98
C ILE B 230 -73.69 15.39 -10.15
N ALA B 231 -74.77 15.92 -10.72
CA ALA B 231 -75.91 15.07 -11.04
C ALA B 231 -75.57 14.04 -12.11
N GLN B 232 -74.79 14.43 -13.13
CA GLN B 232 -74.52 13.54 -14.25
C GLN B 232 -73.54 12.44 -13.88
N GLN B 233 -72.49 12.77 -13.13
CA GLN B 233 -71.40 11.84 -12.87
C GLN B 233 -71.72 10.94 -11.69
N THR B 234 -72.64 10.01 -11.89
CA THR B 234 -73.05 9.08 -10.84
C THR B 234 -73.93 7.97 -11.41
N MET C 5 13.16 12.92 18.61
CA MET C 5 12.05 12.17 17.95
C MET C 5 10.80 12.19 18.81
N GLU C 6 10.99 12.40 20.11
CA GLU C 6 9.86 12.41 21.03
C GLU C 6 8.91 13.57 20.75
N GLU C 7 9.41 14.67 20.17
CA GLU C 7 8.53 15.77 19.82
C GLU C 7 7.49 15.31 18.81
N ASN C 8 7.90 14.52 17.82
CA ASN C 8 6.94 13.92 16.89
C ASN C 8 5.95 13.06 17.66
N THR C 9 6.40 12.34 18.68
CA THR C 9 5.49 11.54 19.49
C THR C 9 4.42 12.41 20.14
N ARG C 10 4.82 13.52 20.76
CA ARG C 10 3.85 14.38 21.41
C ARG C 10 2.89 14.99 20.39
N GLN C 11 3.43 15.44 19.25
CA GLN C 11 2.60 16.11 18.24
C GLN C 11 1.68 15.14 17.52
N ARG C 12 2.05 13.86 17.47
CA ARG C 12 1.37 12.91 16.60
C ARG C 12 -0.07 12.70 17.03
N THR C 13 -0.32 12.57 18.33
CA THR C 13 -1.69 12.34 18.79
C THR C 13 -2.61 13.47 18.37
N GLU C 14 -2.08 14.67 18.14
CA GLU C 14 -2.89 15.73 17.55
C GLU C 14 -3.30 15.36 16.14
N ASN C 15 -2.37 14.83 15.35
CA ASN C 15 -2.67 14.44 13.98
C ASN C 15 -3.77 13.38 13.94
N TYR C 16 -3.65 12.36 14.79
CA TYR C 16 -4.63 11.27 14.78
C TYR C 16 -5.95 11.70 15.40
N ILE C 17 -5.92 12.57 16.41
CA ILE C 17 -7.16 13.12 16.95
C ILE C 17 -7.90 13.90 15.87
N SER C 18 -7.17 14.70 15.10
CA SER C 18 -7.80 15.48 14.05
C SER C 18 -8.40 14.58 12.98
N ALA C 19 -7.62 13.61 12.49
CA ALA C 19 -8.09 12.76 11.40
C ALA C 19 -9.32 11.96 11.83
N LYS C 20 -9.27 11.35 13.01
CA LYS C 20 -10.43 10.59 13.50
C LYS C 20 -11.65 11.46 13.59
N ASN C 21 -11.47 12.77 13.76
CA ASN C 21 -12.61 13.68 13.85
C ASN C 21 -13.00 14.24 12.49
N GLN C 22 -12.05 14.33 11.57
CA GLN C 22 -12.23 15.15 10.38
C GLN C 22 -12.16 14.37 9.07
N HIS C 23 -11.11 13.58 8.87
CA HIS C 23 -10.86 13.03 7.53
C HIS C 23 -12.01 12.12 7.11
N PRO C 24 -12.44 12.16 5.84
CA PRO C 24 -13.60 11.36 5.44
C PRO C 24 -13.44 9.87 5.66
N ALA C 25 -12.37 9.27 5.15
CA ALA C 25 -12.23 7.82 5.15
C ALA C 25 -12.37 7.26 6.57
N TRP C 26 -11.64 7.82 7.53
CA TRP C 26 -11.69 7.29 8.89
C TRP C 26 -13.10 7.41 9.46
N ILE C 27 -13.76 8.55 9.25
CA ILE C 27 -15.13 8.70 9.73
C ILE C 27 -16.02 7.64 9.13
N LEU C 28 -15.85 7.36 7.84
CA LEU C 28 -16.66 6.33 7.20
C LEU C 28 -16.42 4.97 7.85
N LEU C 29 -15.16 4.59 8.01
CA LEU C 29 -14.87 3.31 8.66
C LEU C 29 -15.46 3.24 10.06
N ALA C 30 -15.62 4.39 10.70
CA ALA C 30 -16.12 4.40 12.08
C ALA C 30 -17.62 4.16 12.13
N THR C 31 -18.38 4.68 11.17
CA THR C 31 -19.83 4.70 11.31
C THR C 31 -20.41 3.30 11.37
N ARG C 32 -21.54 3.19 12.07
CA ARG C 32 -22.18 1.90 12.27
C ARG C 32 -22.51 1.21 10.95
N ARG C 33 -22.86 1.99 9.93
CA ARG C 33 -23.35 1.46 8.67
C ARG C 33 -22.26 1.37 7.60
N ALA C 34 -21.00 1.33 8.00
CA ALA C 34 -19.86 1.40 7.10
C ALA C 34 -19.86 0.30 6.04
N PRO C 35 -20.02 -0.97 6.42
CA PRO C 35 -19.79 -2.04 5.42
C PRO C 35 -20.75 -1.98 4.25
N LEU C 36 -22.04 -1.75 4.49
CA LEU C 36 -23.00 -1.66 3.40
C LEU C 36 -22.61 -0.56 2.42
N VAL C 37 -22.33 0.64 2.94
CA VAL C 37 -22.00 1.76 2.08
C VAL C 37 -20.74 1.47 1.29
N LEU C 38 -19.72 0.93 1.96
CA LEU C 38 -18.46 0.66 1.27
C LEU C 38 -18.65 -0.36 0.17
N SER C 39 -19.39 -1.43 0.45
CA SER C 39 -19.62 -2.45 -0.59
C SER C 39 -20.36 -1.86 -1.78
N ALA C 40 -21.43 -1.10 -1.52
CA ALA C 40 -22.19 -0.52 -2.62
C ALA C 40 -21.32 0.41 -3.46
N LEU C 41 -20.59 1.31 -2.80
CA LEU C 41 -19.75 2.25 -3.53
C LEU C 41 -18.70 1.52 -4.35
N LYS C 42 -18.06 0.50 -3.76
CA LYS C 42 -17.07 -0.27 -4.52
C LYS C 42 -17.72 -0.91 -5.74
N THR C 43 -18.92 -1.47 -5.56
CA THR C 43 -19.63 -2.07 -6.69
C THR C 43 -19.83 -1.05 -7.81
N LEU C 44 -20.30 0.15 -7.45
CA LEU C 44 -20.57 1.15 -8.48
C LEU C 44 -19.32 1.48 -9.28
N PHE C 45 -18.29 2.03 -8.62
CA PHE C 45 -17.15 2.54 -9.36
C PHE C 45 -16.30 1.42 -9.96
N GLU C 46 -16.46 0.19 -9.46
CA GLU C 46 -15.62 -0.91 -9.94
C GLU C 46 -15.79 -1.13 -11.43
N LYS C 47 -17.03 -1.13 -11.91
CA LYS C 47 -17.30 -1.61 -13.26
C LYS C 47 -17.13 -0.52 -14.31
N SER C 48 -16.75 0.69 -13.91
CA SER C 48 -16.48 1.75 -14.87
C SER C 48 -15.50 2.73 -14.26
N HIS C 49 -14.65 3.31 -15.12
CA HIS C 49 -13.57 4.18 -14.67
C HIS C 49 -13.74 5.63 -15.10
N ASP C 50 -14.73 5.93 -15.94
CA ASP C 50 -14.87 7.27 -16.50
C ASP C 50 -15.63 8.22 -15.60
N GLY C 51 -16.17 7.74 -14.48
CA GLY C 51 -17.08 8.53 -13.68
C GLY C 51 -18.50 8.33 -14.19
N ILE C 52 -19.37 7.85 -13.32
CA ILE C 52 -20.69 7.40 -13.79
C ILE C 52 -21.55 8.64 -14.07
N PRO C 53 -22.27 8.70 -15.19
CA PRO C 53 -23.30 9.72 -15.32
C PRO C 53 -24.32 9.58 -14.20
N LEU C 54 -24.76 10.71 -13.66
CA LEU C 54 -25.47 10.68 -12.38
C LEU C 54 -26.73 9.83 -12.46
N GLU C 55 -27.49 9.96 -13.54
CA GLU C 55 -28.70 9.15 -13.69
C GLU C 55 -28.37 7.66 -13.71
N GLU C 56 -27.36 7.27 -14.48
CA GLU C 56 -26.96 5.87 -14.52
C GLU C 56 -26.48 5.41 -13.14
N ALA C 57 -25.70 6.25 -12.46
CA ALA C 57 -25.20 5.88 -11.14
C ALA C 57 -26.34 5.65 -10.16
N ILE C 58 -27.31 6.55 -10.14
CA ILE C 58 -28.40 6.43 -9.18
C ILE C 58 -29.28 5.25 -9.52
N GLN C 59 -29.50 4.96 -10.80
CA GLN C 59 -30.27 3.78 -11.17
C GLN C 59 -29.55 2.50 -10.72
N SER C 60 -28.25 2.41 -11.01
CA SER C 60 -27.48 1.25 -10.58
C SER C 60 -27.48 1.12 -9.07
N LEU C 61 -27.40 2.25 -8.37
CA LEU C 61 -27.42 2.21 -6.91
C LEU C 61 -28.77 1.71 -6.40
N SER C 62 -29.87 2.21 -6.98
CA SER C 62 -31.18 1.74 -6.56
C SER C 62 -31.34 0.25 -6.85
N SER C 63 -30.66 -0.25 -7.88
CA SER C 63 -30.66 -1.68 -8.14
C SER C 63 -29.87 -2.43 -7.07
N ILE C 64 -28.69 -1.92 -6.73
CA ILE C 64 -27.84 -2.58 -5.73
C ILE C 64 -28.54 -2.63 -4.38
N LEU C 65 -29.08 -1.49 -3.93
CA LEU C 65 -29.72 -1.45 -2.61
C LEU C 65 -30.86 -2.46 -2.52
N ILE C 66 -31.54 -2.73 -3.64
CA ILE C 66 -32.64 -3.69 -3.60
C ILE C 66 -32.12 -5.07 -3.24
N GLU C 67 -30.93 -5.44 -3.74
CA GLU C 67 -30.33 -6.71 -3.35
C GLU C 67 -30.16 -6.80 -1.84
N HIS C 68 -29.90 -5.68 -1.18
CA HIS C 68 -29.60 -5.70 0.25
C HIS C 68 -30.84 -5.50 1.11
N VAL C 69 -32.03 -5.44 0.50
CA VAL C 69 -33.24 -5.48 1.30
C VAL C 69 -33.33 -6.80 2.04
N SER C 70 -32.75 -7.87 1.48
CA SER C 70 -32.62 -9.12 2.22
C SER C 70 -31.79 -8.96 3.48
N GLN C 71 -30.83 -8.03 3.47
CA GLN C 71 -30.09 -7.67 4.68
C GLN C 71 -30.95 -6.77 5.57
N GLU C 72 -31.93 -7.40 6.22
CA GLU C 72 -32.86 -6.66 7.05
C GLU C 72 -32.17 -6.03 8.25
N GLN C 73 -30.96 -6.47 8.60
CA GLN C 73 -30.32 -5.98 9.81
C GLN C 73 -29.96 -4.51 9.72
N TYR C 74 -30.01 -3.92 8.53
CA TYR C 74 -29.82 -2.48 8.36
C TYR C 74 -30.90 -1.96 7.43
N ASP C 75 -31.03 -0.62 7.39
CA ASP C 75 -32.20 0.02 6.83
C ASP C 75 -32.64 -0.61 5.52
N ILE C 76 -33.96 -0.85 5.42
CA ILE C 76 -34.59 -1.34 4.19
C ILE C 76 -35.65 -0.32 3.81
N ASN C 77 -35.61 0.12 2.55
CA ASN C 77 -36.62 1.06 2.07
C ASN C 77 -37.91 0.31 1.75
N GLN C 78 -38.99 0.66 2.46
CA GLN C 78 -40.22 -0.09 2.37
C GLN C 78 -41.01 0.19 1.10
N ASP C 79 -40.89 1.37 0.51
CA ASP C 79 -41.82 1.80 -0.53
C ASP C 79 -41.19 2.30 -1.82
N ASN C 80 -40.00 2.93 -1.79
CA ASN C 80 -39.47 3.57 -2.98
C ASN C 80 -37.94 3.47 -3.02
N PRO C 81 -37.37 2.40 -3.57
CA PRO C 81 -35.91 2.27 -3.56
C PRO C 81 -35.20 3.39 -4.30
N PHE C 82 -35.82 3.94 -5.35
CA PHE C 82 -35.16 5.00 -6.11
C PHE C 82 -34.94 6.24 -5.25
N LEU C 83 -35.93 6.62 -4.45
CA LEU C 83 -35.75 7.72 -3.52
C LEU C 83 -34.60 7.44 -2.57
N GLN C 84 -34.51 6.19 -2.10
CA GLN C 84 -33.43 5.83 -1.19
C GLN C 84 -32.08 6.00 -1.85
N ALA C 85 -31.94 5.53 -3.09
CA ALA C 85 -30.66 5.67 -3.79
C ALA C 85 -30.30 7.13 -3.99
N SER C 86 -31.28 7.95 -4.38
CA SER C 86 -31.00 9.38 -4.54
C SER C 86 -30.57 10.01 -3.23
N ARG C 87 -31.25 9.67 -2.13
CA ARG C 87 -30.88 10.20 -0.83
C ARG C 87 -29.47 9.79 -0.45
N GLU C 88 -29.11 8.53 -0.68
CA GLU C 88 -27.77 8.09 -0.33
C GLU C 88 -26.71 8.77 -1.17
N LEU C 89 -26.98 8.98 -2.47
CA LEU C 89 -26.02 9.74 -3.27
C LEU C 89 -25.87 11.16 -2.75
N ARG C 90 -26.98 11.81 -2.42
CA ARG C 90 -26.89 13.13 -1.79
C ARG C 90 -26.04 13.09 -0.54
N GLU C 91 -26.30 12.12 0.34
CA GLU C 91 -25.57 12.03 1.61
C GLU C 91 -24.08 11.84 1.37
N TRP C 92 -23.72 10.91 0.50
CA TRP C 92 -22.30 10.64 0.26
C TRP C 92 -21.61 11.81 -0.45
N ILE C 93 -22.36 12.61 -1.20
CA ILE C 93 -21.79 13.87 -1.68
C ILE C 93 -21.59 14.83 -0.52
N LYS C 94 -22.51 14.81 0.45
CA LYS C 94 -22.39 15.68 1.62
C LYS C 94 -21.17 15.33 2.47
N ARG C 95 -20.82 14.05 2.54
CA ARG C 95 -19.65 13.62 3.31
C ARG C 95 -18.36 13.70 2.52
N ARG C 96 -18.39 14.28 1.31
CA ARG C 96 -17.23 14.40 0.46
C ARG C 96 -16.69 13.04 0.02
N LEU C 97 -17.48 11.99 0.19
CA LEU C 97 -17.10 10.69 -0.35
C LEU C 97 -17.12 10.71 -1.88
N ILE C 98 -18.10 11.39 -2.47
CA ILE C 98 -18.25 11.47 -3.92
C ILE C 98 -18.48 12.92 -4.31
N VAL C 99 -17.63 13.43 -5.22
CA VAL C 99 -17.80 14.75 -5.79
C VAL C 99 -18.15 14.60 -7.26
N GLU C 100 -19.18 15.32 -7.69
CA GLU C 100 -19.71 15.19 -9.04
C GLU C 100 -19.49 16.49 -9.80
N ARG C 101 -19.08 16.34 -11.07
CA ARG C 101 -18.78 17.46 -11.95
C ARG C 101 -19.24 17.10 -13.36
N ASP C 102 -19.93 18.05 -14.00
CA ASP C 102 -20.46 17.85 -15.34
C ASP C 102 -21.56 16.79 -15.35
N GLY C 103 -22.14 16.51 -14.18
CA GLY C 103 -23.10 15.43 -14.06
C GLY C 103 -22.50 14.05 -13.90
N ARG C 104 -21.20 13.91 -14.13
CA ARG C 104 -20.49 12.67 -13.90
C ARG C 104 -19.91 12.66 -12.50
N ILE C 105 -20.37 11.73 -11.67
CA ILE C 105 -19.89 11.64 -10.30
C ILE C 105 -18.58 10.89 -10.28
N PHE C 106 -17.76 11.15 -9.26
CA PHE C 106 -16.46 10.52 -9.10
C PHE C 106 -16.25 10.18 -7.63
N ALA C 107 -15.36 9.22 -7.39
CA ALA C 107 -15.04 8.75 -6.05
C ALA C 107 -13.83 9.53 -5.54
N THR C 108 -14.06 10.39 -4.54
CA THR C 108 -12.98 11.17 -3.96
C THR C 108 -11.83 10.26 -3.54
N ASP C 109 -10.62 10.82 -3.54
CA ASP C 109 -9.46 10.05 -3.12
C ASP C 109 -9.61 9.54 -1.69
N ALA C 110 -10.33 10.27 -0.85
CA ALA C 110 -10.58 9.80 0.50
C ALA C 110 -11.30 8.45 0.48
N LEU C 111 -12.37 8.36 -0.32
CA LEU C 111 -13.07 7.08 -0.44
C LEU C 111 -12.19 6.03 -1.11
N GLU C 112 -11.28 6.45 -2.00
CA GLU C 112 -10.35 5.50 -2.59
C GLU C 112 -9.48 4.86 -1.51
N VAL C 113 -8.92 5.67 -0.61
CA VAL C 113 -8.15 5.13 0.49
C VAL C 113 -9.02 4.25 1.38
N ALA C 114 -10.23 4.72 1.68
CA ALA C 114 -11.13 3.95 2.53
C ALA C 114 -11.38 2.55 1.97
N ILE C 115 -11.67 2.47 0.67
CA ILE C 115 -11.93 1.17 0.07
C ILE C 115 -10.66 0.34 -0.02
N THR C 116 -9.53 0.99 -0.31
CA THR C 116 -8.26 0.28 -0.36
C THR C 116 -7.93 -0.33 0.99
N PHE C 117 -8.43 0.24 2.08
CA PHE C 117 -8.20 -0.35 3.40
C PHE C 117 -8.92 -1.67 3.55
N VAL C 118 -10.26 -1.66 3.44
CA VAL C 118 -11.03 -2.86 3.71
C VAL C 118 -10.68 -3.98 2.74
N GLU C 119 -10.27 -3.62 1.52
CA GLU C 119 -9.88 -4.63 0.55
C GLU C 119 -8.71 -5.47 1.04
N SER C 120 -7.71 -4.85 1.66
CA SER C 120 -6.52 -5.54 2.12
C SER C 120 -6.73 -6.33 3.41
N LEU C 121 -7.91 -6.21 4.03
CA LEU C 121 -8.16 -6.83 5.32
C LEU C 121 -8.27 -8.35 5.23
N ASP C 122 -9.26 -8.83 4.48
CA ASP C 122 -9.63 -10.24 4.52
C ASP C 122 -8.54 -11.11 3.91
N ASN C 123 -8.59 -12.41 4.24
CA ASN C 123 -7.74 -13.38 3.56
C ASN C 123 -7.85 -13.17 2.06
N ARG C 124 -6.73 -12.84 1.42
CA ARG C 124 -6.76 -12.21 0.12
C ARG C 124 -5.54 -12.62 -0.68
N PHE C 125 -5.43 -12.02 -1.86
CA PHE C 125 -4.14 -11.90 -2.53
C PHE C 125 -3.43 -10.68 -1.95
N MET C 126 -2.39 -10.92 -1.17
CA MET C 126 -1.79 -9.85 -0.39
C MET C 126 -1.11 -8.85 -1.31
N THR C 127 -0.89 -7.63 -0.78
CA THR C 127 -0.26 -6.58 -1.56
C THR C 127 1.04 -7.07 -2.20
N SER C 128 1.81 -7.86 -1.47
CA SER C 128 3.07 -8.38 -2.00
C SER C 128 2.81 -9.65 -2.82
N THR C 129 3.82 -10.02 -3.61
CA THR C 129 3.81 -11.28 -4.34
C THR C 129 5.24 -11.77 -4.45
N ALA C 130 5.40 -12.97 -5.00
CA ALA C 130 6.72 -13.57 -5.09
C ALA C 130 7.68 -12.69 -5.88
N SER C 131 7.24 -12.16 -7.02
CA SER C 131 8.13 -11.37 -7.87
C SER C 131 8.54 -10.05 -7.22
N ARG C 132 7.87 -9.64 -6.14
CA ARG C 132 8.22 -8.38 -5.47
C ARG C 132 9.69 -8.37 -5.07
N LEU C 133 10.20 -9.50 -4.59
CA LEU C 133 11.57 -9.53 -4.08
C LEU C 133 12.57 -9.38 -5.20
N SER C 134 12.34 -10.06 -6.33
CA SER C 134 13.21 -9.86 -7.50
C SER C 134 13.11 -8.43 -8.01
N THR C 135 11.90 -7.87 -7.97
CA THR C 135 11.72 -6.48 -8.37
C THR C 135 12.62 -5.55 -7.55
N VAL C 136 12.55 -5.69 -6.23
CA VAL C 136 13.38 -4.83 -5.37
C VAL C 136 14.85 -5.14 -5.58
N GLN C 137 15.20 -6.39 -5.84
CA GLN C 137 16.60 -6.71 -6.12
C GLN C 137 17.10 -5.92 -7.33
N ARG C 138 16.37 -5.99 -8.44
CA ARG C 138 16.77 -5.24 -9.64
C ARG C 138 16.80 -3.74 -9.35
N GLU C 139 15.82 -3.24 -8.61
CA GLU C 139 15.76 -1.81 -8.33
C GLU C 139 16.94 -1.36 -7.47
N ILE C 140 17.30 -2.14 -6.47
CA ILE C 140 18.47 -1.81 -5.65
C ILE C 140 19.73 -1.84 -6.51
N GLU C 141 19.86 -2.85 -7.38
CA GLU C 141 21.00 -2.89 -8.28
C GLU C 141 21.10 -1.59 -9.08
N ASN C 142 19.99 -1.20 -9.72
CA ASN C 142 20.00 0.00 -10.56
C ASN C 142 20.32 1.24 -9.73
N LEU C 143 19.68 1.40 -8.58
CA LEU C 143 19.87 2.61 -7.79
C LEU C 143 21.30 2.70 -7.27
N GLU C 144 21.86 1.58 -6.82
CA GLU C 144 23.24 1.58 -6.36
C GLU C 144 24.18 1.97 -7.50
N THR C 145 24.01 1.35 -8.66
CA THR C 145 24.86 1.71 -9.80
C THR C 145 24.71 3.19 -10.15
N ARG C 146 23.52 3.75 -9.93
CA ARG C 146 23.33 5.17 -10.22
C ARG C 146 24.04 6.05 -9.21
N LEU C 147 23.72 5.89 -7.92
CA LEU C 147 24.26 6.78 -6.89
C LEU C 147 25.78 6.76 -6.88
N ASN C 148 26.39 5.65 -7.29
CA ASN C 148 27.84 5.51 -7.20
C ASN C 148 28.51 6.60 -8.01
N PRO C 149 29.16 7.58 -7.36
CA PRO C 149 29.82 8.64 -8.13
C PRO C 149 31.16 8.25 -8.70
N ASN C 150 31.80 7.21 -8.17
CA ASN C 150 33.09 6.77 -8.68
C ASN C 150 32.91 6.27 -10.12
N PRO C 151 33.66 6.81 -11.09
CA PRO C 151 33.44 6.36 -12.47
C PRO C 151 33.86 4.92 -12.72
N ALA C 152 34.98 4.48 -12.13
CA ALA C 152 35.41 3.10 -12.32
C ALA C 152 34.35 2.11 -11.85
N ASN C 153 33.57 2.47 -10.83
CA ASN C 153 32.48 1.60 -10.40
C ASN C 153 31.46 1.42 -11.51
N ARG C 154 31.10 2.53 -12.19
CA ARG C 154 30.18 2.42 -13.33
C ARG C 154 30.82 1.61 -14.46
N VAL C 155 32.12 1.77 -14.67
CA VAL C 155 32.80 0.99 -15.70
C VAL C 155 32.66 -0.50 -15.41
N ALA C 156 32.96 -0.89 -14.18
CA ALA C 156 32.88 -2.31 -13.81
C ALA C 156 31.45 -2.82 -13.89
N THR C 157 30.49 -2.00 -13.45
CA THR C 157 29.09 -2.39 -13.55
C THR C 157 28.70 -2.65 -14.99
N LEU C 158 29.07 -1.72 -15.88
CA LEU C 158 28.75 -1.89 -17.29
C LEU C 158 29.42 -3.14 -17.85
N ARG C 159 30.67 -3.39 -17.44
CA ARG C 159 31.37 -4.57 -17.94
C ARG C 159 30.68 -5.85 -17.51
N ARG C 160 30.30 -5.96 -16.25
CA ARG C 160 29.65 -7.17 -15.78
C ARG C 160 28.28 -7.35 -16.44
N ARG C 161 27.51 -6.26 -16.57
CA ARG C 161 26.19 -6.37 -17.18
C ARG C 161 26.29 -6.72 -18.65
N ILE C 162 27.26 -6.14 -19.37
CA ILE C 162 27.44 -6.46 -20.78
C ILE C 162 27.90 -7.89 -20.94
N SER C 163 28.74 -8.38 -20.01
CA SER C 163 29.10 -9.79 -20.05
C SER C 163 27.88 -10.68 -19.85
N GLU C 164 27.02 -10.32 -18.89
CA GLU C 164 25.79 -11.09 -18.67
C GLU C 164 24.97 -11.16 -19.96
N LEU C 165 24.70 -10.00 -20.56
CA LEU C 165 23.85 -9.97 -21.75
C LEU C 165 24.56 -10.59 -22.95
N GLU C 166 25.89 -10.58 -22.97
CA GLU C 166 26.61 -11.21 -24.07
C GLU C 166 26.50 -12.73 -23.97
N ARG C 167 26.59 -13.27 -22.75
CA ARG C 167 26.33 -14.69 -22.56
C ARG C 167 24.90 -15.02 -22.99
N GLU C 168 23.94 -14.18 -22.61
CA GLU C 168 22.56 -14.42 -23.00
C GLU C 168 22.40 -14.36 -24.51
N LEU C 169 23.12 -13.47 -25.18
CA LEU C 169 23.06 -13.39 -26.63
C LEU C 169 23.67 -14.63 -27.28
N GLN C 170 24.78 -15.12 -26.72
CA GLN C 170 25.34 -16.39 -27.21
C GLN C 170 24.31 -17.51 -27.09
N GLU C 171 23.60 -17.57 -25.97
CA GLU C 171 22.55 -18.57 -25.81
C GLU C 171 21.45 -18.36 -26.85
N ALA C 172 20.98 -17.12 -27.02
CA ALA C 172 19.83 -16.85 -27.87
C ALA C 172 20.15 -17.15 -29.33
N GLU C 173 21.36 -16.83 -29.78
CA GLU C 173 21.76 -17.19 -31.14
C GLU C 173 21.73 -18.70 -31.34
N ALA C 174 21.94 -19.46 -30.26
CA ALA C 174 21.78 -20.91 -30.32
C ALA C 174 20.34 -21.35 -30.13
N GLY C 175 19.47 -20.46 -29.67
CA GLY C 175 18.06 -20.76 -29.52
C GLY C 175 17.66 -21.35 -28.20
N HIS C 176 18.47 -21.18 -27.14
CA HIS C 176 18.23 -21.79 -25.85
C HIS C 176 17.44 -20.87 -24.91
N ILE C 177 16.97 -19.72 -25.40
CA ILE C 177 16.29 -18.77 -24.52
C ILE C 177 15.18 -19.46 -23.75
N GLU C 178 14.86 -18.91 -22.58
CA GLU C 178 13.88 -19.49 -21.67
C GLU C 178 12.83 -18.44 -21.32
N VAL C 179 11.57 -18.88 -21.27
CA VAL C 179 10.48 -17.98 -20.95
C VAL C 179 10.24 -17.98 -19.45
N LEU C 180 9.55 -16.94 -18.99
CA LEU C 180 9.04 -16.93 -17.62
C LEU C 180 8.09 -18.11 -17.44
N GLU C 181 8.31 -18.88 -16.38
CA GLU C 181 7.46 -20.05 -16.14
C GLU C 181 6.00 -19.61 -16.08
N THR C 182 5.14 -20.29 -16.83
CA THR C 182 3.78 -19.81 -17.03
C THR C 182 3.05 -19.54 -15.72
N HIS C 183 3.14 -20.42 -14.73
CA HIS C 183 2.51 -20.14 -13.45
C HIS C 183 3.16 -18.94 -12.76
N GLN C 184 4.49 -18.86 -12.81
CA GLN C 184 5.18 -17.72 -12.21
C GLN C 184 4.78 -16.42 -12.88
N ALA C 185 4.38 -16.49 -14.15
CA ALA C 185 3.96 -15.28 -14.85
C ALA C 185 2.71 -14.70 -14.22
N VAL C 186 1.87 -15.54 -13.61
CA VAL C 186 0.61 -15.04 -13.06
C VAL C 186 0.86 -13.99 -11.99
N GLU C 187 1.49 -14.40 -10.88
CA GLU C 187 1.83 -13.44 -9.84
C GLU C 187 2.90 -12.45 -10.27
N HIS C 188 3.76 -12.79 -11.23
CA HIS C 188 4.70 -11.80 -11.75
C HIS C 188 3.96 -10.62 -12.38
N ILE C 189 2.91 -10.89 -13.14
CA ILE C 189 2.11 -9.84 -13.76
C ILE C 189 1.25 -9.14 -12.72
N ARG C 190 0.68 -9.89 -11.78
CA ARG C 190 -0.09 -9.28 -10.71
C ARG C 190 0.76 -8.29 -9.93
N ASP C 191 2.04 -8.59 -9.74
CA ASP C 191 2.95 -7.66 -9.09
C ASP C 191 3.03 -6.35 -9.87
N VAL C 192 3.28 -6.45 -11.17
CA VAL C 192 3.37 -5.24 -11.99
C VAL C 192 2.09 -4.43 -11.89
N TYR C 193 0.94 -5.09 -11.93
CA TYR C 193 -0.31 -4.36 -11.75
C TYR C 193 -0.34 -3.65 -10.40
N ASN C 194 0.04 -4.35 -9.34
CA ASN C 194 -0.01 -3.77 -8.00
C ASN C 194 0.87 -2.53 -7.92
N LEU C 195 2.08 -2.59 -8.50
CA LEU C 195 2.96 -1.44 -8.49
C LEU C 195 2.26 -0.19 -9.03
N ALA C 196 1.79 -0.25 -10.27
CA ALA C 196 1.30 0.94 -10.94
C ALA C 196 0.01 1.47 -10.30
N SER C 197 -0.76 0.61 -9.63
CA SER C 197 -2.04 1.04 -9.09
C SER C 197 -1.88 2.24 -8.15
N SER C 198 -0.74 2.36 -7.48
CA SER C 198 -0.54 3.48 -6.57
C SER C 198 -0.57 4.81 -7.30
N LEU C 199 0.07 4.89 -8.47
CA LEU C 199 0.17 6.15 -9.19
C LEU C 199 -1.16 6.90 -9.20
N ARG C 200 -2.26 6.17 -9.44
CA ARG C 200 -3.56 6.81 -9.58
C ARG C 200 -3.93 7.56 -8.31
N ALA C 201 -3.76 6.92 -7.13
CA ALA C 201 -4.17 7.55 -5.89
C ALA C 201 -3.37 8.82 -5.60
N ASP C 202 -2.05 8.77 -5.81
CA ASP C 202 -1.26 9.99 -5.55
C ASP C 202 -1.59 11.08 -6.55
N PHE C 203 -1.98 10.73 -7.79
CA PHE C 203 -2.47 11.77 -8.69
C PHE C 203 -3.78 12.35 -8.20
N ARG C 204 -4.68 11.52 -7.68
CA ARG C 204 -5.90 12.04 -7.05
C ARG C 204 -5.55 13.01 -5.92
N ARG C 205 -4.47 12.74 -5.19
CA ARG C 205 -4.06 13.64 -4.12
C ARG C 205 -3.48 14.93 -4.68
N VAL C 206 -2.66 14.83 -5.73
CA VAL C 206 -2.15 16.01 -6.42
C VAL C 206 -3.31 16.90 -6.81
N GLU C 207 -4.39 16.28 -7.25
CA GLU C 207 -5.54 17.03 -7.76
C GLU C 207 -6.10 17.94 -6.66
N ASP C 208 -6.28 17.38 -5.45
CA ASP C 208 -6.68 18.18 -4.29
C ASP C 208 -5.66 19.25 -3.92
N SER C 209 -4.38 18.91 -3.94
CA SER C 209 -3.37 19.89 -3.57
C SER C 209 -3.47 21.12 -4.47
N TRP C 210 -3.65 20.89 -5.78
CA TRP C 210 -3.78 22.02 -6.70
C TRP C 210 -5.11 22.75 -6.50
N ARG C 211 -6.21 22.03 -6.25
CA ARG C 211 -7.44 22.75 -5.92
C ARG C 211 -7.22 23.72 -4.76
N GLU C 212 -6.59 23.26 -3.69
CA GLU C 212 -6.44 24.12 -2.53
C GLU C 212 -5.46 25.25 -2.78
N ALA C 213 -4.38 25.00 -3.52
CA ALA C 213 -3.48 26.09 -3.88
C ALA C 213 -4.23 27.18 -4.64
N ASP C 214 -5.04 26.77 -5.62
CA ASP C 214 -5.79 27.75 -6.40
C ASP C 214 -6.80 28.51 -5.53
N ARG C 215 -7.49 27.80 -4.64
CA ARG C 215 -8.47 28.46 -3.79
C ARG C 215 -7.80 29.45 -2.84
N ALA C 216 -6.63 29.10 -2.31
CA ALA C 216 -5.87 30.06 -1.50
C ALA C 216 -5.48 31.27 -2.33
N LEU C 217 -5.04 31.04 -3.57
CA LEU C 217 -4.70 32.17 -4.44
C LEU C 217 -5.89 33.10 -4.60
N ARG C 218 -7.07 32.55 -4.85
CA ARG C 218 -8.25 33.40 -4.97
C ARG C 218 -8.54 34.16 -3.68
N GLN C 219 -8.63 33.44 -2.56
CA GLN C 219 -9.01 34.08 -1.31
C GLN C 219 -8.01 35.16 -0.91
N SER C 220 -6.75 35.02 -1.32
CA SER C 220 -5.77 36.07 -1.06
C SER C 220 -5.90 37.21 -2.06
N ILE C 221 -6.28 36.91 -3.30
CA ILE C 221 -6.43 37.95 -4.31
C ILE C 221 -7.47 38.97 -3.86
N ILE C 222 -8.40 38.56 -3.00
CA ILE C 222 -9.40 39.50 -2.51
C ILE C 222 -8.74 40.58 -1.68
N GLY C 223 -7.67 40.24 -0.96
CA GLY C 223 -6.93 41.21 -0.16
C GLY C 223 -6.67 42.52 -0.88
N GLU C 224 -7.24 43.60 -0.35
CA GLU C 224 -7.12 44.90 -1.01
C GLU C 224 -5.69 45.38 -1.04
N GLN C 225 -4.94 45.18 0.06
CA GLN C 225 -3.60 45.70 0.16
C GLN C 225 -2.64 45.07 -0.83
N TYR C 226 -3.00 43.95 -1.45
CA TYR C 226 -2.13 43.30 -2.41
C TYR C 226 -1.98 44.16 -3.65
N HIS C 227 -0.78 44.74 -3.83
CA HIS C 227 -0.44 45.37 -5.09
C HIS C 227 -0.49 44.32 -6.21
N ARG C 228 -0.53 44.82 -7.45
CA ARG C 228 -0.51 43.93 -8.59
C ARG C 228 0.76 43.08 -8.60
N GLY C 229 1.90 43.70 -8.32
CA GLY C 229 3.12 42.94 -8.17
C GLY C 229 3.02 41.88 -7.09
N ASP C 230 2.34 42.18 -5.99
CA ASP C 230 2.17 41.19 -4.93
C ASP C 230 1.38 39.99 -5.42
N ILE C 231 0.33 40.22 -6.20
CA ILE C 231 -0.47 39.11 -6.71
C ILE C 231 0.33 38.26 -7.69
N VAL C 232 1.08 38.93 -8.57
CA VAL C 232 1.94 38.19 -9.50
C VAL C 232 2.94 37.33 -8.72
N GLU C 233 3.57 37.93 -7.70
CA GLU C 233 4.53 37.20 -6.88
C GLU C 233 3.88 36.03 -6.17
N ARG C 234 2.68 36.24 -5.63
CA ARG C 234 2.01 35.14 -4.94
C ARG C 234 1.69 34.00 -5.89
N LEU C 235 1.17 34.30 -7.08
CA LEU C 235 0.90 33.23 -8.03
C LEU C 235 2.19 32.46 -8.35
N LEU C 236 3.26 33.18 -8.69
CA LEU C 236 4.49 32.51 -9.07
C LEU C 236 5.02 31.66 -7.93
N ASN C 237 5.07 32.22 -6.72
CA ASN C 237 5.63 31.50 -5.58
C ASN C 237 4.77 30.30 -5.20
N ASP C 238 3.45 30.46 -5.21
CA ASP C 238 2.58 29.34 -4.87
C ASP C 238 2.72 28.21 -5.88
N GLN C 239 2.77 28.54 -7.18
CA GLN C 239 2.95 27.49 -8.17
C GLN C 239 4.30 26.80 -7.99
N ASP C 240 5.36 27.59 -7.72
CA ASP C 240 6.66 26.99 -7.47
C ASP C 240 6.63 26.05 -6.28
N ALA C 241 6.02 26.49 -5.16
CA ALA C 241 5.96 25.67 -3.97
C ALA C 241 5.18 24.38 -4.22
N LEU C 242 4.03 24.50 -4.88
CA LEU C 242 3.26 23.31 -5.21
C LEU C 242 4.07 22.35 -6.08
N LEU C 243 4.84 22.89 -7.02
CA LEU C 243 5.70 22.05 -7.85
C LEU C 243 6.76 21.34 -7.01
N ASN C 244 7.36 22.06 -6.06
CA ASN C 244 8.50 21.51 -5.33
C ASN C 244 8.07 20.43 -4.35
N THR C 245 6.88 20.54 -3.76
CA THR C 245 6.44 19.56 -2.78
C THR C 245 6.45 18.16 -3.41
N PRO C 246 6.45 17.12 -2.59
CA PRO C 246 6.62 15.76 -3.14
C PRO C 246 5.62 15.41 -4.23
N GLU C 247 4.33 15.55 -3.98
CA GLU C 247 3.35 15.29 -5.03
C GLU C 247 3.63 16.18 -6.24
N GLY C 248 4.11 17.41 -5.98
CA GLY C 248 4.56 18.26 -7.07
C GLY C 248 5.68 17.63 -7.87
N ARG C 249 6.62 16.98 -7.19
CA ARG C 249 7.69 16.31 -7.91
C ARG C 249 7.17 15.14 -8.73
N VAL C 250 6.21 14.38 -8.18
CA VAL C 250 5.60 13.30 -8.94
C VAL C 250 4.99 13.86 -10.22
N PHE C 251 4.19 14.92 -10.09
CA PHE C 251 3.55 15.52 -11.24
C PHE C 251 4.58 16.04 -12.24
N ASP C 252 5.63 16.69 -11.74
CA ASP C 252 6.65 17.26 -12.62
C ASP C 252 7.37 16.15 -13.39
N SER C 253 7.72 15.06 -12.72
CA SER C 253 8.38 13.96 -13.42
C SER C 253 7.46 13.35 -14.46
N PHE C 254 6.18 13.15 -14.13
CA PHE C 254 5.25 12.64 -15.13
C PHE C 254 5.19 13.57 -16.32
N GLN C 255 5.15 14.89 -16.07
CA GLN C 255 5.15 15.85 -17.16
C GLN C 255 6.41 15.72 -18.02
N GLN C 256 7.57 15.58 -17.38
CA GLN C 256 8.80 15.37 -18.14
C GLN C 256 8.72 14.11 -18.98
N GLN C 257 8.04 13.07 -18.47
CA GLN C 257 7.83 11.88 -19.30
C GLN C 257 7.07 12.22 -20.58
N LEU C 258 6.14 13.18 -20.52
CA LEU C 258 5.42 13.57 -21.71
C LEU C 258 6.33 14.15 -22.79
N ARG C 259 7.28 15.01 -22.41
CA ARG C 259 8.28 15.45 -23.38
C ARG C 259 8.99 14.26 -24.01
N GLN C 260 9.44 13.33 -23.18
CA GLN C 260 9.99 12.06 -23.64
C GLN C 260 8.89 11.04 -23.89
N SER C 261 8.01 11.33 -24.85
CA SER C 261 6.78 10.56 -24.98
C SER C 261 7.06 9.13 -25.41
N SER C 262 8.12 8.89 -26.18
CA SER C 262 8.33 7.56 -26.75
C SER C 262 8.40 6.50 -25.66
N GLU C 263 8.88 6.83 -24.47
CA GLU C 263 8.91 5.87 -23.38
C GLU C 263 7.52 5.55 -22.85
N LEU C 264 6.65 6.54 -22.67
CA LEU C 264 5.28 6.25 -22.26
C LEU C 264 4.56 5.43 -23.33
N LYS C 265 4.79 5.76 -24.61
CA LYS C 265 4.19 4.97 -25.68
C LYS C 265 4.70 3.53 -25.66
N ALA C 266 6.01 3.35 -25.41
CA ALA C 266 6.55 2.01 -25.32
C ALA C 266 5.97 1.25 -24.15
N MET C 267 5.77 1.93 -23.01
CA MET C 267 5.17 1.28 -21.85
C MET C 267 3.74 0.83 -22.17
N SER C 268 2.97 1.69 -22.82
CA SER C 268 1.62 1.30 -23.21
C SER C 268 1.63 0.15 -24.21
N GLU C 269 2.53 0.19 -25.18
CA GLU C 269 2.64 -0.90 -26.16
C GLU C 269 2.97 -2.22 -25.47
N ARG C 270 3.97 -2.20 -24.58
CA ARG C 270 4.34 -3.41 -23.86
C ARG C 270 3.16 -3.91 -23.02
N LEU C 271 2.47 -3.00 -22.34
CA LEU C 271 1.26 -3.38 -21.61
C LEU C 271 0.28 -4.09 -22.53
N ARG C 272 0.07 -3.55 -23.73
CA ARG C 272 -0.83 -4.19 -24.69
C ARG C 272 -0.37 -5.61 -24.99
N VAL C 273 0.92 -5.78 -25.26
CA VAL C 273 1.44 -7.12 -25.58
C VAL C 273 1.35 -8.03 -24.36
N ILE C 274 1.41 -7.45 -23.16
CA ILE C 274 1.42 -8.26 -21.94
C ILE C 274 0.06 -8.87 -21.70
N LEU C 275 -0.97 -8.04 -21.63
CA LEU C 275 -2.28 -8.50 -21.21
C LEU C 275 -2.93 -9.41 -22.24
N SER C 276 -2.39 -9.44 -23.47
CA SER C 276 -2.92 -10.35 -24.48
C SER C 276 -2.45 -11.78 -24.25
N HIS C 277 -1.28 -11.96 -23.64
CA HIS C 277 -0.74 -13.29 -23.42
C HIS C 277 -1.69 -14.11 -22.54
N PRO C 278 -1.84 -15.41 -22.79
CA PRO C 278 -2.85 -16.18 -22.05
C PRO C 278 -2.72 -16.09 -20.54
N SER C 279 -1.50 -16.08 -20.00
CA SER C 279 -1.34 -15.98 -18.56
C SER C 279 -2.09 -14.78 -18.00
N ALA C 280 -2.12 -13.66 -18.72
CA ALA C 280 -2.83 -12.48 -18.24
C ALA C 280 -4.26 -12.81 -17.87
N SER C 281 -4.94 -13.64 -18.67
CA SER C 281 -6.31 -14.02 -18.33
C SER C 281 -6.41 -14.57 -16.92
N ASP C 282 -5.50 -15.48 -16.54
CA ASP C 282 -5.48 -15.98 -15.17
C ASP C 282 -5.05 -14.89 -14.19
N ALA C 283 -4.17 -13.99 -14.62
CA ALA C 283 -3.57 -13.04 -13.71
C ALA C 283 -4.61 -12.12 -13.09
N LEU C 284 -5.54 -11.62 -13.91
CA LEU C 284 -6.46 -10.59 -13.45
C LEU C 284 -7.81 -10.74 -14.14
N ASN C 285 -8.84 -10.21 -13.50
CA ASN C 285 -10.15 -10.10 -14.15
C ASN C 285 -10.09 -9.05 -15.25
N ARG C 286 -11.10 -9.07 -16.12
CA ARG C 286 -11.08 -8.19 -17.28
C ARG C 286 -11.01 -6.72 -16.87
N LEU C 287 -11.64 -6.35 -15.75
CA LEU C 287 -11.63 -4.95 -15.32
C LEU C 287 -10.19 -4.46 -15.15
N GLN C 288 -9.36 -5.25 -14.48
CA GLN C 288 -7.99 -4.83 -14.20
C GLN C 288 -7.16 -4.76 -15.48
N ARG C 289 -7.35 -5.72 -16.39
CA ARG C 289 -6.67 -5.64 -17.68
C ARG C 289 -7.05 -4.37 -18.41
N HIS C 290 -8.36 -4.07 -18.44
CA HIS C 290 -8.83 -2.83 -19.07
C HIS C 290 -8.19 -1.61 -18.45
N ASP C 291 -8.16 -1.53 -17.12
CA ASP C 291 -7.57 -0.36 -16.46
C ASP C 291 -6.10 -0.23 -16.77
N LEU C 292 -5.33 -1.32 -16.64
CA LEU C 292 -3.88 -1.22 -16.70
C LEU C 292 -3.42 -0.76 -18.08
N ARG C 293 -4.00 -1.32 -19.14
CA ARG C 293 -3.59 -0.94 -20.49
C ARG C 293 -3.80 0.56 -20.72
N TRP C 294 -4.94 1.08 -20.29
CA TRP C 294 -5.23 2.50 -20.41
C TRP C 294 -4.84 3.29 -19.18
N LEU C 295 -3.86 2.81 -18.41
CA LEU C 295 -3.28 3.61 -17.34
C LEU C 295 -2.47 4.77 -17.91
N VAL C 296 -1.75 4.52 -19.01
CA VAL C 296 -0.93 5.57 -19.60
C VAL C 296 -1.80 6.74 -20.03
N LYS C 297 -2.92 6.46 -20.69
CA LYS C 297 -3.88 7.52 -21.02
C LYS C 297 -4.48 8.12 -19.76
N ARG C 298 -4.78 7.28 -18.77
CA ARG C 298 -5.46 7.77 -17.57
C ARG C 298 -4.61 8.79 -16.82
N LEU C 299 -3.30 8.60 -16.80
CA LEU C 299 -2.42 9.62 -16.22
C LEU C 299 -2.52 10.93 -17.00
N VAL C 300 -2.54 10.85 -18.33
CA VAL C 300 -2.68 12.05 -19.15
C VAL C 300 -3.97 12.77 -18.79
N ASP C 301 -5.06 12.02 -18.66
CA ASP C 301 -6.35 12.64 -18.34
C ASP C 301 -6.30 13.34 -17.00
N GLU C 302 -5.79 12.67 -15.96
CA GLU C 302 -5.84 13.24 -14.62
C GLU C 302 -5.02 14.51 -14.52
N SER C 303 -3.83 14.53 -15.13
CA SER C 303 -3.02 15.75 -15.09
C SER C 303 -3.76 16.92 -15.72
N GLN C 304 -4.64 16.65 -16.68
CA GLN C 304 -5.44 17.72 -17.27
C GLN C 304 -6.22 18.48 -16.22
N THR C 305 -6.71 17.79 -15.19
CA THR C 305 -7.49 18.44 -14.16
C THR C 305 -6.70 19.53 -13.45
N VAL C 306 -5.43 19.28 -13.16
CA VAL C 306 -4.59 20.29 -12.53
C VAL C 306 -4.43 21.49 -13.44
N LEU C 307 -4.14 21.24 -14.73
CA LEU C 307 -3.98 22.33 -15.68
C LEU C 307 -5.22 23.22 -15.72
N GLN C 308 -6.41 22.62 -15.56
CA GLN C 308 -7.62 23.44 -15.52
C GLN C 308 -7.59 24.39 -14.33
N ALA C 309 -7.16 23.91 -13.16
CA ALA C 309 -7.04 24.79 -12.00
C ALA C 309 -6.02 25.90 -12.25
N ARG C 310 -4.89 25.57 -12.86
CA ARG C 310 -3.87 26.58 -13.13
C ARG C 310 -4.40 27.66 -14.07
N ALA C 311 -5.07 27.25 -15.14
CA ALA C 311 -5.67 28.23 -16.05
C ALA C 311 -6.73 29.05 -15.36
N ARG C 312 -7.54 28.40 -14.51
CA ARG C 312 -8.54 29.13 -13.74
C ARG C 312 -7.89 30.23 -12.90
N SER C 313 -6.80 29.90 -12.20
CA SER C 313 -6.12 30.89 -11.38
C SER C 313 -5.55 32.03 -12.23
N GLU C 314 -4.96 31.68 -13.39
CA GLU C 314 -4.51 32.72 -14.30
C GLU C 314 -5.67 33.62 -14.72
N ARG C 315 -6.89 33.07 -14.76
CA ARG C 315 -8.05 33.90 -15.06
C ARG C 315 -8.18 35.06 -14.08
N ASP C 316 -8.12 34.76 -12.78
CA ASP C 316 -8.25 35.82 -11.79
C ASP C 316 -7.05 36.74 -11.77
N VAL C 317 -5.86 36.20 -12.04
CA VAL C 317 -4.69 37.07 -12.19
C VAL C 317 -4.96 38.11 -13.28
N ARG C 318 -5.40 37.64 -14.45
CA ARG C 318 -5.76 38.56 -15.52
C ARG C 318 -6.84 39.54 -15.09
N GLY C 319 -7.83 39.07 -14.33
CA GLY C 319 -8.86 39.96 -13.85
C GLY C 319 -8.30 41.09 -13.02
N PHE C 320 -7.31 40.79 -12.17
CA PHE C 320 -6.76 41.81 -11.29
C PHE C 320 -5.71 42.68 -11.97
N MET C 321 -5.16 42.24 -13.11
CA MET C 321 -4.17 43.08 -13.78
C MET C 321 -4.78 44.40 -14.23
N LYS C 322 -5.96 44.37 -14.82
CA LYS C 322 -6.56 45.57 -15.43
C LYS C 322 -7.37 46.33 -14.40
N THR C 323 -6.70 47.29 -13.75
CA THR C 323 -7.36 48.15 -12.77
C THR C 323 -6.89 49.60 -12.85
N GLY C 324 -6.56 50.11 -14.03
CA GLY C 324 -6.23 51.51 -14.18
C GLY C 324 -7.46 52.39 -14.21
N LEU C 325 -8.24 52.31 -13.13
CA LEU C 325 -9.59 52.83 -13.12
C LEU C 325 -9.63 54.35 -13.23
N ALA C 326 -10.74 54.86 -13.77
CA ALA C 326 -11.05 56.27 -13.63
C ALA C 326 -11.25 56.61 -12.16
N ALA C 327 -11.46 57.90 -11.88
CA ALA C 327 -11.54 58.34 -10.49
C ALA C 327 -12.73 57.69 -9.76
N GLU C 328 -13.93 57.83 -10.31
CA GLU C 328 -15.11 57.27 -9.66
C GLU C 328 -15.04 55.75 -9.63
N HIS C 329 -14.63 55.14 -10.75
CA HIS C 329 -14.40 53.70 -10.77
C HIS C 329 -13.41 53.31 -9.68
N HIS C 330 -12.38 54.12 -9.46
CA HIS C 330 -11.37 53.80 -8.47
C HIS C 330 -11.94 53.85 -7.05
N ARG C 331 -12.76 54.86 -6.77
CA ARG C 331 -13.41 54.94 -5.46
C ARG C 331 -14.28 53.71 -5.22
N VAL C 332 -15.12 53.36 -6.21
CA VAL C 332 -16.01 52.23 -6.01
C VAL C 332 -15.20 50.94 -5.93
N GLY C 333 -14.07 50.85 -6.63
CA GLY C 333 -13.24 49.67 -6.54
C GLY C 333 -12.64 49.50 -5.16
N HIS C 334 -12.11 50.58 -4.59
CA HIS C 334 -11.68 50.54 -3.20
C HIS C 334 -12.80 50.04 -2.30
N LEU C 335 -13.98 50.63 -2.46
CA LEU C 335 -15.10 50.25 -1.59
C LEU C 335 -15.45 48.78 -1.75
N LEU C 336 -15.51 48.29 -2.98
CA LEU C 336 -15.90 46.90 -3.23
C LEU C 336 -14.87 45.93 -2.70
N ASN C 337 -13.58 46.22 -2.91
CA ASN C 337 -12.56 45.34 -2.37
C ASN C 337 -12.61 45.30 -0.84
N GLU C 338 -12.80 46.46 -0.21
CA GLU C 338 -12.97 46.47 1.24
C GLU C 338 -14.14 45.61 1.65
N PHE C 339 -15.28 45.79 0.99
CA PHE C 339 -16.47 45.03 1.35
C PHE C 339 -16.24 43.54 1.20
N LEU C 340 -15.62 43.12 0.10
CA LEU C 340 -15.41 41.70 -0.15
C LEU C 340 -14.45 41.12 0.88
N ASN C 341 -13.38 41.84 1.22
CA ASN C 341 -12.51 41.38 2.30
C ASN C 341 -13.31 41.20 3.59
N LEU C 342 -14.16 42.17 3.91
CA LEU C 342 -15.01 42.02 5.09
C LEU C 342 -15.92 40.81 4.97
N ALA C 343 -16.32 40.46 3.75
CA ALA C 343 -17.25 39.35 3.56
C ALA C 343 -16.63 38.01 3.90
N LEU C 344 -15.36 37.81 3.57
CA LEU C 344 -14.73 36.51 3.78
C LEU C 344 -14.88 36.03 5.21
N LYS C 345 -14.84 36.95 6.17
CA LYS C 345 -14.76 36.55 7.57
C LYS C 345 -16.12 36.13 8.12
N LEU C 346 -17.20 36.43 7.41
CA LEU C 346 -18.50 35.95 7.83
C LEU C 346 -18.56 34.43 7.73
N ASP C 347 -19.45 33.83 8.51
CA ASP C 347 -19.59 32.37 8.57
C ASP C 347 -20.67 31.94 7.58
N TRP C 348 -20.27 31.89 6.31
CA TRP C 348 -21.22 31.65 5.22
C TRP C 348 -22.00 30.36 5.40
N GLN C 349 -21.33 29.28 5.82
CA GLN C 349 -21.99 27.97 5.86
C GLN C 349 -23.29 28.01 6.65
N ARG C 350 -23.33 28.76 7.75
CA ARG C 350 -24.55 28.90 8.53
C ARG C 350 -25.67 29.41 7.63
N GLN C 351 -26.89 28.92 7.87
CA GLN C 351 -28.03 29.37 7.09
C GLN C 351 -28.39 30.81 7.41
N MET C 352 -28.50 31.13 8.70
CA MET C 352 -29.07 32.42 9.09
C MET C 352 -28.20 33.59 8.64
N ILE C 353 -26.89 33.39 8.54
CA ILE C 353 -26.02 34.47 8.09
C ILE C 353 -26.42 34.92 6.69
N ARG C 354 -26.67 33.96 5.80
CA ARG C 354 -26.88 34.27 4.40
C ARG C 354 -28.16 35.07 4.18
N LYS C 355 -29.23 34.73 4.89
CA LYS C 355 -30.54 35.34 4.66
C LYS C 355 -30.81 36.51 5.59
N GLN C 356 -29.76 37.14 6.12
CA GLN C 356 -29.94 38.36 6.91
C GLN C 356 -30.14 39.54 5.98
N GLU C 357 -30.97 40.49 6.41
CA GLU C 357 -31.24 41.67 5.60
C GLU C 357 -30.07 42.64 5.67
N VAL C 358 -29.98 43.50 4.65
CA VAL C 358 -28.92 44.49 4.56
C VAL C 358 -29.55 45.87 4.35
N PRO C 359 -28.89 46.95 4.76
CA PRO C 359 -29.52 48.27 4.70
C PRO C 359 -29.44 48.94 3.34
N LEU C 360 -29.12 48.17 2.30
CA LEU C 360 -29.01 48.76 0.97
C LEU C 360 -30.32 49.45 0.59
N PRO C 361 -30.27 50.67 0.07
CA PRO C 361 -31.51 51.38 -0.26
C PRO C 361 -32.22 50.75 -1.45
N ALA C 362 -33.53 51.01 -1.51
CA ALA C 362 -34.38 50.48 -2.56
C ALA C 362 -34.33 51.42 -3.76
N VAL C 363 -33.72 50.96 -4.84
CA VAL C 363 -33.71 51.68 -6.11
C VAL C 363 -34.17 50.73 -7.19
N GLY C 364 -34.72 51.28 -8.27
CA GLY C 364 -35.41 50.46 -9.24
C GLY C 364 -36.72 49.93 -8.72
N VAL C 365 -37.26 50.55 -7.67
CA VAL C 365 -38.47 50.03 -7.02
C VAL C 365 -39.60 49.97 -8.02
N ALA C 366 -40.32 48.85 -8.02
CA ALA C 366 -41.47 48.67 -8.89
C ALA C 366 -42.71 48.38 -8.05
N VAL C 367 -43.77 49.13 -8.31
CA VAL C 367 -45.09 48.87 -7.74
C VAL C 367 -45.82 47.96 -8.72
N THR C 368 -46.57 46.99 -8.17
CA THR C 368 -47.16 45.97 -9.01
C THR C 368 -48.39 45.41 -8.32
N GLY C 369 -49.07 44.50 -9.01
CA GLY C 369 -50.15 43.74 -8.38
C GLY C 369 -51.19 44.60 -7.70
N ILE C 370 -51.58 45.70 -8.32
CA ILE C 370 -52.63 46.54 -7.75
C ILE C 370 -53.88 45.68 -7.68
N PRO C 371 -54.46 45.46 -6.49
CA PRO C 371 -55.54 44.46 -6.33
C PRO C 371 -56.93 45.00 -6.64
N ALA C 372 -57.17 45.36 -7.89
CA ALA C 372 -58.50 45.75 -8.32
C ALA C 372 -59.38 44.51 -8.45
N ILE C 373 -60.52 44.51 -7.75
CA ILE C 373 -61.40 43.35 -7.78
C ILE C 373 -61.91 43.11 -9.20
N GLU C 374 -61.97 44.15 -10.02
CA GLU C 374 -62.52 44.02 -11.37
C GLU C 374 -61.59 43.27 -12.31
N ARG C 375 -60.38 42.93 -11.87
CA ARG C 375 -59.46 42.14 -12.69
C ARG C 375 -59.73 40.65 -12.58
N LEU C 376 -60.77 40.26 -11.84
CA LEU C 376 -61.00 38.84 -11.57
C LEU C 376 -61.71 38.18 -12.74
N ARG C 377 -61.23 36.99 -13.11
CA ARG C 377 -61.88 36.13 -14.07
C ARG C 377 -61.94 34.72 -13.50
N PHE C 378 -62.84 33.91 -14.02
CA PHE C 378 -63.20 32.66 -13.38
C PHE C 378 -63.13 31.50 -14.37
N LYS C 379 -62.92 30.30 -13.82
CA LYS C 379 -62.88 29.09 -14.63
C LYS C 379 -64.16 28.98 -15.44
N GLU C 380 -64.00 28.73 -16.74
CA GLU C 380 -65.12 28.50 -17.64
C GLU C 380 -65.01 27.10 -18.20
N VAL C 381 -66.13 26.36 -18.18
CA VAL C 381 -66.12 24.91 -18.37
C VAL C 381 -66.53 24.51 -19.77
N ASP C 382 -66.41 25.40 -20.76
CA ASP C 382 -66.70 25.02 -22.14
C ASP C 382 -65.64 24.08 -22.71
N ASP C 383 -64.53 23.86 -21.99
CA ASP C 383 -63.46 23.01 -22.47
C ASP C 383 -63.79 21.52 -22.36
N GLU C 384 -64.97 21.15 -21.88
CA GLU C 384 -65.28 19.77 -21.55
C GLU C 384 -65.55 18.90 -22.78
N ALA C 385 -65.27 19.38 -23.99
CA ALA C 385 -65.47 18.56 -25.18
C ALA C 385 -64.71 17.24 -25.05
N GLU C 386 -65.44 16.14 -25.08
CA GLU C 386 -64.86 14.83 -24.83
C GLU C 386 -64.37 14.19 -26.12
N GLN C 387 -63.35 13.34 -25.98
CA GLN C 387 -62.82 12.54 -27.08
C GLN C 387 -63.02 11.06 -26.73
N THR C 388 -63.63 10.32 -27.65
CA THR C 388 -63.86 8.90 -27.42
C THR C 388 -62.54 8.14 -27.42
N LEU C 389 -62.47 7.10 -26.59
CA LEU C 389 -61.30 6.24 -26.51
C LEU C 389 -61.54 5.05 -27.45
N ASP C 390 -61.12 5.20 -28.70
CA ASP C 390 -61.40 4.22 -29.74
C ASP C 390 -60.33 3.12 -29.71
N LEU C 391 -60.49 2.21 -28.76
CA LEU C 391 -59.57 1.10 -28.59
C LEU C 391 -59.85 -0.06 -29.56
N SER C 392 -60.85 0.07 -30.42
CA SER C 392 -61.20 -1.01 -31.33
C SER C 392 -60.02 -1.33 -32.25
N ASN C 393 -59.96 -2.58 -32.71
CA ASN C 393 -58.93 -3.01 -33.64
C ASN C 393 -59.28 -2.55 -35.04
N HIS C 394 -58.50 -1.62 -35.59
CA HIS C 394 -58.69 -1.15 -36.96
C HIS C 394 -57.98 -2.11 -37.92
N ALA C 395 -58.60 -3.28 -38.07
CA ALA C 395 -57.99 -4.36 -38.83
C ALA C 395 -57.82 -3.96 -40.30
N ALA C 396 -57.20 -4.85 -41.06
CA ALA C 396 -56.87 -4.60 -42.45
C ALA C 396 -57.85 -5.32 -43.38
N ASP C 397 -57.69 -5.08 -44.68
CA ASP C 397 -58.50 -5.69 -45.73
C ASP C 397 -57.56 -6.15 -46.83
N LEU C 398 -57.25 -7.44 -46.84
CA LEU C 398 -56.22 -7.96 -47.74
C LEU C 398 -56.58 -7.75 -49.21
N THR C 399 -57.86 -7.94 -49.57
CA THR C 399 -58.24 -7.87 -50.97
C THR C 399 -57.99 -6.49 -51.55
N GLN C 400 -58.19 -5.43 -50.77
CA GLN C 400 -58.04 -4.07 -51.30
C GLN C 400 -56.63 -3.84 -51.83
N ILE C 401 -55.65 -4.61 -51.35
CA ILE C 401 -54.27 -4.41 -51.77
C ILE C 401 -54.18 -4.54 -53.28
N GLY C 402 -53.31 -3.72 -53.89
CA GLY C 402 -53.23 -3.67 -55.33
C GLY C 402 -52.70 -4.97 -55.92
N ASP C 403 -53.05 -5.20 -57.18
CA ASP C 403 -52.59 -6.39 -57.88
C ASP C 403 -51.08 -6.43 -58.00
N ASP C 404 -50.44 -5.26 -58.14
CA ASP C 404 -48.98 -5.22 -58.24
C ASP C 404 -48.33 -5.84 -57.01
N PHE C 405 -48.92 -5.64 -55.84
CA PHE C 405 -48.40 -6.26 -54.63
C PHE C 405 -48.37 -7.78 -54.77
N TRP C 406 -49.46 -8.35 -55.27
CA TRP C 406 -49.51 -9.80 -55.44
C TRP C 406 -48.55 -10.26 -56.53
N ASP C 407 -48.42 -9.49 -57.60
CA ASP C 407 -47.51 -9.85 -58.68
C ASP C 407 -46.07 -9.90 -58.18
N ALA C 408 -45.66 -8.92 -57.38
CA ALA C 408 -44.37 -8.99 -56.73
C ALA C 408 -44.32 -10.16 -55.76
N PHE C 409 -45.43 -10.43 -55.09
CA PHE C 409 -45.53 -11.61 -54.24
C PHE C 409 -45.46 -12.89 -55.06
N ASN C 410 -45.62 -12.79 -56.38
CA ASN C 410 -45.51 -13.90 -57.31
C ASN C 410 -44.17 -13.95 -58.01
N GLY C 411 -43.20 -13.15 -57.58
CA GLY C 411 -41.95 -13.02 -58.29
C GLY C 411 -41.31 -14.37 -58.58
N LEU C 412 -40.38 -14.35 -59.54
CA LEU C 412 -39.68 -15.57 -59.93
C LEU C 412 -38.81 -16.06 -58.77
N ASP C 413 -38.98 -17.34 -58.41
CA ASP C 413 -38.14 -17.95 -57.39
C ASP C 413 -36.92 -18.56 -58.04
N ARG C 414 -35.72 -18.10 -57.64
CA ARG C 414 -34.51 -18.54 -58.33
C ARG C 414 -34.10 -19.94 -57.92
N GLU C 415 -34.32 -20.34 -56.66
CA GLU C 415 -33.94 -21.69 -56.25
C GLU C 415 -34.76 -22.75 -56.98
N VAL C 416 -36.09 -22.58 -57.01
CA VAL C 416 -36.92 -23.56 -57.71
C VAL C 416 -36.62 -23.56 -59.20
N LEU C 417 -36.42 -22.37 -59.78
CA LEU C 417 -36.10 -22.31 -61.20
C LEU C 417 -34.78 -23.00 -61.49
N ILE C 418 -33.78 -22.80 -60.64
CA ILE C 418 -32.49 -23.44 -60.83
C ILE C 418 -32.64 -24.95 -60.75
N GLN C 419 -33.38 -25.43 -59.74
CA GLN C 419 -33.60 -26.87 -59.60
C GLN C 419 -34.25 -27.45 -60.85
N GLN C 420 -35.34 -26.81 -61.29
CA GLN C 420 -36.09 -27.33 -62.44
C GLN C 420 -35.25 -27.29 -63.71
N THR C 421 -34.53 -26.19 -63.95
CA THR C 421 -33.71 -26.08 -65.14
C THR C 421 -32.59 -27.11 -65.14
N LEU C 422 -31.93 -27.30 -63.99
CA LEU C 422 -30.88 -28.30 -63.90
C LEU C 422 -31.43 -29.70 -64.15
N GLN C 423 -32.59 -30.02 -63.58
CA GLN C 423 -33.19 -31.33 -63.82
C GLN C 423 -33.53 -31.52 -65.28
N LEU C 424 -34.15 -30.52 -65.91
CA LEU C 424 -34.54 -30.64 -67.31
C LEU C 424 -33.32 -30.80 -68.20
N LEU C 425 -32.28 -30.01 -67.96
CA LEU C 425 -31.07 -30.10 -68.77
C LEU C 425 -30.33 -31.41 -68.54
N ALA C 426 -30.37 -31.93 -67.30
CA ALA C 426 -29.75 -33.22 -67.03
C ALA C 426 -30.47 -34.33 -67.80
N LYS C 427 -31.79 -34.30 -67.81
CA LYS C 427 -32.52 -35.33 -68.56
C LYS C 427 -32.34 -35.15 -70.06
N GLU C 428 -32.18 -33.90 -70.52
CA GLU C 428 -32.06 -33.64 -71.95
C GLU C 428 -30.64 -33.87 -72.45
N ASN C 429 -29.67 -33.91 -71.53
CA ASN C 429 -28.27 -34.25 -71.82
C ASN C 429 -27.81 -33.73 -73.18
N ARG C 430 -28.04 -32.43 -73.40
CA ARG C 430 -27.50 -31.76 -74.59
C ARG C 430 -27.70 -30.26 -74.40
N PRO C 431 -27.02 -29.44 -75.20
CA PRO C 431 -27.30 -28.00 -75.17
C PRO C 431 -28.76 -27.73 -75.51
N VAL C 432 -29.35 -26.77 -74.80
CA VAL C 432 -30.77 -26.43 -74.99
C VAL C 432 -30.89 -24.91 -75.01
N GLY C 433 -31.28 -24.37 -76.16
CA GLY C 433 -31.42 -22.93 -76.30
C GLY C 433 -32.55 -22.39 -75.43
N LEU C 434 -32.60 -21.05 -75.37
CA LEU C 434 -33.63 -20.41 -74.55
C LEU C 434 -35.03 -20.69 -75.07
N ALA C 435 -35.22 -20.64 -76.39
CA ALA C 435 -36.52 -20.97 -76.96
C ALA C 435 -36.90 -22.42 -76.66
N GLU C 436 -35.94 -23.33 -76.80
CA GLU C 436 -36.20 -24.73 -76.50
C GLU C 436 -36.55 -24.91 -75.04
N LEU C 437 -35.88 -24.17 -74.15
CA LEU C 437 -36.20 -24.25 -72.73
C LEU C 437 -37.60 -23.71 -72.44
N ALA C 438 -37.97 -22.61 -73.12
CA ALA C 438 -39.31 -22.05 -72.92
C ALA C 438 -40.38 -23.04 -73.36
N GLU C 439 -40.20 -23.68 -74.52
CA GLU C 439 -41.14 -24.70 -74.95
C GLU C 439 -41.14 -25.89 -74.00
N LEU C 440 -39.96 -26.28 -73.52
CA LEU C 440 -39.87 -27.43 -72.62
C LEU C 440 -40.34 -27.08 -71.21
N LEU C 441 -40.43 -25.81 -70.88
CA LEU C 441 -40.76 -25.35 -69.53
C LEU C 441 -41.48 -24.01 -69.64
N PRO C 442 -42.81 -24.00 -69.53
CA PRO C 442 -43.55 -22.74 -69.70
C PRO C 442 -43.28 -21.80 -68.54
N PRO C 443 -42.59 -20.70 -68.78
CA PRO C 443 -42.29 -19.77 -67.68
C PRO C 443 -43.53 -19.02 -67.21
N ALA C 444 -43.49 -18.61 -65.94
CA ALA C 444 -44.55 -17.78 -65.39
C ALA C 444 -44.24 -16.31 -65.60
N HIS C 445 -43.12 -15.84 -65.07
CA HIS C 445 -42.60 -14.50 -65.35
C HIS C 445 -41.59 -14.67 -66.50
N ASP C 446 -42.10 -14.54 -67.72
CA ASP C 446 -41.32 -14.94 -68.89
C ASP C 446 -39.97 -14.23 -68.96
N LEU C 447 -39.97 -12.90 -68.83
CA LEU C 447 -38.71 -12.16 -68.95
C LEU C 447 -37.81 -12.43 -67.77
N GLU C 448 -38.38 -12.68 -66.59
CA GLU C 448 -37.58 -12.99 -65.41
C GLU C 448 -36.81 -14.29 -65.63
N THR C 449 -37.45 -15.28 -66.24
CA THR C 449 -36.78 -16.56 -66.47
C THR C 449 -35.75 -16.45 -67.60
N PHE C 450 -36.03 -15.62 -68.60
CA PHE C 450 -35.05 -15.37 -69.65
C PHE C 450 -33.77 -14.81 -69.06
N ALA C 451 -33.90 -13.78 -68.23
CA ALA C 451 -32.74 -13.15 -67.60
C ALA C 451 -31.99 -14.15 -66.76
N VAL C 452 -32.70 -14.93 -65.94
CA VAL C 452 -32.04 -15.87 -65.05
C VAL C 452 -31.36 -16.98 -65.83
N TRP C 453 -31.95 -17.39 -66.96
CA TRP C 453 -31.33 -18.42 -67.79
C TRP C 453 -30.05 -17.91 -68.44
N ILE C 454 -30.08 -16.70 -69.01
CA ILE C 454 -28.84 -16.11 -69.51
C ILE C 454 -27.85 -15.92 -68.37
N GLY C 455 -28.37 -15.71 -67.16
CA GLY C 455 -27.50 -15.53 -66.00
C GLY C 455 -26.75 -16.80 -65.64
N MET C 456 -27.46 -17.93 -65.61
CA MET C 456 -26.75 -19.20 -65.39
C MET C 456 -25.77 -19.46 -66.53
N ALA C 457 -26.18 -19.17 -67.76
CA ALA C 457 -25.29 -19.39 -68.90
C ALA C 457 -23.97 -18.64 -68.71
N ARG C 458 -24.05 -17.35 -68.39
CA ARG C 458 -22.82 -16.58 -68.17
C ARG C 458 -22.08 -17.05 -66.94
N GLU C 459 -22.81 -17.45 -65.89
CA GLU C 459 -22.18 -17.93 -64.67
C GLU C 459 -21.36 -19.18 -64.93
N ALA C 460 -21.81 -20.02 -65.86
CA ALA C 460 -21.09 -21.24 -66.21
C ALA C 460 -20.10 -21.03 -67.34
N GLY C 461 -20.03 -19.82 -67.91
CA GLY C 461 -19.14 -19.58 -69.01
C GLY C 461 -19.63 -20.14 -70.33
N ILE C 462 -20.87 -20.60 -70.39
CA ILE C 462 -21.41 -21.18 -71.63
C ILE C 462 -21.38 -20.13 -72.73
N GLU C 463 -20.98 -20.56 -73.93
CA GLU C 463 -20.79 -19.64 -75.04
C GLU C 463 -22.12 -19.03 -75.48
N VAL C 464 -22.07 -17.76 -75.87
CA VAL C 464 -23.24 -17.05 -76.38
C VAL C 464 -22.81 -16.19 -77.55
N ILE C 465 -23.61 -16.18 -78.61
CA ILE C 465 -23.46 -15.28 -79.74
C ILE C 465 -24.71 -14.43 -79.82
N ASP C 466 -24.53 -13.11 -79.76
CA ASP C 466 -25.66 -12.19 -79.73
C ASP C 466 -26.12 -11.78 -81.12
N SER C 467 -25.21 -11.72 -82.09
CA SER C 467 -25.56 -11.29 -83.44
C SER C 467 -26.58 -12.20 -84.11
N GLN C 468 -26.39 -13.52 -84.01
CA GLN C 468 -27.32 -14.49 -84.57
C GLN C 468 -28.45 -14.72 -83.58
N ARG C 469 -29.67 -14.82 -84.08
CA ARG C 469 -30.87 -14.66 -83.28
C ARG C 469 -31.78 -15.88 -83.42
N GLU C 470 -32.82 -15.89 -82.60
CA GLU C 470 -33.85 -16.94 -82.61
C GLU C 470 -35.02 -16.50 -81.74
N PHE C 471 -36.22 -17.02 -82.00
CA PHE C 471 -37.44 -16.46 -81.43
C PHE C 471 -38.24 -17.55 -80.73
N ALA C 472 -39.04 -17.12 -79.75
CA ALA C 472 -39.94 -17.99 -79.01
C ALA C 472 -41.17 -17.19 -78.59
N GLU C 473 -42.35 -17.77 -78.81
CA GLU C 473 -43.61 -17.10 -78.51
C GLU C 473 -44.18 -17.65 -77.21
N LEU C 474 -44.82 -16.78 -76.43
CA LEU C 474 -45.40 -17.17 -75.15
C LEU C 474 -46.59 -16.28 -74.84
N SER C 475 -47.63 -16.89 -74.26
CA SER C 475 -48.79 -16.16 -73.77
C SER C 475 -48.58 -15.77 -72.33
N ASP C 476 -49.02 -14.56 -71.98
CA ASP C 476 -48.79 -14.01 -70.65
C ASP C 476 -49.89 -14.49 -69.70
N GLY C 477 -49.94 -13.89 -68.51
CA GLY C 477 -50.94 -14.27 -67.53
C GLY C 477 -52.37 -14.00 -67.95
N GLU C 478 -52.59 -13.06 -68.87
CA GLU C 478 -53.92 -12.75 -69.37
C GLU C 478 -54.12 -13.21 -70.81
N GLY C 479 -53.33 -14.18 -71.26
CA GLY C 479 -53.52 -14.78 -72.56
C GLY C 479 -52.85 -14.09 -73.72
N ARG C 480 -52.62 -12.78 -73.64
CA ARG C 480 -52.03 -12.06 -74.77
C ARG C 480 -50.70 -12.68 -75.13
N ARG C 481 -50.52 -12.96 -76.43
CA ARG C 481 -49.35 -13.65 -76.93
C ARG C 481 -48.25 -12.65 -77.27
N TRP C 482 -47.00 -13.11 -77.21
CA TRP C 482 -45.83 -12.29 -77.48
C TRP C 482 -44.82 -13.08 -78.28
N ARG C 483 -43.93 -12.36 -78.97
CA ARG C 483 -42.83 -12.96 -79.72
C ARG C 483 -41.52 -12.36 -79.23
N PHE C 484 -40.61 -13.22 -78.82
CA PHE C 484 -39.31 -12.81 -78.29
C PHE C 484 -38.24 -12.91 -79.36
N ASN C 485 -37.27 -12.01 -79.28
CA ASN C 485 -36.03 -12.10 -80.05
C ASN C 485 -34.91 -12.39 -79.05
N LEU C 486 -34.17 -13.47 -79.30
CA LEU C 486 -33.31 -14.06 -78.29
C LEU C 486 -31.94 -14.36 -78.86
N PRO C 487 -30.91 -14.40 -78.02
CA PRO C 487 -29.57 -14.75 -78.51
C PRO C 487 -29.38 -16.26 -78.61
N THR C 488 -28.72 -16.68 -79.69
CA THR C 488 -28.48 -18.10 -79.91
C THR C 488 -27.46 -18.62 -78.92
N THR C 489 -27.76 -19.77 -78.32
CA THR C 489 -26.86 -20.40 -77.36
C THR C 489 -27.45 -21.75 -76.97
N GLY C 490 -26.63 -22.56 -76.31
CA GLY C 490 -27.06 -23.86 -75.84
C GLY C 490 -26.72 -24.09 -74.38
N LEU C 491 -27.74 -24.27 -73.54
CA LEU C 491 -27.51 -24.51 -72.12
C LEU C 491 -27.06 -25.96 -71.91
N GLU C 492 -25.86 -26.12 -71.35
CA GLU C 492 -25.26 -27.42 -71.13
C GLU C 492 -25.31 -27.75 -69.65
N SER C 493 -25.82 -28.94 -69.33
CA SER C 493 -26.16 -29.25 -67.94
C SER C 493 -24.91 -29.40 -67.06
N GLN C 494 -23.88 -30.05 -67.59
CA GLN C 494 -22.72 -30.38 -66.77
C GLN C 494 -22.02 -29.11 -66.28
N ALA C 495 -21.82 -28.13 -67.16
CA ALA C 495 -21.22 -26.87 -66.74
C ALA C 495 -22.07 -26.16 -65.70
N LEU C 496 -23.36 -26.49 -65.63
CA LEU C 496 -24.26 -25.83 -64.70
C LEU C 496 -24.29 -26.49 -63.32
N MET C 497 -24.40 -27.82 -63.25
CA MET C 497 -24.48 -28.42 -61.91
C MET C 497 -23.22 -28.15 -61.09
N ASP C 498 -22.07 -27.98 -61.74
CA ASP C 498 -20.82 -27.81 -61.00
C ASP C 498 -20.75 -26.49 -60.23
N ILE C 499 -21.66 -25.56 -60.49
CA ILE C 499 -21.63 -24.24 -59.86
C ILE C 499 -22.65 -24.19 -58.75
N ASP C 500 -22.28 -23.51 -57.66
CA ASP C 500 -23.20 -23.30 -56.55
C ASP C 500 -24.13 -22.14 -56.86
N TRP C 501 -25.35 -22.22 -56.32
CA TRP C 501 -26.36 -21.19 -56.52
C TRP C 501 -27.00 -20.85 -55.18
N GLU C 502 -27.53 -19.63 -55.10
CA GLU C 502 -28.13 -19.14 -53.85
C GLU C 502 -29.46 -18.46 -54.13
N SER D 12 -31.31 -13.85 -25.92
CA SER D 12 -31.51 -12.44 -26.21
C SER D 12 -32.99 -12.11 -26.40
N PHE D 13 -33.39 -10.90 -26.01
CA PHE D 13 -34.76 -10.47 -26.17
C PHE D 13 -35.05 -10.16 -27.64
N ILE D 14 -36.27 -10.46 -28.07
CA ILE D 14 -36.68 -10.33 -29.47
C ILE D 14 -37.99 -9.56 -29.51
N LEU D 15 -38.05 -8.53 -30.36
CA LEU D 15 -39.20 -7.65 -30.43
C LEU D 15 -40.31 -8.31 -31.22
N THR D 16 -41.41 -8.65 -30.55
CA THR D 16 -42.65 -9.04 -31.25
C THR D 16 -43.82 -8.35 -30.57
N ARG D 17 -44.02 -7.07 -30.89
CA ARG D 17 -45.26 -6.35 -30.66
C ARG D 17 -45.05 -4.91 -31.05
N ILE D 18 -46.11 -4.24 -31.49
CA ILE D 18 -46.21 -2.79 -31.42
C ILE D 18 -47.68 -2.44 -31.20
N GLU D 19 -48.04 -2.09 -29.98
CA GLU D 19 -49.35 -1.51 -29.70
C GLU D 19 -49.24 0.00 -29.87
N LEU D 20 -49.96 0.53 -30.85
CA LEU D 20 -49.74 1.90 -31.30
C LEU D 20 -51.09 2.59 -31.49
N PHE D 21 -51.25 3.77 -30.91
CA PHE D 21 -52.54 4.43 -30.83
C PHE D 21 -52.38 5.90 -31.18
N ASN D 22 -53.26 6.39 -32.06
CA ASN D 22 -53.28 7.80 -32.45
C ASN D 22 -51.89 8.33 -32.76
N TRP D 23 -51.08 7.49 -33.41
CA TRP D 23 -49.73 7.85 -33.84
C TRP D 23 -49.70 7.89 -35.36
N GLY D 24 -48.93 8.82 -35.92
CA GLY D 24 -48.81 8.92 -37.36
C GLY D 24 -50.16 8.85 -38.04
N GLY D 25 -50.21 8.13 -39.16
CA GLY D 25 -51.45 7.92 -39.88
C GLY D 25 -52.20 6.70 -39.39
N PHE D 26 -52.22 6.48 -38.07
CA PHE D 26 -52.81 5.30 -37.45
C PHE D 26 -53.82 5.77 -36.42
N HIS D 27 -55.05 6.00 -36.87
CA HIS D 27 -56.11 6.43 -35.98
C HIS D 27 -56.65 5.26 -35.17
N GLY D 28 -57.06 5.54 -33.95
CA GLY D 28 -57.49 4.47 -33.08
C GLY D 28 -56.32 3.58 -32.71
N LEU D 29 -56.65 2.35 -32.32
CA LEU D 29 -55.64 1.38 -31.89
C LEU D 29 -55.17 0.54 -33.05
N HIS D 30 -53.90 0.14 -32.99
CA HIS D 30 -53.30 -0.77 -33.95
C HIS D 30 -52.38 -1.73 -33.21
N GLN D 31 -52.00 -2.81 -33.88
CA GLN D 31 -51.08 -3.77 -33.28
C GLN D 31 -50.27 -4.48 -34.35
N ALA D 32 -48.98 -4.64 -34.08
CA ALA D 32 -48.07 -5.43 -34.89
C ALA D 32 -47.75 -6.72 -34.17
N ALA D 33 -47.55 -7.77 -34.94
CA ALA D 33 -46.97 -9.00 -34.38
C ALA D 33 -45.77 -9.35 -35.26
N ILE D 34 -44.63 -8.74 -34.93
CA ILE D 34 -43.41 -9.21 -35.54
C ILE D 34 -43.16 -10.63 -35.02
N HIS D 35 -42.41 -11.40 -35.79
CA HIS D 35 -42.10 -12.78 -35.45
C HIS D 35 -40.63 -12.91 -35.11
N GLN D 36 -40.35 -13.63 -34.02
CA GLN D 36 -38.99 -13.79 -33.55
C GLN D 36 -38.13 -14.63 -34.48
N ASP D 37 -38.74 -15.29 -35.47
CA ASP D 37 -38.01 -16.19 -36.36
C ASP D 37 -37.43 -15.49 -37.58
N GLY D 38 -37.59 -14.17 -37.70
CA GLY D 38 -37.19 -13.46 -38.90
C GLY D 38 -38.39 -12.90 -39.61
N THR D 39 -38.46 -11.59 -39.78
CA THR D 39 -39.70 -10.94 -40.18
C THR D 39 -39.43 -9.80 -41.13
N ALA D 40 -40.44 -9.47 -41.92
CA ALA D 40 -40.46 -8.29 -42.77
C ALA D 40 -41.77 -7.55 -42.55
N VAL D 41 -41.77 -6.26 -42.87
CA VAL D 41 -42.97 -5.43 -42.81
C VAL D 41 -43.02 -4.63 -44.10
N ILE D 42 -44.21 -4.55 -44.69
CA ILE D 42 -44.36 -4.17 -46.09
C ILE D 42 -45.66 -3.39 -46.27
N GLY D 43 -45.61 -2.39 -47.14
CA GLY D 43 -46.77 -1.60 -47.46
C GLY D 43 -46.47 -0.64 -48.59
N PRO D 44 -47.51 -0.14 -49.26
CA PRO D 44 -47.28 0.76 -50.41
C PRO D 44 -46.51 2.00 -50.01
N THR D 45 -45.85 2.63 -50.98
CA THR D 45 -45.23 3.93 -50.73
C THR D 45 -46.24 4.84 -50.03
N GLY D 46 -45.80 5.46 -48.94
CA GLY D 46 -46.73 6.21 -48.12
C GLY D 46 -47.83 5.33 -47.59
N SER D 47 -47.47 4.37 -46.74
CA SER D 47 -48.45 3.51 -46.08
C SER D 47 -48.27 3.42 -44.57
N GLY D 48 -47.15 3.88 -44.03
CA GLY D 48 -46.91 3.85 -42.60
C GLY D 48 -45.77 2.95 -42.14
N LYS D 49 -44.86 2.56 -43.04
CA LYS D 49 -43.75 1.71 -42.63
C LYS D 49 -42.75 2.49 -41.80
N THR D 50 -42.15 3.54 -42.38
CA THR D 50 -41.24 4.36 -41.60
C THR D 50 -41.96 5.03 -40.45
N THR D 51 -43.28 5.21 -40.55
CA THR D 51 -44.06 5.63 -39.39
C THR D 51 -43.84 4.68 -38.22
N LEU D 52 -43.99 3.37 -38.48
CA LEU D 52 -43.78 2.38 -37.44
C LEU D 52 -42.34 2.38 -36.97
N VAL D 53 -41.39 2.47 -37.91
CA VAL D 53 -39.98 2.50 -37.54
C VAL D 53 -39.71 3.62 -36.55
N ASP D 54 -40.21 4.82 -36.86
CA ASP D 54 -40.05 5.95 -35.96
C ASP D 54 -40.76 5.71 -34.63
N ALA D 55 -41.96 5.13 -34.67
CA ALA D 55 -42.64 4.79 -33.43
C ALA D 55 -41.78 3.90 -32.55
N LEU D 56 -40.90 3.11 -33.17
CA LEU D 56 -39.98 2.28 -32.39
C LEU D 56 -38.83 3.12 -31.83
N MET D 57 -38.15 3.88 -32.68
CA MET D 57 -36.97 4.62 -32.24
C MET D 57 -37.32 5.64 -31.16
N THR D 58 -38.59 6.03 -31.05
CA THR D 58 -38.99 6.97 -30.01
C THR D 58 -38.67 6.42 -28.63
N LEU D 59 -38.87 5.12 -28.42
CA LEU D 59 -38.73 4.55 -27.09
C LEU D 59 -37.28 4.17 -26.77
N LEU D 60 -36.35 4.38 -27.71
CA LEU D 60 -34.99 3.92 -27.53
C LEU D 60 -33.95 5.03 -27.50
N LEU D 61 -34.33 6.28 -27.77
CA LEU D 61 -33.35 7.35 -27.81
C LEU D 61 -34.03 8.69 -27.54
N ALA D 62 -33.22 9.64 -27.06
CA ALA D 62 -33.64 11.01 -26.90
C ALA D 62 -33.22 11.90 -28.08
N ASN D 63 -32.44 11.36 -29.02
CA ASN D 63 -32.04 12.10 -30.22
C ASN D 63 -32.39 11.30 -31.46
N PRO D 64 -33.62 10.80 -31.59
CA PRO D 64 -33.96 9.95 -32.74
C PRO D 64 -33.96 10.76 -34.03
N ARG D 65 -33.09 10.38 -34.96
CA ARG D 65 -33.13 10.94 -36.31
C ARG D 65 -34.30 10.33 -37.06
N TYR D 66 -35.51 10.85 -36.83
CA TYR D 66 -36.71 10.26 -37.40
C TYR D 66 -36.56 10.11 -38.91
N ASN D 67 -37.31 9.17 -39.48
CA ASN D 67 -37.48 9.04 -40.92
C ASN D 67 -36.17 9.20 -41.69
N LEU D 68 -35.07 8.68 -41.13
CA LEU D 68 -33.77 8.87 -41.75
C LEU D 68 -33.70 8.21 -43.13
N ALA D 69 -34.34 7.04 -43.29
CA ALA D 69 -34.28 6.34 -44.56
C ALA D 69 -34.70 7.19 -45.75
N SER D 70 -35.75 8.00 -45.61
CA SER D 70 -36.16 8.92 -46.66
C SER D 70 -35.20 10.10 -46.78
N THR D 71 -34.85 10.72 -45.66
CA THR D 71 -33.87 11.81 -45.64
C THR D 71 -32.47 11.21 -45.44
N GLY D 72 -32.01 10.52 -46.48
CA GLY D 72 -30.75 9.81 -46.43
C GLY D 72 -29.59 10.64 -45.91
N GLY D 73 -29.09 10.28 -44.74
CA GLY D 73 -27.91 10.94 -44.19
C GLY D 73 -28.09 12.40 -43.84
N HIS D 74 -29.22 12.76 -43.25
CA HIS D 74 -29.43 14.14 -42.81
C HIS D 74 -30.62 14.18 -41.85
N GLU D 75 -30.70 15.27 -41.07
CA GLU D 75 -31.83 15.48 -40.19
C GLU D 75 -33.12 15.50 -40.99
N SER D 76 -34.16 14.88 -40.44
CA SER D 76 -35.37 14.62 -41.20
C SER D 76 -36.43 15.68 -40.94
N ASP D 77 -37.40 15.74 -41.85
CA ASP D 77 -38.47 16.72 -41.81
C ASP D 77 -39.66 16.20 -41.01
N ARG D 78 -39.42 15.74 -39.79
CA ARG D 78 -40.49 15.21 -38.95
C ARG D 78 -40.08 15.34 -37.49
N ASP D 79 -41.07 15.20 -36.60
CA ASP D 79 -40.82 15.26 -35.17
C ASP D 79 -41.98 14.61 -34.44
N LEU D 80 -41.78 14.41 -33.14
CA LEU D 80 -42.81 13.77 -32.31
C LEU D 80 -44.14 14.48 -32.42
N ILE D 81 -44.12 15.82 -32.49
CA ILE D 81 -45.36 16.59 -32.49
C ILE D 81 -46.22 16.21 -33.69
N SER D 82 -45.61 16.14 -34.87
CA SER D 82 -46.38 15.80 -36.06
C SER D 82 -46.96 14.40 -35.95
N TYR D 83 -46.16 13.43 -35.52
CA TYR D 83 -46.65 12.06 -35.40
C TYR D 83 -47.84 11.99 -34.46
N VAL D 84 -47.73 12.65 -33.29
CA VAL D 84 -48.85 12.65 -32.36
C VAL D 84 -50.06 13.33 -33.00
N ARG D 85 -49.82 14.41 -33.74
CA ARG D 85 -50.92 15.15 -34.34
C ARG D 85 -51.48 14.46 -35.57
N GLY D 86 -50.80 13.42 -36.06
CA GLY D 86 -51.23 12.74 -37.26
C GLY D 86 -51.14 13.62 -38.49
N VAL D 87 -50.03 14.35 -38.62
CA VAL D 87 -49.84 15.21 -39.78
C VAL D 87 -49.80 14.36 -41.04
N SER D 88 -50.44 14.86 -42.09
CA SER D 88 -50.47 14.15 -43.37
C SER D 88 -50.74 15.12 -44.52
N SER D 98 -53.28 21.32 -42.69
CA SER D 98 -52.32 20.39 -43.26
C SER D 98 -52.75 18.95 -43.00
N HIS D 99 -54.06 18.72 -43.00
CA HIS D 99 -54.65 17.39 -42.81
C HIS D 99 -54.35 16.81 -41.44
N ILE D 100 -54.05 17.67 -40.45
CA ILE D 100 -53.78 17.21 -39.10
C ILE D 100 -55.00 16.47 -38.57
N ALA D 101 -54.83 15.18 -38.28
CA ALA D 101 -55.96 14.36 -37.85
C ALA D 101 -56.43 14.67 -36.45
N ARG D 102 -55.52 15.02 -35.54
CA ARG D 102 -55.85 15.26 -34.13
C ARG D 102 -55.25 16.59 -33.72
N PRO D 103 -55.77 17.69 -34.25
CA PRO D 103 -55.20 19.01 -33.93
C PRO D 103 -55.49 19.47 -32.51
N GLY D 104 -56.63 19.05 -31.97
CA GLY D 104 -57.07 19.46 -30.66
C GLY D 104 -56.70 18.48 -29.57
N LYS D 105 -57.45 18.54 -28.46
CA LYS D 105 -57.17 17.67 -27.33
C LYS D 105 -57.14 16.21 -27.77
N THR D 106 -56.08 15.51 -27.42
CA THR D 106 -55.88 14.14 -27.89
C THR D 106 -54.97 13.39 -26.94
N VAL D 107 -54.88 12.08 -27.14
CA VAL D 107 -53.97 11.22 -26.42
C VAL D 107 -53.32 10.26 -27.41
N THR D 108 -52.02 10.05 -27.26
CA THR D 108 -51.25 9.20 -28.16
C THR D 108 -50.54 8.13 -27.33
N GLY D 109 -50.26 7.00 -27.96
CA GLY D 109 -49.68 5.88 -27.26
C GLY D 109 -48.70 5.12 -28.13
N ILE D 110 -47.72 4.52 -27.46
CA ILE D 110 -46.76 3.61 -28.09
C ILE D 110 -46.40 2.55 -27.06
N ALA D 111 -46.25 1.31 -27.51
CA ALA D 111 -45.79 0.24 -26.63
C ALA D 111 -45.17 -0.88 -27.45
N ALA D 112 -43.85 -0.97 -27.41
CA ALA D 112 -43.14 -2.11 -27.98
C ALA D 112 -43.07 -3.23 -26.95
N THR D 113 -42.66 -4.41 -27.38
CA THR D 113 -42.50 -5.54 -26.48
C THR D 113 -41.50 -6.51 -27.07
N LEU D 114 -40.70 -7.10 -26.19
CA LEU D 114 -39.73 -8.13 -26.56
C LEU D 114 -39.78 -9.24 -25.51
N GLU D 115 -39.28 -10.42 -25.89
CA GLU D 115 -39.21 -11.53 -24.96
C GLU D 115 -37.94 -12.33 -25.19
N ARG D 116 -37.45 -12.93 -24.11
CA ARG D 116 -36.35 -13.90 -24.18
C ARG D 116 -36.74 -15.11 -23.37
N GLU D 117 -36.95 -16.24 -24.04
CA GLU D 117 -37.26 -17.49 -23.36
C GLU D 117 -38.48 -17.35 -22.47
N GLY D 118 -39.54 -16.72 -22.99
CA GLY D 118 -40.81 -16.66 -22.28
C GLY D 118 -40.91 -15.63 -21.18
N LYS D 119 -40.13 -14.56 -21.24
CA LYS D 119 -40.20 -13.47 -20.28
C LYS D 119 -40.40 -12.16 -21.03
N GLN D 120 -41.37 -11.37 -20.59
CA GLN D 120 -41.77 -10.17 -21.31
C GLN D 120 -41.00 -8.95 -20.84
N VAL D 121 -40.80 -8.02 -21.78
CA VAL D 121 -40.33 -6.66 -21.50
C VAL D 121 -41.12 -5.73 -22.41
N ARG D 122 -41.55 -4.59 -21.87
CA ARG D 122 -42.49 -3.72 -22.57
C ARG D 122 -42.10 -2.27 -22.36
N LEU D 123 -41.74 -1.59 -23.46
CA LEU D 123 -41.38 -0.19 -23.45
C LEU D 123 -42.60 0.61 -23.84
N GLY D 124 -42.93 1.64 -23.06
CA GLY D 124 -44.19 2.34 -23.21
C GLY D 124 -43.99 3.85 -23.21
N ALA D 125 -45.05 4.55 -23.64
CA ALA D 125 -45.03 6.00 -23.69
C ALA D 125 -46.45 6.51 -23.86
N LEU D 126 -46.67 7.76 -23.45
CA LEU D 126 -47.95 8.44 -23.61
C LEU D 126 -47.69 9.91 -23.92
N LEU D 127 -48.44 10.44 -24.89
CA LEU D 127 -48.27 11.82 -25.34
C LEU D 127 -49.63 12.40 -25.67
N TRP D 128 -50.10 13.31 -24.82
CA TRP D 128 -51.42 13.89 -24.94
C TRP D 128 -51.31 15.40 -24.92
N PHE D 129 -52.25 16.07 -25.58
CA PHE D 129 -52.35 17.52 -25.56
C PHE D 129 -53.68 17.92 -24.94
N ASP D 130 -53.63 18.89 -24.02
CA ASP D 130 -54.85 19.42 -23.42
C ASP D 130 -55.53 20.47 -24.29
N SER D 131 -54.89 20.90 -25.37
CA SER D 131 -55.45 21.93 -26.23
C SER D 131 -54.81 21.83 -27.61
N THR D 132 -55.06 22.84 -28.44
CA THR D 132 -54.48 22.86 -29.79
C THR D 132 -53.01 23.25 -29.79
N SER D 133 -52.52 23.85 -28.71
CA SER D 133 -51.13 24.28 -28.67
C SER D 133 -50.21 23.08 -28.95
N SER D 134 -49.25 23.28 -29.84
CA SER D 134 -48.45 22.17 -30.34
C SER D 134 -46.95 22.43 -30.19
N SER D 135 -46.56 23.37 -29.35
CA SER D 135 -45.15 23.62 -29.12
C SER D 135 -44.52 22.40 -28.43
N VAL D 136 -43.21 22.26 -28.63
CA VAL D 136 -42.52 21.07 -28.10
C VAL D 136 -42.69 20.97 -26.59
N THR D 137 -42.55 22.08 -25.87
CA THR D 137 -42.72 22.06 -24.42
C THR D 137 -44.16 21.81 -24.00
N ASP D 138 -45.14 22.13 -24.86
CA ASP D 138 -46.53 21.87 -24.51
C ASP D 138 -46.81 20.38 -24.39
N MET D 139 -46.01 19.55 -25.07
CA MET D 139 -46.23 18.11 -25.03
C MET D 139 -46.02 17.57 -23.62
N LYS D 140 -47.07 16.98 -23.06
CA LYS D 140 -47.01 16.32 -21.77
C LYS D 140 -46.67 14.85 -21.96
N ARG D 141 -45.53 14.42 -21.42
CA ARG D 141 -45.03 13.07 -21.62
C ARG D 141 -45.16 12.26 -20.35
N LEU D 142 -45.22 10.94 -20.51
CA LEU D 142 -45.11 10.01 -19.40
C LEU D 142 -44.62 8.67 -19.92
N TRP D 143 -43.33 8.42 -19.75
CA TRP D 143 -42.72 7.17 -20.18
C TRP D 143 -43.13 6.04 -19.25
N LEU D 144 -43.05 4.81 -19.74
CA LEU D 144 -43.45 3.64 -18.99
C LEU D 144 -42.49 2.49 -19.30
N PHE D 145 -42.15 1.71 -18.27
CA PHE D 145 -41.34 0.52 -18.41
C PHE D 145 -41.93 -0.58 -17.55
N SER D 146 -42.22 -1.73 -18.16
CA SER D 146 -42.84 -2.83 -17.44
C SER D 146 -42.51 -4.15 -18.11
N ASP D 147 -42.28 -5.17 -17.30
CA ASP D 147 -42.12 -6.53 -17.78
C ASP D 147 -43.34 -7.39 -17.48
N ASN D 148 -44.27 -6.91 -16.66
CA ASN D 148 -45.48 -7.64 -16.37
C ASN D 148 -46.31 -7.76 -17.64
N PRO D 149 -46.60 -8.97 -18.13
CA PRO D 149 -47.34 -9.05 -19.41
C PRO D 149 -48.70 -8.39 -19.38
N GLY D 150 -49.39 -8.40 -18.24
CA GLY D 150 -50.72 -7.80 -18.18
C GLY D 150 -50.75 -6.34 -18.57
N GLN D 151 -49.63 -5.64 -18.42
CA GLN D 151 -49.57 -4.23 -18.82
C GLN D 151 -49.55 -4.11 -20.34
N THR D 152 -50.40 -3.24 -20.87
CA THR D 152 -50.47 -3.01 -22.30
C THR D 152 -50.83 -1.54 -22.54
N LEU D 153 -50.43 -1.04 -23.72
CA LEU D 153 -50.81 0.32 -24.09
C LEU D 153 -52.31 0.51 -24.01
N GLU D 154 -53.08 -0.52 -24.35
CA GLU D 154 -54.53 -0.42 -24.22
C GLU D 154 -54.92 -0.15 -22.78
N HIS D 155 -54.32 -0.88 -21.84
CA HIS D 155 -54.64 -0.69 -20.43
C HIS D 155 -54.22 0.70 -19.95
N TRP D 156 -53.04 1.15 -20.36
CA TRP D 156 -52.57 2.47 -19.98
C TRP D 156 -53.49 3.56 -20.52
N LEU D 157 -53.91 3.43 -21.77
CA LEU D 157 -54.81 4.41 -22.35
C LEU D 157 -56.17 4.40 -21.66
N ASN D 158 -56.66 3.21 -21.30
CA ASN D 158 -57.90 3.12 -20.55
C ASN D 158 -57.78 3.83 -19.20
N VAL D 159 -56.68 3.59 -18.50
CA VAL D 159 -56.47 4.26 -17.22
C VAL D 159 -56.35 5.76 -17.41
N TYR D 160 -55.70 6.19 -18.50
CA TYR D 160 -55.56 7.61 -18.78
C TYR D 160 -56.92 8.26 -18.97
N HIS D 161 -57.74 7.69 -19.86
CA HIS D 161 -59.07 8.26 -20.09
C HIS D 161 -59.92 8.22 -18.82
N GLU D 162 -59.83 7.15 -18.05
CA GLU D 162 -60.56 7.09 -16.78
C GLU D 162 -60.16 8.25 -15.86
N GLY D 163 -58.86 8.43 -15.63
CA GLY D 163 -58.37 9.53 -14.83
C GLY D 163 -57.43 10.43 -15.61
N GLY D 164 -56.15 10.37 -15.27
CA GLY D 164 -55.15 11.19 -15.91
C GLY D 164 -53.78 10.85 -15.35
N THR D 165 -52.83 11.77 -15.54
CA THR D 165 -51.49 11.57 -15.03
C THR D 165 -51.49 11.29 -13.54
N ARG D 166 -52.26 12.08 -12.78
CA ARG D 166 -52.34 11.86 -11.34
C ARG D 166 -52.71 10.41 -11.03
N LEU D 167 -53.59 9.82 -11.84
CA LEU D 167 -53.95 8.42 -11.64
C LEU D 167 -52.88 7.49 -12.19
N LEU D 168 -52.13 7.93 -13.21
CA LEU D 168 -51.18 7.05 -13.86
C LEU D 168 -50.01 6.69 -12.93
N ARG D 169 -49.39 7.70 -12.32
CA ARG D 169 -48.31 7.42 -11.39
C ARG D 169 -48.81 6.65 -10.18
N GLN D 170 -50.04 6.94 -9.75
CA GLN D 170 -50.68 6.12 -8.72
C GLN D 170 -50.79 4.67 -9.19
N MET D 171 -51.07 4.46 -10.48
CA MET D 171 -51.16 3.10 -11.00
C MET D 171 -49.80 2.43 -10.94
N GLU D 172 -48.75 3.16 -11.30
CA GLU D 172 -47.41 2.59 -11.25
C GLU D 172 -47.05 2.20 -9.82
N LYS D 173 -47.30 3.09 -8.86
CA LYS D 173 -46.99 2.78 -7.47
C LYS D 173 -47.79 1.58 -6.98
N GLU D 174 -49.09 1.54 -7.31
CA GLU D 174 -49.92 0.42 -6.89
C GLU D 174 -49.60 -0.85 -7.65
N ALA D 175 -48.98 -0.72 -8.83
CA ALA D 175 -48.73 -1.87 -9.68
C ALA D 175 -47.34 -2.43 -9.40
N ILE D 176 -47.06 -3.60 -9.99
CA ILE D 176 -45.78 -4.27 -9.83
C ILE D 176 -45.24 -4.60 -11.22
N GLY D 177 -43.91 -4.66 -11.32
CA GLY D 177 -43.29 -4.83 -12.61
C GLY D 177 -43.56 -3.68 -13.55
N LEU D 178 -43.79 -2.49 -13.01
CA LEU D 178 -44.09 -1.31 -13.82
C LEU D 178 -43.34 -0.12 -13.24
N TRP D 179 -42.99 0.82 -14.11
CA TRP D 179 -42.28 2.03 -13.73
C TRP D 179 -42.78 3.16 -14.62
N THR D 180 -42.62 4.40 -14.14
CA THR D 180 -43.00 5.57 -14.90
C THR D 180 -41.98 6.68 -14.68
N TYR D 181 -41.56 7.30 -15.77
CA TYR D 181 -40.51 8.32 -15.74
C TYR D 181 -41.06 9.60 -16.35
N PRO D 182 -41.46 10.59 -15.54
CA PRO D 182 -42.00 11.83 -16.12
C PRO D 182 -40.99 12.61 -16.95
N ASN D 183 -39.76 12.12 -17.03
CA ASN D 183 -38.76 12.67 -17.92
C ASN D 183 -38.09 11.52 -18.66
N LYS D 184 -37.37 11.86 -19.74
CA LYS D 184 -36.87 10.83 -20.63
C LYS D 184 -35.49 10.31 -20.21
N LYS D 185 -34.64 11.18 -19.68
CA LYS D 185 -33.28 10.77 -19.37
C LYS D 185 -33.28 9.63 -18.35
N GLN D 186 -34.10 9.74 -17.31
CA GLN D 186 -34.25 8.68 -16.33
C GLN D 186 -34.77 7.39 -16.96
N TYR D 187 -35.77 7.52 -17.83
CA TYR D 187 -36.30 6.35 -18.54
C TYR D 187 -35.20 5.63 -19.32
N LEU D 188 -34.44 6.38 -20.10
CA LEU D 188 -33.39 5.77 -20.91
C LEU D 188 -32.27 5.21 -20.05
N ALA D 189 -32.00 5.84 -18.91
CA ALA D 189 -31.03 5.26 -17.98
C ALA D 189 -31.49 3.90 -17.49
N ARG D 190 -32.76 3.81 -17.07
CA ARG D 190 -33.31 2.52 -16.68
C ARG D 190 -33.18 1.51 -17.81
N LEU D 191 -33.58 1.91 -19.01
CA LEU D 191 -33.56 0.97 -20.13
C LEU D 191 -32.15 0.48 -20.42
N ARG D 192 -31.17 1.40 -20.41
CA ARG D 192 -29.78 1.01 -20.61
C ARG D 192 -29.30 0.08 -19.49
N ASP D 193 -29.81 0.28 -18.27
CA ASP D 193 -29.46 -0.64 -17.19
C ASP D 193 -30.01 -2.03 -17.47
N PHE D 194 -31.26 -2.12 -17.91
CA PHE D 194 -31.86 -3.42 -18.16
C PHE D 194 -31.12 -4.17 -19.27
N PHE D 195 -30.79 -3.47 -20.35
CA PHE D 195 -30.07 -4.08 -21.47
C PHE D 195 -28.57 -4.00 -21.32
N GLU D 196 -28.08 -3.38 -20.24
CA GLU D 196 -26.65 -3.36 -19.91
C GLU D 196 -25.80 -2.97 -21.12
N VAL D 197 -26.19 -1.86 -21.76
CA VAL D 197 -25.42 -1.31 -22.87
C VAL D 197 -25.48 0.20 -22.79
N GLY D 198 -24.39 0.84 -23.24
CA GLY D 198 -24.33 2.28 -23.20
C GLY D 198 -25.26 2.94 -24.20
N GLU D 199 -25.46 4.25 -24.01
CA GLU D 199 -26.30 5.00 -24.93
C GLU D 199 -25.76 4.95 -26.35
N ASN D 200 -24.44 4.86 -26.50
CA ASN D 200 -23.86 4.72 -27.82
C ASN D 200 -24.47 3.56 -28.59
N ALA D 201 -24.81 2.47 -27.90
CA ALA D 201 -25.43 1.33 -28.57
C ALA D 201 -26.74 1.74 -29.24
N PHE D 202 -27.66 2.33 -28.49
CA PHE D 202 -28.94 2.74 -29.06
C PHE D 202 -28.73 3.77 -30.15
N THR D 203 -27.84 4.74 -29.93
CA THR D 203 -27.64 5.79 -30.93
C THR D 203 -27.11 5.22 -32.23
N LEU D 204 -26.15 4.29 -32.15
CA LEU D 204 -25.66 3.65 -33.36
C LEU D 204 -26.74 2.82 -34.03
N LEU D 205 -27.58 2.16 -33.22
CA LEU D 205 -28.69 1.41 -33.79
C LEU D 205 -29.58 2.31 -34.61
N ASN D 206 -29.95 3.47 -34.05
CA ASN D 206 -30.79 4.42 -34.79
C ASN D 206 -30.08 4.95 -36.02
N ARG D 207 -28.79 5.27 -35.91
CA ARG D 207 -28.04 5.74 -37.08
C ARG D 207 -28.09 4.71 -38.19
N ALA D 208 -27.94 3.42 -37.84
CA ALA D 208 -27.94 2.36 -38.85
C ALA D 208 -29.34 2.12 -39.39
N ALA D 209 -30.37 2.36 -38.58
CA ALA D 209 -31.73 2.02 -38.99
C ALA D 209 -32.11 2.70 -40.29
N GLY D 210 -31.63 3.91 -40.52
CA GLY D 210 -31.98 4.65 -41.72
C GLY D 210 -30.79 4.90 -42.63
N LEU D 211 -29.72 4.14 -42.47
CA LEU D 211 -28.54 4.34 -43.29
C LEU D 211 -28.87 4.05 -44.74
N LYS D 212 -28.99 5.12 -45.53
CA LYS D 212 -29.26 4.99 -46.95
C LYS D 212 -28.21 5.76 -47.73
N GLN D 213 -27.71 6.86 -47.16
CA GLN D 213 -26.57 7.54 -47.74
C GLN D 213 -25.47 6.55 -48.07
N LEU D 214 -25.12 5.69 -47.11
CA LEU D 214 -24.40 4.45 -47.39
C LEU D 214 -23.20 4.70 -48.29
N ASN D 215 -22.35 5.64 -47.89
CA ASN D 215 -21.25 6.09 -48.72
C ASN D 215 -19.99 5.30 -48.37
N SER D 216 -18.83 5.74 -48.86
CA SER D 216 -17.58 5.01 -48.70
C SER D 216 -17.33 4.66 -47.24
N ILE D 217 -16.50 3.63 -47.03
CA ILE D 217 -16.38 3.01 -45.72
C ILE D 217 -15.85 3.98 -44.68
N ASP D 218 -14.85 4.79 -45.03
CA ASP D 218 -14.26 5.71 -44.06
C ASP D 218 -15.33 6.60 -43.43
N GLU D 219 -16.35 6.97 -44.20
CA GLU D 219 -17.43 7.77 -43.65
C GLU D 219 -18.35 6.96 -42.76
N ILE D 220 -18.51 5.67 -43.05
CA ILE D 220 -19.30 4.82 -42.18
C ILE D 220 -18.75 4.86 -40.76
N PHE D 221 -17.44 4.67 -40.61
CA PHE D 221 -16.84 4.70 -39.28
C PHE D 221 -17.02 6.06 -38.62
N ARG D 222 -16.40 7.09 -39.19
CA ARG D 222 -16.35 8.40 -38.55
C ARG D 222 -17.74 8.91 -38.20
N GLU D 223 -18.72 8.64 -39.06
CA GLU D 223 -20.07 9.14 -38.85
C GLU D 223 -20.84 8.26 -37.86
N LEU D 224 -20.98 6.97 -38.17
CA LEU D 224 -21.88 6.12 -37.40
C LEU D 224 -21.14 5.34 -36.31
N VAL D 225 -20.05 4.66 -36.68
CA VAL D 225 -19.53 3.59 -35.82
C VAL D 225 -19.05 4.15 -34.50
N LEU D 226 -18.25 5.21 -34.54
CA LEU D 226 -17.44 5.61 -33.40
C LEU D 226 -18.07 6.77 -32.65
N ASP D 227 -18.17 6.63 -31.32
CA ASP D 227 -18.60 7.73 -30.48
C ASP D 227 -17.67 8.93 -30.69
N ASP D 228 -18.15 10.10 -30.28
CA ASP D 228 -17.50 11.36 -30.59
C ASP D 228 -16.89 11.94 -29.32
N HIS D 229 -15.57 12.16 -29.35
CA HIS D 229 -14.86 12.84 -28.28
C HIS D 229 -13.87 13.82 -28.89
N SER D 230 -14.35 14.61 -29.85
CA SER D 230 -13.48 15.57 -30.51
C SER D 230 -12.88 16.54 -29.49
N ALA D 231 -11.91 17.33 -29.93
CA ALA D 231 -11.18 18.22 -29.04
C ALA D 231 -11.08 19.65 -29.59
N PHE D 232 -12.20 20.20 -30.05
CA PHE D 232 -12.18 21.59 -30.54
C PHE D 232 -12.30 22.57 -29.38
N ASP D 233 -13.33 22.39 -28.53
CA ASP D 233 -13.53 23.31 -27.42
C ASP D 233 -12.33 23.34 -26.49
N ARG D 234 -11.68 22.19 -26.28
CA ARG D 234 -10.54 22.16 -25.37
C ARG D 234 -9.35 22.92 -25.96
N ALA D 235 -9.12 22.77 -27.26
CA ALA D 235 -8.09 23.59 -27.90
C ALA D 235 -8.42 25.07 -27.81
N ALA D 236 -9.69 25.42 -27.96
CA ALA D 236 -10.09 26.82 -27.81
C ALA D 236 -9.78 27.31 -26.41
N GLU D 237 -10.06 26.50 -25.39
CA GLU D 237 -9.75 26.89 -24.02
C GLU D 237 -8.25 27.04 -23.80
N VAL D 238 -7.45 26.15 -24.38
CA VAL D 238 -6.00 26.26 -24.28
C VAL D 238 -5.54 27.59 -24.88
N ALA D 239 -6.05 27.90 -26.07
CA ALA D 239 -5.70 29.18 -26.71
C ALA D 239 -6.13 30.35 -25.84
N ASN D 240 -7.32 30.27 -25.23
CA ASN D 240 -7.79 31.36 -24.38
C ASN D 240 -6.85 31.57 -23.19
N SER D 241 -6.45 30.48 -22.54
CA SER D 241 -5.54 30.61 -21.40
C SER D 241 -4.20 31.19 -21.84
N PHE D 242 -3.68 30.72 -22.97
CA PHE D 242 -2.41 31.26 -23.45
C PHE D 242 -2.53 32.74 -23.78
N ASP D 243 -3.64 33.16 -24.38
CA ASP D 243 -3.82 34.58 -24.68
C ASP D 243 -3.92 35.41 -23.41
N GLY D 244 -4.61 34.90 -22.40
CA GLY D 244 -4.66 35.60 -21.13
C GLY D 244 -3.29 35.78 -20.51
N LEU D 245 -2.48 34.72 -20.53
CA LEU D 245 -1.12 34.81 -19.99
C LEU D 245 -0.28 35.79 -20.79
N THR D 246 -0.43 35.78 -22.12
CA THR D 246 0.25 36.79 -22.94
C THR D 246 -0.20 38.19 -22.59
N GLU D 247 -1.49 38.36 -22.25
CA GLU D 247 -1.97 39.66 -21.81
C GLU D 247 -1.27 40.10 -20.53
N ILE D 248 -1.08 39.16 -19.60
CA ILE D 248 -0.32 39.49 -18.38
C ILE D 248 1.08 39.95 -18.75
N HIS D 249 1.74 39.20 -19.65
CA HIS D 249 3.11 39.54 -20.01
C HIS D 249 3.18 40.91 -20.65
N GLN D 250 2.21 41.25 -21.50
CA GLN D 250 2.18 42.56 -22.12
C GLN D 250 1.85 43.66 -21.12
N GLU D 251 1.03 43.37 -20.11
CA GLU D 251 0.87 44.31 -19.01
C GLU D 251 2.21 44.60 -18.35
N LEU D 252 3.01 43.57 -18.08
CA LEU D 252 4.33 43.79 -17.50
C LEU D 252 5.20 44.63 -18.43
N GLU D 253 5.16 44.35 -19.74
CA GLU D 253 5.92 45.13 -20.70
C GLU D 253 5.54 46.61 -20.64
N THR D 254 4.24 46.90 -20.64
CA THR D 254 3.80 48.29 -20.60
C THR D 254 4.17 48.96 -19.28
N ALA D 255 4.10 48.21 -18.17
CA ALA D 255 4.55 48.78 -16.90
C ALA D 255 6.03 49.14 -16.96
N ARG D 256 6.85 48.27 -17.53
CA ARG D 256 8.27 48.56 -17.69
C ARG D 256 8.47 49.84 -18.50
N LYS D 257 7.79 49.94 -19.64
CA LYS D 257 7.93 51.14 -20.47
C LYS D 257 7.49 52.39 -19.73
N GLN D 258 6.37 52.30 -19.02
CA GLN D 258 5.85 53.48 -18.31
C GLN D 258 6.82 53.94 -17.24
N GLN D 259 7.36 53.01 -16.44
CA GLN D 259 8.32 53.40 -15.42
C GLN D 259 9.58 53.99 -16.05
N GLN D 260 10.07 53.36 -17.12
CA GLN D 260 11.27 53.85 -17.79
C GLN D 260 11.07 55.28 -18.26
N SER D 261 9.91 55.58 -18.85
CA SER D 261 9.68 56.92 -19.38
C SER D 261 9.41 57.91 -18.26
N LEU D 262 8.82 57.45 -17.15
CA LEU D 262 8.45 58.37 -16.09
C LEU D 262 9.66 58.78 -15.25
N GLN D 263 10.63 57.90 -15.07
CA GLN D 263 11.78 58.24 -14.23
C GLN D 263 12.48 59.52 -14.69
N PRO D 264 12.79 59.70 -15.98
CA PRO D 264 13.38 60.97 -16.41
C PRO D 264 12.55 62.19 -16.03
N VAL D 265 11.23 62.06 -16.06
CA VAL D 265 10.38 63.18 -15.67
C VAL D 265 10.66 63.58 -14.23
N ALA D 266 10.76 62.60 -13.34
CA ALA D 266 11.04 62.89 -11.94
C ALA D 266 12.43 63.48 -11.78
N LEU D 267 13.42 62.95 -12.51
CA LEU D 267 14.78 63.52 -12.42
C LEU D 267 14.78 64.98 -12.82
N SER D 268 14.17 65.30 -13.96
CA SER D 268 14.10 66.70 -14.40
C SER D 268 13.32 67.55 -13.41
N TRP D 269 12.25 67.00 -12.84
CA TRP D 269 11.46 67.75 -11.88
C TRP D 269 12.30 68.13 -10.66
N GLU D 270 13.09 67.19 -10.14
CA GLU D 270 13.91 67.50 -8.98
C GLU D 270 15.00 68.49 -9.33
N LYS D 271 15.61 68.35 -10.51
CA LYS D 271 16.60 69.33 -10.94
C LYS D 271 15.99 70.73 -11.02
N TYR D 272 14.80 70.83 -11.61
CA TYR D 272 14.12 72.12 -11.74
C TYR D 272 13.74 72.67 -10.38
N GLN D 273 13.32 71.81 -9.45
CA GLN D 273 13.01 72.25 -8.10
C GLN D 273 14.24 72.83 -7.41
N LYS D 274 15.37 72.15 -7.53
CA LYS D 274 16.63 72.70 -7.00
C LYS D 274 16.91 74.08 -7.58
N GLN D 275 16.84 74.19 -8.90
CA GLN D 275 17.05 75.49 -9.55
C GLN D 275 16.07 76.53 -9.02
N GLU D 276 14.83 76.12 -8.76
CA GLU D 276 13.80 77.08 -8.38
C GLU D 276 14.01 77.60 -6.97
N ARG D 277 14.38 76.72 -6.02
CA ARG D 277 14.75 77.23 -4.70
C ARG D 277 15.97 78.14 -4.78
N GLN D 278 16.97 77.75 -5.58
CA GLN D 278 18.15 78.60 -5.71
C GLN D 278 17.76 79.99 -6.21
N LEU D 279 16.91 80.04 -7.24
CA LEU D 279 16.53 81.33 -7.81
C LEU D 279 15.64 82.12 -6.88
N ALA D 280 14.78 81.45 -6.11
CA ALA D 280 13.95 82.16 -5.15
C ALA D 280 14.81 82.82 -4.09
N ASP D 281 15.79 82.09 -3.56
CA ASP D 281 16.70 82.70 -2.58
C ASP D 281 17.49 83.84 -3.21
N TRP D 282 17.95 83.65 -4.46
CA TRP D 282 18.70 84.71 -5.13
C TRP D 282 17.87 85.96 -5.30
N LEU D 283 16.59 85.80 -5.67
CA LEU D 283 15.68 86.94 -5.72
C LEU D 283 15.55 87.60 -4.36
N THR D 284 15.44 86.79 -3.30
CA THR D 284 15.41 87.35 -1.95
C THR D 284 16.65 88.19 -1.67
N LEU D 285 17.80 87.79 -2.23
CA LEU D 285 19.02 88.58 -2.06
C LEU D 285 18.87 89.95 -2.70
N GLU D 286 18.27 90.02 -3.90
CA GLU D 286 18.16 91.30 -4.59
C GLU D 286 17.34 92.30 -3.78
N SER D 287 16.44 91.83 -2.93
CA SER D 287 15.62 92.74 -2.13
C SER D 287 16.40 93.37 -0.99
N LEU D 288 17.45 92.68 -0.50
CA LEU D 288 18.23 93.22 0.60
C LEU D 288 19.27 94.23 0.14
N LEU D 289 19.59 94.25 -1.16
CA LEU D 289 20.64 95.13 -1.66
C LEU D 289 20.42 96.60 -1.33
N PRO D 290 19.23 97.19 -1.52
CA PRO D 290 19.07 98.61 -1.20
C PRO D 290 19.38 98.96 0.24
N LEU D 291 19.03 98.10 1.20
CA LEU D 291 19.26 98.42 2.59
C LEU D 291 20.75 98.41 2.94
N TRP D 292 21.49 97.45 2.39
CA TRP D 292 22.92 97.38 2.66
C TRP D 292 23.63 98.64 2.16
N PHE D 293 23.42 99.00 0.90
CA PHE D 293 24.07 100.18 0.36
C PHE D 293 23.53 101.46 0.99
N ALA D 294 22.27 101.45 1.45
CA ALA D 294 21.75 102.60 2.18
C ALA D 294 22.48 102.78 3.51
N GLN D 295 22.71 101.68 4.23
CA GLN D 295 23.48 101.76 5.47
C GLN D 295 24.89 102.29 5.18
N GLN D 296 25.52 101.75 4.13
CA GLN D 296 26.86 102.21 3.78
C GLN D 296 26.85 103.69 3.44
N ALA D 297 25.85 104.14 2.68
CA ALA D 297 25.77 105.54 2.30
C ALA D 297 25.59 106.43 3.51
N SER D 298 24.72 106.03 4.44
CA SER D 298 24.52 106.84 5.65
C SER D 298 25.80 106.95 6.45
N HIS D 299 26.49 105.81 6.64
CA HIS D 299 27.74 105.85 7.39
C HIS D 299 28.80 106.68 6.68
N LEU D 300 28.89 106.58 5.36
CA LEU D 300 29.87 107.36 4.62
C LEU D 300 29.54 108.84 4.64
N TRP D 301 28.26 109.19 4.62
CA TRP D 301 27.87 110.59 4.73
C TRP D 301 28.22 111.14 6.10
N ARG D 302 28.05 110.34 7.15
CA ARG D 302 28.47 110.78 8.48
C ARG D 302 29.98 110.96 8.54
N GLU D 303 30.74 110.04 7.93
CA GLU D 303 32.18 110.19 7.86
C GLU D 303 32.57 111.45 7.11
N LYS D 304 31.89 111.73 6.00
CA LYS D 304 32.13 112.95 5.24
C LYS D 304 31.85 114.17 6.11
N ILE D 305 30.78 114.13 6.89
CA ILE D 305 30.45 115.23 7.78
C ILE D 305 31.58 115.47 8.77
N ASN D 306 32.09 114.39 9.37
CA ASN D 306 33.14 114.54 10.37
C ASN D 306 34.42 115.09 9.74
N LEU D 307 34.82 114.54 8.59
CA LEU D 307 36.04 115.00 7.94
C LEU D 307 35.91 116.45 7.50
N LEU D 308 34.74 116.83 6.99
CA LEU D 308 34.50 118.21 6.60
C LEU D 308 34.52 119.13 7.82
N ASN D 309 34.03 118.65 8.96
CA ASN D 309 34.13 119.44 10.19
C ASN D 309 35.58 119.68 10.56
N ALA D 310 36.43 118.65 10.48
CA ALA D 310 37.84 118.83 10.79
C ALA D 310 38.49 119.82 9.83
N ARG D 311 38.24 119.65 8.53
CA ARG D 311 38.81 120.57 7.54
C ARG D 311 38.28 121.98 7.73
N LEU D 312 37.02 122.12 8.13
CA LEU D 312 36.44 123.43 8.40
C LEU D 312 37.11 124.07 9.60
N ALA D 313 37.41 123.28 10.63
CA ALA D 313 38.15 123.82 11.77
C ALA D 313 39.52 124.33 11.34
N GLU D 314 40.22 123.57 10.50
CA GLU D 314 41.52 124.03 10.02
C GLU D 314 41.38 125.31 9.21
N ALA D 315 40.41 125.37 8.31
CA ALA D 315 40.21 126.56 7.49
C ALA D 315 39.85 127.76 8.35
N GLN D 316 39.03 127.55 9.38
CA GLN D 316 38.68 128.63 10.30
C GLN D 316 39.90 129.09 11.08
N THR D 317 40.79 128.18 11.46
CA THR D 317 42.02 128.59 12.12
C THR D 317 42.86 129.48 11.21
N SER D 318 42.98 129.10 9.93
CA SER D 318 43.72 129.93 8.99
C SER D 318 43.05 131.29 8.82
N GLU D 319 41.71 131.29 8.72
CA GLU D 319 40.98 132.55 8.57
C GLU D 319 41.18 133.45 9.78
N GLU D 320 41.19 132.86 10.98
CA GLU D 320 41.43 133.64 12.18
C GLU D 320 42.85 134.18 12.23
N GLN D 321 43.82 133.39 11.77
CA GLN D 321 45.19 133.90 11.67
C GLN D 321 45.25 135.13 10.78
N LEU D 322 44.65 135.05 9.60
CA LEU D 322 44.66 136.19 8.69
C LEU D 322 43.87 137.38 9.25
N GLN D 323 42.75 137.11 9.93
CA GLN D 323 41.99 138.17 10.57
C GLN D 323 42.83 138.88 11.62
N SER D 324 43.55 138.11 12.43
CA SER D 324 44.40 138.72 13.45
C SER D 324 45.51 139.54 12.81
N GLN D 325 46.08 139.05 11.71
CA GLN D 325 47.10 139.83 11.02
C GLN D 325 46.54 141.15 10.49
N LEU D 326 45.35 141.10 9.89
CA LEU D 326 44.73 142.32 9.37
C LEU D 326 44.43 143.31 10.50
N ASP D 327 43.90 142.80 11.62
CA ASP D 327 43.63 143.68 12.76
C ASP D 327 44.91 144.27 13.32
N LEU D 328 45.99 143.48 13.34
CA LEU D 328 47.28 143.99 13.80
C LEU D 328 47.78 145.09 12.89
N GLN D 329 47.61 144.92 11.58
CA GLN D 329 48.03 145.97 10.65
C GLN D 329 47.20 147.23 10.83
N LYS D 330 45.89 147.07 11.07
CA LYS D 330 45.05 148.25 11.32
C LYS D 330 45.46 148.95 12.60
N LYS D 331 45.78 148.19 13.64
CA LYS D 331 46.26 148.80 14.89
C LYS D 331 47.60 149.49 14.68
N VAL D 332 48.45 148.92 13.82
CA VAL D 332 49.71 149.58 13.49
C VAL D 332 49.45 150.91 12.80
N VAL D 333 48.48 150.92 11.87
CA VAL D 333 48.08 152.17 11.23
C VAL D 333 47.66 153.19 12.27
N SER D 334 46.80 152.77 13.20
CA SER D 334 46.32 153.68 14.24
C SER D 334 47.47 154.20 15.10
N ASP D 335 48.36 153.30 15.52
CA ASP D 335 49.45 153.68 16.40
C ASP D 335 50.40 154.66 15.71
N HIS D 336 50.66 154.44 14.41
CA HIS D 336 51.59 155.31 13.70
C HIS D 336 50.96 156.65 13.34
N MET D 337 49.65 156.68 13.10
CA MET D 337 49.00 157.98 12.88
C MET D 337 48.95 158.77 14.18
N GLN D 338 48.82 158.09 15.32
CA GLN D 338 48.88 158.79 16.60
C GLN D 338 50.31 159.19 16.95
N ARG D 339 51.30 158.43 16.47
CA ARG D 339 52.69 158.72 16.78
C ARG D 339 53.14 160.04 16.17
N TYR D 340 52.51 160.45 15.07
CA TYR D 340 52.85 161.74 14.46
C TYR D 340 52.58 162.89 15.42
N LEU D 341 51.62 162.74 16.32
CA LEU D 341 51.28 163.74 17.31
C LEU D 341 52.01 163.56 18.63
N GLN D 342 52.83 162.51 18.75
CA GLN D 342 53.47 162.18 20.02
C GLN D 342 55.00 162.16 19.93
N VAL D 343 55.58 162.63 18.82
CA VAL D 343 57.02 162.69 18.69
C VAL D 343 57.41 164.02 18.05
N ASP D 689 63.91 162.26 8.30
CA ASP D 689 64.46 161.18 9.12
C ASP D 689 63.98 161.29 10.57
N SER D 690 63.22 162.34 10.87
CA SER D 690 62.66 162.50 12.19
C SER D 690 61.64 161.40 12.49
N ASP D 691 61.38 161.19 13.78
CA ASP D 691 60.44 160.14 14.16
C ASP D 691 59.06 160.37 13.56
N ALA D 692 58.68 161.62 13.34
CA ALA D 692 57.38 161.89 12.71
C ALA D 692 57.37 161.44 11.26
N SER D 693 58.45 161.71 10.52
CA SER D 693 58.52 161.26 9.13
C SER D 693 58.54 159.73 9.05
N VAL D 694 59.27 159.09 9.96
CA VAL D 694 59.28 157.63 10.00
C VAL D 694 57.89 157.10 10.32
N ALA D 695 57.19 157.76 11.23
CA ALA D 695 55.83 157.35 11.56
C ALA D 695 54.91 157.47 10.34
N LYS D 696 55.04 158.57 9.59
CA LYS D 696 54.22 158.73 8.38
C LYS D 696 54.53 157.66 7.35
N ALA D 697 55.82 157.39 7.12
CA ALA D 697 56.20 156.38 6.15
C ALA D 697 55.70 155.00 6.57
N LYS D 698 55.85 154.66 7.85
CA LYS D 698 55.35 153.38 8.34
C LYS D 698 53.83 153.32 8.29
N LEU D 699 53.15 154.44 8.48
CA LEU D 699 51.70 154.48 8.33
C LEU D 699 51.30 154.12 6.91
N ASP D 700 51.94 154.75 5.93
CA ASP D 700 51.65 154.42 4.54
C ASP D 700 51.98 152.96 4.24
N GLU D 701 53.12 152.48 4.74
CA GLU D 701 53.52 151.09 4.49
C GLU D 701 52.52 150.12 5.10
N ALA D 702 52.05 150.40 6.32
CA ALA D 702 51.07 149.53 6.96
C ALA D 702 49.75 149.57 6.21
N GLN D 703 49.38 150.73 5.67
CA GLN D 703 48.21 150.77 4.80
C GLN D 703 48.40 149.89 3.57
N THR D 704 49.59 149.89 2.99
CA THR D 704 49.86 149.03 1.83
C THR D 704 49.76 147.56 2.21
N ILE D 705 50.34 147.17 3.35
CA ILE D 705 50.33 145.78 3.76
C ILE D 705 48.92 145.33 4.13
N GLU D 706 48.10 146.26 4.62
CA GLU D 706 46.74 145.91 5.03
C GLU D 706 45.94 145.35 3.86
N SER D 707 46.21 145.84 2.65
CA SER D 707 45.46 145.39 1.49
C SER D 707 45.73 143.91 1.19
N GLU D 708 47.00 143.50 1.20
CA GLU D 708 47.32 142.11 0.89
C GLU D 708 46.73 141.16 1.93
N LEU D 709 46.86 141.51 3.21
CA LEU D 709 46.26 140.68 4.26
C LEU D 709 44.76 140.52 4.04
N ASP D 710 44.11 141.58 3.56
CA ASP D 710 42.67 141.50 3.30
C ASP D 710 42.37 140.48 2.20
N LYS D 711 43.17 140.48 1.14
CA LYS D 711 42.95 139.52 0.05
C LYS D 711 43.18 138.09 0.53
N GLN D 712 44.24 137.87 1.31
CA GLN D 712 44.49 136.53 1.83
C GLN D 712 43.37 136.09 2.78
N LEU D 713 42.87 137.01 3.60
CA LEU D 713 41.75 136.70 4.48
C LEU D 713 40.51 136.35 3.67
N ARG D 714 40.28 137.05 2.55
CA ARG D 714 39.16 136.73 1.69
C ARG D 714 39.31 135.33 1.11
N ALA D 715 40.53 134.96 0.72
CA ALA D 715 40.75 133.60 0.23
C ALA D 715 40.45 132.56 1.31
N ALA D 716 40.88 132.84 2.55
CA ALA D 716 40.58 131.92 3.66
C ALA D 716 39.07 131.81 3.88
N ASN D 717 38.37 132.94 3.83
CA ASN D 717 36.92 132.92 3.97
C ASN D 717 36.28 132.11 2.85
N LYS D 718 36.81 132.22 1.63
CA LYS D 718 36.30 131.42 0.52
C LYS D 718 36.46 129.93 0.79
N VAL D 719 37.63 129.53 1.29
CA VAL D 719 37.84 128.12 1.63
C VAL D 719 36.84 127.68 2.70
N THR D 720 36.64 128.51 3.72
CA THR D 720 35.72 128.18 4.80
C THR D 720 34.29 128.01 4.27
N CYS D 721 33.87 128.92 3.39
CA CYS D 721 32.53 128.84 2.82
C CYS D 721 32.36 127.60 1.94
N VAL D 722 33.39 127.26 1.17
CA VAL D 722 33.31 126.04 0.36
C VAL D 722 33.12 124.82 1.27
N LEU D 723 33.90 124.75 2.35
CA LEU D 723 33.77 123.63 3.27
C LEU D 723 32.39 123.61 3.92
N ASP D 724 31.85 124.77 4.26
CA ASP D 724 30.53 124.82 4.88
C ASP D 724 29.45 124.32 3.91
N THR D 725 29.52 124.74 2.64
CA THR D 725 28.55 124.27 1.66
C THR D 725 28.66 122.75 1.49
N GLU D 726 29.90 122.24 1.43
CA GLU D 726 30.08 120.80 1.34
C GLU D 726 29.45 120.10 2.53
N LEU D 727 29.63 120.66 3.73
CA LEU D 727 29.07 120.05 4.93
C LEU D 727 27.55 120.05 4.89
N THR D 728 26.94 121.14 4.42
CA THR D 728 25.49 121.19 4.34
C THR D 728 24.95 120.13 3.38
N LEU D 729 25.57 120.02 2.20
CA LEU D 729 25.14 119.01 1.24
C LEU D 729 25.32 117.61 1.82
N ALA D 730 26.45 117.38 2.50
CA ALA D 730 26.70 116.10 3.12
C ALA D 730 25.64 115.78 4.17
N ARG D 731 25.24 116.78 4.95
CA ARG D 731 24.21 116.56 5.97
C ARG D 731 22.88 116.18 5.33
N ALA D 732 22.48 116.87 4.26
CA ALA D 732 21.22 116.52 3.61
C ALA D 732 21.26 115.10 3.06
N ALA D 733 22.34 114.75 2.37
CA ALA D 733 22.45 113.39 1.84
C ALA D 733 22.54 112.37 2.96
N GLU D 734 23.16 112.74 4.08
CA GLU D 734 23.21 111.86 5.25
C GLU D 734 21.80 111.57 5.75
N ARG D 735 20.98 112.62 5.86
CA ARG D 735 19.60 112.40 6.32
C ARG D 735 18.87 111.46 5.38
N LYS D 736 18.99 111.68 4.07
CA LYS D 736 18.28 110.79 3.15
C LYS D 736 18.78 109.35 3.25
N ALA D 737 20.10 109.15 3.24
CA ALA D 737 20.65 107.81 3.30
C ALA D 737 20.30 107.12 4.62
N GLN D 738 20.26 107.89 5.71
CA GLN D 738 19.86 107.34 7.00
C GLN D 738 18.41 106.87 6.95
N GLN D 739 17.52 107.68 6.38
CA GLN D 739 16.13 107.27 6.29
C GLN D 739 15.97 106.02 5.43
N THR D 740 16.70 105.95 4.32
CA THR D 740 16.64 104.74 3.50
C THR D 740 17.15 103.52 4.27
N ALA D 741 18.23 103.70 5.04
CA ALA D 741 18.82 102.58 5.77
C ALA D 741 18.01 102.21 7.00
N GLN D 742 17.18 103.13 7.51
CA GLN D 742 16.54 102.91 8.80
C GLN D 742 15.52 101.77 8.74
N GLN D 743 15.10 101.36 7.54
CA GLN D 743 14.20 100.23 7.44
C GLN D 743 14.79 98.99 8.10
N GLY D 744 16.12 98.89 8.12
CA GLY D 744 16.80 97.93 8.96
C GLY D 744 16.73 96.50 8.44
N MET D 745 17.54 95.66 9.08
CA MET D 745 17.63 94.24 8.75
C MET D 745 17.60 93.43 10.03
N LYS D 746 16.83 92.35 10.02
CA LYS D 746 16.95 91.34 11.08
C LYS D 746 18.38 90.79 11.08
N GLU D 747 18.70 90.01 12.10
CA GLU D 747 20.05 89.45 12.19
C GLU D 747 20.37 88.56 11.00
N GLU D 748 19.44 87.67 10.64
CA GLU D 748 19.70 86.80 9.49
C GLU D 748 19.70 87.59 8.19
N GLU D 749 18.89 88.64 8.10
CA GLU D 749 18.94 89.50 6.92
C GLU D 749 20.29 90.20 6.81
N ARG D 750 20.84 90.65 7.93
CA ARG D 750 22.15 91.29 7.92
C ARG D 750 23.24 90.28 7.52
N GLU D 751 23.16 89.07 8.04
CA GLU D 751 24.11 88.03 7.63
C GLU D 751 23.99 87.76 6.13
N LEU D 752 22.75 87.68 5.63
CA LEU D 752 22.55 87.40 4.21
C LEU D 752 23.12 88.51 3.34
N SER D 753 22.86 89.77 3.72
CA SER D 753 23.38 90.89 2.94
C SER D 753 24.90 90.95 2.99
N ALA D 754 25.48 90.72 4.18
CA ALA D 754 26.92 90.89 4.34
C ALA D 754 27.72 89.88 3.53
N SER D 755 27.26 88.63 3.48
CA SER D 755 28.06 87.55 2.88
C SER D 755 28.19 87.67 1.37
N HIS D 756 27.52 88.61 0.72
CA HIS D 756 27.67 88.81 -0.72
C HIS D 756 28.08 90.24 -1.05
N PHE D 757 27.53 91.21 -0.32
CA PHE D 757 27.68 92.60 -0.74
C PHE D 757 29.05 93.15 -0.32
N PRO D 758 29.69 93.95 -1.17
CA PRO D 758 31.02 94.46 -0.84
C PRO D 758 30.95 95.73 0.01
N VAL D 759 32.13 96.32 0.22
CA VAL D 759 32.28 97.54 1.01
C VAL D 759 33.00 98.58 0.16
N VAL D 760 32.47 99.80 0.16
CA VAL D 760 33.03 100.92 -0.60
C VAL D 760 33.42 102.02 0.38
N THR D 761 34.42 102.81 0.00
CA THR D 761 34.99 103.84 0.87
C THR D 761 34.42 105.22 0.53
N LEU D 762 34.95 106.22 1.23
CA LEU D 762 34.34 107.55 1.23
C LEU D 762 34.42 108.24 -0.13
N GLU D 763 35.57 108.18 -0.79
CA GLU D 763 35.75 108.96 -2.02
C GLU D 763 34.71 108.58 -3.07
N GLN D 764 34.13 107.39 -2.96
CA GLN D 764 33.05 106.95 -3.86
C GLN D 764 31.69 107.06 -3.19
N LEU D 765 31.48 108.13 -2.42
CA LEU D 765 30.23 108.25 -1.67
C LEU D 765 29.06 108.61 -2.59
N PRO D 766 29.12 109.66 -3.40
CA PRO D 766 28.09 109.81 -4.44
C PRO D 766 28.06 108.63 -5.40
N ASP D 767 29.22 108.01 -5.64
CA ASP D 767 29.30 106.90 -6.58
C ASP D 767 28.76 105.61 -5.98
N ILE D 768 28.43 105.61 -4.68
CA ILE D 768 27.95 104.38 -4.06
C ILE D 768 26.58 103.99 -4.60
N ARG D 769 25.80 104.97 -5.08
CA ARG D 769 24.50 104.65 -5.64
C ARG D 769 24.64 104.04 -7.03
N ASP D 770 25.52 104.59 -7.86
CA ASP D 770 25.81 103.97 -9.15
C ASP D 770 26.43 102.59 -8.97
N LEU D 771 27.26 102.43 -7.94
CA LEU D 771 27.84 101.12 -7.66
C LEU D 771 26.81 100.15 -7.12
N GLU D 772 25.82 100.65 -6.38
CA GLU D 772 24.67 99.83 -6.01
C GLU D 772 23.94 99.36 -7.25
N ARG D 773 23.78 100.25 -8.23
CA ARG D 773 23.15 99.85 -9.49
C ARG D 773 24.00 98.79 -10.20
N GLN D 774 25.32 98.94 -10.18
CA GLN D 774 26.19 97.94 -10.79
C GLN D 774 26.04 96.58 -10.12
N HIS D 775 26.03 96.56 -8.78
CA HIS D 775 25.84 95.31 -8.05
C HIS D 775 24.47 94.72 -8.33
N GLU D 776 23.44 95.58 -8.41
CA GLU D 776 22.10 95.13 -8.78
C GLU D 776 22.12 94.49 -10.17
N ARG D 777 22.87 95.08 -11.09
CA ARG D 777 22.97 94.53 -12.44
C ARG D 777 23.69 93.19 -12.45
N GLY D 778 24.74 93.03 -11.65
CA GLY D 778 25.38 91.73 -11.56
C GLY D 778 24.44 90.68 -11.00
N ILE D 779 23.74 91.01 -9.91
CA ILE D 779 22.78 90.08 -9.33
C ILE D 779 21.68 89.76 -10.34
N GLN D 780 21.23 90.78 -11.08
CA GLN D 780 20.20 90.58 -12.08
C GLN D 780 20.67 89.69 -13.21
N HIS D 781 21.91 89.85 -13.65
CA HIS D 781 22.45 88.97 -14.70
C HIS D 781 22.52 87.53 -14.22
N GLU D 782 23.00 87.31 -12.99
CA GLU D 782 23.04 85.94 -12.48
C GLU D 782 21.64 85.37 -12.32
N ILE D 783 20.71 86.17 -11.81
CA ILE D 783 19.34 85.71 -11.65
C ILE D 783 18.71 85.41 -13.00
N GLU D 784 19.05 86.21 -14.01
CA GLU D 784 18.55 85.97 -15.36
C GLU D 784 19.10 84.67 -15.92
N ARG D 785 20.38 84.39 -15.67
CA ARG D 785 20.95 83.12 -16.10
C ARG D 785 20.23 81.95 -15.44
N VAL D 786 20.01 82.04 -14.12
CA VAL D 786 19.33 80.96 -13.42
C VAL D 786 17.89 80.84 -13.88
N LYS D 787 17.24 81.97 -14.17
CA LYS D 787 15.88 81.94 -14.69
C LYS D 787 15.84 81.29 -16.07
N ALA D 788 16.82 81.58 -16.91
CA ALA D 788 16.88 80.91 -18.22
C ALA D 788 17.07 79.40 -18.03
N GLU D 789 17.87 79.00 -17.05
CA GLU D 789 18.01 77.58 -16.74
C GLU D 789 16.68 76.99 -16.28
N LEU D 790 15.97 77.69 -15.40
CA LEU D 790 14.63 77.26 -15.00
C LEU D 790 13.74 77.11 -16.21
N HIS D 791 13.89 78.03 -17.17
CA HIS D 791 12.96 78.12 -18.28
C HIS D 791 13.19 76.95 -19.24
N ARG D 792 14.46 76.68 -19.53
CA ARG D 792 14.87 75.50 -20.27
C ARG D 792 14.41 74.23 -19.57
N LEU D 793 14.57 74.17 -18.25
CA LEU D 793 14.17 72.97 -17.51
C LEU D 793 12.67 72.75 -17.56
N ASN D 794 11.88 73.82 -17.52
CA ASN D 794 10.44 73.67 -17.70
C ASN D 794 10.10 73.18 -19.10
N ILE D 795 10.81 73.66 -20.12
CA ILE D 795 10.61 73.14 -21.46
C ILE D 795 10.87 71.63 -21.47
N GLU D 796 12.01 71.20 -20.92
CA GLU D 796 12.32 69.78 -20.85
C GLU D 796 11.26 69.01 -20.08
N LEU D 797 10.81 69.57 -18.97
CA LEU D 797 9.82 68.90 -18.13
C LEU D 797 8.53 68.66 -18.90
N THR D 798 8.03 69.69 -19.58
CA THR D 798 6.80 69.50 -20.36
C THR D 798 7.01 68.54 -21.52
N LYS D 799 8.17 68.59 -22.16
CA LYS D 799 8.45 67.62 -23.23
C LYS D 799 8.33 66.19 -22.72
N ARG D 800 8.99 65.91 -21.60
CA ARG D 800 8.95 64.54 -21.08
C ARG D 800 7.59 64.20 -20.48
N MET D 801 6.86 65.20 -19.99
CA MET D 801 5.49 64.98 -19.57
C MET D 801 4.63 64.50 -20.74
N SER D 802 4.74 65.18 -21.88
CA SER D 802 4.02 64.73 -23.06
C SER D 802 4.49 63.36 -23.50
N GLU D 803 5.79 63.09 -23.41
CA GLU D 803 6.30 61.77 -23.73
C GLU D 803 5.63 60.69 -22.87
N ALA D 804 5.50 60.95 -21.57
CA ALA D 804 4.86 59.99 -20.69
C ALA D 804 3.41 59.74 -21.11
N LYS D 805 2.69 60.81 -21.45
CA LYS D 805 1.31 60.65 -21.91
C LYS D 805 1.23 59.75 -23.14
N ARG D 806 2.24 59.81 -24.01
CA ARG D 806 2.19 59.00 -25.24
C ARG D 806 2.08 57.52 -24.93
N VAL D 807 2.58 57.09 -23.77
CA VAL D 807 2.58 55.69 -23.39
C VAL D 807 1.59 55.37 -22.28
N ASP D 808 1.05 56.39 -21.61
CA ASP D 808 0.12 56.17 -20.52
C ASP D 808 -1.09 55.36 -20.99
N THR D 809 -1.72 54.66 -20.04
CA THR D 809 -2.97 53.96 -20.31
C THR D 809 -3.81 53.98 -19.04
N GLY D 810 -4.77 54.91 -18.98
CA GLY D 810 -5.79 54.89 -17.95
C GLY D 810 -5.47 55.65 -16.67
N ALA D 811 -4.28 56.21 -16.52
CA ALA D 811 -3.94 56.91 -15.29
C ALA D 811 -3.65 58.39 -15.53
N LEU D 812 -2.71 58.68 -16.43
CA LEU D 812 -2.38 60.07 -16.76
C LEU D 812 -3.46 60.74 -17.61
N VAL D 813 -4.50 59.99 -18.01
CA VAL D 813 -5.54 60.55 -18.86
C VAL D 813 -6.17 61.77 -18.19
N GLU D 814 -6.42 61.69 -16.89
CA GLU D 814 -7.08 62.77 -16.17
C GLU D 814 -6.19 64.00 -16.01
N ALA D 815 -4.89 63.88 -16.28
CA ALA D 815 -3.95 64.95 -16.00
C ALA D 815 -3.45 65.60 -17.28
N GLY D 816 -3.09 66.88 -17.17
CA GLY D 816 -2.48 67.62 -18.25
C GLY D 816 -1.02 67.30 -18.40
N ALA D 817 -0.27 68.25 -18.95
CA ALA D 817 1.16 68.07 -19.22
C ALA D 817 1.95 69.31 -18.82
N ASP D 818 1.75 69.78 -17.59
CA ASP D 818 2.38 71.01 -17.13
C ASP D 818 2.71 70.87 -15.65
N LEU D 819 3.06 72.00 -15.01
CA LEU D 819 3.56 71.95 -13.64
C LEU D 819 2.54 71.35 -12.68
N ASP D 820 1.28 71.79 -12.75
CA ASP D 820 0.28 71.28 -11.83
C ASP D 820 0.07 69.79 -11.98
N ASP D 821 0.46 69.22 -13.13
CA ASP D 821 0.24 67.79 -13.36
C ASP D 821 1.42 66.95 -12.89
N ILE D 822 2.58 67.56 -12.68
CA ILE D 822 3.76 66.85 -12.19
C ILE D 822 3.42 66.10 -10.91
N PRO D 823 2.69 66.71 -9.97
CA PRO D 823 2.30 65.97 -8.76
C PRO D 823 1.74 64.58 -9.03
N VAL D 824 0.70 64.48 -9.85
CA VAL D 824 0.09 63.18 -10.11
C VAL D 824 1.04 62.28 -10.88
N TYR D 825 1.82 62.86 -11.80
CA TYR D 825 2.81 62.05 -12.51
C TYR D 825 3.72 61.33 -11.53
N LEU D 826 4.31 62.07 -10.60
CA LEU D 826 5.25 61.47 -9.66
C LEU D 826 4.54 60.59 -8.64
N GLN D 827 3.29 60.92 -8.28
CA GLN D 827 2.52 60.04 -7.42
C GLN D 827 2.36 58.67 -8.06
N ARG D 828 1.94 58.63 -9.33
CA ARG D 828 1.81 57.35 -9.99
C ARG D 828 3.16 56.69 -10.23
N LEU D 829 4.22 57.48 -10.44
CA LEU D 829 5.54 56.87 -10.56
C LEU D 829 5.92 56.16 -9.27
N GLN D 830 5.66 56.79 -8.13
CA GLN D 830 5.88 56.15 -6.83
C GLN D 830 5.07 54.87 -6.72
N GLU D 831 3.78 54.93 -7.06
CA GLU D 831 2.93 53.75 -6.94
C GLU D 831 3.41 52.63 -7.85
N LEU D 832 3.79 52.97 -9.08
CA LEU D 832 4.28 51.99 -10.04
C LEU D 832 5.55 51.32 -9.52
N THR D 833 6.50 52.11 -9.02
CA THR D 833 7.70 51.53 -8.45
C THR D 833 7.39 50.68 -7.23
N GLU D 834 6.40 51.07 -6.43
CA GLU D 834 5.98 50.22 -5.32
C GLU D 834 5.48 48.88 -5.81
N GLU D 835 4.70 48.86 -6.89
CA GLU D 835 4.25 47.60 -7.45
C GLU D 835 5.42 46.73 -7.88
N ALA D 836 6.52 47.33 -8.31
CA ALA D 836 7.74 46.63 -8.71
C ALA D 836 7.48 45.61 -9.81
N LEU D 837 6.39 45.74 -10.55
CA LEU D 837 6.06 44.76 -11.58
C LEU D 837 7.16 44.57 -12.62
N PRO D 838 7.80 45.62 -13.15
CA PRO D 838 8.80 45.39 -14.21
C PRO D 838 9.91 44.43 -13.82
N GLU D 839 10.13 44.20 -12.52
CA GLU D 839 11.21 43.32 -12.11
C GLU D 839 10.89 41.85 -12.39
N LYS D 840 9.61 41.49 -12.43
CA LYS D 840 9.19 40.10 -12.56
C LYS D 840 9.42 39.53 -13.97
N LEU D 841 9.79 40.37 -14.94
CA LEU D 841 9.63 40.02 -16.35
C LEU D 841 10.09 38.58 -16.64
N ASN D 842 11.37 38.28 -16.40
CA ASN D 842 11.89 36.98 -16.80
C ASN D 842 11.20 35.85 -16.07
N ARG D 843 10.96 36.00 -14.76
CA ARG D 843 10.26 34.96 -14.00
C ARG D 843 8.92 34.63 -14.63
N PHE D 844 8.11 35.66 -14.87
CA PHE D 844 6.77 35.43 -15.40
C PHE D 844 6.81 34.91 -16.82
N LEU D 845 7.77 35.36 -17.64
CA LEU D 845 7.89 34.84 -18.99
C LEU D 845 8.19 33.35 -18.97
N ASP D 846 9.15 32.93 -18.15
CA ASP D 846 9.46 31.51 -18.07
C ASP D 846 8.30 30.71 -17.50
N TYR D 847 7.59 31.25 -16.50
CA TYR D 847 6.45 30.53 -15.95
C TYR D 847 5.34 30.38 -16.98
N LEU D 848 5.07 31.44 -17.76
CA LEU D 848 4.10 31.34 -18.84
C LEU D 848 4.51 30.25 -19.82
N ASN D 849 5.79 30.27 -20.22
CA ASN D 849 6.30 29.23 -21.11
C ASN D 849 5.97 27.85 -20.55
N ARG D 850 6.32 27.62 -19.27
CA ARG D 850 6.13 26.31 -18.68
C ARG D 850 4.65 25.92 -18.67
N SER D 851 3.78 26.81 -18.19
CA SER D 851 2.38 26.45 -18.03
C SER D 851 1.70 26.21 -19.37
N SER D 852 1.90 27.11 -20.34
CA SER D 852 1.27 26.92 -21.64
C SER D 852 1.85 25.70 -22.36
N ASP D 853 3.14 25.43 -22.21
CA ASP D 853 3.71 24.21 -22.75
C ASP D 853 3.05 22.98 -22.15
N ASP D 854 2.87 22.98 -20.82
CA ASP D 854 2.22 21.84 -20.19
C ASP D 854 0.84 21.63 -20.77
N GLY D 855 0.06 22.70 -20.88
CA GLY D 855 -1.28 22.57 -21.45
C GLY D 855 -1.26 22.01 -22.86
N VAL D 856 -0.42 22.57 -23.71
CA VAL D 856 -0.41 22.18 -25.12
C VAL D 856 0.02 20.72 -25.27
N THR D 857 1.12 20.36 -24.61
CA THR D 857 1.62 18.99 -24.73
C THR D 857 0.62 18.00 -24.16
N GLN D 858 0.00 18.32 -23.02
CA GLN D 858 -0.99 17.42 -22.46
C GLN D 858 -2.15 17.22 -23.41
N LEU D 859 -2.64 18.30 -24.02
CA LEU D 859 -3.75 18.18 -24.96
C LEU D 859 -3.37 17.30 -26.14
N LEU D 860 -2.19 17.53 -26.72
CA LEU D 860 -1.79 16.76 -27.89
C LEU D 860 -1.63 15.28 -27.55
N SER D 861 -1.01 14.97 -26.41
CA SER D 861 -0.90 13.58 -26.00
C SER D 861 -2.27 12.96 -25.74
N HIS D 862 -3.20 13.75 -25.20
CA HIS D 862 -4.56 13.25 -25.00
C HIS D 862 -5.20 12.86 -26.33
N ILE D 863 -5.00 13.69 -27.35
CA ILE D 863 -5.54 13.36 -28.68
C ILE D 863 -4.93 12.07 -29.18
N GLU D 864 -3.60 11.94 -29.03
CA GLU D 864 -2.94 10.73 -29.50
C GLU D 864 -3.48 9.49 -28.80
N HIS D 865 -3.70 9.58 -27.49
CA HIS D 865 -4.23 8.44 -26.76
C HIS D 865 -5.68 8.14 -27.12
N GLU D 866 -6.48 9.15 -27.45
CA GLU D 866 -7.79 8.88 -28.02
C GLU D 866 -7.66 8.09 -29.33
N VAL D 867 -6.69 8.47 -30.16
CA VAL D 867 -6.45 7.73 -31.40
C VAL D 867 -6.14 6.28 -31.09
N LEU D 868 -5.29 6.04 -30.09
CA LEU D 868 -4.96 4.66 -29.73
C LEU D 868 -6.18 3.90 -29.21
N VAL D 869 -7.03 4.57 -28.44
CA VAL D 869 -8.25 3.92 -27.95
C VAL D 869 -9.11 3.47 -29.14
N ILE D 870 -9.23 4.33 -30.15
CA ILE D 870 -9.99 3.95 -31.33
C ILE D 870 -9.33 2.78 -32.04
N GLU D 871 -8.00 2.81 -32.14
CA GLU D 871 -7.28 1.72 -32.80
C GLU D 871 -7.52 0.40 -32.08
N GLU D 872 -7.68 0.42 -30.75
CA GLU D 872 -8.00 -0.80 -30.02
C GLU D 872 -9.45 -1.21 -30.19
N ARG D 873 -10.36 -0.23 -30.29
CA ARG D 873 -11.74 -0.54 -30.63
C ARG D 873 -11.81 -1.31 -31.95
N LEU D 874 -10.94 -0.94 -32.90
CA LEU D 874 -10.86 -1.69 -34.15
C LEU D 874 -10.50 -3.15 -33.91
N ASN D 875 -9.53 -3.42 -33.02
CA ASN D 875 -9.19 -4.80 -32.71
C ASN D 875 -10.37 -5.53 -32.07
N GLU D 876 -11.08 -4.87 -31.18
CA GLU D 876 -12.26 -5.50 -30.59
C GLU D 876 -13.26 -5.91 -31.65
N LEU D 877 -13.63 -4.99 -32.53
CA LEU D 877 -14.60 -5.32 -33.57
C LEU D 877 -14.05 -6.37 -34.52
N ASN D 878 -12.74 -6.37 -34.78
CA ASN D 878 -12.16 -7.43 -35.60
C ASN D 878 -12.32 -8.78 -34.92
N GLU D 879 -12.17 -8.82 -33.60
CA GLU D 879 -12.41 -10.05 -32.86
C GLU D 879 -13.86 -10.50 -33.04
N THR D 880 -14.80 -9.56 -32.98
CA THR D 880 -16.20 -9.91 -33.21
C THR D 880 -16.42 -10.44 -34.63
N MET D 881 -15.78 -9.80 -35.61
CA MET D 881 -16.06 -10.14 -37.01
C MET D 881 -15.42 -11.45 -37.42
N PHE D 882 -14.34 -11.85 -36.75
CA PHE D 882 -13.70 -13.13 -37.09
C PHE D 882 -14.64 -14.30 -36.87
N ARG D 883 -15.66 -14.14 -36.04
CA ARG D 883 -16.55 -15.24 -35.73
C ARG D 883 -17.35 -15.69 -36.95
N VAL D 884 -17.74 -14.75 -37.80
CA VAL D 884 -18.70 -15.01 -38.88
C VAL D 884 -18.00 -14.89 -40.22
N ASP D 885 -18.60 -15.50 -41.24
CA ASP D 885 -18.07 -15.49 -42.60
C ASP D 885 -18.75 -14.42 -43.45
N PHE D 886 -17.94 -13.76 -44.27
CA PHE D 886 -18.44 -12.84 -45.29
C PHE D 886 -18.63 -13.53 -46.62
N GLN D 887 -17.71 -14.40 -47.01
CA GLN D 887 -17.87 -15.36 -48.09
C GLN D 887 -17.68 -16.74 -47.48
N PRO D 888 -18.04 -17.81 -48.20
CA PRO D 888 -18.03 -19.14 -47.58
C PRO D 888 -16.71 -19.51 -46.93
N ASP D 889 -15.58 -19.16 -47.52
CA ASP D 889 -14.27 -19.54 -47.01
C ASP D 889 -13.52 -18.36 -46.38
N ARG D 890 -14.21 -17.26 -46.07
CA ARG D 890 -13.54 -16.02 -45.72
C ARG D 890 -14.29 -15.31 -44.60
N TYR D 891 -13.55 -14.57 -43.78
CA TYR D 891 -14.13 -13.67 -42.80
C TYR D 891 -13.55 -12.28 -42.96
N LEU D 892 -14.35 -11.27 -42.61
CA LEU D 892 -13.98 -9.87 -42.79
C LEU D 892 -13.16 -9.39 -41.60
N ARG D 893 -12.22 -8.48 -41.87
CA ARG D 893 -11.34 -7.91 -40.86
C ARG D 893 -11.06 -6.46 -41.21
N LEU D 894 -10.68 -5.67 -40.21
CA LEU D 894 -10.43 -4.25 -40.37
C LEU D 894 -8.95 -3.93 -40.15
N ASP D 895 -8.61 -2.66 -40.36
CA ASP D 895 -7.27 -2.16 -40.12
C ASP D 895 -7.28 -0.66 -40.34
N THR D 896 -6.22 0.01 -39.89
CA THR D 896 -6.12 1.46 -40.00
C THR D 896 -4.73 1.88 -40.45
N LYS D 897 -4.69 2.91 -41.29
CA LYS D 897 -3.48 3.62 -41.65
C LYS D 897 -3.47 4.95 -40.93
N LYS D 898 -2.33 5.63 -40.95
CA LYS D 898 -2.19 6.93 -40.31
C LYS D 898 -2.34 8.02 -41.36
N VAL D 899 -3.35 8.88 -41.17
CA VAL D 899 -3.59 9.97 -42.10
C VAL D 899 -2.33 10.78 -42.28
N VAL D 900 -2.02 11.10 -43.53
CA VAL D 900 -0.95 12.03 -43.88
C VAL D 900 -1.63 13.28 -44.45
N HIS D 901 -1.44 14.41 -43.77
CA HIS D 901 -2.18 15.61 -44.10
C HIS D 901 -1.31 16.82 -43.78
N GLU D 902 -1.62 17.94 -44.44
CA GLU D 902 -0.81 19.14 -44.26
C GLU D 902 -0.87 19.66 -42.84
N SER D 903 -2.07 19.73 -42.26
CA SER D 903 -2.22 20.31 -40.93
C SER D 903 -1.43 19.52 -39.89
N LEU D 904 -1.58 18.19 -39.89
CA LEU D 904 -0.88 17.37 -38.92
C LEU D 904 0.63 17.47 -39.11
N ARG D 905 1.08 17.53 -40.36
CA ARG D 905 2.50 17.67 -40.63
C ARG D 905 3.04 19.00 -40.10
N THR D 906 2.29 20.08 -40.29
CA THR D 906 2.69 21.37 -39.74
C THR D 906 2.73 21.31 -38.21
N LEU D 907 1.75 20.65 -37.60
CA LEU D 907 1.77 20.50 -36.15
C LEU D 907 3.01 19.73 -35.70
N GLU D 908 3.37 18.69 -36.44
CA GLU D 908 4.58 17.93 -36.11
C GLU D 908 5.81 18.83 -36.17
N LYS D 909 5.93 19.61 -37.25
CA LYS D 909 7.08 20.50 -37.38
C LYS D 909 7.12 21.51 -36.24
N ALA D 910 5.97 22.09 -35.90
CA ALA D 910 5.92 23.08 -34.83
C ALA D 910 6.27 22.48 -33.48
N GLN D 911 5.80 21.26 -33.20
CA GLN D 911 6.17 20.60 -31.96
C GLN D 911 7.66 20.26 -31.92
N ARG D 912 8.22 19.85 -33.06
CA ARG D 912 9.66 19.65 -33.12
C ARG D 912 10.40 20.93 -32.72
N GLN D 913 9.99 22.05 -33.32
CA GLN D 913 10.64 23.32 -32.98
C GLN D 913 10.44 23.67 -31.51
N LEU D 914 9.23 23.44 -30.98
CA LEU D 914 8.96 23.75 -29.58
C LEU D 914 9.88 22.97 -28.66
N ASN D 915 9.99 21.66 -28.87
CA ASN D 915 10.89 20.86 -28.05
C ASN D 915 12.33 21.30 -28.22
N ALA D 916 12.74 21.64 -29.45
CA ALA D 916 14.08 22.18 -29.64
C ALA D 916 14.25 23.54 -28.99
N ALA D 917 13.15 24.23 -28.71
CA ALA D 917 13.22 25.59 -28.18
C ALA D 917 13.29 25.65 -26.66
N ARG D 918 13.28 24.52 -25.97
CA ARG D 918 13.41 24.54 -24.51
C ARG D 918 14.84 24.84 -24.10
N PHE D 919 15.82 24.28 -24.80
CA PHE D 919 17.21 24.33 -24.38
C PHE D 919 17.86 25.69 -24.66
N VAL D 920 17.42 26.40 -25.68
CA VAL D 920 18.09 27.64 -26.09
C VAL D 920 18.17 28.58 -24.89
N ASP D 921 19.40 28.93 -24.51
CA ASP D 921 19.64 29.85 -23.39
C ASP D 921 19.36 31.27 -23.87
N ASP D 922 18.07 31.63 -23.87
CA ASP D 922 17.65 32.93 -24.37
C ASP D 922 16.58 33.55 -23.48
N ASN D 923 16.59 33.21 -22.18
CA ASN D 923 15.59 33.69 -21.24
C ASN D 923 14.18 33.26 -21.64
N GLY D 924 14.08 32.21 -22.46
CA GLY D 924 12.80 31.68 -22.85
C GLY D 924 12.11 32.40 -23.99
N GLU D 925 12.82 33.26 -24.72
CA GLU D 925 12.20 33.98 -25.82
C GLU D 925 11.86 33.04 -26.98
N SER D 926 12.81 32.20 -27.39
CA SER D 926 12.55 31.24 -28.46
C SER D 926 11.46 30.25 -28.06
N HIS D 927 11.49 29.78 -26.81
CA HIS D 927 10.42 28.93 -26.31
C HIS D 927 9.07 29.62 -26.46
N TYR D 928 9.02 30.91 -26.11
CA TYR D 928 7.79 31.67 -26.26
C TYR D 928 7.37 31.77 -27.72
N LYS D 929 8.32 31.97 -28.63
CA LYS D 929 7.98 32.05 -30.05
C LYS D 929 7.37 30.74 -30.53
N ALA D 930 7.99 29.62 -30.20
CA ALA D 930 7.47 28.32 -30.61
C ALA D 930 6.09 28.07 -30.01
N LEU D 931 5.93 28.40 -28.73
CA LEU D 931 4.63 28.23 -28.08
C LEU D 931 3.57 29.09 -28.74
N GLN D 932 3.92 30.32 -29.10
CA GLN D 932 2.98 31.21 -29.76
C GLN D 932 2.55 30.64 -31.10
N VAL D 933 3.49 30.14 -31.90
CA VAL D 933 3.10 29.59 -33.20
C VAL D 933 2.24 28.34 -33.03
N LEU D 934 2.56 27.49 -32.05
CA LEU D 934 1.75 26.29 -31.85
C LEU D 934 0.34 26.63 -31.38
N VAL D 935 0.22 27.58 -30.45
CA VAL D 935 -1.11 28.01 -30.03
C VAL D 935 -1.84 28.68 -31.18
N ALA D 936 -1.10 29.35 -32.08
CA ALA D 936 -1.74 29.90 -33.26
C ALA D 936 -2.34 28.79 -34.12
N GLN D 937 -1.59 27.72 -34.34
CA GLN D 937 -2.16 26.57 -35.06
C GLN D 937 -3.42 26.06 -34.37
N LEU D 938 -3.35 25.88 -33.05
CA LEU D 938 -4.51 25.32 -32.34
C LEU D 938 -5.72 26.23 -32.46
N ARG D 939 -5.53 27.54 -32.27
CA ARG D 939 -6.64 28.48 -32.35
C ARG D 939 -7.21 28.53 -33.76
N ASP D 940 -6.33 28.58 -34.77
CA ASP D 940 -6.79 28.56 -36.15
C ASP D 940 -7.66 27.35 -36.42
N ALA D 941 -7.18 26.16 -36.02
CA ALA D 941 -7.97 24.95 -36.23
C ALA D 941 -9.30 25.01 -35.48
N SER D 942 -9.28 25.43 -34.22
CA SER D 942 -10.52 25.48 -33.45
C SER D 942 -11.51 26.48 -34.02
N GLU D 943 -11.03 27.49 -34.75
CA GLU D 943 -11.94 28.46 -35.35
C GLU D 943 -12.65 27.86 -36.56
N ARG D 944 -11.89 27.46 -37.58
CA ARG D 944 -12.46 26.87 -38.79
C ARG D 944 -12.55 25.36 -38.67
N ASN D 945 -13.38 24.89 -37.74
CA ASN D 945 -13.44 23.47 -37.42
C ASN D 945 -13.91 22.60 -38.58
N ARG D 946 -14.76 23.13 -39.47
CA ARG D 946 -15.30 22.31 -40.54
C ARG D 946 -14.26 21.92 -41.59
N THR D 947 -13.12 22.61 -41.63
CA THR D 947 -12.11 22.30 -42.62
C THR D 947 -11.45 20.96 -42.30
N LEU D 948 -10.84 20.36 -43.32
CA LEU D 948 -10.25 19.04 -43.16
C LEU D 948 -9.09 19.06 -42.17
N GLY D 949 -8.24 20.10 -42.24
CA GLY D 949 -7.10 20.16 -41.35
C GLY D 949 -7.48 20.27 -39.88
N ALA D 950 -8.50 21.08 -39.58
CA ALA D 950 -8.91 21.24 -38.19
C ALA D 950 -9.38 19.91 -37.61
N LYS D 951 -10.19 19.17 -38.36
CA LYS D 951 -10.62 17.85 -37.89
C LYS D 951 -9.43 16.90 -37.78
N ALA D 952 -8.52 16.95 -38.77
CA ALA D 952 -7.34 16.08 -38.71
C ALA D 952 -6.53 16.34 -37.44
N LEU D 953 -6.52 17.59 -36.97
CA LEU D 953 -5.75 17.91 -35.77
C LEU D 953 -6.52 17.56 -34.51
N LEU D 954 -7.69 18.17 -34.33
CA LEU D 954 -8.33 18.14 -33.02
C LEU D 954 -9.33 16.99 -32.87
N ASP D 955 -9.71 16.33 -33.97
CA ASP D 955 -10.64 15.22 -33.88
C ASP D 955 -9.87 13.92 -33.97
N PRO D 956 -9.93 13.05 -32.95
CA PRO D 956 -9.06 11.86 -32.96
C PRO D 956 -9.25 10.97 -34.20
N ARG D 957 -10.49 10.59 -34.51
CA ARG D 957 -10.70 9.55 -35.51
C ARG D 957 -10.20 9.97 -36.89
N PHE D 958 -10.29 11.26 -37.22
CA PHE D 958 -9.86 11.72 -38.54
C PHE D 958 -8.35 11.57 -38.70
N ARG D 959 -7.62 11.35 -37.62
CA ARG D 959 -6.19 11.09 -37.73
C ARG D 959 -5.89 9.74 -38.37
N LEU D 960 -6.92 8.91 -38.54
CA LEU D 960 -6.76 7.56 -39.09
C LEU D 960 -7.59 7.38 -40.35
N GLU D 961 -7.09 6.53 -41.25
CA GLU D 961 -7.84 6.07 -42.40
C GLU D 961 -8.30 4.64 -42.14
N PHE D 962 -9.60 4.40 -42.31
CA PHE D 962 -10.18 3.09 -42.05
C PHE D 962 -10.15 2.25 -43.32
N ALA D 963 -9.73 0.99 -43.16
CA ALA D 963 -9.64 0.06 -44.27
C ALA D 963 -10.25 -1.27 -43.87
N VAL D 964 -10.82 -1.96 -44.86
CA VAL D 964 -11.49 -3.23 -44.65
C VAL D 964 -10.92 -4.23 -45.65
N SER D 965 -10.84 -5.49 -45.24
CA SER D 965 -10.26 -6.52 -46.08
C SER D 965 -10.99 -7.83 -45.84
N VAL D 966 -10.78 -8.77 -46.74
CA VAL D 966 -11.41 -10.09 -46.70
C VAL D 966 -10.30 -11.10 -46.48
N MET D 967 -10.46 -11.93 -45.47
CA MET D 967 -9.39 -12.79 -44.97
C MET D 967 -9.71 -14.25 -45.28
N ASP D 968 -8.66 -15.05 -45.48
CA ASP D 968 -8.80 -16.48 -45.67
C ASP D 968 -9.04 -17.12 -44.31
N ARG D 969 -10.08 -17.93 -44.21
CA ARG D 969 -10.38 -18.58 -42.93
C ARG D 969 -9.19 -19.34 -42.39
N GLN D 970 -8.50 -20.11 -43.23
CA GLN D 970 -7.47 -21.02 -42.77
C GLN D 970 -6.09 -20.37 -42.68
N SER D 971 -5.90 -19.18 -43.22
CA SER D 971 -4.55 -18.62 -43.32
C SER D 971 -4.64 -17.10 -43.34
N GLY D 972 -3.46 -16.46 -43.24
CA GLY D 972 -3.33 -15.03 -43.33
C GLY D 972 -3.54 -14.46 -44.71
N ASN D 973 -3.73 -15.33 -45.71
CA ASN D 973 -3.93 -14.87 -47.08
C ASN D 973 -5.02 -13.82 -47.15
N VAL D 974 -4.78 -12.77 -47.93
CA VAL D 974 -5.72 -11.66 -48.06
C VAL D 974 -5.70 -11.16 -49.49
N ILE D 975 -6.85 -11.15 -50.13
CA ILE D 975 -7.02 -10.35 -51.35
C ILE D 975 -8.32 -9.57 -51.27
N GLU D 976 -8.25 -8.37 -50.68
CA GLU D 976 -9.32 -7.38 -50.74
C GLU D 976 -8.86 -6.17 -49.96
N SER D 977 -9.32 -4.98 -50.38
CA SER D 977 -9.01 -3.76 -49.67
C SER D 977 -9.98 -2.66 -50.08
N ARG D 978 -10.74 -2.15 -49.12
CA ARG D 978 -11.66 -1.03 -49.32
C ARG D 978 -11.08 0.16 -48.56
N THR D 979 -10.18 0.88 -49.21
CA THR D 979 -9.55 2.06 -48.62
C THR D 979 -8.72 2.76 -49.69
N GLY D 980 -8.73 4.09 -49.63
CA GLY D 980 -8.04 4.88 -50.62
C GLY D 980 -8.85 4.97 -51.91
N SER D 981 -8.94 3.86 -52.63
CA SER D 981 -9.80 3.73 -53.79
C SER D 981 -10.91 2.75 -53.45
N GLN D 982 -12.12 3.28 -53.22
CA GLN D 982 -13.24 2.45 -52.80
C GLN D 982 -13.65 1.41 -53.83
N GLY D 983 -13.28 1.60 -55.10
CA GLY D 983 -13.72 0.69 -56.14
C GLY D 983 -15.07 1.08 -56.70
N GLY D 984 -15.89 1.73 -55.89
CA GLY D 984 -17.18 2.20 -56.37
C GLY D 984 -18.13 1.11 -56.78
N SER D 985 -17.93 -0.11 -56.32
CA SER D 985 -18.85 -1.20 -56.65
C SER D 985 -20.25 -0.86 -56.18
N GLY D 986 -21.22 -0.97 -57.09
CA GLY D 986 -22.58 -0.61 -56.77
C GLY D 986 -23.30 -1.61 -55.89
N GLY D 987 -22.76 -2.82 -55.74
CA GLY D 987 -23.35 -3.79 -54.84
C GLY D 987 -22.42 -4.22 -53.72
N GLU D 988 -21.12 -4.29 -54.00
CA GLU D 988 -20.18 -4.79 -53.00
C GLU D 988 -20.00 -3.79 -51.85
N LYS D 989 -19.98 -2.49 -52.16
CA LYS D 989 -19.87 -1.50 -51.11
C LYS D 989 -21.06 -1.59 -50.16
N GLU D 990 -22.26 -1.81 -50.69
CA GLU D 990 -23.45 -1.89 -49.85
C GLU D 990 -23.36 -3.08 -48.90
N ILE D 991 -23.03 -4.26 -49.41
CA ILE D 991 -22.94 -5.43 -48.55
C ILE D 991 -21.84 -5.25 -47.53
N ILE D 992 -20.69 -4.71 -47.95
CA ILE D 992 -19.58 -4.51 -47.01
C ILE D 992 -20.01 -3.58 -45.89
N ALA D 993 -20.64 -2.45 -46.23
CA ALA D 993 -21.06 -1.50 -45.22
C ALA D 993 -22.08 -2.11 -44.28
N SER D 994 -23.09 -2.79 -44.82
CA SER D 994 -24.11 -3.39 -43.98
C SER D 994 -23.49 -4.44 -43.06
N TYR D 995 -22.57 -5.25 -43.58
CA TYR D 995 -21.94 -6.30 -42.79
C TYR D 995 -21.13 -5.71 -41.64
N VAL D 996 -20.27 -4.73 -41.94
CA VAL D 996 -19.44 -4.15 -40.89
C VAL D 996 -20.33 -3.44 -39.86
N LEU D 997 -21.37 -2.77 -40.34
CA LEU D 997 -22.28 -2.08 -39.43
C LEU D 997 -22.99 -3.08 -38.53
N THR D 998 -23.44 -4.20 -39.08
CA THR D 998 -24.08 -5.22 -38.26
C THR D 998 -23.13 -5.76 -37.21
N ALA D 999 -21.89 -6.06 -37.59
CA ALA D 999 -20.92 -6.58 -36.63
C ALA D 999 -20.67 -5.57 -35.52
N SER D 1000 -20.40 -4.32 -35.88
CA SER D 1000 -20.17 -3.29 -34.87
C SER D 1000 -21.39 -3.13 -33.95
N LEU D 1001 -22.58 -3.10 -34.55
CA LEU D 1001 -23.80 -2.90 -33.78
C LEU D 1001 -24.02 -4.06 -32.82
N SER D 1002 -23.72 -5.28 -33.25
CA SER D 1002 -23.80 -6.43 -32.36
C SER D 1002 -22.81 -6.30 -31.21
N TYR D 1003 -21.57 -5.92 -31.51
CA TYR D 1003 -20.59 -5.77 -30.45
C TYR D 1003 -21.05 -4.73 -29.43
N ALA D 1004 -21.56 -3.60 -29.91
CA ALA D 1004 -22.08 -2.59 -28.99
C ALA D 1004 -23.26 -3.13 -28.20
N LEU D 1005 -24.13 -3.89 -28.84
CA LEU D 1005 -25.34 -4.41 -28.18
C LEU D 1005 -25.05 -5.49 -27.18
N SER D 1006 -23.90 -6.15 -27.25
CA SER D 1006 -23.59 -7.28 -26.39
C SER D 1006 -22.95 -6.79 -25.12
N PRO D 1007 -23.52 -7.04 -23.94
CA PRO D 1007 -22.83 -6.68 -22.70
C PRO D 1007 -21.46 -7.34 -22.63
N ALA D 1008 -20.52 -6.63 -22.01
CA ALA D 1008 -19.13 -7.08 -22.00
C ALA D 1008 -19.03 -8.55 -21.64
N GLY D 1009 -18.07 -9.24 -22.25
CA GLY D 1009 -17.88 -10.66 -22.02
C GLY D 1009 -18.67 -11.53 -22.97
N SER D 1010 -19.99 -11.32 -23.00
CA SER D 1010 -20.86 -12.13 -23.84
C SER D 1010 -20.64 -11.83 -25.31
N ARG D 1011 -20.60 -12.87 -26.13
CA ARG D 1011 -20.56 -12.74 -27.58
C ARG D 1011 -21.94 -12.58 -28.20
N TYR D 1012 -23.01 -12.63 -27.39
CA TYR D 1012 -24.37 -12.61 -27.89
C TYR D 1012 -25.05 -11.30 -27.50
N PRO D 1013 -25.61 -10.56 -28.45
CA PRO D 1013 -26.30 -9.33 -28.09
C PRO D 1013 -27.49 -9.60 -27.18
N LEU D 1014 -27.68 -8.70 -26.21
CA LEU D 1014 -28.82 -8.81 -25.31
C LEU D 1014 -30.09 -8.27 -25.94
N PHE D 1015 -29.99 -7.18 -26.70
CA PHE D 1015 -31.09 -6.66 -27.49
C PHE D 1015 -30.89 -7.12 -28.92
N GLY D 1016 -31.50 -8.26 -29.28
CA GLY D 1016 -31.20 -8.89 -30.55
C GLY D 1016 -31.80 -8.20 -31.75
N THR D 1017 -32.83 -7.39 -31.56
CA THR D 1017 -33.55 -6.80 -32.68
C THR D 1017 -32.71 -5.72 -33.36
N ILE D 1018 -32.83 -5.66 -34.69
CA ILE D 1018 -32.22 -4.61 -35.50
C ILE D 1018 -33.22 -4.21 -36.57
N ILE D 1019 -33.07 -3.00 -37.09
CA ILE D 1019 -33.93 -2.47 -38.15
C ILE D 1019 -33.08 -2.21 -39.38
N LEU D 1020 -33.60 -2.54 -40.55
CA LEU D 1020 -32.87 -2.38 -41.80
C LEU D 1020 -33.84 -1.99 -42.90
N ASP D 1021 -33.29 -1.69 -44.09
CA ASP D 1021 -34.06 -1.07 -45.16
C ASP D 1021 -33.54 -1.48 -46.53
N GLU D 1022 -33.85 -0.68 -47.55
CA GLU D 1022 -33.65 -1.03 -48.96
C GLU D 1022 -32.19 -1.24 -49.34
N ALA D 1023 -31.26 -1.23 -48.40
CA ALA D 1023 -29.95 -1.82 -48.69
C ALA D 1023 -30.11 -3.13 -49.44
N PHE D 1024 -31.18 -3.89 -49.12
CA PHE D 1024 -31.50 -5.08 -49.90
C PHE D 1024 -31.84 -4.73 -51.34
N SER D 1025 -32.64 -3.67 -51.54
CA SER D 1025 -32.97 -3.26 -52.89
C SER D 1025 -31.71 -2.92 -53.70
N ARG D 1026 -30.73 -2.28 -53.08
CA ARG D 1026 -29.47 -2.06 -53.77
C ARG D 1026 -28.72 -3.38 -53.96
N SER D 1027 -29.00 -4.37 -53.11
CA SER D 1027 -28.33 -5.65 -53.19
C SER D 1027 -29.08 -6.61 -54.11
N SER D 1028 -28.34 -7.51 -54.74
CA SER D 1028 -28.92 -8.59 -55.51
C SER D 1028 -29.51 -9.65 -54.57
N HIS D 1029 -30.01 -10.73 -55.17
CA HIS D 1029 -30.59 -11.81 -54.38
C HIS D 1029 -29.51 -12.52 -53.57
N ALA D 1030 -28.40 -12.89 -54.22
CA ALA D 1030 -27.35 -13.66 -53.54
C ALA D 1030 -26.70 -12.83 -52.44
N VAL D 1031 -26.34 -11.58 -52.74
CA VAL D 1031 -25.72 -10.74 -51.73
C VAL D 1031 -26.70 -10.43 -50.61
N ALA D 1032 -27.98 -10.27 -50.92
CA ALA D 1032 -28.97 -10.10 -49.87
C ALA D 1032 -29.03 -11.33 -48.97
N GLY D 1033 -29.00 -12.53 -49.56
CA GLY D 1033 -28.96 -13.74 -48.76
C GLY D 1033 -27.73 -13.80 -47.88
N ARG D 1034 -26.58 -13.41 -48.42
CA ARG D 1034 -25.38 -13.27 -47.59
C ARG D 1034 -25.61 -12.32 -46.43
N ILE D 1035 -26.30 -11.21 -46.69
CA ILE D 1035 -26.59 -10.24 -45.63
C ILE D 1035 -27.42 -10.89 -44.54
N ILE D 1036 -28.47 -11.61 -44.92
CA ILE D 1036 -29.34 -12.23 -43.92
C ILE D 1036 -28.57 -13.28 -43.14
N ALA D 1037 -27.75 -14.08 -43.83
CA ALA D 1037 -26.97 -15.10 -43.15
C ALA D 1037 -26.03 -14.47 -42.13
N ALA D 1038 -25.30 -13.42 -42.54
CA ALA D 1038 -24.39 -12.75 -41.62
C ALA D 1038 -25.15 -12.17 -40.43
N LEU D 1039 -26.30 -11.55 -40.70
CA LEU D 1039 -27.09 -10.96 -39.62
C LEU D 1039 -27.50 -12.02 -38.61
N ARG D 1040 -28.00 -13.16 -39.09
CA ARG D 1040 -28.37 -14.23 -38.16
C ARG D 1040 -27.17 -14.77 -37.41
N GLU D 1041 -26.02 -14.90 -38.08
CA GLU D 1041 -24.86 -15.51 -37.45
C GLU D 1041 -24.30 -14.63 -36.34
N PHE D 1042 -24.38 -13.31 -36.47
CA PHE D 1042 -23.94 -12.42 -35.40
C PHE D 1042 -24.90 -12.38 -34.22
N GLY D 1043 -25.90 -13.26 -34.17
CA GLY D 1043 -26.83 -13.27 -33.07
C GLY D 1043 -27.94 -12.24 -33.15
N LEU D 1044 -28.15 -11.64 -34.33
CA LEU D 1044 -29.16 -10.60 -34.47
C LEU D 1044 -30.44 -11.16 -35.08
N HIS D 1045 -31.55 -10.98 -34.37
CA HIS D 1045 -32.86 -11.00 -34.99
C HIS D 1045 -33.13 -9.63 -35.60
N ALA D 1046 -33.78 -9.63 -36.77
CA ALA D 1046 -33.90 -8.40 -37.53
C ALA D 1046 -35.31 -8.22 -38.03
N VAL D 1047 -35.59 -6.99 -38.46
CA VAL D 1047 -36.85 -6.61 -39.10
C VAL D 1047 -36.50 -5.88 -40.39
N PHE D 1048 -37.04 -6.34 -41.51
CA PHE D 1048 -36.72 -5.80 -42.82
C PHE D 1048 -37.92 -5.05 -43.37
N ILE D 1049 -37.71 -3.79 -43.74
CA ILE D 1049 -38.75 -2.95 -44.32
C ILE D 1049 -38.45 -2.76 -45.80
N THR D 1050 -39.49 -2.87 -46.63
CA THR D 1050 -39.38 -2.61 -48.06
C THR D 1050 -40.72 -2.18 -48.60
N PRO D 1051 -40.76 -1.31 -49.61
CA PRO D 1051 -42.05 -0.87 -50.17
C PRO D 1051 -42.57 -1.81 -51.26
N ASN D 1052 -42.97 -3.01 -50.83
CA ASN D 1052 -43.66 -3.97 -51.69
C ASN D 1052 -42.80 -4.42 -52.87
N LYS D 1053 -41.62 -4.98 -52.58
CA LYS D 1053 -40.83 -5.58 -53.64
C LYS D 1053 -39.74 -6.45 -53.03
N GLU D 1054 -39.06 -7.20 -53.90
CA GLU D 1054 -38.06 -8.19 -53.50
C GLU D 1054 -38.66 -9.21 -52.53
N MET D 1055 -39.90 -9.62 -52.81
CA MET D 1055 -40.60 -10.55 -51.92
C MET D 1055 -39.91 -11.89 -51.83
N ARG D 1056 -39.40 -12.40 -52.95
CA ARG D 1056 -39.06 -13.82 -53.04
C ARG D 1056 -37.94 -14.19 -52.06
N LEU D 1057 -36.87 -13.41 -52.01
CA LEU D 1057 -35.79 -13.76 -51.10
C LEU D 1057 -36.21 -13.59 -49.64
N LEU D 1058 -37.05 -12.59 -49.35
CA LEU D 1058 -37.62 -12.49 -48.01
C LEU D 1058 -38.33 -13.77 -47.64
N ARG D 1059 -39.23 -14.24 -48.51
CA ARG D 1059 -39.91 -15.50 -48.25
C ARG D 1059 -38.91 -16.65 -48.11
N ASP D 1060 -37.82 -16.59 -48.86
CA ASP D 1060 -36.82 -17.66 -48.80
C ASP D 1060 -36.14 -17.71 -47.43
N HIS D 1061 -35.87 -16.55 -46.85
CA HIS D 1061 -35.08 -16.51 -45.63
C HIS D 1061 -35.75 -15.74 -44.49
N THR D 1062 -37.08 -15.67 -44.49
CA THR D 1062 -37.83 -15.12 -43.36
C THR D 1062 -39.13 -15.89 -43.21
N ARG D 1063 -39.67 -15.88 -41.99
CA ARG D 1063 -40.84 -16.67 -41.66
C ARG D 1063 -42.15 -15.89 -41.68
N SER D 1064 -42.14 -14.63 -41.24
CA SER D 1064 -43.39 -13.89 -41.08
C SER D 1064 -43.32 -12.61 -41.88
N ALA D 1065 -44.46 -11.91 -41.94
CA ALA D 1065 -44.55 -10.62 -42.60
C ALA D 1065 -45.71 -9.83 -42.00
N ILE D 1066 -45.67 -8.52 -42.19
CA ILE D 1066 -46.75 -7.62 -41.80
C ILE D 1066 -47.09 -6.75 -43.00
N VAL D 1067 -48.37 -6.52 -43.22
CA VAL D 1067 -48.86 -5.70 -44.33
C VAL D 1067 -49.42 -4.41 -43.76
N VAL D 1068 -49.29 -3.33 -44.52
CA VAL D 1068 -49.77 -2.02 -44.13
C VAL D 1068 -50.61 -1.45 -45.27
N HIS D 1069 -51.57 -0.59 -44.92
CA HIS D 1069 -52.52 -0.04 -45.87
C HIS D 1069 -52.34 1.47 -45.97
N ARG D 1070 -52.76 2.03 -47.10
CA ARG D 1070 -53.02 3.46 -47.22
C ARG D 1070 -54.36 3.64 -47.92
N ARG D 1071 -55.32 4.23 -47.22
CA ARG D 1071 -56.70 4.37 -47.66
C ARG D 1071 -57.05 5.85 -47.61
N GLY D 1072 -56.16 6.67 -48.17
CA GLY D 1072 -56.30 8.11 -48.01
C GLY D 1072 -55.38 8.58 -46.89
N GLN D 1073 -55.94 9.40 -46.00
CA GLN D 1073 -55.21 9.81 -44.81
C GLN D 1073 -55.46 8.82 -43.68
N ASN D 1074 -55.12 7.57 -43.91
CA ASN D 1074 -55.24 6.52 -42.90
C ASN D 1074 -54.37 5.34 -43.31
N SER D 1075 -54.05 4.50 -42.35
CA SER D 1075 -53.22 3.32 -42.59
C SER D 1075 -53.56 2.24 -41.58
N ASN D 1076 -53.87 1.04 -42.08
CA ASN D 1076 -54.19 -0.11 -41.25
C ASN D 1076 -53.32 -1.29 -41.66
N MET D 1077 -52.88 -2.04 -40.64
CA MET D 1077 -51.84 -3.04 -40.79
C MET D 1077 -52.20 -4.30 -40.01
N ALA D 1078 -51.85 -5.46 -40.58
CA ALA D 1078 -52.16 -6.75 -39.97
C ALA D 1078 -50.94 -7.65 -40.09
N SER D 1079 -50.81 -8.56 -39.12
CA SER D 1079 -49.69 -9.49 -39.07
C SER D 1079 -50.10 -10.84 -39.62
N LEU D 1080 -49.25 -11.41 -40.47
CA LEU D 1080 -49.55 -12.66 -41.16
C LEU D 1080 -48.30 -13.54 -41.18
N SER D 1081 -48.52 -14.83 -41.42
CA SER D 1081 -47.47 -15.74 -41.82
C SER D 1081 -47.45 -15.82 -43.34
N TRP D 1082 -46.29 -16.19 -43.88
CA TRP D 1082 -46.15 -16.23 -45.34
C TRP D 1082 -47.22 -17.12 -45.95
N GLU D 1083 -47.56 -18.22 -45.29
CA GLU D 1083 -48.50 -19.18 -45.87
C GLU D 1083 -49.91 -18.63 -45.92
N GLU D 1084 -50.35 -17.91 -44.90
CA GLU D 1084 -51.66 -17.28 -44.96
C GLU D 1084 -51.73 -16.25 -46.10
N LEU D 1085 -50.66 -15.48 -46.28
CA LEU D 1085 -50.60 -14.54 -47.40
C LEU D 1085 -50.66 -15.28 -48.72
N GLU D 1086 -49.97 -16.42 -48.83
CA GLU D 1086 -50.00 -17.20 -50.05
C GLU D 1086 -51.41 -17.73 -50.32
N ARG D 1087 -52.10 -18.20 -49.29
CA ARG D 1087 -53.46 -18.69 -49.47
C ARG D 1087 -54.40 -17.56 -49.89
N HIS D 1088 -54.22 -16.37 -49.32
CA HIS D 1088 -55.03 -15.23 -49.75
C HIS D 1088 -54.72 -14.85 -51.18
N TYR D 1089 -53.45 -14.95 -51.60
CA TYR D 1089 -53.12 -14.76 -53.00
C TYR D 1089 -53.84 -15.77 -53.88
N GLN D 1090 -53.88 -17.03 -53.44
CA GLN D 1090 -54.57 -18.05 -54.21
C GLN D 1090 -56.06 -17.72 -54.32
N ARG D 1091 -56.66 -17.25 -53.22
CA ARG D 1091 -58.06 -16.86 -53.27
C ARG D 1091 -58.28 -15.72 -54.27
N ARG D 1092 -57.37 -14.74 -54.28
CA ARG D 1092 -57.47 -13.68 -55.27
C ARG D 1092 -57.31 -14.22 -56.69
N GLY D 1093 -56.38 -15.15 -56.89
CA GLY D 1093 -56.17 -15.69 -58.22
C GLY D 1093 -57.38 -16.45 -58.74
N ASN D 1094 -58.06 -17.20 -57.87
CA ASN D 1094 -59.31 -17.84 -58.27
C ASN D 1094 -60.35 -16.81 -58.69
N ALA D 1095 -60.45 -15.71 -57.96
CA ALA D 1095 -61.39 -14.66 -58.30
C ALA D 1095 -60.92 -13.31 -57.75
N MET E 1 -48.91 1.91 -75.35
CA MET E 1 -48.16 2.97 -74.63
C MET E 1 -46.94 3.38 -75.43
N ASN E 2 -46.09 2.40 -75.73
CA ASN E 2 -44.79 2.65 -76.35
C ASN E 2 -44.91 3.20 -77.77
N GLN E 3 -46.12 3.37 -78.30
CA GLN E 3 -46.27 3.97 -79.62
C GLN E 3 -45.82 5.43 -79.63
N VAL E 4 -45.98 6.12 -78.50
CA VAL E 4 -45.49 7.50 -78.41
C VAL E 4 -43.98 7.54 -78.53
N SER E 5 -43.31 6.42 -78.27
CA SER E 5 -41.85 6.37 -78.42
C SER E 5 -41.45 6.63 -79.88
N GLY E 6 -42.16 6.03 -80.84
CA GLY E 6 -41.88 6.32 -82.23
C GLY E 6 -42.17 7.78 -82.57
N LEU E 7 -43.23 8.34 -81.99
CA LEU E 7 -43.49 9.77 -82.18
C LEU E 7 -42.32 10.59 -81.66
N ALA E 8 -41.69 10.15 -80.56
CA ALA E 8 -40.51 10.84 -80.07
C ALA E 8 -39.37 10.75 -81.09
N GLY E 9 -39.21 9.59 -81.72
CA GLY E 9 -38.19 9.46 -82.76
C GLY E 9 -38.46 10.38 -83.94
N LYS E 10 -39.73 10.55 -84.30
CA LYS E 10 -40.06 11.54 -85.32
C LYS E 10 -39.72 12.95 -84.86
N GLU E 11 -40.01 13.25 -83.59
CA GLU E 11 -39.75 14.58 -83.06
C GLU E 11 -38.28 14.78 -82.70
N SER E 12 -37.51 13.70 -82.57
CA SER E 12 -36.22 13.78 -81.90
C SER E 12 -35.34 12.61 -82.32
N PHE E 13 -34.04 12.76 -82.04
CA PHE E 13 -33.10 11.64 -82.15
C PHE E 13 -33.17 10.79 -80.88
N ILE E 14 -33.60 9.54 -81.02
CA ILE E 14 -33.60 8.59 -79.92
C ILE E 14 -32.42 7.65 -80.10
N LEU E 15 -31.77 7.31 -79.00
CA LEU E 15 -30.53 6.56 -79.01
C LEU E 15 -30.83 5.09 -78.74
N THR E 16 -30.54 4.23 -79.72
CA THR E 16 -30.61 2.79 -79.47
C THR E 16 -29.46 2.11 -80.23
N ARG E 17 -28.29 2.09 -79.61
CA ARG E 17 -27.22 1.16 -79.90
C ARG E 17 -26.03 1.51 -79.02
N ILE E 18 -25.12 0.56 -78.86
CA ILE E 18 -23.88 0.78 -78.14
C ILE E 18 -22.80 -0.09 -78.76
N GLU E 19 -21.59 0.46 -78.86
CA GLU E 19 -20.40 -0.30 -79.21
C GLU E 19 -19.33 0.00 -78.17
N LEU E 20 -18.74 -1.06 -77.61
CA LEU E 20 -17.77 -0.94 -76.53
C LEU E 20 -16.53 -1.75 -76.87
N PHE E 21 -15.41 -1.36 -76.27
CA PHE E 21 -14.15 -2.07 -76.45
C PHE E 21 -13.26 -1.77 -75.25
N ASN E 22 -13.15 -2.74 -74.35
CA ASN E 22 -12.22 -2.65 -73.21
C ASN E 22 -12.60 -1.53 -72.25
N TRP E 23 -13.87 -1.17 -72.19
CA TRP E 23 -14.34 -0.19 -71.21
C TRP E 23 -14.60 -0.90 -69.89
N GLY E 24 -13.91 -0.46 -68.84
CA GLY E 24 -14.15 -1.04 -67.52
C GLY E 24 -13.96 -2.54 -67.57
N GLY E 25 -14.91 -3.26 -66.95
CA GLY E 25 -14.87 -4.71 -66.97
C GLY E 25 -15.19 -5.32 -68.32
N PHE E 26 -15.81 -4.55 -69.22
CA PHE E 26 -16.18 -5.04 -70.55
C PHE E 26 -14.93 -5.14 -71.42
N HIS E 27 -14.20 -6.22 -71.21
CA HIS E 27 -12.97 -6.44 -71.96
C HIS E 27 -13.26 -6.97 -73.36
N GLY E 28 -12.29 -6.81 -74.25
CA GLY E 28 -12.52 -7.19 -75.63
C GLY E 28 -13.61 -6.34 -76.25
N LEU E 29 -14.33 -6.93 -77.20
CA LEU E 29 -15.41 -6.25 -77.91
C LEU E 29 -16.75 -6.66 -77.32
N HIS E 30 -17.67 -5.70 -77.20
CA HIS E 30 -19.05 -5.96 -76.82
C HIS E 30 -19.93 -4.93 -77.51
N GLN E 31 -21.20 -5.27 -77.67
CA GLN E 31 -22.16 -4.38 -78.32
C GLN E 31 -23.56 -4.65 -77.78
N ALA E 32 -24.44 -3.67 -77.98
CA ALA E 32 -25.82 -3.75 -77.55
C ALA E 32 -26.73 -3.12 -78.58
N ALA E 33 -27.86 -3.77 -78.84
CA ALA E 33 -28.95 -3.21 -79.62
C ALA E 33 -30.12 -2.95 -78.68
N ILE E 34 -30.82 -1.84 -78.91
CA ILE E 34 -31.84 -1.35 -77.98
C ILE E 34 -33.14 -1.10 -78.74
N HIS E 35 -34.25 -1.35 -78.08
CA HIS E 35 -35.56 -1.18 -78.70
C HIS E 35 -35.95 0.29 -78.73
N GLN E 36 -36.51 0.74 -79.85
CA GLN E 36 -36.97 2.11 -79.96
C GLN E 36 -38.03 2.43 -78.91
N ASP E 37 -38.82 1.44 -78.51
CA ASP E 37 -39.93 1.63 -77.60
C ASP E 37 -39.50 1.84 -76.15
N GLY E 38 -38.22 1.68 -75.84
CA GLY E 38 -37.76 1.66 -74.47
C GLY E 38 -37.08 0.36 -74.14
N THR E 39 -36.26 0.38 -73.09
CA THR E 39 -35.39 -0.75 -72.78
C THR E 39 -35.09 -0.81 -71.30
N ALA E 40 -34.56 -1.95 -70.89
CA ALA E 40 -34.06 -2.18 -69.53
C ALA E 40 -32.67 -2.77 -69.60
N VAL E 41 -31.95 -2.68 -68.47
CA VAL E 41 -30.65 -3.31 -68.31
C VAL E 41 -30.64 -3.95 -66.92
N ILE E 42 -30.06 -5.14 -66.83
CA ILE E 42 -30.18 -5.97 -65.64
C ILE E 42 -28.88 -6.73 -65.42
N GLY E 43 -28.82 -7.46 -64.30
CA GLY E 43 -27.68 -8.25 -63.95
C GLY E 43 -27.46 -8.24 -62.45
N PRO E 44 -26.63 -9.16 -61.95
CA PRO E 44 -26.33 -9.16 -60.52
C PRO E 44 -25.61 -7.88 -60.11
N THR E 45 -25.85 -7.46 -58.88
CA THR E 45 -25.22 -6.23 -58.39
C THR E 45 -23.70 -6.36 -58.45
N GLY E 46 -23.05 -5.24 -58.73
CA GLY E 46 -21.61 -5.23 -58.89
C GLY E 46 -21.17 -6.08 -60.06
N SER E 47 -21.86 -5.95 -61.20
CA SER E 47 -21.51 -6.69 -62.39
C SER E 47 -21.14 -5.81 -63.59
N GLY E 48 -21.51 -4.52 -63.59
CA GLY E 48 -21.09 -3.63 -64.65
C GLY E 48 -22.19 -2.81 -65.28
N LYS E 49 -23.40 -2.84 -64.71
CA LYS E 49 -24.48 -2.03 -65.29
C LYS E 49 -24.22 -0.54 -65.11
N THR E 50 -23.87 -0.11 -63.91
CA THR E 50 -23.50 1.30 -63.72
C THR E 50 -22.22 1.62 -64.47
N THR E 51 -21.34 0.63 -64.66
CA THR E 51 -20.18 0.83 -65.51
C THR E 51 -20.60 1.19 -66.93
N LEU E 52 -21.59 0.47 -67.46
CA LEU E 52 -22.10 0.79 -68.79
C LEU E 52 -22.74 2.17 -68.82
N VAL E 53 -23.52 2.49 -67.80
CA VAL E 53 -24.15 3.81 -67.74
C VAL E 53 -23.07 4.90 -67.79
N ASP E 54 -22.04 4.77 -66.95
CA ASP E 54 -20.95 5.73 -66.99
C ASP E 54 -20.28 5.75 -68.36
N ALA E 55 -20.16 4.59 -69.00
CA ALA E 55 -19.65 4.57 -70.37
C ALA E 55 -20.46 5.49 -71.26
N LEU E 56 -21.79 5.47 -71.11
CA LEU E 56 -22.63 6.33 -71.93
C LEU E 56 -22.35 7.81 -71.65
N MET E 57 -22.27 8.17 -70.37
CA MET E 57 -22.14 9.59 -70.02
C MET E 57 -20.76 10.13 -70.35
N THR E 58 -19.75 9.27 -70.48
CA THR E 58 -18.43 9.75 -70.85
C THR E 58 -18.43 10.39 -72.23
N LEU E 59 -19.25 9.86 -73.14
CA LEU E 59 -19.30 10.39 -74.50
C LEU E 59 -20.04 11.72 -74.56
N LEU E 60 -20.89 12.01 -73.57
CA LEU E 60 -21.86 13.09 -73.71
C LEU E 60 -21.46 14.38 -73.00
N LEU E 61 -20.64 14.32 -71.97
CA LEU E 61 -20.33 15.51 -71.17
C LEU E 61 -18.82 15.62 -70.99
N ALA E 62 -18.35 16.87 -70.87
CA ALA E 62 -16.95 17.10 -70.58
C ALA E 62 -16.54 16.39 -69.29
N ASN E 63 -17.37 16.54 -68.25
CA ASN E 63 -17.21 15.75 -67.04
C ASN E 63 -18.60 15.31 -66.58
N PRO E 64 -18.84 14.01 -66.41
CA PRO E 64 -20.08 13.56 -65.78
C PRO E 64 -19.93 13.39 -64.27
N ARG E 65 -21.00 12.96 -63.62
CA ARG E 65 -20.94 12.56 -62.21
C ARG E 65 -20.85 11.04 -62.19
N TYR E 66 -19.63 10.53 -62.31
CA TYR E 66 -19.41 9.10 -62.41
C TYR E 66 -20.05 8.38 -61.25
N ASN E 67 -20.76 7.29 -61.54
CA ASN E 67 -21.38 6.46 -60.52
C ASN E 67 -22.20 7.29 -59.54
N LEU E 68 -22.81 8.38 -60.04
CA LEU E 68 -23.57 9.26 -59.16
C LEU E 68 -24.73 8.51 -58.51
N ALA E 69 -25.16 7.39 -59.10
CA ALA E 69 -26.22 6.61 -58.49
C ALA E 69 -25.79 6.07 -57.13
N SER E 70 -24.55 5.59 -57.01
CA SER E 70 -24.08 5.06 -55.74
C SER E 70 -23.94 6.16 -54.68
N THR E 71 -23.33 7.28 -55.06
CA THR E 71 -23.00 8.31 -54.07
C THR E 71 -24.21 9.06 -53.54
N GLY E 72 -25.10 9.50 -54.43
CA GLY E 72 -26.15 10.41 -54.01
C GLY E 72 -25.68 11.83 -53.83
N GLY E 73 -24.96 12.36 -54.82
CA GLY E 73 -24.43 13.71 -54.76
C GLY E 73 -23.02 13.83 -54.25
N HIS E 74 -22.45 12.74 -53.72
CA HIS E 74 -21.09 12.80 -53.21
C HIS E 74 -20.10 12.41 -54.31
N GLU E 75 -18.83 12.70 -54.05
CA GLU E 75 -17.80 12.56 -55.07
C GLU E 75 -17.73 11.12 -55.57
N SER E 76 -17.56 10.99 -56.88
CA SER E 76 -17.41 9.68 -57.50
C SER E 76 -16.05 9.06 -57.15
N ASP E 77 -16.05 7.75 -56.88
CA ASP E 77 -14.80 7.04 -56.70
C ASP E 77 -14.05 6.88 -58.02
N ARG E 78 -14.78 6.77 -59.12
CA ARG E 78 -14.20 6.42 -60.42
C ARG E 78 -14.02 7.66 -61.29
N ASP E 79 -13.56 7.41 -62.52
CA ASP E 79 -13.31 8.46 -63.49
C ASP E 79 -12.91 7.80 -64.81
N LEU E 80 -12.62 8.64 -65.80
CA LEU E 80 -12.25 8.14 -67.12
C LEU E 80 -11.02 7.24 -67.04
N ILE E 81 -9.99 7.68 -66.31
CA ILE E 81 -8.74 6.94 -66.27
C ILE E 81 -8.92 5.57 -65.65
N SER E 82 -9.72 5.47 -64.58
CA SER E 82 -9.93 4.17 -63.95
C SER E 82 -10.69 3.23 -64.88
N TYR E 83 -11.73 3.72 -65.55
CA TYR E 83 -12.47 2.88 -66.48
C TYR E 83 -11.59 2.39 -67.61
N VAL E 84 -10.76 3.27 -68.18
CA VAL E 84 -9.89 2.84 -69.26
C VAL E 84 -8.76 1.97 -68.72
N ARG E 85 -8.52 2.02 -67.41
CA ARG E 85 -7.50 1.18 -66.80
C ARG E 85 -8.07 -0.14 -66.33
N GLY E 86 -9.39 -0.31 -66.39
CA GLY E 86 -10.01 -1.52 -65.92
C GLY E 86 -9.80 -1.75 -64.43
N VAL E 87 -9.89 -0.67 -63.65
CA VAL E 87 -9.82 -0.81 -62.21
C VAL E 87 -10.94 -1.72 -61.74
N SER E 88 -10.64 -2.55 -60.73
CA SER E 88 -11.61 -3.47 -60.18
C SER E 88 -11.75 -3.38 -58.67
N GLY E 89 -11.05 -2.45 -58.03
CA GLY E 89 -11.03 -2.37 -56.60
C GLY E 89 -9.89 -3.18 -56.03
N PRO E 90 -8.96 -2.53 -55.30
CA PRO E 90 -7.76 -3.26 -54.87
C PRO E 90 -8.08 -4.41 -53.92
N SER E 98 -2.99 -6.50 -60.39
CA SER E 98 -4.02 -7.41 -60.89
C SER E 98 -5.38 -6.72 -60.91
N HIS E 99 -5.60 -5.80 -59.98
CA HIS E 99 -6.87 -5.07 -59.92
C HIS E 99 -7.01 -4.13 -61.10
N ILE E 100 -5.91 -3.90 -61.83
CA ILE E 100 -5.91 -3.06 -63.03
C ILE E 100 -5.80 -3.98 -64.23
N ALA E 101 -6.85 -4.00 -65.05
CA ALA E 101 -6.90 -4.92 -66.18
C ALA E 101 -6.02 -4.46 -67.33
N ARG E 102 -5.79 -3.16 -67.46
CA ARG E 102 -5.04 -2.57 -68.56
C ARG E 102 -3.96 -1.66 -67.99
N PRO E 103 -2.85 -2.24 -67.52
CA PRO E 103 -1.79 -1.42 -66.93
C PRO E 103 -0.90 -0.72 -67.95
N GLY E 104 -0.62 -1.33 -69.09
CA GLY E 104 0.28 -0.78 -70.07
C GLY E 104 -0.44 -0.04 -71.18
N LYS E 105 0.26 0.15 -72.30
CA LYS E 105 -0.29 0.85 -73.45
C LYS E 105 -1.50 0.09 -73.98
N THR E 106 -2.68 0.68 -73.83
CA THR E 106 -3.92 -0.01 -74.17
C THR E 106 -4.88 0.96 -74.84
N VAL E 107 -6.02 0.44 -75.26
CA VAL E 107 -7.04 1.21 -75.97
C VAL E 107 -8.40 0.85 -75.40
N THR E 108 -9.31 1.83 -75.42
CA THR E 108 -10.70 1.63 -75.01
C THR E 108 -11.60 2.49 -75.88
N GLY E 109 -12.50 1.83 -76.61
CA GLY E 109 -13.42 2.52 -77.52
C GLY E 109 -14.85 2.41 -77.04
N ILE E 110 -15.61 3.48 -77.23
CA ILE E 110 -17.01 3.53 -76.85
C ILE E 110 -17.76 4.39 -77.85
N ALA E 111 -19.01 4.02 -78.15
CA ALA E 111 -19.81 4.74 -79.12
C ALA E 111 -21.28 4.45 -78.87
N ALA E 112 -22.13 5.33 -79.41
CA ALA E 112 -23.58 5.18 -79.33
C ALA E 112 -24.20 5.59 -80.65
N THR E 113 -25.43 5.12 -80.90
CA THR E 113 -26.13 5.38 -82.15
C THR E 113 -27.55 5.86 -81.86
N LEU E 114 -28.09 6.65 -82.79
CA LEU E 114 -29.40 7.26 -82.64
C LEU E 114 -30.13 7.24 -83.97
N GLU E 115 -31.35 7.75 -83.97
CA GLU E 115 -32.17 7.83 -85.18
C GLU E 115 -33.29 8.84 -84.99
N ARG E 116 -33.49 9.68 -86.00
CA ARG E 116 -34.63 10.58 -86.07
C ARG E 116 -35.19 10.52 -87.48
N GLU E 117 -36.42 10.03 -87.62
CA GLU E 117 -37.05 9.89 -88.93
C GLU E 117 -36.24 8.98 -89.84
N GLY E 118 -35.61 7.96 -89.26
CA GLY E 118 -34.80 7.03 -90.02
C GLY E 118 -33.40 7.50 -90.33
N LYS E 119 -32.99 8.66 -89.83
CA LYS E 119 -31.67 9.21 -90.09
C LYS E 119 -30.78 8.91 -88.89
N GLN E 120 -29.69 8.20 -89.13
CA GLN E 120 -28.83 7.70 -88.06
C GLN E 120 -27.74 8.71 -87.72
N VAL E 121 -27.44 8.81 -86.43
CA VAL E 121 -26.34 9.63 -85.92
C VAL E 121 -25.60 8.82 -84.86
N ARG E 122 -24.28 8.77 -84.97
CA ARG E 122 -23.45 7.99 -84.06
C ARG E 122 -22.37 8.86 -83.45
N LEU E 123 -22.25 8.78 -82.13
CA LEU E 123 -21.18 9.43 -81.38
C LEU E 123 -20.09 8.41 -81.09
N GLY E 124 -18.89 8.89 -80.83
CA GLY E 124 -17.74 8.01 -80.67
C GLY E 124 -16.70 8.60 -79.76
N ALA E 125 -15.80 7.73 -79.29
CA ALA E 125 -14.68 8.14 -78.46
C ALA E 125 -13.63 7.04 -78.45
N LEU E 126 -12.48 7.32 -79.05
CA LEU E 126 -11.34 6.42 -79.03
C LEU E 126 -10.36 6.89 -77.96
N LEU E 127 -10.11 6.03 -76.99
CA LEU E 127 -9.23 6.33 -75.87
C LEU E 127 -8.03 5.40 -75.92
N TRP E 128 -6.92 5.84 -75.35
CA TRP E 128 -5.72 5.01 -75.32
C TRP E 128 -4.68 5.64 -74.40
N PHE E 129 -4.00 4.78 -73.65
CA PHE E 129 -2.78 5.15 -72.94
C PHE E 129 -1.59 4.77 -73.81
N ASP E 130 -0.77 5.75 -74.16
CA ASP E 130 0.52 5.50 -74.77
C ASP E 130 1.62 5.35 -73.72
N SER E 131 1.24 5.27 -72.44
CA SER E 131 2.17 5.16 -71.33
C SER E 131 1.56 4.24 -70.28
N THR E 132 2.39 3.80 -69.34
CA THR E 132 1.90 3.02 -68.22
C THR E 132 1.38 3.89 -67.08
N SER E 133 1.78 5.16 -67.03
CA SER E 133 1.24 6.09 -66.05
C SER E 133 -0.20 6.46 -66.42
N SER E 134 -0.99 6.77 -65.39
CA SER E 134 -2.43 6.91 -65.54
C SER E 134 -2.91 8.34 -65.32
N SER E 135 -2.05 9.33 -65.52
CA SER E 135 -2.47 10.72 -65.36
C SER E 135 -3.40 11.12 -66.50
N VAL E 136 -4.15 12.21 -66.27
CA VAL E 136 -5.04 12.72 -67.31
C VAL E 136 -4.25 13.15 -68.53
N THR E 137 -3.06 13.71 -68.32
CA THR E 137 -2.20 14.03 -69.45
C THR E 137 -1.86 12.78 -70.25
N ASP E 138 -1.50 11.70 -69.55
CA ASP E 138 -1.26 10.43 -70.24
C ASP E 138 -2.53 9.86 -70.84
N MET E 139 -3.69 10.32 -70.37
CA MET E 139 -4.96 9.90 -70.93
C MET E 139 -5.17 10.56 -72.29
N LYS E 140 -4.88 9.82 -73.35
CA LYS E 140 -5.03 10.30 -74.71
C LYS E 140 -6.41 9.93 -75.24
N ARG E 141 -6.98 10.80 -76.06
CA ARG E 141 -8.37 10.66 -76.46
C ARG E 141 -8.60 11.26 -77.83
N LEU E 142 -9.70 10.83 -78.46
CA LEU E 142 -10.22 11.41 -79.69
C LEU E 142 -11.73 11.22 -79.69
N TRP E 143 -12.45 12.25 -80.10
CA TRP E 143 -13.91 12.25 -80.05
C TRP E 143 -14.47 12.37 -81.45
N LEU E 144 -15.59 11.69 -81.70
CA LEU E 144 -16.16 11.58 -83.04
C LEU E 144 -17.65 11.84 -83.01
N PHE E 145 -18.11 12.70 -83.93
CA PHE E 145 -19.53 12.95 -84.16
C PHE E 145 -19.85 12.54 -85.59
N SER E 146 -20.91 11.75 -85.77
CA SER E 146 -21.18 11.16 -87.07
C SER E 146 -22.65 11.33 -87.43
N ASP E 147 -22.90 11.86 -88.62
CA ASP E 147 -24.18 11.74 -89.29
C ASP E 147 -24.17 10.62 -90.32
N ASN E 148 -23.06 9.89 -90.42
CA ASN E 148 -22.88 8.83 -91.41
C ASN E 148 -23.17 7.49 -90.74
N PRO E 149 -24.21 6.76 -91.16
CA PRO E 149 -24.44 5.43 -90.55
C PRO E 149 -23.28 4.47 -90.74
N GLY E 150 -22.57 4.55 -91.87
CA GLY E 150 -21.51 3.62 -92.18
C GLY E 150 -20.25 3.76 -91.34
N GLN E 151 -20.14 4.82 -90.54
CA GLN E 151 -19.02 4.98 -89.63
C GLN E 151 -19.38 4.33 -88.30
N THR E 152 -18.50 3.46 -87.80
CA THR E 152 -18.81 2.66 -86.63
C THR E 152 -17.58 2.61 -85.72
N LEU E 153 -17.83 2.24 -84.46
CA LEU E 153 -16.74 2.13 -83.50
C LEU E 153 -15.74 1.05 -83.91
N GLU E 154 -16.22 -0.02 -84.55
CA GLU E 154 -15.30 -1.04 -85.04
C GLU E 154 -14.40 -0.48 -86.15
N HIS E 155 -14.98 0.32 -87.06
CA HIS E 155 -14.19 0.95 -88.09
C HIS E 155 -13.16 1.90 -87.49
N TRP E 156 -13.57 2.70 -86.51
CA TRP E 156 -12.64 3.63 -85.87
C TRP E 156 -11.53 2.88 -85.14
N LEU E 157 -11.89 1.78 -84.47
CA LEU E 157 -10.89 0.96 -83.79
C LEU E 157 -9.88 0.40 -84.80
N ASN E 158 -10.38 -0.10 -85.93
CA ASN E 158 -9.49 -0.63 -86.95
C ASN E 158 -8.55 0.45 -87.47
N VAL E 159 -9.10 1.64 -87.76
CA VAL E 159 -8.26 2.72 -88.27
C VAL E 159 -7.21 3.11 -87.25
N TYR E 160 -7.58 3.17 -85.97
CA TYR E 160 -6.57 3.45 -84.94
C TYR E 160 -5.51 2.37 -84.90
N HIS E 161 -5.91 1.11 -85.02
CA HIS E 161 -4.93 0.03 -85.08
C HIS E 161 -3.97 0.23 -86.25
N GLU E 162 -4.46 0.76 -87.37
CA GLU E 162 -3.57 1.06 -88.49
C GLU E 162 -2.53 2.11 -88.12
N GLY E 163 -2.93 3.14 -87.37
CA GLY E 163 -1.99 4.18 -87.00
C GLY E 163 -2.61 5.16 -86.04
N GLY E 164 -1.85 6.21 -85.74
CA GLY E 164 -2.25 7.19 -84.75
C GLY E 164 -3.48 7.97 -85.16
N THR E 165 -3.71 9.07 -84.44
CA THR E 165 -4.88 9.90 -84.69
C THR E 165 -4.88 10.46 -86.11
N ARG E 166 -3.70 10.68 -86.69
CA ARG E 166 -3.64 11.24 -88.03
C ARG E 166 -4.38 10.36 -89.04
N LEU E 167 -4.38 9.05 -88.83
CA LEU E 167 -5.15 8.17 -89.72
C LEU E 167 -6.65 8.36 -89.51
N LEU E 168 -7.08 8.65 -88.28
CA LEU E 168 -8.50 8.84 -88.02
C LEU E 168 -8.99 10.17 -88.55
N ARG E 169 -8.22 11.24 -88.37
CA ARG E 169 -8.59 12.54 -88.92
C ARG E 169 -8.57 12.49 -90.44
N GLN E 170 -7.57 11.83 -91.03
CA GLN E 170 -7.54 11.65 -92.47
C GLN E 170 -8.74 10.84 -92.93
N MET E 171 -9.14 9.84 -92.14
CA MET E 171 -10.35 9.07 -92.46
C MET E 171 -11.56 9.98 -92.46
N GLU E 172 -11.66 10.88 -91.47
CA GLU E 172 -12.76 11.82 -91.45
C GLU E 172 -12.78 12.71 -92.68
N LYS E 173 -11.60 13.21 -93.09
CA LYS E 173 -11.53 14.01 -94.30
C LYS E 173 -11.98 13.20 -95.51
N GLU E 174 -11.59 11.93 -95.57
CA GLU E 174 -12.00 11.07 -96.68
C GLU E 174 -13.46 10.68 -96.58
N ALA E 175 -14.04 10.71 -95.39
CA ALA E 175 -15.36 10.16 -95.14
C ALA E 175 -16.40 11.28 -95.07
N ILE E 176 -17.56 11.03 -95.68
CA ILE E 176 -18.63 12.02 -95.68
C ILE E 176 -19.40 11.95 -94.37
N GLY E 177 -19.96 13.08 -93.97
CA GLY E 177 -20.80 13.13 -92.78
C GLY E 177 -20.11 12.66 -91.52
N LEU E 178 -18.84 13.01 -91.33
CA LEU E 178 -18.10 12.62 -90.14
C LEU E 178 -17.24 13.79 -89.66
N TRP E 179 -17.14 13.92 -88.35
CA TRP E 179 -16.34 14.94 -87.71
C TRP E 179 -15.59 14.29 -86.56
N THR E 180 -14.38 14.78 -86.29
CA THR E 180 -13.56 14.25 -85.21
C THR E 180 -12.78 15.38 -84.56
N TYR E 181 -12.43 15.18 -83.29
CA TYR E 181 -11.92 16.26 -82.45
C TYR E 181 -11.01 15.69 -81.37
N PRO E 182 -9.69 15.78 -81.51
CA PRO E 182 -8.81 15.41 -80.38
C PRO E 182 -8.98 16.30 -79.16
N ASN E 183 -9.78 17.36 -79.26
CA ASN E 183 -10.12 18.22 -78.13
C ASN E 183 -11.60 18.00 -77.82
N LYS E 184 -11.91 17.64 -76.58
CA LYS E 184 -13.27 17.26 -76.23
C LYS E 184 -14.25 18.42 -76.42
N LYS E 185 -13.86 19.62 -75.99
CA LYS E 185 -14.82 20.74 -75.99
C LYS E 185 -15.29 21.06 -77.40
N GLN E 186 -14.45 20.89 -78.42
CA GLN E 186 -14.90 21.09 -79.79
C GLN E 186 -15.98 20.08 -80.15
N TYR E 187 -15.80 18.82 -79.76
CA TYR E 187 -16.80 17.80 -80.03
C TYR E 187 -18.11 18.11 -79.31
N LEU E 188 -18.01 18.54 -78.06
CA LEU E 188 -19.21 18.89 -77.30
C LEU E 188 -19.92 20.09 -77.91
N ALA E 189 -19.18 21.09 -78.36
CA ALA E 189 -19.79 22.23 -79.04
C ALA E 189 -20.48 21.80 -80.32
N ARG E 190 -19.84 20.91 -81.09
CA ARG E 190 -20.47 20.38 -82.30
C ARG E 190 -21.78 19.69 -81.96
N LEU E 191 -21.77 18.84 -80.92
CA LEU E 191 -22.98 18.12 -80.54
C LEU E 191 -24.08 19.08 -80.11
N ARG E 192 -23.72 20.08 -79.30
CA ARG E 192 -24.72 21.05 -78.85
C ARG E 192 -25.29 21.83 -80.01
N ASP E 193 -24.44 22.25 -80.95
CA ASP E 193 -24.91 22.98 -82.12
C ASP E 193 -25.86 22.12 -82.94
N PHE E 194 -25.55 20.83 -83.09
CA PHE E 194 -26.45 19.94 -83.82
C PHE E 194 -27.82 19.87 -83.16
N PHE E 195 -27.86 19.76 -81.83
CA PHE E 195 -29.10 19.62 -81.10
C PHE E 195 -29.70 20.95 -80.68
N GLU E 196 -29.07 22.07 -81.02
CA GLU E 196 -29.61 23.40 -80.78
C GLU E 196 -29.96 23.64 -79.31
N VAL E 197 -29.15 23.11 -78.40
CA VAL E 197 -29.37 23.28 -76.96
C VAL E 197 -28.03 23.37 -76.26
N GLY E 198 -27.98 24.16 -75.20
CA GLY E 198 -26.74 24.36 -74.47
C GLY E 198 -26.35 23.15 -73.65
N GLU E 199 -25.11 23.21 -73.13
CA GLU E 199 -24.59 22.10 -72.34
C GLU E 199 -25.34 21.92 -71.03
N ASN E 200 -26.08 22.94 -70.59
CA ASN E 200 -26.85 22.82 -69.37
C ASN E 200 -27.85 21.67 -69.45
N ALA E 201 -28.42 21.44 -70.65
CA ALA E 201 -29.32 20.31 -70.81
C ALA E 201 -28.61 19.00 -70.57
N PHE E 202 -27.38 18.86 -71.06
CA PHE E 202 -26.62 17.63 -70.82
C PHE E 202 -26.22 17.49 -69.36
N THR E 203 -25.91 18.60 -68.69
CA THR E 203 -25.62 18.53 -67.26
C THR E 203 -26.85 18.06 -66.49
N LEU E 204 -28.03 18.58 -66.84
CA LEU E 204 -29.25 18.10 -66.21
C LEU E 204 -29.49 16.64 -66.52
N LEU E 205 -29.21 16.21 -67.75
CA LEU E 205 -29.33 14.80 -68.10
C LEU E 205 -28.43 13.95 -67.21
N ASN E 206 -27.19 14.38 -67.01
CA ASN E 206 -26.27 13.62 -66.15
C ASN E 206 -26.77 13.59 -64.71
N ARG E 207 -27.28 14.72 -64.20
CA ARG E 207 -27.91 14.70 -62.89
C ARG E 207 -29.02 13.65 -62.84
N ALA E 208 -29.80 13.54 -63.91
CA ALA E 208 -30.87 12.54 -63.96
C ALA E 208 -30.28 11.13 -63.99
N ALA E 209 -29.10 10.98 -64.60
CA ALA E 209 -28.49 9.65 -64.72
C ALA E 209 -28.26 9.01 -63.35
N GLY E 210 -28.01 9.82 -62.33
CA GLY E 210 -27.83 9.32 -60.98
C GLY E 210 -28.80 9.96 -60.01
N LEU E 211 -29.99 10.31 -60.51
CA LEU E 211 -31.01 10.94 -59.69
C LEU E 211 -31.26 10.12 -58.42
N LYS E 212 -31.13 10.76 -57.27
CA LYS E 212 -31.35 10.07 -56.00
C LYS E 212 -31.89 11.02 -54.93
N GLN E 213 -31.76 10.62 -53.68
CA GLN E 213 -32.55 11.17 -52.58
C GLN E 213 -32.42 12.68 -52.47
N LEU E 214 -33.31 13.24 -51.65
CA LEU E 214 -33.25 14.64 -51.22
C LEU E 214 -34.13 14.75 -49.99
N ASN E 215 -34.34 15.99 -49.53
CA ASN E 215 -34.95 16.20 -48.22
C ASN E 215 -36.20 17.06 -48.23
N SER E 216 -36.42 17.87 -49.26
CA SER E 216 -37.61 18.74 -49.27
C SER E 216 -37.87 19.20 -50.70
N ILE E 217 -39.09 19.70 -50.90
CA ILE E 217 -39.48 20.22 -52.21
C ILE E 217 -38.53 21.32 -52.65
N ASP E 218 -38.16 22.20 -51.73
CA ASP E 218 -37.25 23.29 -52.07
C ASP E 218 -35.92 22.75 -52.60
N GLU E 219 -35.39 21.70 -51.95
CA GLU E 219 -34.15 21.10 -52.41
C GLU E 219 -34.28 20.56 -53.82
N ILE E 220 -35.44 20.00 -54.16
CA ILE E 220 -35.65 19.50 -55.52
C ILE E 220 -35.28 20.58 -56.52
N PHE E 221 -36.02 21.70 -56.50
CA PHE E 221 -35.69 22.81 -57.38
C PHE E 221 -34.21 23.19 -57.25
N ARG E 222 -33.79 23.60 -56.05
CA ARG E 222 -32.49 24.22 -55.89
C ARG E 222 -31.38 23.36 -56.47
N GLU E 223 -31.32 22.08 -56.11
CA GLU E 223 -30.23 21.25 -56.60
C GLU E 223 -30.54 20.68 -57.98
N LEU E 224 -31.60 19.87 -58.09
CA LEU E 224 -31.80 19.10 -59.31
C LEU E 224 -32.14 20.00 -60.50
N VAL E 225 -32.97 21.02 -60.28
CA VAL E 225 -33.53 21.76 -61.41
C VAL E 225 -32.55 22.80 -61.93
N LEU E 226 -32.06 23.65 -61.03
CA LEU E 226 -31.43 24.91 -61.43
C LEU E 226 -29.91 24.80 -61.41
N ASP E 227 -29.28 25.78 -62.07
CA ASP E 227 -27.84 26.00 -62.03
C ASP E 227 -27.59 27.29 -61.27
N ASP E 228 -26.63 27.25 -60.34
CA ASP E 228 -26.54 28.30 -59.33
C ASP E 228 -25.89 29.57 -59.87
N HIS E 229 -24.64 29.47 -60.34
CA HIS E 229 -23.87 30.67 -60.68
C HIS E 229 -23.90 31.68 -59.53
N SER E 230 -23.58 31.22 -58.32
CA SER E 230 -23.47 32.14 -57.19
C SER E 230 -22.30 33.10 -57.42
N ALA E 231 -22.40 34.29 -56.84
CA ALA E 231 -21.48 35.38 -57.12
C ALA E 231 -20.39 35.53 -56.06
N PHE E 232 -19.91 34.41 -55.51
CA PHE E 232 -18.86 34.50 -54.49
C PHE E 232 -17.57 35.12 -55.04
N ASP E 233 -17.21 34.80 -56.28
CA ASP E 233 -16.06 35.45 -56.89
C ASP E 233 -16.26 36.95 -56.99
N ARG E 234 -17.48 37.37 -57.34
CA ARG E 234 -17.79 38.79 -57.41
C ARG E 234 -17.59 39.45 -56.04
N ALA E 235 -18.07 38.79 -54.98
CA ALA E 235 -17.90 39.32 -53.64
C ALA E 235 -16.43 39.39 -53.25
N ALA E 236 -15.64 38.37 -53.60
CA ALA E 236 -14.22 38.40 -53.28
C ALA E 236 -13.52 39.58 -53.95
N GLU E 237 -13.75 39.75 -55.25
CA GLU E 237 -13.10 40.86 -55.95
C GLU E 237 -13.60 42.20 -55.42
N VAL E 238 -14.89 42.30 -55.09
CA VAL E 238 -15.42 43.53 -54.52
C VAL E 238 -14.72 43.85 -53.22
N ALA E 239 -14.55 42.83 -52.36
CA ALA E 239 -13.88 43.04 -51.08
C ALA E 239 -12.45 43.49 -51.28
N ASN E 240 -11.74 42.89 -52.23
CA ASN E 240 -10.35 43.28 -52.46
C ASN E 240 -10.25 44.72 -52.97
N SER E 241 -11.09 45.08 -53.94
CA SER E 241 -11.08 46.46 -54.43
C SER E 241 -11.44 47.43 -53.32
N PHE E 242 -12.41 47.07 -52.48
CA PHE E 242 -12.75 47.94 -51.36
C PHE E 242 -11.61 48.02 -50.35
N ASP E 243 -10.81 46.96 -50.23
CA ASP E 243 -9.64 47.03 -49.36
C ASP E 243 -8.62 48.03 -49.91
N GLY E 244 -8.43 48.04 -51.22
CA GLY E 244 -7.61 49.09 -51.81
C GLY E 244 -8.17 50.48 -51.54
N LEU E 245 -9.49 50.62 -51.69
CA LEU E 245 -10.13 51.89 -51.38
C LEU E 245 -9.90 52.28 -49.92
N THR E 246 -9.96 51.31 -49.01
CA THR E 246 -9.69 51.58 -47.61
C THR E 246 -8.26 52.01 -47.38
N GLU E 247 -7.30 51.41 -48.07
CA GLU E 247 -5.93 51.89 -48.02
C GLU E 247 -5.86 53.37 -48.37
N ILE E 248 -6.45 53.74 -49.51
CA ILE E 248 -6.38 55.13 -49.96
C ILE E 248 -7.09 56.05 -48.97
N HIS E 249 -8.26 55.62 -48.46
CA HIS E 249 -9.01 56.43 -47.51
C HIS E 249 -8.24 56.63 -46.22
N GLN E 250 -7.57 55.59 -45.73
CA GLN E 250 -6.76 55.72 -44.53
C GLN E 250 -5.61 56.67 -44.75
N GLU E 251 -4.98 56.62 -45.93
CA GLU E 251 -3.92 57.57 -46.22
C GLU E 251 -4.47 58.99 -46.26
N LEU E 252 -5.67 59.17 -46.82
CA LEU E 252 -6.31 60.49 -46.79
C LEU E 252 -6.51 60.97 -45.36
N GLU E 253 -6.99 60.08 -44.49
CA GLU E 253 -7.19 60.46 -43.09
C GLU E 253 -5.88 60.80 -42.41
N THR E 254 -4.82 60.05 -42.70
CA THR E 254 -3.50 60.36 -42.13
C THR E 254 -3.04 61.74 -42.55
N ALA E 255 -3.17 62.06 -43.85
CA ALA E 255 -2.78 63.38 -44.32
C ALA E 255 -3.63 64.46 -43.65
N ARG E 256 -4.94 64.23 -43.52
CA ARG E 256 -5.81 65.20 -42.89
C ARG E 256 -5.39 65.47 -41.45
N LYS E 257 -5.13 64.41 -40.69
CA LYS E 257 -4.72 64.58 -39.30
C LYS E 257 -3.36 65.23 -39.17
N GLN E 258 -2.42 64.91 -40.07
CA GLN E 258 -1.13 65.58 -40.06
C GLN E 258 -1.29 67.07 -40.29
N GLN E 259 -2.12 67.45 -41.27
CA GLN E 259 -2.38 68.86 -41.53
C GLN E 259 -3.00 69.53 -40.30
N GLN E 260 -3.99 68.88 -39.71
CA GLN E 260 -4.69 69.47 -38.57
C GLN E 260 -3.77 69.63 -37.37
N SER E 261 -2.82 68.71 -37.19
CA SER E 261 -1.88 68.84 -36.09
C SER E 261 -0.85 69.92 -36.36
N LEU E 262 -0.34 69.98 -37.59
CA LEU E 262 0.75 70.90 -37.90
C LEU E 262 0.29 72.35 -38.01
N GLN E 263 -0.95 72.59 -38.44
CA GLN E 263 -1.41 73.96 -38.58
C GLN E 263 -1.33 74.73 -37.27
N PRO E 264 -1.82 74.21 -36.14
CA PRO E 264 -1.64 74.93 -34.87
C PRO E 264 -0.19 75.20 -34.54
N VAL E 265 0.73 74.32 -34.93
CA VAL E 265 2.15 74.56 -34.70
C VAL E 265 2.56 75.86 -35.39
N ALA E 266 2.17 76.03 -36.65
CA ALA E 266 2.51 77.25 -37.37
C ALA E 266 1.84 78.47 -36.74
N LEU E 267 0.56 78.35 -36.37
CA LEU E 267 -0.12 79.46 -35.72
C LEU E 267 0.65 79.92 -34.48
N SER E 268 0.98 78.97 -33.60
CA SER E 268 1.70 79.30 -32.38
C SER E 268 3.07 79.88 -32.69
N TRP E 269 3.75 79.36 -33.71
CA TRP E 269 5.09 79.84 -34.01
C TRP E 269 5.04 81.29 -34.52
N GLU E 270 4.07 81.60 -35.38
CA GLU E 270 3.95 82.98 -35.86
C GLU E 270 3.60 83.93 -34.72
N LYS E 271 2.67 83.55 -33.85
CA LYS E 271 2.34 84.46 -32.75
C LYS E 271 3.50 84.58 -31.77
N TYR E 272 4.28 83.51 -31.60
CA TYR E 272 5.49 83.59 -30.80
C TYR E 272 6.49 84.55 -31.41
N GLN E 273 6.62 84.52 -32.74
CA GLN E 273 7.49 85.49 -33.42
C GLN E 273 6.99 86.91 -33.20
N LYS E 274 5.67 87.10 -33.24
CA LYS E 274 5.12 88.44 -33.02
C LYS E 274 5.45 88.94 -31.62
N GLN E 275 5.24 88.10 -30.61
CA GLN E 275 5.60 88.49 -29.25
C GLN E 275 7.11 88.69 -29.10
N GLU E 276 7.90 87.92 -29.86
CA GLU E 276 9.35 88.14 -29.84
C GLU E 276 9.71 89.51 -30.40
N ARG E 277 9.03 89.93 -31.46
CA ARG E 277 9.24 91.27 -31.99
C ARG E 277 8.82 92.33 -30.97
N GLN E 278 7.73 92.10 -30.26
CA GLN E 278 7.32 93.02 -29.21
C GLN E 278 8.39 93.13 -28.12
N LEU E 279 8.94 91.98 -27.71
CA LEU E 279 9.99 91.97 -26.70
C LEU E 279 11.24 92.68 -27.23
N ALA E 280 11.55 92.50 -28.52
CA ALA E 280 12.68 93.21 -29.10
C ALA E 280 12.46 94.72 -29.09
N ASP E 281 11.24 95.16 -29.38
CA ASP E 281 10.92 96.58 -29.27
C ASP E 281 11.15 97.08 -27.85
N TRP E 282 10.67 96.33 -26.86
CA TRP E 282 10.87 96.72 -25.47
C TRP E 282 12.35 96.78 -25.12
N LEU E 283 13.12 95.78 -25.56
CA LEU E 283 14.56 95.77 -25.30
C LEU E 283 15.25 96.98 -25.94
N THR E 284 14.88 97.31 -27.16
CA THR E 284 15.45 98.48 -27.82
C THR E 284 15.11 99.75 -27.05
N LEU E 285 13.85 99.86 -26.57
CA LEU E 285 13.47 101.03 -25.79
C LEU E 285 14.30 101.13 -24.51
N GLU E 286 14.48 100.01 -23.82
CA GLU E 286 15.26 100.04 -22.59
C GLU E 286 16.71 100.43 -22.85
N SER E 287 17.29 99.91 -23.95
CA SER E 287 18.69 100.21 -24.24
C SER E 287 18.92 101.69 -24.50
N LEU E 288 17.93 102.38 -25.09
CA LEU E 288 18.08 103.80 -25.36
C LEU E 288 17.89 104.65 -24.11
N LEU E 289 17.07 104.21 -23.16
CA LEU E 289 16.74 105.06 -22.02
C LEU E 289 17.97 105.61 -21.31
N PRO E 290 18.99 104.80 -21.00
CA PRO E 290 20.18 105.39 -20.35
C PRO E 290 20.83 106.50 -21.15
N LEU E 291 21.03 106.31 -22.46
CA LEU E 291 21.69 107.34 -23.25
C LEU E 291 20.77 108.55 -23.45
N TRP E 292 19.47 108.32 -23.57
CA TRP E 292 18.53 109.43 -23.67
C TRP E 292 18.62 110.32 -22.43
N PHE E 293 18.50 109.72 -21.24
CA PHE E 293 18.56 110.53 -20.04
C PHE E 293 19.96 111.07 -19.78
N ALA E 294 20.99 110.40 -20.29
CA ALA E 294 22.34 110.94 -20.17
C ALA E 294 22.51 112.19 -21.02
N GLN E 295 22.00 112.16 -22.26
CA GLN E 295 22.02 113.35 -23.10
C GLN E 295 21.21 114.48 -22.49
N GLN E 296 20.02 114.15 -21.96
CA GLN E 296 19.21 115.18 -21.31
C GLN E 296 19.92 115.76 -20.11
N ALA E 297 20.57 114.92 -19.30
CA ALA E 297 21.31 115.40 -18.15
C ALA E 297 22.47 116.28 -18.59
N SER E 298 23.18 115.89 -19.65
CA SER E 298 24.30 116.70 -20.12
C SER E 298 23.81 118.07 -20.59
N HIS E 299 22.73 118.10 -21.35
CA HIS E 299 22.19 119.38 -21.82
C HIS E 299 21.74 120.25 -20.65
N LEU E 300 20.99 119.65 -19.71
CA LEU E 300 20.50 120.42 -18.58
C LEU E 300 21.64 120.85 -17.67
N TRP E 301 22.73 120.08 -17.62
CA TRP E 301 23.88 120.48 -16.82
C TRP E 301 24.65 121.60 -17.48
N ARG E 302 24.73 121.62 -18.81
CA ARG E 302 25.32 122.77 -19.49
C ARG E 302 24.48 124.03 -19.24
N GLU E 303 23.16 123.89 -19.33
CA GLU E 303 22.29 125.02 -19.02
C GLU E 303 22.44 125.45 -17.56
N LYS E 304 22.59 124.48 -16.65
CA LYS E 304 22.82 124.80 -15.24
C LYS E 304 24.14 125.53 -15.05
N ILE E 305 25.18 125.12 -15.79
CA ILE E 305 26.45 125.83 -15.73
C ILE E 305 26.27 127.27 -16.16
N ASN E 306 25.54 127.49 -17.26
CA ASN E 306 25.31 128.86 -17.73
C ASN E 306 24.54 129.67 -16.69
N LEU E 307 23.48 129.08 -16.14
CA LEU E 307 22.67 129.79 -15.15
C LEU E 307 23.47 130.10 -13.89
N LEU E 308 24.29 129.15 -13.43
CA LEU E 308 25.11 129.38 -12.25
C LEU E 308 26.19 130.40 -12.53
N ASN E 309 26.73 130.44 -13.75
CA ASN E 309 27.67 131.51 -14.10
C ASN E 309 26.99 132.86 -14.04
N ALA E 310 25.76 132.96 -14.55
CA ALA E 310 25.04 134.23 -14.49
C ALA E 310 24.79 134.64 -13.04
N ARG E 311 24.35 133.70 -12.21
CA ARG E 311 24.09 134.03 -10.81
C ARG E 311 25.37 134.39 -10.08
N LEU E 312 26.46 133.70 -10.38
CA LEU E 312 27.75 134.02 -9.77
C LEU E 312 28.21 135.41 -10.20
N ALA E 313 27.98 135.77 -11.45
CA ALA E 313 28.31 137.12 -11.91
C ALA E 313 27.49 138.17 -11.18
N GLU E 314 26.20 137.90 -10.97
CA GLU E 314 25.37 138.83 -10.20
C GLU E 314 25.89 138.98 -8.78
N ALA E 315 26.23 137.85 -8.14
CA ALA E 315 26.75 137.90 -6.78
C ALA E 315 28.08 138.66 -6.73
N GLN E 316 28.93 138.47 -7.73
CA GLN E 316 30.21 139.18 -7.76
C GLN E 316 30.02 140.67 -8.03
N THR E 317 29.01 141.04 -8.81
CA THR E 317 28.70 142.45 -8.98
C THR E 317 28.24 143.08 -7.68
N SER E 318 27.38 142.39 -6.93
CA SER E 318 26.99 142.88 -5.61
C SER E 318 28.20 142.97 -4.69
N GLU E 319 29.09 141.99 -4.77
CA GLU E 319 30.32 142.02 -3.98
C GLU E 319 31.18 143.22 -4.33
N GLU E 320 31.26 143.55 -5.63
CA GLU E 320 32.05 144.71 -6.06
C GLU E 320 31.42 146.00 -5.55
N GLN E 321 30.09 146.09 -5.57
CA GLN E 321 29.43 147.28 -5.03
C GLN E 321 29.72 147.41 -3.53
N LEU E 322 29.64 146.31 -2.79
CA LEU E 322 29.96 146.36 -1.37
C LEU E 322 31.43 146.72 -1.14
N GLN E 323 32.30 146.25 -2.02
CA GLN E 323 33.72 146.61 -1.94
C GLN E 323 33.91 148.11 -2.15
N SER E 324 33.19 148.68 -3.11
CA SER E 324 33.26 150.13 -3.33
C SER E 324 32.77 150.89 -2.11
N GLN E 325 31.67 150.42 -1.50
CA GLN E 325 31.19 151.07 -0.28
C GLN E 325 32.21 150.95 0.85
N LEU E 326 32.86 149.80 0.98
CA LEU E 326 33.87 149.61 2.01
C LEU E 326 35.05 150.55 1.78
N ASP E 327 35.46 150.72 0.52
CA ASP E 327 36.53 151.65 0.20
C ASP E 327 36.12 153.08 0.49
N LEU E 328 34.85 153.43 0.25
CA LEU E 328 34.37 154.77 0.61
C LEU E 328 34.44 154.98 2.12
N GLN E 329 34.07 153.95 2.89
CA GLN E 329 34.17 154.05 4.34
C GLN E 329 35.62 154.20 4.78
N LYS E 330 36.54 153.48 4.12
CA LYS E 330 37.95 153.67 4.42
C LYS E 330 38.43 155.08 4.07
N LYS E 331 37.88 155.65 3.00
CA LYS E 331 38.19 157.04 2.66
C LYS E 331 37.70 158.00 3.74
N VAL E 332 36.52 157.73 4.29
CA VAL E 332 36.01 158.53 5.40
C VAL E 332 36.91 158.37 6.62
N VAL E 333 37.39 157.15 6.85
CA VAL E 333 38.34 156.90 7.95
C VAL E 333 39.59 157.74 7.75
N SER E 334 40.13 157.76 6.53
CA SER E 334 41.30 158.57 6.25
C SER E 334 41.01 160.07 6.41
N ASP E 335 39.80 160.51 6.04
CA ASP E 335 39.44 161.90 6.22
C ASP E 335 39.45 162.28 7.69
N HIS E 336 38.83 161.46 8.53
CA HIS E 336 38.85 161.73 9.97
C HIS E 336 40.27 161.65 10.52
N MET E 337 41.10 160.78 9.95
CA MET E 337 42.50 160.67 10.35
C MET E 337 43.24 161.97 10.04
N GLN E 338 42.98 162.55 8.87
CA GLN E 338 43.67 163.77 8.48
C GLN E 338 43.29 164.93 9.40
N ARG E 339 42.02 165.01 9.80
CA ARG E 339 41.60 166.08 10.70
C ARG E 339 42.32 165.98 12.04
N TYR E 340 42.52 164.76 12.54
CA TYR E 340 43.23 164.58 13.80
C TYR E 340 44.65 165.10 13.72
N LEU E 341 45.34 164.84 12.62
CA LEU E 341 46.70 165.35 12.46
C LEU E 341 46.70 166.86 12.30
N GLN E 342 45.69 167.41 11.62
CA GLN E 342 45.68 168.81 11.23
C GLN E 342 45.32 169.75 12.38
N VAL E 343 44.44 169.31 13.28
CA VAL E 343 44.03 170.16 14.40
C VAL E 343 45.05 170.10 15.52
N ASP E 689 36.37 166.48 24.90
CA ASP E 689 35.43 166.83 23.84
C ASP E 689 35.99 167.92 22.94
N SER E 690 37.31 168.11 23.01
CA SER E 690 37.97 169.08 22.14
C SER E 690 37.87 168.64 20.68
N ASP E 691 38.44 169.47 19.80
CA ASP E 691 38.42 169.13 18.37
C ASP E 691 39.17 167.84 18.09
N ALA E 692 40.34 167.65 18.72
CA ALA E 692 41.10 166.43 18.51
C ALA E 692 40.34 165.21 19.03
N SER E 693 39.71 165.34 20.20
CA SER E 693 38.94 164.21 20.73
C SER E 693 37.77 163.85 19.83
N VAL E 694 37.07 164.86 19.29
CA VAL E 694 35.96 164.59 18.40
C VAL E 694 36.46 163.95 17.11
N ALA E 695 37.61 164.42 16.60
CA ALA E 695 38.17 163.81 15.40
C ALA E 695 38.51 162.35 15.64
N LYS E 696 39.10 162.04 16.80
CA LYS E 696 39.43 160.65 17.11
C LYS E 696 38.17 159.81 17.24
N ALA E 697 37.14 160.34 17.91
CA ALA E 697 35.90 159.60 18.08
C ALA E 697 35.24 159.31 16.74
N LYS E 698 35.21 160.31 15.85
CA LYS E 698 34.63 160.09 14.53
C LYS E 698 35.48 159.14 13.69
N LEU E 699 36.80 159.18 13.86
CA LEU E 699 37.66 158.22 13.19
C LEU E 699 37.33 156.80 13.64
N ASP E 700 37.16 156.61 14.95
CA ASP E 700 36.80 155.28 15.47
C ASP E 700 35.44 154.85 14.95
N GLU E 701 34.47 155.77 14.90
CA GLU E 701 33.16 155.42 14.37
C GLU E 701 33.24 155.05 12.90
N ALA E 702 34.06 155.76 12.13
CA ALA E 702 34.25 155.43 10.73
C ALA E 702 34.87 154.04 10.58
N GLN E 703 35.83 153.71 11.43
CA GLN E 703 36.42 152.37 11.40
C GLN E 703 35.40 151.30 11.76
N THR E 704 34.52 151.57 12.73
CA THR E 704 33.46 150.62 13.07
C THR E 704 32.51 150.42 11.89
N ILE E 705 32.13 151.50 11.22
CA ILE E 705 31.28 151.38 10.05
C ILE E 705 32.01 150.62 8.94
N GLU E 706 33.32 150.82 8.83
CA GLU E 706 34.11 150.05 7.88
C GLU E 706 34.05 148.57 8.18
N SER E 707 34.13 148.21 9.47
CA SER E 707 34.01 146.81 9.85
C SER E 707 32.62 146.26 9.52
N GLU E 708 31.58 147.07 9.74
CA GLU E 708 30.23 146.62 9.42
C GLU E 708 30.08 146.37 7.92
N LEU E 709 30.58 147.30 7.10
CA LEU E 709 30.53 147.11 5.65
C LEU E 709 31.40 145.93 5.23
N ASP E 710 32.48 145.66 5.95
CA ASP E 710 33.30 144.49 5.67
C ASP E 710 32.51 143.21 5.94
N LYS E 711 31.72 143.20 7.01
CA LYS E 711 30.86 142.05 7.28
C LYS E 711 29.80 141.88 6.20
N GLN E 712 29.24 142.98 5.71
CA GLN E 712 28.32 142.91 4.58
C GLN E 712 29.01 142.30 3.36
N LEU E 713 30.22 142.77 3.06
CA LEU E 713 30.99 142.24 1.95
C LEU E 713 31.28 140.76 2.14
N ARG E 714 31.48 140.34 3.40
CA ARG E 714 31.74 138.93 3.68
C ARG E 714 30.50 138.08 3.48
N ALA E 715 29.32 138.60 3.81
CA ALA E 715 28.09 137.91 3.48
C ALA E 715 27.95 137.74 1.97
N ALA E 716 28.24 138.81 1.22
CA ALA E 716 28.23 138.71 -0.24
C ALA E 716 29.25 137.68 -0.72
N ASN E 717 30.43 137.64 -0.08
CA ASN E 717 31.45 136.68 -0.44
C ASN E 717 30.97 135.26 -0.20
N LYS E 718 30.28 135.03 0.91
CA LYS E 718 29.74 133.70 1.18
C LYS E 718 28.71 133.30 0.14
N VAL E 719 27.86 134.24 -0.27
CA VAL E 719 26.90 133.93 -1.34
C VAL E 719 27.65 133.57 -2.63
N THR E 720 28.68 134.35 -2.96
CA THR E 720 29.46 134.08 -4.16
C THR E 720 30.12 132.71 -4.09
N CYS E 721 30.64 132.35 -2.92
CA CYS E 721 31.31 131.06 -2.76
C CYS E 721 30.33 129.91 -2.85
N VAL E 722 29.12 130.07 -2.31
CA VAL E 722 28.10 129.04 -2.45
C VAL E 722 27.79 128.84 -3.93
N LEU E 723 27.60 129.94 -4.66
CA LEU E 723 27.33 129.83 -6.09
C LEU E 723 28.48 129.19 -6.83
N ASP E 724 29.72 129.52 -6.46
CA ASP E 724 30.88 128.96 -7.14
C ASP E 724 31.01 127.46 -6.89
N THR E 725 30.75 127.03 -5.65
CA THR E 725 30.78 125.60 -5.36
C THR E 725 29.69 124.87 -6.13
N GLU E 726 28.50 125.45 -6.21
CA GLU E 726 27.44 124.85 -7.01
C GLU E 726 27.85 124.77 -8.47
N LEU E 727 28.52 125.80 -8.98
CA LEU E 727 28.98 125.79 -10.37
C LEU E 727 30.03 124.70 -10.59
N THR E 728 30.95 124.52 -9.65
CA THR E 728 31.95 123.46 -9.79
C THR E 728 31.28 122.09 -9.81
N LEU E 729 30.34 121.86 -8.90
CA LEU E 729 29.62 120.59 -8.90
C LEU E 729 28.87 120.39 -10.20
N ALA E 730 28.24 121.45 -10.71
CA ALA E 730 27.52 121.37 -11.97
C ALA E 730 28.47 121.05 -13.11
N ARG E 731 29.67 121.62 -13.11
CA ARG E 731 30.64 121.33 -14.15
C ARG E 731 31.07 119.88 -14.12
N ALA E 732 31.34 119.35 -12.92
CA ALA E 732 31.72 117.94 -12.80
C ALA E 732 30.59 117.04 -13.31
N ALA E 733 29.35 117.32 -12.89
CA ALA E 733 28.22 116.51 -13.33
C ALA E 733 28.03 116.63 -14.83
N GLU E 734 28.23 117.83 -15.38
CA GLU E 734 28.09 118.05 -16.81
C GLU E 734 29.09 117.22 -17.58
N ARG E 735 30.35 117.18 -17.14
CA ARG E 735 31.33 116.37 -17.83
C ARG E 735 31.01 114.89 -17.70
N LYS E 736 30.53 114.46 -16.53
CA LYS E 736 30.14 113.06 -16.36
C LYS E 736 29.03 112.69 -17.33
N ALA E 737 28.04 113.58 -17.50
CA ALA E 737 26.93 113.31 -18.41
C ALA E 737 27.36 113.45 -19.86
N GLN E 738 28.35 114.30 -20.12
CA GLN E 738 28.85 114.50 -21.48
C GLN E 738 29.56 113.25 -21.97
N GLN E 739 30.35 112.62 -21.11
CA GLN E 739 31.04 111.40 -21.52
C GLN E 739 30.06 110.32 -21.95
N THR E 740 28.98 110.13 -21.18
CA THR E 740 27.96 109.16 -21.57
C THR E 740 27.24 109.62 -22.83
N ALA E 741 26.94 110.91 -22.94
CA ALA E 741 26.22 111.42 -24.10
C ALA E 741 27.08 111.42 -25.35
N GLN E 742 28.40 111.37 -25.19
CA GLN E 742 29.29 111.42 -26.34
C GLN E 742 29.24 110.12 -27.14
N GLN E 743 28.81 109.02 -26.51
CA GLN E 743 28.63 107.78 -27.25
C GLN E 743 27.66 107.98 -28.41
N GLY E 744 26.68 108.85 -28.23
CA GLY E 744 25.85 109.30 -29.34
C GLY E 744 24.59 108.45 -29.53
N MET E 745 23.60 109.07 -30.13
CA MET E 745 22.36 108.41 -30.53
C MET E 745 21.96 108.92 -31.90
N LYS E 746 21.66 108.00 -32.82
CA LYS E 746 21.22 108.40 -34.14
C LYS E 746 19.84 109.04 -34.05
N GLU E 747 19.47 109.76 -35.12
CA GLU E 747 18.25 110.56 -35.08
C GLU E 747 17.01 109.71 -34.84
N GLU E 748 16.93 108.53 -35.46
CA GLU E 748 15.79 107.66 -35.22
C GLU E 748 15.70 107.26 -33.74
N GLU E 749 16.82 106.87 -33.15
CA GLU E 749 16.84 106.51 -31.74
C GLU E 749 16.43 107.69 -30.88
N ARG E 750 16.90 108.89 -31.23
CA ARG E 750 16.54 110.08 -30.46
C ARG E 750 15.05 110.35 -30.54
N GLU E 751 14.47 110.21 -31.73
CA GLU E 751 13.04 110.43 -31.89
C GLU E 751 12.24 109.43 -31.08
N LEU E 752 12.59 108.15 -31.15
CA LEU E 752 11.86 107.14 -30.39
C LEU E 752 12.00 107.39 -28.89
N SER E 753 13.21 107.71 -28.43
CA SER E 753 13.42 107.94 -27.01
C SER E 753 12.64 109.16 -26.53
N ALA E 754 12.62 110.23 -27.33
CA ALA E 754 11.88 111.42 -26.94
C ALA E 754 10.38 111.15 -26.90
N SER E 755 9.85 110.47 -27.92
CA SER E 755 8.42 110.17 -27.94
C SER E 755 8.03 109.24 -26.80
N HIS E 756 8.96 108.39 -26.36
CA HIS E 756 8.63 107.41 -25.33
C HIS E 756 8.99 107.91 -23.94
N PHE E 757 9.89 108.88 -23.84
CA PHE E 757 10.44 109.28 -22.55
C PHE E 757 10.20 110.76 -22.29
N PRO E 758 10.12 111.17 -21.03
CA PRO E 758 9.91 112.59 -20.72
C PRO E 758 11.23 113.33 -20.52
N VAL E 759 11.11 114.63 -20.27
CA VAL E 759 12.23 115.49 -19.91
C VAL E 759 11.77 116.42 -18.80
N VAL E 760 12.73 116.89 -18.00
CA VAL E 760 12.45 117.68 -16.81
C VAL E 760 13.10 119.05 -16.94
N THR E 761 12.50 120.03 -16.26
CA THR E 761 12.99 121.40 -16.33
C THR E 761 14.39 121.51 -15.73
N LEU E 762 15.03 122.66 -15.98
CA LEU E 762 16.39 122.86 -15.53
C LEU E 762 16.49 122.85 -14.00
N GLU E 763 15.70 123.67 -13.33
CA GLU E 763 15.75 123.73 -11.87
C GLU E 763 15.38 122.41 -11.22
N GLN E 764 14.60 121.57 -11.90
CA GLN E 764 14.30 120.21 -11.43
C GLN E 764 15.23 119.17 -12.06
N LEU E 765 16.46 119.57 -12.37
CA LEU E 765 17.42 118.63 -12.95
C LEU E 765 17.63 117.38 -12.10
N PRO E 766 17.76 117.47 -10.78
CA PRO E 766 17.88 116.23 -9.99
C PRO E 766 16.70 115.29 -10.18
N ASP E 767 15.51 115.84 -10.46
CA ASP E 767 14.33 115.00 -10.64
C ASP E 767 14.40 114.18 -11.93
N ILE E 768 15.15 114.66 -12.93
CA ILE E 768 15.24 113.93 -14.18
C ILE E 768 15.92 112.57 -13.97
N ARG E 769 16.91 112.52 -13.08
CA ARG E 769 17.60 111.26 -12.83
C ARG E 769 16.76 110.30 -12.01
N ASP E 770 15.91 110.81 -11.13
CA ASP E 770 14.94 109.95 -10.46
C ASP E 770 13.95 109.36 -11.45
N LEU E 771 13.45 110.18 -12.37
CA LEU E 771 12.54 109.68 -13.39
C LEU E 771 13.22 108.66 -14.28
N GLU E 772 14.53 108.79 -14.49
CA GLU E 772 15.26 107.76 -15.24
C GLU E 772 15.17 106.42 -14.53
N ARG E 773 15.34 106.41 -13.21
CA ARG E 773 15.24 105.17 -12.46
C ARG E 773 13.82 104.63 -12.47
N GLN E 774 12.82 105.50 -12.35
CA GLN E 774 11.43 105.05 -12.41
C GLN E 774 11.11 104.43 -13.77
N HIS E 775 11.55 105.08 -14.84
CA HIS E 775 11.32 104.54 -16.17
C HIS E 775 12.06 103.22 -16.36
N GLU E 776 13.27 103.12 -15.82
CA GLU E 776 13.99 101.85 -15.86
C GLU E 776 13.19 100.76 -15.18
N ARG E 777 12.66 101.04 -13.99
CA ARG E 777 11.84 100.06 -13.28
C ARG E 777 10.65 99.62 -14.13
N GLY E 778 9.89 100.59 -14.64
CA GLY E 778 8.70 100.24 -15.41
C GLY E 778 9.02 99.47 -16.67
N ILE E 779 10.05 99.90 -17.40
CA ILE E 779 10.41 99.26 -18.65
C ILE E 779 10.90 97.84 -18.39
N GLN E 780 11.69 97.64 -17.35
CA GLN E 780 12.15 96.29 -17.02
C GLN E 780 10.98 95.41 -16.61
N HIS E 781 10.02 95.96 -15.86
CA HIS E 781 8.84 95.18 -15.49
C HIS E 781 8.08 94.74 -16.73
N GLU E 782 7.87 95.65 -17.67
CA GLU E 782 7.17 95.28 -18.90
C GLU E 782 7.98 94.28 -19.72
N ILE E 783 9.31 94.42 -19.74
CA ILE E 783 10.15 93.49 -20.47
C ILE E 783 9.99 92.08 -19.90
N GLU E 784 10.04 91.95 -18.57
CA GLU E 784 9.88 90.63 -17.96
C GLU E 784 8.48 90.09 -18.19
N ARG E 785 7.46 90.93 -18.17
CA ARG E 785 6.11 90.45 -18.45
C ARG E 785 6.00 89.90 -19.86
N VAL E 786 6.52 90.64 -20.85
CA VAL E 786 6.44 90.16 -22.23
C VAL E 786 7.30 88.91 -22.41
N LYS E 787 8.42 88.82 -21.73
CA LYS E 787 9.24 87.60 -21.81
C LYS E 787 8.50 86.41 -21.21
N ALA E 788 7.78 86.62 -20.11
CA ALA E 788 6.98 85.54 -19.53
C ALA E 788 5.90 85.09 -20.50
N GLU E 789 5.24 86.04 -21.16
CA GLU E 789 4.26 85.66 -22.17
C GLU E 789 4.92 84.92 -23.33
N LEU E 790 6.15 85.31 -23.68
CA LEU E 790 6.88 84.64 -24.74
C LEU E 790 7.14 83.18 -24.38
N HIS E 791 7.54 82.93 -23.12
CA HIS E 791 7.70 81.53 -22.72
C HIS E 791 6.37 80.80 -22.63
N ARG E 792 5.29 81.48 -22.27
CA ARG E 792 4.01 80.78 -22.24
C ARG E 792 3.63 80.33 -23.63
N LEU E 793 3.86 81.20 -24.63
CA LEU E 793 3.67 80.82 -26.02
C LEU E 793 4.61 79.69 -26.41
N ASN E 794 5.86 79.73 -25.94
CA ASN E 794 6.79 78.63 -26.22
C ASN E 794 6.29 77.32 -25.66
N ILE E 795 5.70 77.33 -24.46
CA ILE E 795 5.22 76.12 -23.84
C ILE E 795 4.01 75.57 -24.59
N GLU E 796 3.10 76.46 -25.00
CA GLU E 796 1.98 76.03 -25.83
C GLU E 796 2.48 75.46 -27.14
N LEU E 797 3.48 76.11 -27.74
CA LEU E 797 4.10 75.59 -28.94
C LEU E 797 4.69 74.22 -28.71
N THR E 798 5.32 74.01 -27.54
CA THR E 798 5.92 72.71 -27.25
C THR E 798 4.86 71.63 -27.16
N LYS E 799 3.78 71.88 -26.41
CA LYS E 799 2.69 70.94 -26.36
C LYS E 799 2.13 70.67 -27.75
N ARG E 800 2.13 71.69 -28.61
CA ARG E 800 1.63 71.50 -29.97
C ARG E 800 2.56 70.61 -30.80
N MET E 801 3.83 70.99 -30.90
CA MET E 801 4.76 70.25 -31.75
C MET E 801 5.03 68.84 -31.24
N SER E 802 5.09 68.65 -29.92
CA SER E 802 5.19 67.30 -29.40
C SER E 802 4.02 66.45 -29.85
N GLU E 803 2.81 67.02 -29.83
CA GLU E 803 1.64 66.32 -30.34
C GLU E 803 1.81 65.95 -31.80
N ALA E 804 2.36 66.87 -32.60
CA ALA E 804 2.56 66.59 -34.02
C ALA E 804 3.51 65.42 -34.23
N LYS E 805 4.57 65.34 -33.44
CA LYS E 805 5.52 64.24 -33.58
C LYS E 805 4.88 62.90 -33.22
N ARG E 806 3.99 62.89 -32.22
CA ARG E 806 3.29 61.65 -31.89
C ARG E 806 2.43 61.18 -33.05
N VAL E 807 1.58 62.06 -33.58
CA VAL E 807 0.75 61.73 -34.72
C VAL E 807 1.58 61.57 -35.99
N ASP E 808 2.84 61.99 -35.96
CA ASP E 808 3.69 61.95 -37.14
C ASP E 808 3.73 60.55 -37.72
N THR E 809 4.05 60.47 -39.01
CA THR E 809 4.15 59.22 -39.75
C THR E 809 5.43 59.19 -40.58
N GLY E 810 6.56 59.55 -39.96
CA GLY E 810 7.82 59.56 -40.66
C GLY E 810 8.18 60.87 -41.33
N ALA E 811 7.34 61.89 -41.21
CA ALA E 811 7.62 63.20 -41.78
C ALA E 811 8.23 64.19 -40.79
N LEU E 812 8.29 63.84 -39.50
CA LEU E 812 8.83 64.73 -38.48
C LEU E 812 9.76 64.02 -37.50
N VAL E 813 9.87 62.69 -37.56
CA VAL E 813 10.79 61.98 -36.69
C VAL E 813 12.22 62.42 -36.94
N GLU E 814 12.54 62.85 -38.16
CA GLU E 814 13.88 63.31 -38.49
C GLU E 814 14.28 64.56 -37.72
N ALA E 815 13.33 65.26 -37.11
CA ALA E 815 13.62 66.46 -36.35
C ALA E 815 12.99 66.31 -34.97
N GLY E 816 13.51 67.09 -34.03
CA GLY E 816 13.11 67.01 -32.64
C GLY E 816 11.92 67.89 -32.31
N ALA E 817 11.88 68.33 -31.05
CA ALA E 817 10.77 69.07 -30.48
C ALA E 817 11.27 70.35 -29.83
N ASP E 818 12.10 71.10 -30.55
CA ASP E 818 12.55 72.40 -30.11
C ASP E 818 12.31 73.40 -31.24
N LEU E 819 12.60 74.68 -30.94
CA LEU E 819 12.38 75.73 -31.92
C LEU E 819 13.31 75.66 -33.11
N ASP E 820 14.50 75.07 -32.97
CA ASP E 820 15.40 74.92 -34.09
C ASP E 820 14.84 74.01 -35.18
N ASP E 821 13.87 73.16 -34.85
CA ASP E 821 13.26 72.27 -35.83
C ASP E 821 12.10 72.91 -36.57
N ILE E 822 11.74 74.14 -36.23
CA ILE E 822 10.58 74.83 -36.80
C ILE E 822 10.63 74.81 -38.33
N PRO E 823 11.79 75.04 -38.97
CA PRO E 823 11.80 75.03 -40.44
C PRO E 823 11.24 73.75 -41.04
N VAL E 824 11.61 72.59 -40.49
CA VAL E 824 11.09 71.33 -41.00
C VAL E 824 9.60 71.22 -40.71
N TYR E 825 9.19 71.63 -39.50
CA TYR E 825 7.77 71.63 -39.16
C TYR E 825 6.97 72.39 -40.21
N LEU E 826 7.43 73.60 -40.56
CA LEU E 826 6.66 74.45 -41.47
C LEU E 826 6.71 73.92 -42.90
N GLN E 827 7.87 73.46 -43.34
CA GLN E 827 7.96 72.88 -44.69
C GLN E 827 7.01 71.70 -44.83
N ARG E 828 7.03 70.79 -43.85
CA ARG E 828 6.12 69.65 -43.89
C ARG E 828 4.67 70.11 -43.83
N LEU E 829 4.37 71.09 -42.97
CA LEU E 829 3.01 71.58 -42.86
C LEU E 829 2.49 72.06 -44.20
N GLN E 830 3.22 72.96 -44.84
CA GLN E 830 2.74 73.52 -46.10
C GLN E 830 2.69 72.46 -47.20
N GLU E 831 3.73 71.61 -47.28
CA GLU E 831 3.73 70.55 -48.29
C GLU E 831 2.50 69.67 -48.15
N LEU E 832 2.22 69.22 -46.92
CA LEU E 832 1.09 68.33 -46.71
C LEU E 832 -0.24 69.05 -46.94
N THR E 833 -0.36 70.30 -46.49
CA THR E 833 -1.62 71.01 -46.64
C THR E 833 -1.95 71.23 -48.10
N GLU E 834 -0.96 71.60 -48.92
CA GLU E 834 -1.24 71.98 -50.29
C GLU E 834 -1.23 70.77 -51.22
N GLU E 835 -0.20 69.93 -51.12
CA GLU E 835 -0.09 68.77 -52.00
C GLU E 835 -0.86 67.57 -51.47
N ALA E 836 -0.56 67.16 -50.24
CA ALA E 836 -1.02 65.85 -49.77
C ALA E 836 -2.54 65.77 -49.71
N LEU E 837 -3.20 66.77 -49.10
CA LEU E 837 -4.64 66.67 -48.93
C LEU E 837 -5.38 66.60 -50.26
N PRO E 838 -5.27 67.58 -51.16
CA PRO E 838 -5.99 67.46 -52.43
C PRO E 838 -5.61 66.22 -53.22
N GLU E 839 -4.32 65.87 -53.27
CA GLU E 839 -3.88 64.74 -54.05
C GLU E 839 -4.50 63.44 -53.54
N LYS E 840 -4.43 63.22 -52.22
CA LYS E 840 -5.00 62.02 -51.65
C LYS E 840 -6.51 61.99 -51.82
N LEU E 841 -7.17 63.14 -51.64
CA LEU E 841 -8.63 63.17 -51.81
C LEU E 841 -9.01 62.81 -53.24
N ASN E 842 -8.27 63.34 -54.22
CA ASN E 842 -8.59 63.05 -55.62
C ASN E 842 -8.31 61.60 -55.98
N ARG E 843 -7.19 61.05 -55.47
CA ARG E 843 -6.94 59.63 -55.69
C ARG E 843 -8.05 58.77 -55.10
N PHE E 844 -8.47 59.10 -53.87
CA PHE E 844 -9.55 58.38 -53.22
C PHE E 844 -10.82 58.46 -54.05
N LEU E 845 -11.17 59.67 -54.52
CA LEU E 845 -12.38 59.84 -55.30
C LEU E 845 -12.32 59.05 -56.61
N ASP E 846 -11.19 59.12 -57.30
CA ASP E 846 -11.07 58.43 -58.58
C ASP E 846 -11.22 56.92 -58.40
N TYR E 847 -10.49 56.35 -57.43
CA TYR E 847 -10.61 54.92 -57.20
C TYR E 847 -12.01 54.56 -56.74
N LEU E 848 -12.63 55.42 -55.92
CA LEU E 848 -13.97 55.16 -55.42
C LEU E 848 -14.98 55.12 -56.55
N ASN E 849 -14.88 56.05 -57.51
CA ASN E 849 -15.81 56.05 -58.63
C ASN E 849 -15.57 54.87 -59.56
N ARG E 850 -14.30 54.51 -59.78
CA ARG E 850 -14.03 53.31 -60.57
C ARG E 850 -14.64 52.08 -59.92
N SER E 851 -14.50 51.97 -58.60
CA SER E 851 -15.14 50.86 -57.89
C SER E 851 -16.65 50.94 -57.98
N SER E 852 -17.22 52.15 -57.88
CA SER E 852 -18.66 52.30 -58.05
C SER E 852 -19.10 51.71 -59.38
N ASP E 853 -18.35 51.98 -60.44
CA ASP E 853 -18.64 51.35 -61.72
C ASP E 853 -18.51 49.84 -61.64
N ASP E 854 -17.48 49.36 -60.93
CA ASP E 854 -17.20 47.91 -60.92
C ASP E 854 -17.67 47.23 -59.63
N GLY E 855 -18.51 47.90 -58.84
CA GLY E 855 -18.66 47.55 -57.43
C GLY E 855 -19.99 46.92 -57.08
N VAL E 856 -20.50 47.27 -55.89
CA VAL E 856 -21.59 46.52 -55.26
C VAL E 856 -22.86 46.61 -56.09
N THR E 857 -23.17 47.80 -56.63
CA THR E 857 -24.40 47.93 -57.41
C THR E 857 -24.39 46.98 -58.61
N GLN E 858 -23.25 46.85 -59.29
CA GLN E 858 -23.15 45.92 -60.40
C GLN E 858 -23.41 44.49 -59.95
N LEU E 859 -22.82 44.09 -58.82
CA LEU E 859 -23.01 42.74 -58.32
C LEU E 859 -24.47 42.46 -57.99
N LEU E 860 -25.12 43.42 -57.32
CA LEU E 860 -26.53 43.25 -56.97
C LEU E 860 -27.38 43.15 -58.23
N SER E 861 -27.11 44.01 -59.21
CA SER E 861 -27.85 43.93 -60.47
C SER E 861 -27.62 42.59 -61.16
N HIS E 862 -26.39 42.06 -61.09
CA HIS E 862 -26.11 40.77 -61.70
C HIS E 862 -26.89 39.65 -61.01
N ILE E 863 -26.95 39.69 -59.68
CA ILE E 863 -27.70 38.65 -58.96
C ILE E 863 -29.18 38.75 -59.28
N GLU E 864 -29.71 39.98 -59.37
CA GLU E 864 -31.11 40.14 -59.78
C GLU E 864 -31.32 39.65 -61.20
N HIS E 865 -30.34 39.84 -62.09
CA HIS E 865 -30.43 39.30 -63.44
C HIS E 865 -30.49 37.78 -63.43
N GLU E 866 -29.69 37.15 -62.58
CA GLU E 866 -29.77 35.70 -62.43
C GLU E 866 -31.14 35.28 -61.92
N VAL E 867 -31.70 36.02 -60.96
CA VAL E 867 -33.05 35.73 -60.49
C VAL E 867 -34.05 35.84 -61.64
N LEU E 868 -33.88 36.85 -62.50
CA LEU E 868 -34.77 37.01 -63.64
C LEU E 868 -34.64 35.84 -64.61
N VAL E 869 -33.41 35.36 -64.84
CA VAL E 869 -33.22 34.20 -65.69
C VAL E 869 -33.92 32.98 -65.09
N ILE E 870 -33.79 32.82 -63.77
CA ILE E 870 -34.47 31.72 -63.09
C ILE E 870 -35.97 31.82 -63.29
N GLU E 871 -36.51 33.03 -63.15
CA GLU E 871 -37.95 33.23 -63.34
C GLU E 871 -38.38 32.90 -64.77
N GLU E 872 -37.60 33.33 -65.76
CA GLU E 872 -37.92 33.01 -67.15
C GLU E 872 -37.97 31.51 -67.35
N ARG E 873 -36.93 30.80 -66.92
CA ARG E 873 -36.91 29.35 -67.09
C ARG E 873 -38.06 28.69 -66.35
N LEU E 874 -38.34 29.13 -65.12
CA LEU E 874 -39.39 28.54 -64.32
C LEU E 874 -40.75 28.72 -64.97
N ASN E 875 -41.04 29.93 -65.48
CA ASN E 875 -42.32 30.17 -66.12
C ASN E 875 -42.46 29.35 -67.39
N GLU E 876 -41.41 29.31 -68.23
CA GLU E 876 -41.50 28.51 -69.44
C GLU E 876 -41.67 27.03 -69.12
N LEU E 877 -41.07 26.55 -68.03
CA LEU E 877 -41.29 25.17 -67.60
C LEU E 877 -42.72 24.98 -67.12
N ASN E 878 -43.23 25.91 -66.32
CA ASN E 878 -44.57 25.78 -65.78
C ASN E 878 -45.61 25.72 -66.90
N GLU E 879 -45.42 26.51 -67.95
CA GLU E 879 -46.32 26.43 -69.10
C GLU E 879 -46.27 25.02 -69.69
N THR E 880 -45.08 24.44 -69.80
CA THR E 880 -44.97 23.08 -70.31
C THR E 880 -45.74 22.09 -69.44
N MET E 881 -45.80 22.33 -68.13
CA MET E 881 -46.60 21.46 -67.27
C MET E 881 -48.08 21.54 -67.62
N PHE E 882 -48.56 22.73 -67.96
CA PHE E 882 -49.95 22.87 -68.37
C PHE E 882 -50.24 22.06 -69.64
N ARG E 883 -49.20 21.73 -70.41
CA ARG E 883 -49.40 20.89 -71.59
C ARG E 883 -49.83 19.48 -71.21
N VAL E 884 -49.28 18.93 -70.13
CA VAL E 884 -49.46 17.54 -69.77
C VAL E 884 -50.12 17.43 -68.40
N ASP E 885 -50.45 16.20 -68.02
CA ASP E 885 -51.11 15.91 -66.76
C ASP E 885 -50.14 15.19 -65.83
N PHE E 886 -49.92 15.75 -64.64
CA PHE E 886 -49.07 15.10 -63.65
C PHE E 886 -49.71 13.83 -63.12
N GLN E 887 -51.01 13.84 -62.89
CA GLN E 887 -51.81 12.68 -62.51
C GLN E 887 -52.94 12.55 -63.50
N PRO E 888 -53.59 11.38 -63.55
CA PRO E 888 -54.68 11.21 -64.52
C PRO E 888 -55.75 12.28 -64.45
N ASP E 889 -56.10 12.75 -63.25
CA ASP E 889 -57.09 13.80 -63.08
C ASP E 889 -56.50 15.12 -62.61
N ARG E 890 -55.18 15.27 -62.63
CA ARG E 890 -54.52 16.47 -62.12
C ARG E 890 -53.46 16.93 -63.09
N TYR E 891 -53.27 18.24 -63.16
CA TYR E 891 -52.10 18.85 -63.77
C TYR E 891 -51.41 19.70 -62.70
N LEU E 892 -50.10 19.91 -62.88
CA LEU E 892 -49.26 20.49 -61.84
C LEU E 892 -48.71 21.84 -62.29
N ARG E 893 -48.65 22.78 -61.35
CA ARG E 893 -48.16 24.12 -61.61
C ARG E 893 -47.01 24.43 -60.66
N LEU E 894 -46.04 25.20 -61.16
CA LEU E 894 -44.89 25.63 -60.36
C LEU E 894 -45.15 27.04 -59.83
N ASP E 895 -44.63 27.31 -58.64
CA ASP E 895 -44.82 28.58 -57.95
C ASP E 895 -43.48 29.05 -57.40
N THR E 896 -43.36 30.36 -57.19
CA THR E 896 -42.12 30.94 -56.70
C THR E 896 -42.40 32.25 -55.99
N LYS E 897 -41.44 32.66 -55.17
CA LYS E 897 -41.51 33.92 -54.44
C LYS E 897 -40.10 34.43 -54.23
N LYS E 898 -40.00 35.67 -53.77
CA LYS E 898 -38.72 36.24 -53.37
C LYS E 898 -38.58 36.14 -51.85
N VAL E 899 -37.47 35.56 -51.41
CA VAL E 899 -37.25 35.32 -49.99
C VAL E 899 -37.31 36.66 -49.25
N VAL E 900 -38.05 36.69 -48.15
CA VAL E 900 -38.30 37.93 -47.41
C VAL E 900 -37.30 38.07 -46.27
N HIS E 901 -36.17 37.37 -46.37
CA HIS E 901 -35.18 37.38 -45.30
C HIS E 901 -34.77 38.80 -44.98
N GLU E 902 -34.74 39.14 -43.69
CA GLU E 902 -34.47 40.51 -43.27
C GLU E 902 -33.10 40.98 -43.75
N SER E 903 -32.18 40.05 -44.00
CA SER E 903 -30.87 40.44 -44.52
C SER E 903 -30.99 41.07 -45.89
N LEU E 904 -31.84 40.52 -46.76
CA LEU E 904 -32.05 41.13 -48.07
C LEU E 904 -32.75 42.47 -47.95
N ARG E 905 -33.66 42.61 -46.98
CA ARG E 905 -34.27 43.91 -46.73
C ARG E 905 -33.22 44.93 -46.32
N THR E 906 -32.28 44.52 -45.46
CA THR E 906 -31.20 45.41 -45.04
C THR E 906 -30.30 45.75 -46.22
N LEU E 907 -30.07 44.79 -47.12
CA LEU E 907 -29.29 45.08 -48.31
C LEU E 907 -29.98 46.10 -49.19
N GLU E 908 -31.30 45.97 -49.35
CA GLU E 908 -32.05 46.95 -50.13
C GLU E 908 -31.98 48.33 -49.48
N LYS E 909 -32.12 48.37 -48.15
CA LYS E 909 -32.00 49.65 -47.45
C LYS E 909 -30.61 50.24 -47.59
N ALA E 910 -29.58 49.39 -47.56
CA ALA E 910 -28.22 49.86 -47.77
C ALA E 910 -28.03 50.41 -49.17
N GLN E 911 -28.66 49.79 -50.17
CA GLN E 911 -28.60 50.35 -51.52
C GLN E 911 -29.33 51.70 -51.58
N ARG E 912 -30.46 51.82 -50.90
CA ARG E 912 -31.13 53.12 -50.78
C ARG E 912 -30.16 54.15 -50.23
N GLN E 913 -29.50 53.83 -49.13
CA GLN E 913 -28.64 54.79 -48.44
C GLN E 913 -27.35 55.04 -49.22
N LEU E 914 -26.94 54.09 -50.07
CA LEU E 914 -25.83 54.33 -50.98
C LEU E 914 -26.24 55.31 -52.07
N ASN E 915 -27.45 55.16 -52.60
CA ASN E 915 -27.98 56.13 -53.55
C ASN E 915 -28.03 57.52 -52.92
N ALA E 916 -28.56 57.60 -51.69
CA ALA E 916 -28.62 58.89 -51.01
C ALA E 916 -27.22 59.45 -50.75
N ALA E 917 -26.29 58.58 -50.34
CA ALA E 917 -24.94 59.04 -50.02
C ALA E 917 -24.22 59.62 -51.23
N ARG E 918 -24.36 58.97 -52.39
CA ARG E 918 -23.74 59.50 -53.60
C ARG E 918 -24.37 60.83 -53.99
N PHE E 919 -25.68 60.98 -53.79
CA PHE E 919 -26.35 62.22 -54.14
C PHE E 919 -25.80 63.39 -53.34
N VAL E 920 -25.75 63.26 -52.02
CA VAL E 920 -25.15 64.31 -51.19
C VAL E 920 -23.65 64.32 -51.43
N ASP E 921 -23.11 65.51 -51.69
CA ASP E 921 -21.72 65.67 -52.10
C ASP E 921 -20.87 66.02 -50.89
N ASP E 922 -19.93 65.13 -50.55
CA ASP E 922 -18.90 65.43 -49.55
C ASP E 922 -17.54 64.90 -49.99
N ASN E 923 -17.33 64.75 -51.30
CA ASN E 923 -16.06 64.25 -51.85
C ASN E 923 -15.89 62.76 -51.61
N GLY E 924 -17.00 62.03 -51.46
CA GLY E 924 -16.96 60.59 -51.43
C GLY E 924 -16.86 59.96 -50.06
N GLU E 925 -17.08 60.72 -48.99
CA GLU E 925 -16.97 60.13 -47.65
C GLU E 925 -18.18 59.28 -47.31
N SER E 926 -19.38 59.88 -47.37
CA SER E 926 -20.58 59.13 -47.06
C SER E 926 -20.85 58.06 -48.11
N HIS E 927 -20.57 58.38 -49.38
CA HIS E 927 -20.60 57.36 -50.42
C HIS E 927 -19.70 56.18 -50.06
N TYR E 928 -18.48 56.49 -49.63
CA TYR E 928 -17.54 55.44 -49.24
C TYR E 928 -18.07 54.65 -48.04
N LYS E 929 -18.79 55.32 -47.13
CA LYS E 929 -19.28 54.64 -45.95
C LYS E 929 -20.41 53.68 -46.30
N ALA E 930 -21.33 54.11 -47.18
CA ALA E 930 -22.38 53.21 -47.65
C ALA E 930 -21.78 52.04 -48.42
N LEU E 931 -20.77 52.31 -49.26
CA LEU E 931 -20.07 51.23 -49.94
C LEU E 931 -19.44 50.28 -48.94
N GLN E 932 -18.91 50.82 -47.84
CA GLN E 932 -18.32 49.99 -46.80
C GLN E 932 -19.38 49.11 -46.16
N VAL E 933 -20.56 49.66 -45.90
CA VAL E 933 -21.64 48.86 -45.32
C VAL E 933 -22.00 47.71 -46.25
N LEU E 934 -22.17 48.00 -47.54
CA LEU E 934 -22.53 46.95 -48.49
C LEU E 934 -21.43 45.90 -48.60
N VAL E 935 -20.18 46.34 -48.66
CA VAL E 935 -19.07 45.39 -48.75
C VAL E 935 -18.97 44.54 -47.49
N ALA E 936 -19.26 45.14 -46.33
CA ALA E 936 -19.24 44.37 -45.09
C ALA E 936 -20.33 43.31 -45.11
N GLN E 937 -21.53 43.66 -45.56
CA GLN E 937 -22.58 42.65 -45.67
C GLN E 937 -22.16 41.53 -46.60
N LEU E 938 -21.63 41.88 -47.77
CA LEU E 938 -21.22 40.86 -48.74
C LEU E 938 -20.12 39.98 -48.18
N ARG E 939 -19.15 40.57 -47.51
CA ARG E 939 -18.06 39.79 -46.93
C ARG E 939 -18.57 38.85 -45.84
N ASP E 940 -19.40 39.37 -44.93
CA ASP E 940 -19.95 38.54 -43.86
C ASP E 940 -20.73 37.38 -44.44
N ALA E 941 -21.48 37.62 -45.52
CA ALA E 941 -22.17 36.53 -46.19
C ALA E 941 -21.18 35.53 -46.76
N SER E 942 -20.10 36.00 -47.39
CA SER E 942 -19.17 35.08 -48.03
C SER E 942 -18.45 34.20 -47.00
N GLU E 943 -18.20 34.71 -45.79
CA GLU E 943 -17.63 33.85 -44.74
C GLU E 943 -18.67 32.88 -44.20
N ARG E 944 -19.93 33.31 -44.10
CA ARG E 944 -20.98 32.46 -43.55
C ARG E 944 -21.71 31.65 -44.62
N ASN E 945 -21.02 31.28 -45.70
CA ASN E 945 -21.66 30.58 -46.81
C ASN E 945 -22.31 29.26 -46.40
N ARG E 946 -22.03 28.75 -45.19
CA ARG E 946 -22.64 27.49 -44.77
C ARG E 946 -24.07 27.68 -44.26
N THR E 947 -24.56 28.90 -44.18
CA THR E 947 -25.88 29.19 -43.62
C THR E 947 -26.79 29.77 -44.70
N LEU E 948 -28.09 29.64 -44.49
CA LEU E 948 -29.06 29.93 -45.55
C LEU E 948 -29.10 31.43 -45.89
N GLY E 949 -28.95 32.31 -44.90
CA GLY E 949 -29.00 33.73 -45.19
C GLY E 949 -27.85 34.20 -46.04
N ALA E 950 -26.64 33.74 -45.73
CA ALA E 950 -25.48 34.10 -46.54
C ALA E 950 -25.64 33.64 -47.97
N LYS E 951 -26.12 32.41 -48.16
CA LYS E 951 -26.36 31.92 -49.52
C LYS E 951 -27.46 32.74 -50.20
N ALA E 952 -28.50 33.11 -49.47
CA ALA E 952 -29.52 33.99 -50.03
C ALA E 952 -28.90 35.27 -50.55
N LEU E 953 -27.94 35.82 -49.83
CA LEU E 953 -27.24 37.00 -50.31
C LEU E 953 -26.39 36.68 -51.55
N LEU E 954 -25.73 35.52 -51.55
CA LEU E 954 -24.71 35.25 -52.56
C LEU E 954 -25.19 34.33 -53.68
N ASP E 955 -26.43 33.86 -53.63
CA ASP E 955 -26.86 32.77 -54.51
C ASP E 955 -28.19 33.11 -55.16
N PRO E 956 -28.28 33.17 -56.48
CA PRO E 956 -29.60 33.41 -57.11
C PRO E 956 -30.64 32.38 -56.73
N ARG E 957 -30.24 31.11 -56.58
CA ARG E 957 -31.20 30.07 -56.19
C ARG E 957 -31.81 30.38 -54.83
N PHE E 958 -31.00 30.76 -53.85
CA PHE E 958 -31.53 31.07 -52.52
C PHE E 958 -32.30 32.38 -52.53
N ARG E 959 -32.03 33.26 -53.50
CA ARG E 959 -32.73 34.55 -53.54
C ARG E 959 -34.23 34.38 -53.68
N LEU E 960 -34.69 33.26 -54.26
CA LEU E 960 -36.10 33.02 -54.47
C LEU E 960 -36.48 31.62 -53.99
N GLU E 961 -37.66 31.53 -53.39
CA GLU E 961 -38.19 30.27 -52.87
C GLU E 961 -39.09 29.62 -53.92
N PHE E 962 -39.33 28.33 -53.75
CA PHE E 962 -40.12 27.55 -54.70
C PHE E 962 -41.18 26.74 -53.96
N ALA E 963 -42.33 26.56 -54.61
CA ALA E 963 -43.40 25.73 -54.09
C ALA E 963 -44.18 25.17 -55.27
N VAL E 964 -44.91 24.08 -55.03
CA VAL E 964 -45.64 23.39 -56.08
C VAL E 964 -47.08 23.17 -55.62
N SER E 965 -48.03 23.40 -56.53
CA SER E 965 -49.44 23.24 -56.24
C SER E 965 -50.07 22.26 -57.24
N VAL E 966 -50.93 21.39 -56.74
CA VAL E 966 -51.72 20.49 -57.55
C VAL E 966 -52.85 21.29 -58.18
N MET E 967 -53.30 20.87 -59.35
CA MET E 967 -54.25 21.66 -60.15
C MET E 967 -55.26 20.75 -60.83
N ASP E 968 -56.37 21.37 -61.23
CA ASP E 968 -57.43 20.68 -61.97
C ASP E 968 -57.28 21.01 -63.45
N ARG E 969 -57.33 19.98 -64.29
CA ARG E 969 -57.15 20.19 -65.73
C ARG E 969 -58.26 21.05 -66.32
N GLN E 970 -59.51 20.79 -65.93
CA GLN E 970 -60.64 21.44 -66.59
C GLN E 970 -60.64 22.95 -66.34
N SER E 971 -60.76 23.35 -65.07
CA SER E 971 -60.88 24.76 -64.75
C SER E 971 -59.54 25.48 -64.73
N GLY E 972 -58.43 24.75 -64.54
CA GLY E 972 -57.13 25.37 -64.39
C GLY E 972 -56.85 25.89 -62.99
N ASN E 973 -57.77 25.70 -62.05
CA ASN E 973 -57.61 26.22 -60.71
C ASN E 973 -56.68 25.33 -59.88
N VAL E 974 -56.33 25.81 -58.69
CA VAL E 974 -55.54 25.03 -57.76
C VAL E 974 -56.46 24.15 -56.93
N ILE E 975 -56.11 22.86 -56.82
CA ILE E 975 -56.78 21.93 -55.93
C ILE E 975 -56.09 21.91 -54.56
N GLU E 976 -54.76 21.86 -54.55
CA GLU E 976 -53.98 21.88 -53.33
C GLU E 976 -52.89 22.92 -53.46
N SER E 977 -52.70 23.71 -52.41
CA SER E 977 -51.76 24.83 -52.42
C SER E 977 -50.32 24.41 -52.24
N ARG E 978 -50.06 23.17 -51.86
CA ARG E 978 -48.69 22.71 -51.63
C ARG E 978 -48.65 21.20 -51.85
N THR E 979 -47.43 20.68 -52.01
CA THR E 979 -47.25 19.24 -52.05
C THR E 979 -47.91 18.60 -50.84
N GLY E 980 -48.30 17.34 -50.99
CA GLY E 980 -49.05 16.66 -49.94
C GLY E 980 -48.27 16.50 -48.65
N SER E 981 -46.96 16.71 -48.71
CA SER E 981 -46.11 16.55 -47.54
C SER E 981 -45.12 17.70 -47.47
N GLN E 982 -44.75 18.06 -46.23
CA GLN E 982 -43.63 18.96 -45.98
C GLN E 982 -42.32 18.17 -46.00
N GLY E 983 -42.32 17.01 -45.34
CA GLY E 983 -41.24 16.05 -45.48
C GLY E 983 -41.62 15.04 -46.54
N GLY E 984 -41.96 13.83 -46.13
CA GLY E 984 -42.55 12.88 -47.06
C GLY E 984 -42.22 11.43 -46.77
N SER E 985 -43.11 10.53 -47.15
CA SER E 985 -42.79 9.12 -47.14
C SER E 985 -41.66 8.85 -48.14
N GLY E 986 -40.86 7.83 -47.84
CA GLY E 986 -39.72 7.53 -48.68
C GLY E 986 -40.03 7.59 -50.16
N GLY E 987 -41.01 6.79 -50.60
CA GLY E 987 -41.38 6.78 -52.01
C GLY E 987 -42.05 8.05 -52.47
N GLU E 988 -42.91 8.64 -51.62
CA GLU E 988 -43.73 9.77 -52.05
C GLU E 988 -42.86 10.89 -52.62
N LYS E 989 -41.80 11.26 -51.90
CA LYS E 989 -40.93 12.34 -52.37
C LYS E 989 -40.28 11.97 -53.69
N GLU E 990 -40.00 10.68 -53.90
CA GLU E 990 -39.45 10.24 -55.18
C GLU E 990 -40.37 10.60 -56.33
N ILE E 991 -41.70 10.53 -56.12
CA ILE E 991 -42.63 10.89 -57.18
C ILE E 991 -42.41 12.32 -57.63
N ILE E 992 -42.38 13.25 -56.67
CA ILE E 992 -42.25 14.66 -57.01
C ILE E 992 -40.89 14.92 -57.65
N ALA E 993 -39.83 14.36 -57.05
CA ALA E 993 -38.49 14.58 -57.59
C ALA E 993 -38.40 14.09 -59.03
N SER E 994 -38.84 12.86 -59.28
CA SER E 994 -38.75 12.29 -60.62
C SER E 994 -39.58 13.10 -61.61
N TYR E 995 -40.82 13.45 -61.26
CA TYR E 995 -41.65 14.17 -62.21
C TYR E 995 -41.07 15.54 -62.53
N VAL E 996 -40.60 16.25 -61.50
CA VAL E 996 -40.04 17.58 -61.73
C VAL E 996 -38.79 17.49 -62.59
N LEU E 997 -37.90 16.54 -62.29
CA LEU E 997 -36.69 16.40 -63.09
C LEU E 997 -37.01 16.02 -64.53
N THR E 998 -37.98 15.10 -64.71
CA THR E 998 -38.37 14.73 -66.06
C THR E 998 -38.92 15.93 -66.83
N ALA E 999 -39.77 16.72 -66.18
CA ALA E 999 -40.32 17.91 -66.81
C ALA E 999 -39.20 18.87 -67.22
N SER E 1000 -38.29 19.18 -66.29
CA SER E 1000 -37.23 20.12 -66.58
C SER E 1000 -36.32 19.62 -67.69
N LEU E 1001 -36.00 18.33 -67.67
CA LEU E 1001 -35.11 17.78 -68.70
C LEU E 1001 -35.78 17.78 -70.06
N SER E 1002 -37.06 17.43 -70.13
CA SER E 1002 -37.77 17.47 -71.40
C SER E 1002 -37.85 18.89 -71.92
N TYR E 1003 -38.16 19.85 -71.06
CA TYR E 1003 -38.26 21.25 -71.49
C TYR E 1003 -36.91 21.77 -71.97
N ALA E 1004 -35.83 21.42 -71.27
CA ALA E 1004 -34.51 21.91 -71.65
C ALA E 1004 -34.08 21.31 -72.99
N LEU E 1005 -34.38 20.04 -73.22
CA LEU E 1005 -33.95 19.34 -74.41
C LEU E 1005 -34.72 19.73 -75.66
N SER E 1006 -35.81 20.48 -75.52
CA SER E 1006 -36.58 20.93 -76.68
C SER E 1006 -36.03 22.27 -77.16
N PRO E 1007 -35.56 22.38 -78.40
CA PRO E 1007 -35.12 23.70 -78.89
C PRO E 1007 -36.21 24.74 -78.75
N ALA E 1008 -35.83 25.99 -79.01
CA ALA E 1008 -36.75 27.11 -78.81
C ALA E 1008 -38.07 26.88 -79.53
N GLY E 1009 -39.17 26.99 -78.78
CA GLY E 1009 -40.50 26.91 -79.34
C GLY E 1009 -40.97 25.51 -79.67
N SER E 1010 -40.15 24.48 -79.46
CA SER E 1010 -40.55 23.13 -79.79
C SER E 1010 -41.31 22.49 -78.63
N ARG E 1011 -42.52 22.01 -78.92
CA ARG E 1011 -43.33 21.33 -77.92
C ARG E 1011 -42.82 19.94 -77.58
N TYR E 1012 -41.89 19.40 -78.36
CA TYR E 1012 -41.30 18.10 -78.14
C TYR E 1012 -39.79 18.20 -78.27
N PRO E 1013 -39.05 17.31 -77.62
CA PRO E 1013 -37.59 17.45 -77.59
C PRO E 1013 -36.95 17.09 -78.93
N LEU E 1014 -35.75 17.63 -79.13
CA LEU E 1014 -34.88 17.17 -80.20
C LEU E 1014 -33.93 16.07 -79.74
N PHE E 1015 -33.92 15.77 -78.44
CA PHE E 1015 -33.18 14.64 -77.87
C PHE E 1015 -34.06 14.05 -76.77
N GLY E 1016 -34.71 12.92 -77.07
CA GLY E 1016 -35.71 12.37 -76.19
C GLY E 1016 -35.26 11.26 -75.27
N THR E 1017 -34.00 10.86 -75.31
CA THR E 1017 -33.50 9.76 -74.49
C THR E 1017 -33.21 10.26 -73.08
N ILE E 1018 -33.59 9.46 -72.08
CA ILE E 1018 -33.34 9.75 -70.68
C ILE E 1018 -32.87 8.47 -70.00
N ILE E 1019 -31.79 8.58 -69.22
CA ILE E 1019 -31.20 7.45 -68.53
C ILE E 1019 -31.65 7.47 -67.07
N LEU E 1020 -31.85 6.30 -66.48
CA LEU E 1020 -32.22 6.16 -65.09
C LEU E 1020 -31.54 4.93 -64.52
N ASP E 1021 -30.37 5.13 -63.90
CA ASP E 1021 -29.73 4.05 -63.16
C ASP E 1021 -30.41 3.88 -61.81
N GLU E 1022 -30.49 2.63 -61.36
CA GLU E 1022 -31.26 2.31 -60.15
C GLU E 1022 -32.67 2.88 -60.28
N ALA E 1023 -33.29 2.61 -61.43
CA ALA E 1023 -34.53 3.28 -61.84
C ALA E 1023 -35.49 3.52 -60.69
N PHE E 1024 -35.85 2.46 -59.96
CA PHE E 1024 -36.89 2.55 -58.95
C PHE E 1024 -36.49 1.86 -57.66
N SER E 1025 -35.22 1.99 -57.25
CA SER E 1025 -34.74 1.28 -56.08
C SER E 1025 -35.50 1.66 -54.83
N ARG E 1026 -36.03 2.89 -54.76
CA ARG E 1026 -36.69 3.39 -53.56
C ARG E 1026 -38.14 3.78 -53.82
N SER E 1027 -38.87 2.96 -54.56
CA SER E 1027 -40.26 3.26 -54.90
C SER E 1027 -41.04 1.96 -55.09
N SER E 1028 -42.35 2.08 -55.02
CA SER E 1028 -43.23 0.94 -55.20
C SER E 1028 -43.58 0.75 -56.68
N HIS E 1029 -44.29 -0.34 -56.97
CA HIS E 1029 -44.62 -0.68 -58.34
C HIS E 1029 -45.55 0.35 -58.96
N ALA E 1030 -46.61 0.73 -58.25
CA ALA E 1030 -47.56 1.69 -58.79
C ALA E 1030 -46.91 3.05 -59.02
N VAL E 1031 -46.04 3.46 -58.09
CA VAL E 1031 -45.36 4.74 -58.25
C VAL E 1031 -44.47 4.73 -59.48
N ALA E 1032 -43.75 3.63 -59.71
CA ALA E 1032 -42.93 3.53 -60.90
C ALA E 1032 -43.78 3.51 -62.17
N GLY E 1033 -44.94 2.85 -62.12
CA GLY E 1033 -45.85 2.91 -63.24
C GLY E 1033 -46.29 4.33 -63.54
N ARG E 1034 -46.62 5.10 -62.50
CA ARG E 1034 -46.96 6.50 -62.70
C ARG E 1034 -45.77 7.29 -63.26
N ILE E 1035 -44.55 6.94 -62.84
CA ILE E 1035 -43.37 7.60 -63.38
C ILE E 1035 -43.26 7.37 -64.88
N ILE E 1036 -43.45 6.11 -65.30
CA ILE E 1036 -43.39 5.81 -66.72
C ILE E 1036 -44.54 6.50 -67.47
N ALA E 1037 -45.71 6.60 -66.82
CA ALA E 1037 -46.82 7.32 -67.44
C ALA E 1037 -46.47 8.79 -67.65
N ALA E 1038 -45.83 9.40 -66.65
CA ALA E 1038 -45.39 10.78 -66.80
C ALA E 1038 -44.37 10.92 -67.92
N LEU E 1039 -43.43 9.97 -68.00
CA LEU E 1039 -42.50 9.96 -69.13
C LEU E 1039 -43.25 9.91 -70.45
N ARG E 1040 -44.31 9.09 -70.52
CA ARG E 1040 -45.12 9.04 -71.73
C ARG E 1040 -45.76 10.40 -72.02
N GLU E 1041 -46.25 11.07 -70.96
CA GLU E 1041 -46.81 12.40 -71.15
C GLU E 1041 -45.80 13.34 -71.78
N PHE E 1042 -44.53 13.20 -71.42
CA PHE E 1042 -43.47 14.04 -71.96
C PHE E 1042 -42.82 13.45 -73.21
N GLY E 1043 -43.26 12.29 -73.66
CA GLY E 1043 -42.77 11.74 -74.92
C GLY E 1043 -41.28 11.50 -74.96
N LEU E 1044 -40.74 10.86 -73.92
CA LEU E 1044 -39.31 10.59 -73.85
C LEU E 1044 -39.03 9.09 -73.94
N HIS E 1045 -38.05 8.75 -74.76
CA HIS E 1045 -37.46 7.42 -74.78
C HIS E 1045 -36.69 7.23 -73.49
N ALA E 1046 -36.89 6.10 -72.82
CA ALA E 1046 -36.38 5.87 -71.49
C ALA E 1046 -35.50 4.62 -71.44
N VAL E 1047 -34.54 4.63 -70.52
CA VAL E 1047 -33.67 3.51 -70.25
C VAL E 1047 -33.63 3.31 -68.75
N PHE E 1048 -34.00 2.11 -68.30
CA PHE E 1048 -34.03 1.78 -66.88
C PHE E 1048 -32.99 0.72 -66.59
N ILE E 1049 -32.35 0.84 -65.42
CA ILE E 1049 -31.36 -0.12 -64.94
C ILE E 1049 -31.85 -0.65 -63.60
N THR E 1050 -31.72 -1.96 -63.38
CA THR E 1050 -32.21 -2.55 -62.14
C THR E 1050 -31.46 -3.83 -61.82
N PRO E 1051 -31.06 -4.03 -60.56
CA PRO E 1051 -30.46 -5.33 -60.15
C PRO E 1051 -31.52 -6.36 -59.82
N ASN E 1052 -32.37 -6.67 -60.80
CA ASN E 1052 -33.42 -7.67 -60.66
C ASN E 1052 -34.42 -7.29 -59.56
N LYS E 1053 -35.04 -6.13 -59.77
CA LYS E 1053 -36.24 -5.73 -59.03
C LYS E 1053 -37.24 -5.13 -60.00
N GLU E 1054 -38.52 -5.27 -59.67
CA GLU E 1054 -39.60 -4.71 -60.46
C GLU E 1054 -39.66 -5.30 -61.87
N MET E 1055 -39.26 -6.56 -62.04
CA MET E 1055 -39.34 -7.17 -63.36
C MET E 1055 -40.77 -7.19 -63.87
N ARG E 1056 -41.74 -7.29 -62.97
CA ARG E 1056 -43.13 -7.21 -63.38
C ARG E 1056 -43.41 -5.91 -64.11
N LEU E 1057 -43.03 -4.79 -63.49
CA LEU E 1057 -43.31 -3.49 -64.09
C LEU E 1057 -42.56 -3.31 -65.40
N LEU E 1058 -41.26 -3.61 -65.42
CA LEU E 1058 -40.49 -3.44 -66.64
C LEU E 1058 -41.04 -4.31 -67.76
N ARG E 1059 -41.40 -5.56 -67.46
CA ARG E 1059 -41.99 -6.42 -68.46
C ARG E 1059 -43.31 -5.85 -68.97
N ASP E 1060 -44.08 -5.21 -68.09
CA ASP E 1060 -45.36 -4.64 -68.50
C ASP E 1060 -45.17 -3.36 -69.29
N HIS E 1061 -44.04 -2.68 -69.11
CA HIS E 1061 -43.89 -1.30 -69.58
C HIS E 1061 -42.79 -1.13 -70.62
N THR E 1062 -41.99 -2.16 -70.88
CA THR E 1062 -40.86 -2.05 -71.79
C THR E 1062 -40.95 -3.15 -72.83
N ARG E 1063 -40.01 -3.13 -73.78
CA ARG E 1063 -40.01 -4.08 -74.88
C ARG E 1063 -38.65 -4.71 -75.14
N SER E 1064 -37.63 -4.42 -74.34
CA SER E 1064 -36.32 -5.05 -74.53
C SER E 1064 -35.53 -4.99 -73.23
N ALA E 1065 -34.50 -5.82 -73.15
CA ALA E 1065 -33.62 -5.90 -72.00
C ALA E 1065 -32.19 -6.14 -72.44
N ILE E 1066 -31.25 -5.70 -71.60
CA ILE E 1066 -29.83 -5.94 -71.80
C ILE E 1066 -29.31 -6.65 -70.57
N VAL E 1067 -28.59 -7.75 -70.77
CA VAL E 1067 -28.15 -8.63 -69.69
C VAL E 1067 -26.71 -8.28 -69.34
N VAL E 1068 -26.43 -8.19 -68.04
CA VAL E 1068 -25.11 -7.87 -67.54
C VAL E 1068 -24.67 -9.00 -66.61
N HIS E 1069 -23.47 -9.51 -66.83
CA HIS E 1069 -22.91 -10.56 -65.98
C HIS E 1069 -21.41 -10.37 -65.90
N ARG E 1070 -20.82 -10.86 -64.81
CA ARG E 1070 -19.39 -10.71 -64.57
C ARG E 1070 -18.84 -12.02 -64.02
N ARG E 1071 -17.83 -12.57 -64.70
CA ARG E 1071 -17.03 -13.67 -64.20
C ARG E 1071 -15.67 -13.11 -63.80
N GLY E 1072 -15.38 -13.13 -62.49
CA GLY E 1072 -14.15 -12.53 -62.01
C GLY E 1072 -14.04 -11.07 -62.36
N GLN E 1073 -12.92 -10.69 -62.98
CA GLN E 1073 -12.67 -9.30 -63.35
C GLN E 1073 -13.25 -8.93 -64.71
N ASN E 1074 -13.88 -9.86 -65.41
CA ASN E 1074 -14.39 -9.63 -66.75
C ASN E 1074 -15.91 -9.62 -66.74
N SER E 1075 -16.50 -8.78 -67.58
CA SER E 1075 -17.94 -8.67 -67.73
C SER E 1075 -18.32 -8.68 -69.20
N ASN E 1076 -19.55 -9.12 -69.48
CA ASN E 1076 -20.05 -9.24 -70.83
C ASN E 1076 -21.54 -8.94 -70.83
N MET E 1077 -22.07 -8.61 -72.01
CA MET E 1077 -23.49 -8.32 -72.14
C MET E 1077 -24.15 -9.24 -73.17
N ALA E 1078 -25.48 -9.17 -73.19
CA ALA E 1078 -26.30 -9.89 -74.16
C ALA E 1078 -27.54 -9.07 -74.44
N SER E 1079 -28.14 -9.28 -75.61
CA SER E 1079 -29.30 -8.51 -76.04
C SER E 1079 -30.53 -9.42 -76.05
N LEU E 1080 -31.66 -8.88 -75.62
CA LEU E 1080 -32.93 -9.59 -75.59
C LEU E 1080 -34.05 -8.61 -75.92
N SER E 1081 -35.17 -9.14 -76.43
CA SER E 1081 -36.29 -8.30 -76.80
C SER E 1081 -37.58 -9.11 -76.81
N TRP E 1082 -38.70 -8.41 -76.82
CA TRP E 1082 -40.01 -9.03 -76.94
C TRP E 1082 -40.97 -8.02 -77.58
N GLU E 1083 -42.06 -8.55 -78.15
CA GLU E 1083 -43.08 -7.74 -78.77
C GLU E 1083 -44.44 -8.42 -78.60
N GLU E 1084 -45.51 -7.64 -78.71
CA GLU E 1084 -46.86 -8.16 -78.58
C GLU E 1084 -47.41 -8.50 -79.96
N LEU E 1085 -48.03 -9.67 -80.07
CA LEU E 1085 -48.55 -10.14 -81.34
C LEU E 1085 -50.03 -9.78 -81.49
N SER F 40 -1.16 -53.81 78.83
CA SER F 40 -2.46 -54.41 79.27
C SER F 40 -3.35 -54.72 78.07
N GLU F 41 -3.83 -53.67 77.41
CA GLU F 41 -4.68 -53.85 76.25
C GLU F 41 -3.84 -53.97 74.99
N THR F 42 -4.39 -54.68 74.00
CA THR F 42 -3.66 -54.91 72.76
C THR F 42 -3.31 -53.60 72.09
N ARG F 43 -2.05 -53.48 71.67
CA ARG F 43 -1.57 -52.32 70.92
C ARG F 43 -1.07 -52.78 69.56
N THR F 44 -1.64 -52.21 68.50
CA THR F 44 -1.22 -52.55 67.15
C THR F 44 0.28 -52.30 66.99
N LEU F 45 0.91 -53.14 66.17
CA LEU F 45 2.34 -53.00 65.90
C LEU F 45 2.67 -51.53 65.63
N GLN F 46 3.64 -51.00 66.39
CA GLN F 46 3.99 -49.59 66.24
C GLN F 46 4.33 -49.26 64.80
N LYS F 47 5.08 -50.14 64.13
CA LYS F 47 5.40 -49.93 62.73
C LYS F 47 4.15 -49.92 61.87
N ILE F 48 3.19 -50.79 62.18
CA ILE F 48 1.93 -50.79 61.44
C ILE F 48 1.19 -49.49 61.64
N ARG F 49 1.20 -48.96 62.86
CA ARG F 49 0.57 -47.67 63.11
C ARG F 49 1.25 -46.58 62.30
N GLU F 50 2.58 -46.55 62.30
CA GLU F 50 3.30 -45.58 61.49
C GLU F 50 2.89 -45.68 60.02
N ALA F 51 2.90 -46.90 59.48
CA ALA F 51 2.61 -47.08 58.07
C ALA F 51 1.19 -46.66 57.72
N THR F 52 0.21 -47.07 58.53
CA THR F 52 -1.17 -46.73 58.23
C THR F 52 -1.40 -45.23 58.34
N GLN F 53 -0.86 -44.59 59.37
CA GLN F 53 -1.04 -43.14 59.49
C GLN F 53 -0.36 -42.40 58.34
N GLU F 54 0.83 -42.84 57.95
CA GLU F 54 1.52 -42.18 56.84
C GLU F 54 0.75 -42.34 55.54
N LEU F 55 0.29 -43.56 55.25
CA LEU F 55 -0.46 -43.80 54.02
C LEU F 55 -1.77 -43.03 54.04
N LEU F 56 -2.38 -42.86 55.21
CA LEU F 56 -3.57 -42.02 55.31
C LEU F 56 -3.24 -40.57 55.05
N LYS F 57 -2.10 -40.09 55.56
CA LYS F 57 -1.70 -38.71 55.34
C LYS F 57 -1.51 -38.41 53.87
N TYR F 58 -0.71 -39.23 53.18
CA TYR F 58 -0.40 -38.94 51.79
C TYR F 58 -1.38 -39.60 50.83
N GLY F 59 -2.31 -40.41 51.34
CA GLY F 59 -3.29 -41.06 50.51
C GLY F 59 -2.76 -42.18 49.63
N LEU F 60 -1.46 -42.24 49.40
CA LEU F 60 -0.87 -43.27 48.58
C LEU F 60 0.55 -43.52 49.06
N LEU F 61 1.15 -44.61 48.59
CA LEU F 61 2.47 -45.00 49.05
C LEU F 61 3.16 -45.81 47.97
N GLU F 62 4.38 -45.40 47.63
CA GLU F 62 5.12 -45.96 46.51
C GLU F 62 6.36 -46.68 47.02
N GLU F 63 6.54 -47.94 46.59
CA GLU F 63 7.76 -48.66 46.92
C GLU F 63 9.00 -47.91 46.44
N ALA F 64 8.88 -47.20 45.32
CA ALA F 64 10.05 -46.56 44.72
C ALA F 64 10.67 -45.49 45.61
N SER F 65 9.90 -44.94 46.56
CA SER F 65 10.42 -43.86 47.40
C SER F 65 10.16 -44.06 48.89
N LYS F 66 9.36 -45.06 49.28
CA LYS F 66 9.07 -45.32 50.68
C LYS F 66 8.90 -46.83 50.87
N PRO F 67 9.89 -47.62 50.47
CA PRO F 67 9.70 -49.07 50.45
C PRO F 67 9.38 -49.68 51.80
N ASN F 68 9.91 -49.12 52.90
CA ASN F 68 9.73 -49.75 54.20
C ASN F 68 8.25 -49.80 54.59
N LEU F 69 7.58 -48.66 54.56
CA LEU F 69 6.16 -48.62 54.93
C LEU F 69 5.32 -49.38 53.93
N TYR F 70 5.66 -49.27 52.65
CA TYR F 70 4.97 -50.03 51.61
C TYR F 70 4.98 -51.52 51.93
N ARG F 71 6.17 -52.05 52.21
CA ARG F 71 6.28 -53.46 52.57
C ARG F 71 5.56 -53.77 53.87
N ILE F 72 5.66 -52.88 54.86
CA ILE F 72 4.97 -53.10 56.13
C ILE F 72 3.49 -53.33 55.90
N VAL F 73 2.87 -52.46 55.09
CA VAL F 73 1.47 -52.65 54.74
C VAL F 73 1.29 -53.95 53.98
N LEU F 74 2.19 -54.24 53.05
CA LEU F 74 2.08 -55.50 52.30
C LEU F 74 2.30 -56.71 53.18
N SER F 75 2.88 -56.53 54.37
CA SER F 75 3.08 -57.66 55.27
C SER F 75 1.85 -57.94 56.13
N HIS F 76 1.01 -56.94 56.36
CA HIS F 76 -0.21 -57.11 57.13
C HIS F 76 -1.38 -56.48 56.39
N PRO F 77 -1.58 -56.80 55.11
CA PRO F 77 -2.69 -56.17 54.38
C PRO F 77 -4.04 -56.41 55.03
N GLU F 78 -4.24 -57.57 55.65
CA GLU F 78 -5.47 -57.81 56.39
C GLU F 78 -5.62 -56.80 57.51
N GLU F 79 -4.54 -56.57 58.28
CA GLU F 79 -4.59 -55.60 59.37
C GLU F 79 -4.93 -54.21 58.85
N VAL F 80 -4.27 -53.79 57.77
CA VAL F 80 -4.52 -52.45 57.23
C VAL F 80 -5.96 -52.33 56.75
N THR F 81 -6.44 -53.34 56.02
CA THR F 81 -7.81 -53.31 55.54
C THR F 81 -8.80 -53.22 56.69
N ARG F 82 -8.56 -53.99 57.76
CA ARG F 82 -9.42 -53.89 58.93
C ARG F 82 -9.36 -52.48 59.52
N ILE F 83 -8.17 -51.90 59.59
CA ILE F 83 -8.01 -50.56 60.14
C ILE F 83 -8.81 -49.55 59.32
N LEU F 84 -8.81 -49.70 58.00
CA LEU F 84 -9.53 -48.75 57.15
C LEU F 84 -11.03 -48.93 57.25
N GLU F 85 -11.50 -50.13 57.58
CA GLU F 85 -12.94 -50.40 57.55
C GLU F 85 -13.73 -49.43 58.43
N PRO F 86 -13.34 -49.16 59.68
CA PRO F 86 -14.05 -48.10 60.43
C PRO F 86 -14.05 -46.76 59.71
N LEU F 87 -12.97 -46.44 59.00
CA LEU F 87 -12.87 -45.14 58.35
C LEU F 87 -13.74 -45.06 57.10
N ASP F 88 -14.40 -46.15 56.72
CA ASP F 88 -15.07 -46.24 55.42
C ASP F 88 -14.08 -46.02 54.29
N LEU F 89 -12.89 -46.60 54.44
CA LEU F 89 -11.84 -46.55 53.44
C LEU F 89 -11.43 -47.96 53.07
N ASP F 90 -10.60 -48.07 52.03
CA ASP F 90 -10.18 -49.36 51.50
C ASP F 90 -8.79 -49.19 50.88
N ILE F 91 -8.07 -50.29 50.75
CA ILE F 91 -6.70 -50.28 50.23
C ILE F 91 -6.66 -51.14 48.97
N GLY F 92 -6.41 -50.50 47.85
CA GLY F 92 -6.11 -51.20 46.60
C GLY F 92 -4.62 -51.46 46.50
N ILE F 93 -4.23 -52.29 45.54
CA ILE F 93 -2.84 -52.67 45.35
C ILE F 93 -2.52 -52.73 43.87
N ASP F 94 -1.27 -52.43 43.53
CA ASP F 94 -0.76 -52.59 42.17
C ASP F 94 0.73 -52.93 42.33
N GLU F 95 1.04 -54.22 42.44
CA GLU F 95 2.43 -54.62 42.62
C GLU F 95 3.24 -54.40 41.36
N ILE F 96 2.59 -54.40 40.19
CA ILE F 96 3.32 -54.25 38.94
C ILE F 96 4.00 -52.88 38.90
N ARG F 97 3.29 -51.83 39.31
CA ARG F 97 3.86 -50.49 39.39
C ARG F 97 4.34 -50.14 40.78
N GLY F 98 4.13 -51.02 41.77
CA GLY F 98 4.58 -50.76 43.12
C GLY F 98 3.85 -49.63 43.82
N LEU F 99 2.54 -49.55 43.62
CA LEU F 99 1.70 -48.55 44.28
C LEU F 99 0.74 -49.22 45.25
N LEU F 100 0.49 -48.53 46.36
CA LEU F 100 -0.57 -48.87 47.28
C LEU F 100 -1.37 -47.60 47.57
N TYR F 101 -2.62 -47.58 47.12
CA TYR F 101 -3.41 -46.34 47.16
C TYR F 101 -4.67 -46.59 47.96
N VAL F 102 -5.13 -45.52 48.63
CA VAL F 102 -6.37 -45.54 49.38
C VAL F 102 -7.52 -45.31 48.40
N LYS F 103 -8.68 -45.85 48.73
CA LYS F 103 -9.89 -45.69 47.92
C LYS F 103 -11.09 -45.82 48.84
N VAL F 104 -12.04 -44.91 48.67
CA VAL F 104 -13.23 -44.86 49.51
C VAL F 104 -13.89 -46.23 49.45
N ARG F 105 -14.23 -46.76 50.62
CA ARG F 105 -14.93 -48.04 50.68
C ARG F 105 -16.28 -47.93 50.00
N LEU F 106 -16.81 -49.08 49.56
CA LEU F 106 -18.04 -49.12 48.79
C LEU F 106 -19.08 -50.09 49.32
N ASP F 107 -18.90 -50.63 50.53
CA ASP F 107 -19.84 -51.61 51.05
C ASP F 107 -21.26 -51.06 51.13
N GLU F 108 -21.44 -49.87 51.72
CA GLU F 108 -22.76 -49.25 51.74
C GLU F 108 -22.71 -47.79 51.27
N THR F 109 -21.65 -47.39 50.58
CA THR F 109 -21.41 -46.00 50.23
C THR F 109 -22.36 -45.53 49.13
N PRO F 110 -23.04 -44.40 49.31
CA PRO F 110 -23.86 -43.87 48.21
C PRO F 110 -23.07 -43.73 46.92
N ALA F 111 -23.54 -44.41 45.87
CA ALA F 111 -22.84 -44.38 44.58
C ALA F 111 -22.90 -43.02 43.90
N GLN F 112 -23.72 -42.10 44.40
CA GLN F 112 -23.80 -40.77 43.81
C GLN F 112 -22.41 -40.16 43.68
N ASP F 113 -21.65 -40.16 44.77
CA ASP F 113 -20.23 -39.77 44.71
C ASP F 113 -19.58 -40.13 46.03
N GLU F 114 -18.44 -40.83 45.96
CA GLU F 114 -17.69 -41.13 47.18
C GLU F 114 -17.10 -39.87 47.79
N TRP F 115 -17.10 -38.76 47.05
CA TRP F 115 -16.48 -37.53 47.52
C TRP F 115 -17.25 -36.93 48.69
N ALA F 116 -18.53 -37.30 48.86
CA ALA F 116 -19.30 -36.79 49.98
C ALA F 116 -18.74 -37.26 51.32
N HIS F 117 -17.86 -38.25 51.29
CA HIS F 117 -17.29 -38.76 52.52
C HIS F 117 -16.58 -37.64 53.27
N PRO F 118 -16.81 -37.49 54.58
CA PRO F 118 -16.33 -36.28 55.27
C PRO F 118 -14.82 -36.19 55.42
N LEU F 119 -14.08 -37.25 55.15
CA LEU F 119 -12.64 -37.28 55.43
C LEU F 119 -11.77 -37.22 54.18
N VAL F 120 -12.33 -37.43 53.00
CA VAL F 120 -11.58 -37.20 51.76
C VAL F 120 -11.63 -35.69 51.53
N ARG F 121 -10.63 -34.99 52.06
CA ARG F 121 -10.75 -33.55 52.22
C ARG F 121 -10.61 -32.79 50.91
N ARG F 122 -9.75 -33.23 50.01
CA ARG F 122 -9.56 -32.53 48.75
C ARG F 122 -10.83 -32.60 47.92
N GLN F 123 -11.06 -31.55 47.13
CA GLN F 123 -12.34 -31.37 46.47
C GLN F 123 -12.46 -32.25 45.22
N ARG F 124 -13.66 -32.26 44.65
CA ARG F 124 -13.93 -33.05 43.46
C ARG F 124 -13.20 -32.50 42.25
N LEU F 125 -12.84 -33.40 41.34
CA LEU F 125 -12.19 -33.02 40.11
C LEU F 125 -13.19 -32.31 39.20
N ASN F 126 -12.66 -31.57 38.22
CA ASN F 126 -13.47 -30.85 37.25
C ASN F 126 -12.96 -31.12 35.85
N LEU F 127 -13.76 -30.76 34.84
CA LEU F 127 -13.57 -31.32 33.50
C LEU F 127 -12.35 -30.75 32.79
N GLU F 128 -11.91 -29.53 33.11
CA GLU F 128 -10.62 -29.09 32.61
C GLU F 128 -9.49 -29.90 33.22
N GLN F 129 -9.53 -30.09 34.54
CA GLN F 129 -8.61 -31.02 35.20
C GLN F 129 -8.73 -32.39 34.57
N SER F 130 -9.93 -32.77 34.14
CA SER F 130 -10.13 -34.09 33.54
C SER F 130 -9.48 -34.17 32.16
N LEU F 131 -9.56 -33.09 31.38
CA LEU F 131 -8.86 -33.06 30.10
C LEU F 131 -7.35 -33.19 30.30
N LEU F 132 -6.81 -32.43 31.25
CA LEU F 132 -5.39 -32.56 31.54
C LEU F 132 -5.06 -33.96 32.05
N VAL F 133 -5.95 -34.55 32.84
CA VAL F 133 -5.75 -35.91 33.33
C VAL F 133 -5.69 -36.89 32.16
N ALA F 134 -6.57 -36.70 31.18
CA ALA F 134 -6.56 -37.55 30.00
C ALA F 134 -5.25 -37.44 29.25
N ILE F 135 -4.76 -36.21 29.06
CA ILE F 135 -3.49 -36.03 28.36
C ILE F 135 -2.37 -36.73 29.14
N LEU F 136 -2.34 -36.53 30.46
CA LEU F 136 -1.30 -37.18 31.27
C LEU F 136 -1.43 -38.69 31.20
N ARG F 137 -2.64 -39.22 31.20
CA ARG F 137 -2.82 -40.66 31.11
C ARG F 137 -2.33 -41.20 29.78
N GLN F 138 -2.61 -40.49 28.68
CA GLN F 138 -2.09 -40.91 27.39
C GLN F 138 -0.57 -40.94 27.41
N HIS F 139 0.06 -39.89 27.94
CA HIS F 139 1.52 -39.89 28.04
C HIS F 139 2.02 -41.02 28.93
N PHE F 140 1.30 -41.29 30.02
CA PHE F 140 1.70 -42.34 30.94
C PHE F 140 1.67 -43.71 30.28
N VAL F 141 0.60 -43.99 29.53
CA VAL F 141 0.52 -45.29 28.86
C VAL F 141 1.57 -45.39 27.76
N ALA F 142 1.84 -44.29 27.04
CA ALA F 142 2.92 -44.33 26.06
C ALA F 142 4.25 -44.66 26.74
N TRP F 143 4.55 -43.98 27.85
CA TRP F 143 5.78 -44.27 28.58
C TRP F 143 5.80 -45.71 29.07
N GLU F 144 4.67 -46.22 29.55
CA GLU F 144 4.62 -47.61 29.99
C GLU F 144 4.96 -48.55 28.85
N GLN F 145 4.37 -48.34 27.68
CA GLN F 145 4.77 -49.14 26.53
C GLN F 145 6.27 -49.05 26.31
N GLU F 146 6.83 -47.85 26.41
CA GLU F 146 8.26 -47.68 26.18
C GLU F 146 9.09 -48.52 27.16
N SER F 147 8.72 -48.49 28.44
CA SER F 147 9.58 -49.06 29.47
C SER F 147 8.94 -50.22 30.21
N GLY F 148 7.89 -50.83 29.65
CA GLY F 148 7.11 -51.78 30.42
C GLY F 148 6.53 -51.08 31.62
N THR F 149 7.06 -51.38 32.80
CA THR F 149 6.81 -50.58 33.99
C THR F 149 8.04 -49.81 34.45
N GLY F 150 9.24 -50.26 34.08
CA GLY F 150 10.46 -49.53 34.38
C GLY F 150 10.49 -49.00 35.79
N ALA F 151 10.89 -47.74 35.92
CA ALA F 151 10.88 -47.05 37.20
C ALA F 151 9.63 -46.18 37.31
N SER F 152 9.45 -45.57 38.47
CA SER F 152 8.32 -44.65 38.67
C SER F 152 8.48 -43.36 37.88
N GLN F 153 9.60 -43.19 37.16
CA GLN F 153 9.88 -41.96 36.42
C GLN F 153 9.21 -41.97 35.05
N ALA F 154 7.91 -41.72 35.05
CA ALA F 154 7.19 -41.44 33.81
C ALA F 154 7.18 -39.93 33.60
N GLN F 155 8.25 -39.41 33.00
CA GLN F 155 8.50 -37.97 32.98
C GLN F 155 7.99 -37.34 31.70
N ILE F 156 7.69 -36.04 31.78
CA ILE F 156 7.28 -35.25 30.63
C ILE F 156 7.73 -33.81 30.84
N ALA F 157 8.12 -33.16 29.76
CA ALA F 157 8.50 -31.75 29.78
C ALA F 157 7.24 -30.89 29.72
N ILE F 158 7.20 -29.86 30.55
CA ILE F 158 6.01 -29.03 30.66
C ILE F 158 5.70 -28.38 29.32
N ASP F 159 6.74 -27.97 28.58
CA ASP F 159 6.51 -27.25 27.34
C ASP F 159 5.71 -28.06 26.33
N ASP F 160 5.67 -29.38 26.48
CA ASP F 160 4.90 -30.20 25.55
C ASP F 160 3.40 -30.11 25.82
N LEU F 161 3.02 -29.91 27.08
CA LEU F 161 1.59 -29.75 27.40
C LEU F 161 1.01 -28.49 26.77
N LEU F 162 1.82 -27.45 26.52
CA LEU F 162 1.27 -26.23 25.96
C LEU F 162 0.68 -26.45 24.58
N PRO F 163 1.37 -27.06 23.62
CA PRO F 163 0.72 -27.32 22.32
C PRO F 163 -0.57 -28.13 22.44
N GLN F 164 -0.62 -29.12 23.34
CA GLN F 164 -1.79 -29.97 23.42
C GLN F 164 -2.98 -29.22 24.03
N LEU F 165 -2.84 -28.77 25.27
CA LEU F 165 -3.94 -28.10 25.95
C LEU F 165 -4.33 -26.82 25.25
N GLN F 166 -3.41 -26.22 24.48
CA GLN F 166 -3.74 -25.00 23.73
C GLN F 166 -4.95 -25.22 22.85
N ILE F 167 -5.03 -26.37 22.18
CA ILE F 167 -6.11 -26.62 21.23
C ILE F 167 -7.46 -26.52 21.91
N TYR F 168 -7.55 -26.85 23.19
CA TYR F 168 -8.82 -26.93 23.91
C TYR F 168 -9.16 -25.64 24.63
N LEU F 169 -8.33 -25.23 25.59
CA LEU F 169 -8.62 -24.03 26.35
C LEU F 169 -8.46 -22.75 25.54
N GLY F 170 -7.89 -22.84 24.35
CA GLY F 170 -7.77 -21.69 23.47
C GLY F 170 -6.33 -21.24 23.31
N ASP F 171 -6.19 -19.97 22.95
CA ASP F 171 -4.87 -19.37 22.69
C ASP F 171 -4.98 -17.87 22.96
N PRO F 172 -4.83 -17.45 24.22
CA PRO F 172 -4.90 -16.01 24.51
C PRO F 172 -3.71 -15.24 23.94
N GLY F 173 -2.81 -15.94 23.27
CA GLY F 173 -1.71 -15.31 22.57
C GLY F 173 -0.56 -14.86 23.44
N SER F 174 -0.65 -15.04 24.76
CA SER F 174 0.41 -14.63 25.68
C SER F 174 1.01 -15.91 26.27
N GLU F 175 2.23 -16.24 25.86
CA GLU F 175 2.86 -17.47 26.34
C GLU F 175 2.87 -17.52 27.86
N SER F 176 3.17 -16.39 28.51
CA SER F 176 3.17 -16.36 29.96
C SER F 176 1.81 -16.70 30.54
N LYS F 177 0.73 -16.17 29.96
CA LYS F 177 -0.60 -16.44 30.48
C LYS F 177 -0.95 -17.91 30.38
N GLU F 178 -0.72 -18.53 29.22
CA GLU F 178 -1.01 -19.95 29.08
C GLU F 178 -0.13 -20.79 30.00
N ARG F 179 1.14 -20.40 30.16
CA ARG F 179 2.01 -21.11 31.09
C ARG F 179 1.49 -21.02 32.51
N THR F 180 1.02 -19.83 32.91
CA THR F 180 0.46 -19.70 34.25
C THR F 180 -0.77 -20.58 34.43
N ARG F 181 -1.65 -20.61 33.42
CA ARG F 181 -2.82 -21.46 33.48
C ARG F 181 -2.43 -22.92 33.59
N LEU F 182 -1.46 -23.36 32.77
CA LEU F 182 -1.04 -24.75 32.80
C LEU F 182 -0.43 -25.12 34.14
N LEU F 183 0.41 -24.23 34.69
CA LEU F 183 1.02 -24.50 35.99
C LEU F 183 -0.03 -24.52 37.10
N THR F 184 -1.05 -23.67 37.02
CA THR F 184 -2.13 -23.75 37.99
C THR F 184 -2.83 -25.09 37.92
N LEU F 185 -3.13 -25.56 36.70
CA LEU F 185 -3.77 -26.87 36.56
C LEU F 185 -2.88 -27.97 37.11
N LEU F 186 -1.58 -27.92 36.80
CA LEU F 186 -0.66 -28.95 37.29
C LEU F 186 -0.57 -28.93 38.81
N ASP F 187 -0.54 -27.73 39.41
CA ASP F 187 -0.51 -27.64 40.86
C ASP F 187 -1.77 -28.23 41.47
N GLN F 188 -2.93 -27.90 40.91
CA GLN F 188 -4.17 -28.48 41.41
C GLN F 188 -4.18 -29.99 41.27
N LEU F 189 -3.63 -30.52 40.17
CA LEU F 189 -3.52 -31.97 40.03
C LEU F 189 -2.59 -32.56 41.09
N LYS F 190 -1.45 -31.91 41.33
CA LYS F 190 -0.58 -32.37 42.41
C LYS F 190 -1.28 -32.32 43.75
N GLY F 191 -2.27 -31.43 43.89
CA GLY F 191 -3.10 -31.47 45.08
C GLY F 191 -3.80 -32.79 45.25
N HIS F 192 -4.21 -33.41 44.14
CA HIS F 192 -4.75 -34.77 44.15
C HIS F 192 -3.67 -35.83 44.13
N GLY F 193 -2.41 -35.45 43.94
CA GLY F 193 -1.30 -36.38 44.02
C GLY F 193 -1.01 -37.14 42.75
N LEU F 194 -1.41 -36.62 41.58
CA LEU F 194 -1.22 -37.34 40.33
C LEU F 194 0.03 -36.91 39.57
N VAL F 195 0.71 -35.86 40.02
CA VAL F 195 1.88 -35.35 39.32
C VAL F 195 2.76 -34.60 40.31
N THR F 196 4.06 -34.86 40.25
CA THR F 196 5.01 -34.11 41.06
C THR F 196 5.04 -32.65 40.60
N SER F 197 5.23 -31.75 41.56
CA SER F 197 5.28 -30.34 41.22
C SER F 197 6.42 -30.07 40.24
N PRO F 198 6.33 -29.00 39.47
CA PRO F 198 7.44 -28.66 38.56
C PRO F 198 8.73 -28.50 39.33
N ASP F 199 9.83 -28.92 38.71
CA ASP F 199 11.14 -28.91 39.32
C ASP F 199 12.03 -27.93 38.56
N ALA F 200 13.32 -27.92 38.90
CA ALA F 200 14.26 -26.98 38.30
C ALA F 200 14.43 -27.19 36.79
N HIS F 201 14.13 -28.38 36.29
CA HIS F 201 14.25 -28.67 34.86
C HIS F 201 12.92 -28.57 34.13
N GLU F 202 11.89 -28.01 34.78
CA GLU F 202 10.57 -27.86 34.15
C GLU F 202 10.02 -29.21 33.71
N ARG F 203 10.31 -30.26 34.47
CA ARG F 203 9.84 -31.60 34.18
C ARG F 203 9.10 -32.15 35.40
N ILE F 204 8.15 -33.04 35.13
CA ILE F 204 7.36 -33.65 36.18
C ILE F 204 7.24 -35.15 35.92
N VAL F 205 7.02 -35.90 36.99
CA VAL F 205 6.83 -37.35 36.92
C VAL F 205 5.37 -37.63 37.18
N ILE F 206 4.67 -38.14 36.17
CA ILE F 206 3.29 -38.55 36.35
C ILE F 206 3.25 -39.67 37.39
N ARG F 207 2.63 -39.39 38.52
CA ARG F 207 2.57 -40.39 39.58
C ARG F 207 1.83 -41.62 39.09
N PRO F 208 2.30 -42.82 39.43
CA PRO F 208 1.61 -44.03 38.93
C PRO F 208 0.15 -44.11 39.33
N ILE F 209 -0.27 -43.38 40.35
CA ILE F 209 -1.67 -43.38 40.76
C ILE F 209 -2.58 -43.06 39.58
N ILE F 210 -2.06 -42.35 38.57
CA ILE F 210 -2.86 -41.97 37.42
C ILE F 210 -3.53 -43.18 36.78
N ALA F 211 -2.83 -44.32 36.74
CA ALA F 211 -3.39 -45.50 36.09
C ALA F 211 -4.74 -45.88 36.66
N HIS F 212 -4.90 -45.77 37.98
CA HIS F 212 -6.12 -46.22 38.64
C HIS F 212 -7.20 -45.14 38.73
N LEU F 213 -6.90 -43.90 38.37
CA LEU F 213 -7.95 -42.90 38.23
C LEU F 213 -8.53 -42.91 36.82
N ALA F 214 -7.66 -42.96 35.82
CA ALA F 214 -8.09 -43.17 34.44
C ALA F 214 -8.11 -44.65 34.09
N ASP F 215 -8.76 -45.42 34.96
CA ASP F 215 -8.99 -46.84 34.70
C ASP F 215 -10.03 -46.97 33.59
N PRO F 216 -9.78 -47.80 32.57
CA PRO F 216 -10.71 -47.85 31.44
C PRO F 216 -12.17 -47.91 31.82
N ILE F 217 -12.52 -48.52 32.96
CA ILE F 217 -13.91 -48.50 33.41
C ILE F 217 -14.34 -47.09 33.76
N ASN F 218 -13.54 -46.39 34.57
CA ASN F 218 -13.82 -44.99 34.87
C ASN F 218 -13.83 -44.15 33.60
N LEU F 219 -12.96 -44.48 32.64
CA LEU F 219 -12.92 -43.74 31.39
C LEU F 219 -14.22 -43.92 30.63
N GLN F 220 -14.76 -45.14 30.58
CA GLN F 220 -16.05 -45.35 29.93
C GLN F 220 -17.16 -44.61 30.65
N ALA F 221 -17.15 -44.62 31.98
CA ALA F 221 -18.17 -43.88 32.71
C ALA F 221 -18.13 -42.39 32.36
N LEU F 222 -16.95 -41.78 32.46
CA LEU F 222 -16.80 -40.36 32.16
C LEU F 222 -17.13 -40.09 30.71
N LEU F 223 -16.78 -41.01 29.82
CA LEU F 223 -17.05 -40.83 28.39
C LEU F 223 -18.54 -40.86 28.10
N ALA F 224 -19.27 -41.75 28.75
CA ALA F 224 -20.72 -41.78 28.60
C ALA F 224 -21.33 -40.48 29.12
N TRP F 225 -20.86 -40.01 30.27
CA TRP F 225 -21.37 -38.74 30.79
C TRP F 225 -21.02 -37.58 29.86
N LEU F 226 -19.84 -37.62 29.23
CA LEU F 226 -19.45 -36.56 28.32
C LEU F 226 -20.28 -36.58 27.05
N ARG F 227 -20.61 -37.78 26.55
CA ARG F 227 -21.55 -37.88 25.43
C ARG F 227 -22.92 -37.34 25.82
N GLU F 228 -23.36 -37.66 27.04
CA GLU F 228 -24.61 -37.08 27.55
C GLU F 228 -24.56 -35.56 27.50
N GLN F 229 -23.48 -34.96 27.99
CA GLN F 229 -23.37 -33.51 27.98
C GLN F 229 -23.30 -32.95 26.56
N ILE F 230 -22.57 -33.61 25.66
CA ILE F 230 -22.54 -33.18 24.27
C ILE F 230 -23.94 -33.18 23.69
N ALA F 231 -24.74 -34.20 23.99
CA ALA F 231 -26.13 -34.20 23.58
C ALA F 231 -26.88 -33.03 24.18
N GLN F 232 -26.63 -32.74 25.46
CA GLN F 232 -27.27 -31.60 26.10
C GLN F 232 -26.84 -30.28 25.48
N GLN F 233 -25.68 -30.26 24.82
CA GLN F 233 -25.21 -29.03 24.18
C GLN F 233 -26.16 -28.55 23.11
N THR F 234 -26.99 -29.42 22.57
CA THR F 234 -27.96 -29.05 21.54
C THR F 234 -28.82 -27.88 22.01
N SER G 40 -14.29 -59.07 53.85
CA SER G 40 -13.72 -59.68 55.10
C SER G 40 -14.82 -59.91 56.12
N GLU G 41 -14.52 -59.67 57.40
CA GLU G 41 -15.52 -59.85 58.44
C GLU G 41 -16.65 -58.82 58.27
N THR G 42 -17.65 -58.94 59.14
CA THR G 42 -18.77 -58.01 59.10
C THR G 42 -18.29 -56.59 59.42
N ARG G 43 -19.14 -55.63 59.10
CA ARG G 43 -18.78 -54.23 59.24
C ARG G 43 -19.02 -53.73 60.65
N THR G 44 -18.34 -52.64 61.00
CA THR G 44 -18.69 -51.88 62.18
C THR G 44 -20.06 -51.23 61.98
N LEU G 45 -20.74 -50.94 63.08
CA LEU G 45 -22.05 -50.32 62.99
C LEU G 45 -21.97 -49.04 62.17
N GLN G 46 -22.93 -48.85 61.27
CA GLN G 46 -22.92 -47.66 60.43
C GLN G 46 -23.02 -46.40 61.28
N LYS G 47 -23.85 -46.42 62.32
CA LYS G 47 -23.96 -45.27 63.20
C LYS G 47 -22.61 -44.97 63.86
N ILE G 48 -21.91 -46.01 64.32
CA ILE G 48 -20.64 -45.80 65.00
C ILE G 48 -19.63 -45.17 64.05
N ARG G 49 -19.54 -45.71 62.82
CA ARG G 49 -18.58 -45.18 61.86
C ARG G 49 -18.94 -43.75 61.48
N GLU G 50 -20.23 -43.47 61.31
CA GLU G 50 -20.66 -42.11 61.01
C GLU G 50 -20.25 -41.14 62.12
N ALA G 51 -20.48 -41.53 63.37
CA ALA G 51 -20.11 -40.69 64.50
C ALA G 51 -18.60 -40.49 64.55
N THR G 52 -17.83 -41.55 64.32
CA THR G 52 -16.38 -41.44 64.35
C THR G 52 -15.88 -40.50 63.27
N GLN G 53 -16.41 -40.63 62.05
CA GLN G 53 -16.01 -39.73 60.97
C GLN G 53 -16.40 -38.30 61.26
N GLU G 54 -17.59 -38.08 61.84
CA GLU G 54 -17.98 -36.74 62.23
C GLU G 54 -17.01 -36.16 63.26
N LEU G 55 -16.68 -36.95 64.28
CA LEU G 55 -15.77 -36.49 65.33
C LEU G 55 -14.37 -36.22 64.78
N LEU G 56 -13.96 -36.96 63.74
CA LEU G 56 -12.69 -36.68 63.11
C LEU G 56 -12.73 -35.42 62.25
N LYS G 57 -13.83 -35.23 61.51
CA LYS G 57 -13.97 -34.03 60.69
C LYS G 57 -13.94 -32.78 61.56
N TYR G 58 -14.69 -32.77 62.66
CA TYR G 58 -14.79 -31.57 63.47
C TYR G 58 -13.78 -31.56 64.61
N GLY G 59 -13.21 -32.71 64.94
CA GLY G 59 -12.37 -32.83 66.11
C GLY G 59 -13.11 -32.81 67.42
N LEU G 60 -14.44 -32.69 67.39
CA LEU G 60 -15.23 -32.63 68.60
C LEU G 60 -16.67 -33.04 68.30
N LEU G 61 -17.38 -33.44 69.34
CA LEU G 61 -18.81 -33.70 69.28
C LEU G 61 -19.46 -33.08 70.51
N GLU G 62 -20.73 -32.71 70.39
CA GLU G 62 -21.44 -32.01 71.44
C GLU G 62 -22.77 -32.68 71.70
N GLU G 63 -23.15 -32.76 72.97
CA GLU G 63 -24.51 -33.16 73.31
C GLU G 63 -25.51 -32.04 73.03
N ALA G 64 -25.05 -30.78 73.05
CA ALA G 64 -25.94 -29.65 72.80
C ALA G 64 -26.42 -29.60 71.36
N SER G 65 -25.61 -30.00 70.39
CA SER G 65 -25.96 -29.88 68.99
C SER G 65 -26.08 -31.25 68.32
N LYS G 66 -25.25 -32.20 68.75
CA LYS G 66 -25.26 -33.55 68.18
C LYS G 66 -25.36 -34.59 69.31
N PRO G 67 -26.45 -34.58 70.07
CA PRO G 67 -26.57 -35.56 71.17
C PRO G 67 -26.61 -37.01 70.69
N ASN G 68 -27.03 -37.27 69.45
CA ASN G 68 -27.17 -38.64 69.00
C ASN G 68 -25.81 -39.26 68.70
N LEU G 69 -25.00 -38.61 67.88
CA LEU G 69 -23.64 -39.10 67.64
C LEU G 69 -22.81 -39.07 68.92
N TYR G 70 -23.03 -38.04 69.75
CA TYR G 70 -22.36 -37.95 71.03
C TYR G 70 -22.65 -39.17 71.89
N ARG G 71 -23.93 -39.55 72.01
CA ARG G 71 -24.30 -40.72 72.78
C ARG G 71 -23.83 -42.00 72.11
N ILE G 72 -23.77 -42.02 70.78
CA ILE G 72 -23.24 -43.19 70.07
C ILE G 72 -21.79 -43.41 70.45
N VAL G 73 -20.99 -42.35 70.42
CA VAL G 73 -19.59 -42.47 70.80
C VAL G 73 -19.46 -42.88 72.27
N LEU G 74 -20.26 -42.27 73.15
CA LEU G 74 -20.17 -42.62 74.55
C LEU G 74 -20.53 -44.08 74.80
N SER G 75 -21.60 -44.57 74.16
CA SER G 75 -22.02 -45.94 74.37
C SER G 75 -21.07 -46.93 73.70
N HIS G 76 -20.19 -46.44 72.82
CA HIS G 76 -19.23 -47.29 72.13
C HIS G 76 -17.83 -46.73 72.32
N PRO G 77 -17.37 -46.59 73.57
CA PRO G 77 -16.05 -45.98 73.77
C PRO G 77 -14.91 -46.93 73.45
N GLU G 78 -15.01 -48.20 73.85
CA GLU G 78 -13.93 -49.14 73.58
C GLU G 78 -13.74 -49.32 72.09
N GLU G 79 -14.84 -49.47 71.34
CA GLU G 79 -14.73 -49.60 69.89
C GLU G 79 -14.12 -48.35 69.28
N VAL G 80 -14.55 -47.17 69.74
CA VAL G 80 -14.01 -45.92 69.18
C VAL G 80 -12.51 -45.86 69.40
N THR G 81 -12.07 -46.07 70.65
CA THR G 81 -10.64 -45.97 70.94
C THR G 81 -9.85 -47.06 70.23
N ARG G 82 -10.44 -48.25 70.05
CA ARG G 82 -9.79 -49.28 69.26
C ARG G 82 -9.58 -48.82 67.83
N ILE G 83 -10.61 -48.21 67.23
CA ILE G 83 -10.47 -47.65 65.89
C ILE G 83 -9.36 -46.62 65.86
N LEU G 84 -9.28 -45.79 66.91
CA LEU G 84 -8.26 -44.75 66.94
C LEU G 84 -6.87 -45.32 67.27
N GLU G 85 -6.81 -46.51 67.86
CA GLU G 85 -5.52 -47.05 68.30
C GLU G 85 -4.53 -47.17 67.15
N PRO G 86 -4.87 -47.73 65.99
CA PRO G 86 -3.93 -47.73 64.88
C PRO G 86 -3.49 -46.33 64.46
N LEU G 87 -4.35 -45.33 64.66
CA LEU G 87 -4.04 -43.97 64.21
C LEU G 87 -3.16 -43.21 65.20
N ASP G 88 -2.90 -43.76 66.38
CA ASP G 88 -2.34 -43.00 67.49
C ASP G 88 -3.27 -41.86 67.93
N LEU G 89 -4.57 -42.15 67.98
CA LEU G 89 -5.59 -41.18 68.34
C LEU G 89 -6.39 -41.68 69.54
N ASP G 90 -7.09 -40.76 70.17
CA ASP G 90 -7.94 -41.07 71.32
C ASP G 90 -8.95 -39.95 71.48
N ILE G 91 -9.94 -40.16 72.35
CA ILE G 91 -10.98 -39.18 72.59
C ILE G 91 -10.96 -38.78 74.06
N GLY G 92 -10.73 -37.50 74.32
CA GLY G 92 -10.92 -36.92 75.64
C GLY G 92 -12.36 -36.47 75.79
N ILE G 93 -12.84 -36.46 77.03
CA ILE G 93 -14.26 -36.28 77.30
C ILE G 93 -14.46 -35.31 78.46
N ASP G 94 -15.64 -34.72 78.50
CA ASP G 94 -16.10 -33.92 79.63
C ASP G 94 -17.63 -33.94 79.60
N GLU G 95 -18.23 -34.78 80.45
CA GLU G 95 -19.68 -34.92 80.42
C GLU G 95 -20.37 -33.67 80.94
N ILE G 96 -19.79 -33.02 81.95
CA ILE G 96 -20.40 -31.82 82.50
C ILE G 96 -20.44 -30.70 81.45
N ARG G 97 -19.38 -30.57 80.67
CA ARG G 97 -19.35 -29.58 79.60
C ARG G 97 -20.01 -30.08 78.32
N GLY G 98 -20.50 -31.31 78.30
CA GLY G 98 -21.10 -31.84 77.08
C GLY G 98 -20.15 -31.86 75.91
N LEU G 99 -18.88 -32.16 76.14
CA LEU G 99 -17.83 -32.05 75.14
C LEU G 99 -17.18 -33.39 74.90
N LEU G 100 -16.97 -33.70 73.63
CA LEU G 100 -16.09 -34.78 73.18
C LEU G 100 -15.08 -34.18 72.22
N TYR G 101 -13.84 -34.66 72.27
CA TYR G 101 -12.79 -34.11 71.43
C TYR G 101 -11.68 -35.13 71.25
N VAL G 102 -10.95 -34.97 70.16
CA VAL G 102 -9.87 -35.89 69.80
C VAL G 102 -8.59 -35.40 70.46
N LYS G 103 -7.70 -36.34 70.75
CA LYS G 103 -6.46 -36.04 71.46
C LYS G 103 -5.42 -37.09 71.09
N VAL G 104 -4.17 -36.66 71.06
CA VAL G 104 -3.06 -37.49 70.59
C VAL G 104 -2.88 -38.63 71.58
N ARG G 105 -3.07 -39.86 71.10
CA ARG G 105 -2.82 -41.04 71.92
C ARG G 105 -1.35 -41.20 72.30
N LEU G 106 -0.44 -40.56 71.57
CA LEU G 106 0.97 -40.66 71.90
C LEU G 106 1.21 -40.13 73.31
N ASP G 107 2.08 -40.79 74.06
CA ASP G 107 2.35 -40.38 75.42
C ASP G 107 3.13 -39.05 75.41
N GLU G 108 3.46 -38.58 76.61
CA GLU G 108 4.31 -37.41 76.75
C GLU G 108 5.76 -37.84 76.65
N THR G 109 6.45 -37.37 75.61
CA THR G 109 7.84 -37.69 75.31
C THR G 109 8.15 -39.17 75.55
N PRO G 110 7.42 -40.09 74.91
CA PRO G 110 7.79 -41.51 75.02
C PRO G 110 9.19 -41.80 74.50
N ALA G 111 9.59 -41.18 73.39
CA ALA G 111 10.96 -41.32 72.89
C ALA G 111 11.54 -39.97 72.49
N GLN G 112 10.68 -39.02 72.13
CA GLN G 112 11.09 -37.70 71.67
C GLN G 112 10.27 -36.63 72.36
N ASP G 113 10.92 -35.52 72.71
CA ASP G 113 10.30 -34.54 73.61
C ASP G 113 8.97 -34.03 73.07
N GLU G 114 8.92 -33.65 71.79
CA GLU G 114 7.74 -33.03 71.22
C GLU G 114 7.15 -33.96 70.18
N TRP G 115 5.82 -34.01 70.10
CA TRP G 115 5.14 -34.96 69.22
C TRP G 115 4.90 -34.34 67.85
N ALA G 116 5.08 -35.17 66.82
CA ALA G 116 4.98 -34.74 65.42
C ALA G 116 4.01 -35.68 64.68
N HIS G 117 2.85 -35.88 65.27
CA HIS G 117 1.85 -36.81 64.73
C HIS G 117 1.61 -36.49 63.25
N PRO G 118 1.87 -37.43 62.32
CA PRO G 118 1.76 -37.09 60.90
C PRO G 118 0.39 -36.58 60.48
N LEU G 119 -0.68 -37.06 61.10
CA LEU G 119 -2.04 -36.69 60.71
C LEU G 119 -2.55 -35.45 61.45
N VAL G 120 -1.69 -34.77 62.20
CA VAL G 120 -2.11 -33.60 62.96
C VAL G 120 -1.03 -32.52 62.85
N ARG G 121 -1.26 -31.53 61.99
CA ARG G 121 -0.29 -30.45 61.82
C ARG G 121 -0.50 -29.38 62.88
N ARG G 122 0.58 -29.01 63.57
CA ARG G 122 0.52 -28.07 64.69
C ARG G 122 0.70 -26.66 64.16
N GLN G 123 -0.43 -26.00 63.89
CA GLN G 123 -0.40 -24.63 63.40
C GLN G 123 -0.06 -23.68 64.53
N ARG G 124 0.79 -22.69 64.24
CA ARG G 124 1.06 -21.60 65.18
C ARG G 124 0.34 -20.36 64.69
N LEU G 125 -0.60 -19.87 65.49
CA LEU G 125 -1.43 -18.75 65.08
C LEU G 125 -0.62 -17.45 65.02
N ASN G 126 -1.14 -16.48 64.29
CA ASN G 126 -0.58 -15.14 64.27
C ASN G 126 -1.00 -14.39 65.54
N LEU G 127 -0.45 -13.19 65.72
CA LEU G 127 -0.62 -12.48 66.99
C LEU G 127 -2.09 -12.18 67.27
N GLU G 128 -2.83 -11.71 66.26
CA GLU G 128 -4.22 -11.33 66.49
C GLU G 128 -5.06 -12.52 66.95
N GLN G 129 -4.90 -13.66 66.29
CA GLN G 129 -5.61 -14.87 66.70
C GLN G 129 -5.23 -15.27 68.12
N SER G 130 -3.94 -15.13 68.46
CA SER G 130 -3.51 -15.45 69.81
C SER G 130 -4.18 -14.54 70.84
N LEU G 131 -4.27 -13.25 70.54
CA LEU G 131 -4.92 -12.32 71.46
C LEU G 131 -6.38 -12.69 71.63
N LEU G 132 -7.06 -12.98 70.52
CA LEU G 132 -8.47 -13.37 70.62
C LEU G 132 -8.63 -14.67 71.40
N VAL G 133 -7.70 -15.60 71.22
CA VAL G 133 -7.75 -16.87 71.94
C VAL G 133 -7.60 -16.62 73.44
N ALA G 134 -6.66 -15.77 73.82
CA ALA G 134 -6.47 -15.45 75.23
C ALA G 134 -7.71 -14.77 75.80
N ILE G 135 -8.28 -13.82 75.06
CA ILE G 135 -9.50 -13.15 75.51
C ILE G 135 -10.60 -14.17 75.74
N LEU G 136 -10.82 -15.05 74.78
CA LEU G 136 -11.87 -16.05 74.90
C LEU G 136 -11.60 -17.00 76.05
N ARG G 137 -10.34 -17.41 76.23
CA ARG G 137 -9.99 -18.31 77.31
C ARG G 137 -10.35 -17.69 78.66
N GLN G 138 -9.87 -16.46 78.89
CA GLN G 138 -10.13 -15.82 80.18
C GLN G 138 -11.61 -15.54 80.38
N HIS G 139 -12.31 -15.08 79.33
CA HIS G 139 -13.73 -14.77 79.47
C HIS G 139 -14.54 -16.04 79.73
N PHE G 140 -14.21 -17.13 79.05
CA PHE G 140 -14.90 -18.40 79.28
C PHE G 140 -14.65 -18.90 80.69
N VAL G 141 -13.40 -18.77 81.17
CA VAL G 141 -13.10 -19.16 82.54
C VAL G 141 -13.93 -18.33 83.51
N ALA G 142 -14.02 -17.03 83.29
CA ALA G 142 -14.81 -16.17 84.17
C ALA G 142 -16.28 -16.56 84.15
N TRP G 143 -16.81 -16.84 82.96
CA TRP G 143 -18.22 -17.24 82.86
C TRP G 143 -18.45 -18.57 83.54
N GLU G 144 -17.47 -19.47 83.50
CA GLU G 144 -17.61 -20.75 84.18
C GLU G 144 -17.50 -20.60 85.69
N GLN G 145 -16.74 -19.60 86.15
CA GLN G 145 -16.81 -19.25 87.57
C GLN G 145 -18.18 -18.73 87.95
N GLU G 146 -18.76 -17.88 87.09
CA GLU G 146 -20.02 -17.23 87.43
C GLU G 146 -21.18 -18.23 87.42
N SER G 147 -21.26 -19.07 86.39
CA SER G 147 -22.40 -19.98 86.25
C SER G 147 -22.03 -21.42 86.61
N GLY G 148 -20.77 -21.68 86.86
CA GLY G 148 -20.30 -23.05 87.01
C GLY G 148 -19.73 -23.60 85.72
N THR G 149 -19.09 -24.76 85.82
CA THR G 149 -18.40 -25.34 84.68
C THR G 149 -19.37 -25.98 83.70
N GLY G 150 -19.56 -25.32 82.56
CA GLY G 150 -20.39 -25.86 81.50
C GLY G 150 -21.88 -25.81 81.81
N ALA G 151 -22.24 -25.19 82.93
CA ALA G 151 -23.64 -25.11 83.32
C ALA G 151 -24.44 -24.16 82.42
N SER G 152 -23.87 -22.99 82.12
CA SER G 152 -24.53 -22.00 81.28
C SER G 152 -23.61 -21.65 80.13
N GLN G 153 -24.17 -21.62 78.92
CA GLN G 153 -23.38 -21.27 77.74
C GLN G 153 -22.81 -19.87 77.89
N ALA G 154 -21.53 -19.70 77.55
CA ALA G 154 -20.90 -18.39 77.64
C ALA G 154 -21.23 -17.57 76.40
N GLN G 155 -21.54 -16.30 76.60
CA GLN G 155 -21.93 -15.40 75.52
C GLN G 155 -21.06 -14.14 75.55
N ILE G 156 -20.93 -13.51 74.38
CA ILE G 156 -20.25 -12.22 74.25
C ILE G 156 -20.72 -11.58 72.96
N ALA G 157 -20.62 -10.24 72.92
CA ALA G 157 -21.12 -9.46 71.80
C ALA G 157 -19.96 -8.98 70.92
N ILE G 158 -20.23 -8.91 69.61
CA ILE G 158 -19.24 -8.41 68.68
C ILE G 158 -18.86 -6.97 69.02
N ASP G 159 -19.85 -6.17 69.40
CA ASP G 159 -19.59 -4.78 69.77
C ASP G 159 -18.69 -4.70 70.99
N ASP G 160 -18.77 -5.66 71.90
CA ASP G 160 -17.84 -5.71 73.01
C ASP G 160 -16.43 -6.05 72.53
N LEU G 161 -16.32 -6.99 71.59
CA LEU G 161 -15.01 -7.43 71.14
C LEU G 161 -14.27 -6.32 70.40
N LEU G 162 -14.93 -5.69 69.42
CA LEU G 162 -14.21 -4.80 68.51
C LEU G 162 -13.39 -3.74 69.23
N PRO G 163 -13.92 -3.03 70.22
CA PRO G 163 -13.09 -2.02 70.91
C PRO G 163 -11.83 -2.60 71.52
N GLN G 164 -11.89 -3.81 72.09
CA GLN G 164 -10.70 -4.41 72.67
C GLN G 164 -9.65 -4.73 71.61
N LEU G 165 -10.09 -5.23 70.46
CA LEU G 165 -9.16 -5.48 69.38
C LEU G 165 -8.53 -4.18 68.89
N GLN G 166 -9.33 -3.12 68.79
CA GLN G 166 -8.77 -1.82 68.42
C GLN G 166 -7.77 -1.33 69.47
N ILE G 167 -8.05 -1.59 70.75
CA ILE G 167 -7.16 -1.15 71.82
C ILE G 167 -5.81 -1.86 71.71
N TYR G 168 -5.84 -3.18 71.58
CA TYR G 168 -4.58 -3.94 71.65
C TYR G 168 -3.83 -3.91 70.32
N LEU G 169 -4.56 -3.87 69.20
CA LEU G 169 -3.92 -3.93 67.90
C LEU G 169 -3.77 -2.54 67.28
N GLY G 170 -4.82 -1.74 67.33
CA GLY G 170 -4.85 -0.45 66.67
C GLY G 170 -5.85 -0.42 65.53
N ASP G 171 -6.22 0.80 65.15
CA ASP G 171 -7.23 0.98 64.11
C ASP G 171 -6.64 0.59 62.76
N PRO G 172 -7.19 -0.40 62.05
CA PRO G 172 -6.69 -0.72 60.70
C PRO G 172 -7.00 0.35 59.67
N GLY G 173 -7.88 1.30 59.98
CA GLY G 173 -8.22 2.34 59.06
C GLY G 173 -9.68 2.77 59.12
N SER G 174 -10.53 1.94 59.74
CA SER G 174 -11.95 2.26 59.84
C SER G 174 -12.63 1.19 60.70
N GLU G 175 -13.85 1.51 61.13
CA GLU G 175 -14.65 0.54 61.85
C GLU G 175 -15.01 -0.65 60.95
N SER G 176 -15.28 -0.38 59.67
CA SER G 176 -15.57 -1.47 58.75
C SER G 176 -14.42 -2.45 58.67
N LYS G 177 -13.18 -1.95 58.57
CA LYS G 177 -12.03 -2.84 58.57
C LYS G 177 -11.90 -3.60 59.88
N GLU G 178 -12.25 -2.96 61.01
CA GLU G 178 -12.22 -3.67 62.28
C GLU G 178 -13.20 -4.83 62.27
N ARG G 179 -14.42 -4.60 61.80
CA ARG G 179 -15.40 -5.68 61.73
C ARG G 179 -14.94 -6.77 60.79
N THR G 180 -14.36 -6.39 59.65
CA THR G 180 -13.86 -7.39 58.70
C THR G 180 -12.79 -8.26 59.32
N ARG G 181 -11.82 -7.63 60.00
CA ARG G 181 -10.74 -8.39 60.63
C ARG G 181 -11.28 -9.30 61.73
N LEU G 182 -12.19 -8.76 62.56
CA LEU G 182 -12.75 -9.57 63.64
C LEU G 182 -13.52 -10.76 63.09
N LEU G 183 -14.29 -10.55 62.01
CA LEU G 183 -15.07 -11.64 61.45
C LEU G 183 -14.18 -12.65 60.76
N THR G 184 -13.08 -12.21 60.13
CA THR G 184 -12.12 -13.16 59.58
C THR G 184 -11.53 -14.02 60.68
N LEU G 185 -11.11 -13.40 61.78
CA LEU G 185 -10.55 -14.15 62.90
C LEU G 185 -11.58 -15.12 63.46
N LEU G 186 -12.82 -14.66 63.63
CA LEU G 186 -13.87 -15.51 64.18
C LEU G 186 -14.16 -16.68 63.26
N ASP G 187 -14.24 -16.44 61.96
CA ASP G 187 -14.48 -17.52 61.01
C ASP G 187 -13.35 -18.54 61.06
N GLN G 188 -12.11 -18.08 61.10
CA GLN G 188 -10.99 -19.01 61.17
C GLN G 188 -11.04 -19.83 62.45
N LEU G 189 -11.20 -19.18 63.60
CA LEU G 189 -11.24 -19.92 64.86
C LEU G 189 -12.40 -20.90 64.89
N LYS G 190 -13.58 -20.47 64.43
CA LYS G 190 -14.70 -21.37 64.27
C LYS G 190 -14.34 -22.54 63.38
N GLY G 191 -13.45 -22.33 62.41
CA GLY G 191 -12.91 -23.44 61.65
C GLY G 191 -12.12 -24.40 62.54
N HIS G 192 -11.38 -23.87 63.50
CA HIS G 192 -10.72 -24.68 64.51
C HIS G 192 -11.66 -25.12 65.62
N GLY G 193 -12.97 -24.90 65.47
CA GLY G 193 -13.96 -25.35 66.43
C GLY G 193 -14.03 -24.53 67.70
N LEU G 194 -13.38 -23.37 67.75
CA LEU G 194 -13.26 -22.63 69.01
C LEU G 194 -14.50 -21.80 69.32
N VAL G 195 -15.17 -21.25 68.31
CA VAL G 195 -16.28 -20.33 68.53
C VAL G 195 -17.40 -20.61 67.53
N THR G 196 -18.58 -20.08 67.83
CA THR G 196 -19.71 -20.14 66.92
C THR G 196 -19.74 -18.92 66.01
N SER G 197 -20.79 -18.84 65.19
CA SER G 197 -21.02 -17.66 64.39
C SER G 197 -21.91 -16.68 65.14
N PRO G 198 -21.82 -15.38 64.85
CA PRO G 198 -22.72 -14.43 65.50
C PRO G 198 -24.17 -14.71 65.14
N ASP G 199 -25.04 -14.54 66.13
CA ASP G 199 -26.48 -14.72 65.92
C ASP G 199 -27.06 -13.43 65.35
N ALA G 200 -28.39 -13.31 65.39
CA ALA G 200 -29.02 -12.07 64.95
C ALA G 200 -28.58 -10.87 65.78
N HIS G 201 -28.36 -11.06 67.08
CA HIS G 201 -27.83 -10.01 67.95
C HIS G 201 -26.32 -9.87 67.81
N GLU G 202 -25.70 -10.64 66.93
CA GLU G 202 -24.24 -10.63 66.74
C GLU G 202 -23.52 -10.95 68.05
N ARG G 203 -24.09 -11.88 68.80
CA ARG G 203 -23.47 -12.43 70.00
C ARG G 203 -23.14 -13.90 69.78
N ILE G 204 -21.88 -14.25 69.99
CA ILE G 204 -21.41 -15.62 69.79
C ILE G 204 -21.40 -16.34 71.14
N VAL G 205 -21.38 -17.66 71.07
CA VAL G 205 -21.22 -18.52 72.24
C VAL G 205 -19.87 -19.20 72.15
N ILE G 206 -19.28 -19.47 73.31
CA ILE G 206 -17.92 -20.02 73.37
C ILE G 206 -18.00 -21.53 73.49
N ARG G 207 -17.24 -22.22 72.66
CA ARG G 207 -17.23 -23.68 72.66
C ARG G 207 -16.39 -24.20 73.83
N PRO G 208 -16.87 -25.20 74.57
CA PRO G 208 -16.07 -25.73 75.68
C PRO G 208 -14.70 -26.24 75.28
N ILE G 209 -14.44 -26.43 73.98
CA ILE G 209 -13.14 -26.93 73.54
C ILE G 209 -12.02 -26.01 73.99
N ILE G 210 -12.32 -24.71 74.17
CA ILE G 210 -11.30 -23.75 74.56
C ILE G 210 -10.60 -24.17 75.85
N ALA G 211 -11.30 -24.92 76.70
CA ALA G 211 -10.71 -25.30 77.99
C ALA G 211 -9.45 -26.13 77.82
N HIS G 212 -9.42 -27.04 76.84
CA HIS G 212 -8.33 -28.00 76.68
C HIS G 212 -7.25 -27.53 75.74
N LEU G 213 -7.03 -26.22 75.63
CA LEU G 213 -5.95 -25.70 74.79
C LEU G 213 -4.60 -26.11 75.36
N ALA G 214 -3.60 -26.19 74.48
CA ALA G 214 -2.32 -26.81 74.85
C ALA G 214 -1.53 -25.94 75.81
N ASP G 215 -1.16 -24.73 75.37
CA ASP G 215 -0.23 -23.90 76.14
C ASP G 215 -0.93 -22.67 76.71
N PRO G 216 -1.74 -22.83 77.74
CA PRO G 216 -2.37 -21.64 78.36
C PRO G 216 -1.35 -20.65 78.92
N ILE G 217 -0.25 -21.14 79.46
CA ILE G 217 0.76 -20.24 80.02
C ILE G 217 1.25 -19.28 78.94
N ASN G 218 1.48 -19.79 77.74
CA ASN G 218 1.87 -18.91 76.64
C ASN G 218 0.80 -17.86 76.37
N LEU G 219 -0.47 -18.27 76.36
CA LEU G 219 -1.55 -17.31 76.10
C LEU G 219 -1.55 -16.19 77.13
N GLN G 220 -1.55 -16.55 78.41
CA GLN G 220 -1.65 -15.52 79.45
C GLN G 220 -0.39 -14.67 79.53
N ALA G 221 0.79 -15.27 79.35
CA ALA G 221 2.02 -14.48 79.35
C ALA G 221 2.02 -13.51 78.17
N LEU G 222 1.55 -13.95 77.00
CA LEU G 222 1.51 -13.07 75.85
C LEU G 222 0.49 -11.96 76.05
N LEU G 223 -0.63 -12.25 76.72
CA LEU G 223 -1.60 -11.19 77.02
C LEU G 223 -1.00 -10.15 77.97
N ALA G 224 -0.30 -10.62 79.00
CA ALA G 224 0.38 -9.70 79.91
C ALA G 224 1.41 -8.86 79.16
N TRP G 225 2.18 -9.51 78.28
CA TRP G 225 3.15 -8.78 77.47
C TRP G 225 2.48 -7.78 76.55
N LEU G 226 1.28 -8.10 76.05
CA LEU G 226 0.58 -7.19 75.16
C LEU G 226 0.11 -5.95 75.90
N ARG G 227 -0.46 -6.13 77.09
CA ARG G 227 -0.84 -4.96 77.88
C ARG G 227 0.39 -4.15 78.29
N GLU G 228 1.49 -4.84 78.62
CA GLU G 228 2.73 -4.14 78.92
C GLU G 228 3.21 -3.33 77.73
N GLN G 229 3.07 -3.89 76.53
CA GLN G 229 3.55 -3.20 75.33
C GLN G 229 2.69 -2.00 74.99
N ILE G 230 1.36 -2.14 75.11
CA ILE G 230 0.51 -0.98 74.86
C ILE G 230 0.80 0.10 75.90
N ALA G 231 1.13 -0.29 77.13
CA ALA G 231 1.57 0.70 78.12
C ALA G 231 2.89 1.34 77.71
N GLN G 232 3.81 0.56 77.13
CA GLN G 232 5.14 1.08 76.81
C GLN G 232 5.11 2.00 75.60
N GLN G 233 4.35 1.64 74.57
CA GLN G 233 4.37 2.37 73.30
C GLN G 233 3.40 3.53 73.33
N THR G 234 3.72 4.56 74.10
CA THR G 234 2.86 5.73 74.21
C THR G 234 3.59 6.87 74.93
N MET H 5 -19.89 -11.58 -12.33
CA MET H 5 -19.21 -10.68 -11.35
C MET H 5 -20.19 -10.24 -10.28
N GLU H 6 -21.49 -10.23 -10.64
CA GLU H 6 -22.52 -9.81 -9.70
C GLU H 6 -22.59 -10.75 -8.50
N GLU H 7 -22.26 -12.03 -8.70
CA GLU H 7 -22.20 -12.95 -7.57
C GLU H 7 -21.18 -12.50 -6.54
N ASN H 8 -20.01 -12.05 -7.00
CA ASN H 8 -19.04 -11.46 -6.09
C ASN H 8 -19.64 -10.26 -5.38
N THR H 9 -20.45 -9.46 -6.08
CA THR H 9 -21.09 -8.32 -5.43
C THR H 9 -21.99 -8.77 -4.29
N ARG H 10 -22.85 -9.76 -4.54
CA ARG H 10 -23.77 -10.22 -3.51
C ARG H 10 -23.01 -10.82 -2.34
N GLN H 11 -21.96 -11.60 -2.63
CA GLN H 11 -21.22 -12.26 -1.56
C GLN H 11 -20.32 -11.28 -0.80
N ARG H 12 -19.98 -10.16 -1.42
CA ARG H 12 -18.96 -9.28 -0.84
C ARG H 12 -19.44 -8.63 0.45
N THR H 13 -20.70 -8.18 0.49
CA THR H 13 -21.19 -7.54 1.70
C THR H 13 -21.11 -8.48 2.90
N GLU H 14 -21.14 -9.79 2.68
CA GLU H 14 -20.88 -10.71 3.78
C GLU H 14 -19.45 -10.56 4.28
N ASN H 15 -18.49 -10.45 3.37
CA ASN H 15 -17.10 -10.28 3.77
C ASN H 15 -16.91 -9.02 4.61
N TYR H 16 -17.48 -7.90 4.16
CA TYR H 16 -17.31 -6.65 4.90
C TYR H 16 -18.11 -6.63 6.19
N ILE H 17 -19.28 -7.27 6.20
CA ILE H 17 -20.03 -7.39 7.45
C ILE H 17 -19.22 -8.17 8.47
N SER H 18 -18.61 -9.28 8.04
CA SER H 18 -17.82 -10.10 8.96
C SER H 18 -16.62 -9.31 9.49
N ALA H 19 -15.87 -8.68 8.59
CA ALA H 19 -14.66 -7.98 9.00
C ALA H 19 -14.97 -6.85 9.97
N LYS H 20 -15.99 -6.05 9.65
CA LYS H 20 -16.36 -4.95 10.53
C LYS H 20 -16.76 -5.47 11.91
N ASN H 21 -17.18 -6.73 12.00
CA ASN H 21 -17.56 -7.31 13.28
C ASN H 21 -16.40 -8.04 13.94
N GLN H 22 -15.44 -8.53 13.15
CA GLN H 22 -14.50 -9.52 13.63
C GLN H 22 -13.04 -9.08 13.56
N HIS H 23 -12.60 -8.59 12.42
CA HIS H 23 -11.16 -8.39 12.22
C HIS H 23 -10.63 -7.36 13.20
N PRO H 24 -9.44 -7.58 13.80
CA PRO H 24 -8.97 -6.64 14.83
C PRO H 24 -8.81 -5.21 14.33
N ALA H 25 -8.09 -5.00 13.24
CA ALA H 25 -7.76 -3.64 12.80
C ALA H 25 -9.01 -2.78 12.65
N TRP H 26 -10.01 -3.29 11.93
CA TRP H 26 -11.21 -2.49 11.69
C TRP H 26 -11.91 -2.17 13.01
N ILE H 27 -12.03 -3.15 13.91
CA ILE H 27 -12.63 -2.89 15.20
C ILE H 27 -11.87 -1.80 15.93
N LEU H 28 -10.54 -1.82 15.87
CA LEU H 28 -9.74 -0.79 16.53
C LEU H 28 -10.05 0.58 15.94
N LEU H 29 -10.03 0.70 14.61
CA LEU H 29 -10.33 1.98 13.99
C LEU H 29 -11.73 2.46 14.37
N ALA H 30 -12.64 1.53 14.66
CA ALA H 30 -14.01 1.91 15.00
C ALA H 30 -14.11 2.50 16.39
N THR H 31 -13.38 1.94 17.36
CA THR H 31 -13.61 2.31 18.75
C THR H 31 -13.31 3.78 18.99
N ARG H 32 -14.03 4.36 19.95
CA ARG H 32 -13.92 5.79 20.22
C ARG H 32 -12.49 6.19 20.57
N ARG H 33 -11.83 5.40 21.41
CA ARG H 33 -10.49 5.71 21.90
C ARG H 33 -9.40 5.32 20.93
N ALA H 34 -9.73 5.11 19.66
CA ALA H 34 -8.74 4.61 18.71
C ALA H 34 -7.49 5.48 18.56
N PRO H 35 -7.59 6.80 18.40
CA PRO H 35 -6.36 7.57 18.10
C PRO H 35 -5.30 7.47 19.17
N LEU H 36 -5.70 7.58 20.45
CA LEU H 36 -4.72 7.48 21.53
C LEU H 36 -3.99 6.15 21.49
N VAL H 37 -4.76 5.06 21.40
CA VAL H 37 -4.16 3.73 21.42
C VAL H 37 -3.22 3.56 20.23
N LEU H 38 -3.68 3.98 19.05
CA LEU H 38 -2.84 3.82 17.86
C LEU H 38 -1.55 4.62 17.97
N SER H 39 -1.64 5.87 18.44
CA SER H 39 -0.42 6.66 18.58
C SER H 39 0.54 6.02 19.57
N ALA H 40 0.03 5.59 20.73
CA ALA H 40 0.91 4.98 21.72
C ALA H 40 1.58 3.72 21.16
N LEU H 41 0.79 2.85 20.54
CA LEU H 41 1.34 1.62 20.00
C LEU H 41 2.39 1.91 18.94
N LYS H 42 2.11 2.85 18.04
CA LYS H 42 3.11 3.22 17.04
C LYS H 42 4.38 3.71 17.71
N THR H 43 4.25 4.56 18.73
CA THR H 43 5.43 5.04 19.45
C THR H 43 6.24 3.88 19.99
N LEU H 44 5.59 2.92 20.65
CA LEU H 44 6.32 1.82 21.25
C LEU H 44 7.14 1.06 20.22
N PHE H 45 6.47 0.43 19.25
CA PHE H 45 7.17 -0.46 18.32
C PHE H 45 8.08 0.31 17.37
N GLU H 46 7.90 1.62 17.25
CA GLU H 46 8.70 2.39 16.30
C GLU H 46 10.17 2.34 16.65
N LYS H 47 10.50 2.50 17.93
CA LYS H 47 11.89 2.73 18.31
C LYS H 47 12.69 1.43 18.43
N SER H 48 12.05 0.28 18.23
CA SER H 48 12.77 -0.98 18.24
C SER H 48 12.00 -2.00 17.41
N HIS H 49 12.72 -2.96 16.83
CA HIS H 49 12.14 -3.92 15.90
C HIS H 49 12.22 -5.36 16.39
N ASP H 50 12.93 -5.62 17.49
CA ASP H 50 13.16 -6.98 17.94
C ASP H 50 12.03 -7.55 18.78
N GLY H 51 10.99 -6.75 19.05
CA GLY H 51 9.98 -7.16 20.00
C GLY H 51 10.40 -6.71 21.38
N ILE H 52 9.58 -5.88 22.01
CA ILE H 52 10.04 -5.23 23.25
C ILE H 52 9.97 -6.23 24.40
N PRO H 53 11.01 -6.34 25.24
CA PRO H 53 10.83 -7.09 26.49
C PRO H 53 9.69 -6.48 27.30
N LEU H 54 8.88 -7.35 27.92
CA LEU H 54 7.59 -6.90 28.44
C LEU H 54 7.76 -5.81 29.48
N GLU H 55 8.72 -5.96 30.39
CA GLU H 55 8.90 -4.95 31.42
C GLU H 55 9.29 -3.60 30.83
N GLU H 56 10.25 -3.61 29.90
CA GLU H 56 10.64 -2.36 29.25
C GLU H 56 9.46 -1.77 28.48
N ALA H 57 8.69 -2.61 27.79
CA ALA H 57 7.52 -2.12 27.05
C ALA H 57 6.54 -1.44 27.98
N ILE H 58 6.20 -2.08 29.10
CA ILE H 58 5.20 -1.52 29.99
C ILE H 58 5.70 -0.26 30.66
N GLN H 59 7.00 -0.20 30.99
CA GLN H 59 7.55 1.03 31.56
C GLN H 59 7.46 2.17 30.54
N SER H 60 7.88 1.91 29.30
CA SER H 60 7.80 2.95 28.27
C SER H 60 6.35 3.36 28.03
N LEU H 61 5.43 2.40 28.12
CA LEU H 61 4.02 2.74 27.94
C LEU H 61 3.51 3.61 29.07
N SER H 62 3.86 3.29 30.32
CA SER H 62 3.47 4.14 31.43
C SER H 62 4.09 5.53 31.28
N SER H 63 5.26 5.62 30.66
CA SER H 63 5.84 6.93 30.39
C SER H 63 5.04 7.67 29.32
N ILE H 64 4.69 6.99 28.24
CA ILE H 64 3.95 7.62 27.15
C ILE H 64 2.59 8.11 27.63
N LEU H 65 1.87 7.27 28.36
CA LEU H 65 0.57 7.67 28.87
C LEU H 65 0.66 8.91 29.73
N ILE H 66 1.77 9.08 30.45
CA ILE H 66 1.93 10.27 31.30
C ILE H 66 1.97 11.52 30.44
N GLU H 67 2.62 11.46 29.27
CA GLU H 67 2.60 12.58 28.35
C GLU H 67 1.17 12.95 27.96
N HIS H 68 0.27 11.98 27.95
CA HIS H 68 -1.09 12.22 27.49
C HIS H 68 -2.06 12.53 28.62
N VAL H 69 -1.55 12.71 29.84
CA VAL H 69 -2.41 13.14 30.95
C VAL H 69 -2.97 14.50 30.59
N SER H 70 -2.20 15.28 29.83
CA SER H 70 -2.70 16.56 29.32
C SER H 70 -3.92 16.38 28.42
N GLN H 71 -4.03 15.25 27.74
CA GLN H 71 -5.20 14.93 26.92
C GLN H 71 -6.36 14.43 27.78
N GLU H 72 -6.84 15.29 28.68
CA GLU H 72 -7.83 14.87 29.68
C GLU H 72 -9.10 14.34 29.05
N GLN H 73 -9.39 14.68 27.79
CA GLN H 73 -10.67 14.34 27.18
C GLN H 73 -10.91 12.84 27.09
N TYR H 74 -9.88 12.01 27.25
CA TYR H 74 -10.05 10.57 27.25
C TYR H 74 -9.34 9.98 28.45
N ASP H 75 -9.70 8.73 28.76
CA ASP H 75 -9.33 8.11 30.03
C ASP H 75 -7.86 8.31 30.36
N ILE H 76 -7.61 8.88 31.53
CA ILE H 76 -6.27 9.01 32.10
C ILE H 76 -6.33 8.59 33.56
N ASN H 77 -5.54 7.60 33.93
CA ASN H 77 -5.50 7.15 35.32
C ASN H 77 -5.07 8.28 36.24
N GLN H 78 -5.79 8.43 37.35
CA GLN H 78 -5.56 9.55 38.25
C GLN H 78 -4.31 9.36 39.12
N ASP H 79 -4.07 8.16 39.63
CA ASP H 79 -3.09 7.98 40.70
C ASP H 79 -1.95 7.01 40.41
N ASN H 80 -2.14 5.97 39.62
CA ASN H 80 -1.08 4.98 39.37
C ASN H 80 -0.92 4.73 37.88
N PRO H 81 -0.08 5.51 37.19
CA PRO H 81 0.09 5.30 35.75
C PRO H 81 0.61 3.92 35.38
N PHE H 82 1.47 3.33 36.22
CA PHE H 82 2.03 2.01 35.89
C PHE H 82 0.93 0.95 35.81
N LEU H 83 0.01 0.96 36.77
CA LEU H 83 -1.13 0.06 36.70
C LEU H 83 -1.90 0.27 35.40
N GLN H 84 -2.06 1.54 34.99
CA GLN H 84 -2.78 1.82 33.76
C GLN H 84 -2.08 1.21 32.56
N ALA H 85 -0.75 1.36 32.49
CA ALA H 85 -0.01 0.79 31.37
C ALA H 85 -0.12 -0.73 31.35
N SER H 86 -0.01 -1.36 32.51
CA SER H 86 -0.15 -2.81 32.57
C SER H 86 -1.54 -3.24 32.11
N ARG H 87 -2.57 -2.53 32.57
CA ARG H 87 -3.94 -2.86 32.16
C ARG H 87 -4.11 -2.72 30.66
N GLU H 88 -3.56 -1.64 30.07
CA GLU H 88 -3.71 -1.45 28.64
C GLU H 88 -2.96 -2.52 27.85
N LEU H 89 -1.78 -2.92 28.32
CA LEU H 89 -1.10 -4.02 27.64
C LEU H 89 -1.91 -5.30 27.72
N ARG H 90 -2.47 -5.60 28.89
CA ARG H 90 -3.37 -6.75 29.00
C ARG H 90 -4.52 -6.64 28.00
N GLU H 91 -5.17 -5.48 27.96
CA GLU H 91 -6.33 -5.31 27.08
C GLU H 91 -5.96 -5.52 25.62
N TRP H 92 -4.86 -4.89 25.18
CA TRP H 92 -4.46 -5.01 23.78
C TRP H 92 -4.00 -6.43 23.45
N ILE H 93 -3.49 -7.17 24.42
CA ILE H 93 -3.27 -8.59 24.20
C ILE H 93 -4.60 -9.31 24.05
N LYS H 94 -5.61 -8.88 24.80
CA LYS H 94 -6.92 -9.50 24.72
C LYS H 94 -7.58 -9.25 23.36
N ARG H 95 -7.32 -8.09 22.75
CA ARG H 95 -7.88 -7.78 21.44
C ARG H 95 -7.03 -8.32 20.30
N ARG H 96 -6.00 -9.11 20.60
CA ARG H 96 -5.12 -9.69 19.60
C ARG H 96 -4.33 -8.62 18.84
N LEU H 97 -4.31 -7.39 19.36
CA LEU H 97 -3.44 -6.36 18.80
C LEU H 97 -1.98 -6.71 19.02
N ILE H 98 -1.65 -7.26 20.18
CA ILE H 98 -0.28 -7.61 20.54
C ILE H 98 -0.24 -9.01 21.12
N VAL H 99 0.59 -9.86 20.53
CA VAL H 99 0.83 -11.20 21.02
C VAL H 99 2.27 -11.27 21.53
N GLU H 100 2.45 -11.81 22.73
CA GLU H 100 3.75 -11.85 23.38
C GLU H 100 4.22 -13.29 23.53
N ARG H 101 5.50 -13.50 23.23
CA ARG H 101 6.11 -14.82 23.29
C ARG H 101 7.53 -14.66 23.82
N ASP H 102 7.90 -15.54 24.75
CA ASP H 102 9.21 -15.50 25.39
C ASP H 102 9.39 -14.25 26.25
N GLY H 103 8.29 -13.62 26.63
CA GLY H 103 8.35 -12.35 27.34
C GLY H 103 8.54 -11.15 26.46
N ARG H 104 8.86 -11.34 25.18
CA ARG H 104 8.97 -10.25 24.22
C ARG H 104 7.64 -10.11 23.49
N ILE H 105 7.02 -8.93 23.62
CA ILE H 105 5.75 -8.67 22.96
C ILE H 105 6.01 -8.26 21.53
N PHE H 106 5.02 -8.48 20.67
CA PHE H 106 5.11 -8.15 19.26
C PHE H 106 3.79 -7.58 18.79
N ALA H 107 3.84 -6.83 17.69
CA ALA H 107 2.67 -6.18 17.12
C ALA H 107 2.09 -7.08 16.04
N THR H 108 0.91 -7.65 16.33
CA THR H 108 0.25 -8.52 15.37
C THR H 108 0.12 -7.83 14.01
N ASP H 109 0.06 -8.65 12.96
CA ASP H 109 -0.07 -8.10 11.62
C ASP H 109 -1.34 -7.26 11.49
N ALA H 110 -2.40 -7.61 12.23
CA ALA H 110 -3.62 -6.81 12.21
C ALA H 110 -3.32 -5.38 12.63
N LEU H 111 -2.59 -5.21 13.74
CA LEU H 111 -2.22 -3.88 14.17
C LEU H 111 -1.27 -3.21 13.18
N GLU H 112 -0.44 -4.01 12.50
CA GLU H 112 0.42 -3.44 11.46
C GLU H 112 -0.41 -2.81 10.36
N VAL H 113 -1.43 -3.52 9.88
CA VAL H 113 -2.32 -2.95 8.87
C VAL H 113 -3.04 -1.73 9.43
N ALA H 114 -3.52 -1.83 10.67
CA ALA H 114 -4.25 -0.72 11.26
C ALA H 114 -3.40 0.54 11.29
N ILE H 115 -2.14 0.42 11.71
CA ILE H 115 -1.27 1.60 11.78
C ILE H 115 -0.91 2.07 10.37
N THR H 116 -0.69 1.13 9.46
CA THR H 116 -0.38 1.53 8.08
C THR H 116 -1.52 2.31 7.47
N PHE H 117 -2.76 2.08 7.92
CA PHE H 117 -3.89 2.85 7.41
C PHE H 117 -3.77 4.32 7.80
N VAL H 118 -3.77 4.59 9.12
CA VAL H 118 -3.83 5.97 9.59
C VAL H 118 -2.60 6.75 9.15
N GLU H 119 -1.48 6.07 8.94
CA GLU H 119 -0.28 6.76 8.47
C GLU H 119 -0.51 7.39 7.11
N SER H 120 -1.12 6.65 6.18
CA SER H 120 -1.31 7.17 4.83
C SER H 120 -2.36 8.28 4.79
N LEU H 121 -3.15 8.44 5.85
CA LEU H 121 -4.26 9.38 5.82
C LEU H 121 -3.78 10.81 5.62
N ASP H 122 -3.03 11.34 6.58
CA ASP H 122 -2.76 12.76 6.66
C ASP H 122 -1.91 13.24 5.48
N ASN H 123 -1.97 14.54 5.23
CA ASN H 123 -1.08 15.19 4.27
C ASN H 123 0.34 14.74 4.58
N ARG H 124 0.97 14.03 3.66
CA ARG H 124 2.12 13.20 3.98
C ARG H 124 3.11 13.20 2.83
N PHE H 125 4.21 12.49 3.05
CA PHE H 125 5.00 11.93 1.96
C PHE H 125 4.25 10.72 1.42
N MET H 126 3.47 10.91 0.36
CA MET H 126 2.59 9.85 -0.10
C MET H 126 3.41 8.64 -0.54
N THR H 127 2.72 7.54 -0.83
CA THR H 127 3.40 6.28 -1.10
C THR H 127 4.32 6.38 -2.31
N SER H 128 3.86 7.05 -3.37
CA SER H 128 4.57 6.99 -4.65
C SER H 128 5.53 8.16 -4.81
N THR H 129 6.43 8.02 -5.79
CA THR H 129 7.30 9.09 -6.23
C THR H 129 7.53 8.92 -7.73
N ALA H 130 8.37 9.78 -8.30
CA ALA H 130 8.75 9.63 -9.71
C ALA H 130 9.48 8.32 -9.94
N SER H 131 10.35 7.94 -9.00
CA SER H 131 11.03 6.66 -9.10
C SER H 131 10.03 5.52 -9.20
N ARG H 132 8.82 5.70 -8.66
CA ARG H 132 7.79 4.68 -8.86
C ARG H 132 7.49 4.50 -10.35
N LEU H 133 7.29 5.61 -11.07
CA LEU H 133 6.98 5.52 -12.50
C LEU H 133 8.16 4.93 -13.27
N SER H 134 9.39 5.37 -12.94
CA SER H 134 10.54 4.78 -13.61
C SER H 134 10.66 3.29 -13.33
N THR H 135 10.40 2.88 -12.09
CA THR H 135 10.48 1.48 -11.72
C THR H 135 9.45 0.66 -12.49
N VAL H 136 8.22 1.17 -12.61
CA VAL H 136 7.22 0.42 -13.37
C VAL H 136 7.60 0.36 -14.84
N GLN H 137 8.19 1.43 -15.38
CA GLN H 137 8.69 1.36 -16.75
C GLN H 137 9.67 0.21 -16.91
N ARG H 138 10.68 0.16 -16.05
CA ARG H 138 11.67 -0.91 -16.13
C ARG H 138 11.01 -2.27 -15.92
N GLU H 139 10.05 -2.35 -15.00
CA GLU H 139 9.41 -3.62 -14.70
C GLU H 139 8.61 -4.14 -15.88
N ILE H 140 7.86 -3.25 -16.54
CA ILE H 140 7.14 -3.66 -17.75
C ILE H 140 8.13 -4.10 -18.82
N GLU H 141 9.22 -3.35 -19.00
CA GLU H 141 10.23 -3.76 -19.97
C GLU H 141 10.70 -5.19 -19.71
N ASN H 142 11.13 -5.45 -18.47
CA ASN H 142 11.68 -6.77 -18.14
C ASN H 142 10.61 -7.85 -18.28
N LEU H 143 9.41 -7.60 -17.78
CA LEU H 143 8.37 -8.63 -17.79
C LEU H 143 7.94 -8.94 -19.21
N GLU H 144 7.84 -7.93 -20.07
CA GLU H 144 7.54 -8.18 -21.47
C GLU H 144 8.63 -8.99 -22.13
N THR H 145 9.89 -8.58 -21.95
CA THR H 145 10.98 -9.34 -22.57
C THR H 145 10.99 -10.78 -22.07
N ARG H 146 10.56 -11.02 -20.83
CA ARG H 146 10.51 -12.38 -20.31
C ARG H 146 9.36 -13.16 -20.94
N LEU H 147 8.12 -12.66 -20.79
CA LEU H 147 6.96 -13.41 -21.24
C LEU H 147 7.03 -13.73 -22.73
N ASN H 148 7.72 -12.91 -23.50
CA ASN H 148 7.79 -13.09 -24.95
C ASN H 148 8.38 -14.46 -25.27
N PRO H 149 7.57 -15.40 -25.78
CA PRO H 149 8.12 -16.72 -26.10
C PRO H 149 8.88 -16.78 -27.41
N ASN H 150 8.63 -15.85 -28.32
CA ASN H 150 9.35 -15.83 -29.59
C ASN H 150 10.82 -15.60 -29.34
N PRO H 151 11.72 -16.46 -29.85
CA PRO H 151 13.15 -16.27 -29.53
C PRO H 151 13.76 -15.07 -30.24
N ALA H 152 13.39 -14.80 -31.49
CA ALA H 152 13.92 -13.64 -32.18
C ALA H 152 13.63 -12.35 -31.44
N ASN H 153 12.48 -12.29 -30.74
CA ASN H 153 12.21 -11.12 -29.92
C ASN H 153 13.23 -10.96 -28.81
N ARG H 154 13.61 -12.05 -28.14
CA ARG H 154 14.66 -11.98 -27.14
C ARG H 154 15.99 -11.58 -27.79
N VAL H 155 16.26 -12.08 -28.98
CA VAL H 155 17.49 -11.72 -29.68
C VAL H 155 17.54 -10.21 -29.91
N ALA H 156 16.45 -9.64 -30.44
CA ALA H 156 16.43 -8.22 -30.71
C ALA H 156 16.50 -7.40 -29.43
N THR H 157 15.82 -7.86 -28.37
CA THR H 157 15.91 -7.17 -27.09
C THR H 157 17.34 -7.14 -26.59
N LEU H 158 18.01 -8.29 -26.64
CA LEU H 158 19.40 -8.35 -26.21
C LEU H 158 20.28 -7.44 -27.05
N ARG H 159 20.02 -7.38 -28.36
CA ARG H 159 20.83 -6.55 -29.24
C ARG H 159 20.67 -5.06 -28.91
N ARG H 160 19.42 -4.61 -28.73
CA ARG H 160 19.23 -3.20 -28.39
C ARG H 160 19.82 -2.89 -27.02
N ARG H 161 19.69 -3.82 -26.07
CA ARG H 161 20.23 -3.55 -24.75
C ARG H 161 21.75 -3.51 -24.77
N ILE H 162 22.40 -4.40 -25.52
CA ILE H 162 23.86 -4.39 -25.61
C ILE H 162 24.32 -3.12 -26.31
N SER H 163 23.54 -2.63 -27.28
CA SER H 163 23.85 -1.32 -27.85
C SER H 163 23.79 -0.23 -26.79
N GLU H 164 22.76 -0.27 -25.94
CA GLU H 164 22.65 0.72 -24.87
C GLU H 164 23.88 0.70 -23.97
N LEU H 165 24.22 -0.48 -23.44
CA LEU H 165 25.36 -0.55 -22.53
C LEU H 165 26.68 -0.32 -23.25
N GLU H 166 26.75 -0.59 -24.55
CA GLU H 166 27.98 -0.31 -25.30
C GLU H 166 28.18 1.20 -25.43
N ARG H 167 27.10 1.92 -25.72
CA ARG H 167 27.18 3.39 -25.72
C ARG H 167 27.62 3.88 -24.34
N GLU H 168 27.00 3.35 -23.28
CA GLU H 168 27.36 3.80 -21.94
C GLU H 168 28.80 3.46 -21.59
N LEU H 169 29.31 2.32 -22.08
CA LEU H 169 30.71 1.97 -21.84
C LEU H 169 31.65 2.88 -22.61
N GLN H 170 31.29 3.24 -23.84
CA GLN H 170 32.08 4.21 -24.57
C GLN H 170 32.14 5.54 -23.82
N GLU H 171 31.01 5.98 -23.26
CA GLU H 171 31.04 7.19 -22.45
C GLU H 171 31.91 7.02 -21.21
N ALA H 172 31.77 5.89 -20.51
CA ALA H 172 32.46 5.71 -19.23
C ALA H 172 33.96 5.61 -19.43
N GLU H 173 34.40 4.95 -20.49
CA GLU H 173 35.84 4.90 -20.78
C GLU H 173 36.38 6.31 -21.02
N ALA H 174 35.55 7.22 -21.50
CA ALA H 174 35.94 8.62 -21.62
C ALA H 174 35.76 9.39 -20.32
N GLY H 175 35.02 8.83 -19.36
CA GLY H 175 34.84 9.46 -18.06
C GLY H 175 33.68 10.39 -17.95
N HIS H 176 32.69 10.28 -18.85
CA HIS H 176 31.55 11.20 -18.90
C HIS H 176 30.35 10.70 -18.07
N ILE H 177 30.50 9.59 -17.34
CA ILE H 177 29.36 9.02 -16.62
C ILE H 177 28.69 10.10 -15.76
N GLU H 178 27.40 9.90 -15.52
CA GLU H 178 26.58 10.87 -14.80
C GLU H 178 25.92 10.18 -13.61
N VAL H 179 25.89 10.90 -12.49
CA VAL H 179 25.27 10.36 -11.28
C VAL H 179 23.78 10.72 -11.26
N LEU H 180 23.03 9.99 -10.44
CA LEU H 180 21.66 10.39 -10.14
C LEU H 180 21.69 11.76 -9.49
N GLU H 181 20.86 12.67 -9.99
CA GLU H 181 20.83 14.02 -9.44
C GLU H 181 20.56 13.95 -7.95
N THR H 182 21.40 14.65 -7.17
CA THR H 182 21.41 14.47 -5.73
C THR H 182 20.02 14.58 -5.11
N HIS H 183 19.27 15.62 -5.46
CA HIS H 183 17.91 15.76 -4.92
C HIS H 183 17.01 14.64 -5.40
N GLN H 184 17.13 14.26 -6.68
CA GLN H 184 16.32 13.16 -7.20
C GLN H 184 16.59 11.87 -6.45
N ALA H 185 17.85 11.67 -6.01
CA ALA H 185 18.18 10.44 -5.29
C ALA H 185 17.40 10.32 -4.00
N VAL H 186 16.94 11.44 -3.44
CA VAL H 186 16.19 11.38 -2.18
C VAL H 186 14.92 10.56 -2.36
N GLU H 187 14.00 11.06 -3.20
CA GLU H 187 12.79 10.30 -3.46
C GLU H 187 13.09 8.97 -4.14
N HIS H 188 14.18 8.89 -4.90
CA HIS H 188 14.53 7.61 -5.52
C HIS H 188 14.81 6.54 -4.47
N ILE H 189 15.55 6.89 -3.43
CA ILE H 189 15.83 5.95 -2.34
C ILE H 189 14.57 5.71 -1.51
N ARG H 190 13.77 6.76 -1.31
CA ARG H 190 12.56 6.59 -0.52
C ARG H 190 11.60 5.62 -1.21
N ASP H 191 11.54 5.64 -2.54
CA ASP H 191 10.75 4.64 -3.26
C ASP H 191 11.25 3.23 -2.95
N VAL H 192 12.58 3.07 -2.97
CA VAL H 192 13.18 1.78 -2.65
C VAL H 192 12.69 1.31 -1.28
N TYR H 193 12.75 2.19 -0.29
CA TYR H 193 12.26 1.83 1.04
C TYR H 193 10.77 1.48 1.00
N ASN H 194 9.98 2.28 0.29
CA ASN H 194 8.53 2.05 0.24
C ASN H 194 8.22 0.66 -0.28
N LEU H 195 8.96 0.19 -1.29
CA LEU H 195 8.70 -1.16 -1.80
C LEU H 195 8.92 -2.20 -0.72
N ALA H 196 10.04 -2.12 -0.01
CA ALA H 196 10.42 -3.18 0.92
C ALA H 196 9.40 -3.35 2.03
N SER H 197 8.73 -2.27 2.42
CA SER H 197 7.83 -2.34 3.58
C SER H 197 6.79 -3.43 3.43
N SER H 198 6.35 -3.71 2.20
CA SER H 198 5.31 -4.72 1.99
C SER H 198 5.78 -6.10 2.42
N LEU H 199 7.02 -6.47 2.07
CA LEU H 199 7.49 -7.83 2.32
C LEU H 199 7.28 -8.25 3.76
N ARG H 200 7.67 -7.38 4.70
CA ARG H 200 7.52 -7.70 6.11
C ARG H 200 6.06 -7.93 6.48
N ALA H 201 5.17 -7.04 6.04
CA ALA H 201 3.78 -7.04 6.46
C ALA H 201 2.99 -8.19 5.84
N ASP H 202 3.56 -8.94 4.90
CA ASP H 202 2.95 -10.16 4.41
C ASP H 202 3.64 -11.42 4.89
N PHE H 203 4.93 -11.35 5.23
CA PHE H 203 5.50 -12.45 6.00
C PHE H 203 4.80 -12.58 7.34
N ARG H 204 4.38 -11.45 7.92
CA ARG H 204 3.56 -11.51 9.13
C ARG H 204 2.26 -12.28 8.87
N ARG H 205 1.71 -12.19 7.66
CA ARG H 205 0.50 -12.94 7.33
C ARG H 205 0.82 -14.42 7.09
N VAL H 206 1.99 -14.69 6.50
CA VAL H 206 2.43 -16.07 6.32
C VAL H 206 2.53 -16.76 7.67
N GLU H 207 2.99 -16.03 8.68
CA GLU H 207 3.02 -16.58 10.03
C GLU H 207 1.66 -17.12 10.44
N ASP H 208 0.62 -16.29 10.31
CA ASP H 208 -0.72 -16.72 10.70
C ASP H 208 -1.19 -17.89 9.85
N SER H 209 -0.91 -17.86 8.55
CA SER H 209 -1.32 -18.96 7.68
C SER H 209 -0.75 -20.28 8.19
N TRP H 210 0.56 -20.34 8.44
CA TRP H 210 1.16 -21.58 8.90
C TRP H 210 0.69 -21.95 10.30
N ARG H 211 0.49 -20.95 11.18
CA ARG H 211 -0.03 -21.24 12.50
C ARG H 211 -1.37 -21.95 12.41
N GLU H 212 -2.29 -21.41 11.60
CA GLU H 212 -3.61 -22.02 11.49
C GLU H 212 -3.54 -23.38 10.82
N ALA H 213 -2.67 -23.56 9.82
CA ALA H 213 -2.51 -24.88 9.22
C ALA H 213 -2.08 -25.89 10.27
N ASP H 214 -1.09 -25.54 11.08
CA ASP H 214 -0.61 -26.45 12.12
C ASP H 214 -1.70 -26.75 13.14
N ARG H 215 -2.45 -25.72 13.55
CA ARG H 215 -3.51 -25.96 14.53
C ARG H 215 -4.60 -26.86 13.97
N ALA H 216 -4.94 -26.69 12.68
CA ALA H 216 -5.89 -27.60 12.06
C ALA H 216 -5.34 -29.03 12.03
N LEU H 217 -4.05 -29.17 11.71
CA LEU H 217 -3.44 -30.50 11.75
C LEU H 217 -3.59 -31.14 13.11
N ARG H 218 -3.31 -30.38 14.18
CA ARG H 218 -3.47 -30.93 15.52
C ARG H 218 -4.92 -31.31 15.79
N GLN H 219 -5.85 -30.39 15.57
CA GLN H 219 -7.24 -30.67 15.90
C GLN H 219 -7.76 -31.87 15.12
N SER H 220 -7.21 -32.12 13.93
CA SER H 220 -7.60 -33.31 13.17
C SER H 220 -6.92 -34.56 13.72
N ILE H 221 -5.70 -34.44 14.23
CA ILE H 221 -5.00 -35.61 14.75
C ILE H 221 -5.75 -36.19 15.94
N ILE H 222 -6.57 -35.39 16.61
CA ILE H 222 -7.42 -35.93 17.67
C ILE H 222 -8.37 -36.97 17.10
N GLY H 223 -8.86 -36.74 15.87
CA GLY H 223 -9.76 -37.67 15.21
C GLY H 223 -9.34 -39.12 15.32
N GLU H 224 -10.17 -39.92 15.98
CA GLU H 224 -9.82 -41.32 16.22
C GLU H 224 -9.79 -42.11 14.92
N GLN H 225 -10.76 -41.86 14.02
CA GLN H 225 -10.87 -42.63 12.80
C GLN H 225 -9.67 -42.47 11.88
N TYR H 226 -8.85 -41.44 12.08
CA TYR H 226 -7.69 -41.24 11.22
C TYR H 226 -6.69 -42.36 11.42
N HIS H 227 -6.57 -43.23 10.41
CA HIS H 227 -5.47 -44.17 10.37
C HIS H 227 -4.14 -43.42 10.32
N ARG H 228 -3.07 -44.14 10.65
CA ARG H 228 -1.74 -43.55 10.56
C ARG H 228 -1.47 -43.01 9.16
N GLY H 229 -1.80 -43.79 8.13
CA GLY H 229 -1.68 -43.31 6.78
C GLY H 229 -2.50 -42.06 6.53
N ASP H 230 -3.70 -41.98 7.11
CA ASP H 230 -4.53 -40.79 6.94
C ASP H 230 -3.84 -39.56 7.52
N ILE H 231 -3.22 -39.68 8.70
CA ILE H 231 -2.56 -38.52 9.29
C ILE H 231 -1.32 -38.13 8.48
N VAL H 232 -0.56 -39.12 8.00
CA VAL H 232 0.58 -38.80 7.15
C VAL H 232 0.11 -38.07 5.90
N GLU H 233 -0.96 -38.56 5.28
CA GLU H 233 -1.51 -37.92 4.10
C GLU H 233 -1.99 -36.51 4.41
N ARG H 234 -2.63 -36.32 5.56
CA ARG H 234 -3.10 -35.00 5.90
C ARG H 234 -1.94 -34.02 6.09
N LEU H 235 -0.88 -34.43 6.78
CA LEU H 235 0.28 -33.55 6.90
C LEU H 235 0.81 -33.19 5.53
N LEU H 236 1.07 -34.19 4.69
CA LEU H 236 1.67 -33.93 3.39
C LEU H 236 0.77 -33.02 2.55
N ASN H 237 -0.53 -33.28 2.55
CA ASN H 237 -1.45 -32.51 1.71
C ASN H 237 -1.63 -31.10 2.25
N ASP H 238 -1.80 -30.94 3.55
CA ASP H 238 -1.94 -29.62 4.15
C ASP H 238 -0.73 -28.81 3.97
N GLN H 239 0.45 -29.39 3.82
CA GLN H 239 1.63 -28.58 3.54
C GLN H 239 1.83 -28.31 2.07
N ASP H 240 1.56 -29.29 1.19
CA ASP H 240 1.63 -29.03 -0.23
C ASP H 240 0.65 -27.93 -0.64
N ALA H 241 -0.61 -28.03 -0.22
CA ALA H 241 -1.60 -27.02 -0.57
C ALA H 241 -1.24 -25.67 0.04
N LEU H 242 -0.79 -25.68 1.29
CA LEU H 242 -0.43 -24.42 1.94
C LEU H 242 0.70 -23.73 1.18
N LEU H 243 1.69 -24.49 0.72
CA LEU H 243 2.79 -23.91 -0.04
C LEU H 243 2.35 -23.33 -1.37
N ASN H 244 1.19 -23.73 -1.89
CA ASN H 244 0.72 -23.29 -3.19
C ASN H 244 -0.21 -22.08 -3.13
N THR H 245 -0.65 -21.67 -1.95
CA THR H 245 -1.39 -20.44 -1.82
C THR H 245 -0.43 -19.27 -2.06
N PRO H 246 -0.95 -18.07 -2.33
CA PRO H 246 -0.03 -16.93 -2.54
C PRO H 246 0.94 -16.74 -1.39
N GLU H 247 0.48 -16.93 -0.15
CA GLU H 247 1.39 -16.93 0.99
C GLU H 247 2.53 -17.93 0.74
N GLY H 248 2.15 -19.15 0.39
CA GLY H 248 3.16 -20.17 0.14
C GLY H 248 4.08 -19.84 -1.01
N ARG H 249 3.55 -19.20 -2.05
CA ARG H 249 4.38 -18.83 -3.18
C ARG H 249 5.42 -17.80 -2.78
N VAL H 250 5.00 -16.78 -2.03
CA VAL H 250 5.96 -15.78 -1.54
C VAL H 250 7.03 -16.46 -0.69
N PHE H 251 6.59 -17.30 0.24
CA PHE H 251 7.53 -17.96 1.15
C PHE H 251 8.50 -18.85 0.37
N ASP H 252 7.98 -19.59 -0.62
CA ASP H 252 8.82 -20.51 -1.38
C ASP H 252 9.82 -19.74 -2.23
N SER H 253 9.40 -18.63 -2.84
CA SER H 253 10.35 -17.83 -3.61
C SER H 253 11.45 -17.29 -2.70
N PHE H 254 11.07 -16.77 -1.53
CA PHE H 254 12.10 -16.29 -0.60
C PHE H 254 13.05 -17.41 -0.22
N GLN H 255 12.52 -18.61 0.04
CA GLN H 255 13.36 -19.76 0.35
C GLN H 255 14.32 -20.06 -0.78
N GLN H 256 13.82 -20.03 -2.02
CA GLN H 256 14.70 -20.25 -3.17
C GLN H 256 15.80 -19.20 -3.23
N GLN H 257 15.52 -17.98 -2.78
CA GLN H 257 16.60 -17.00 -2.68
C GLN H 257 17.71 -17.49 -1.75
N LEU H 258 17.34 -18.18 -0.66
CA LEU H 258 18.37 -18.68 0.26
C LEU H 258 19.33 -19.64 -0.41
N ARG H 259 18.84 -20.58 -1.21
CA ARG H 259 19.75 -21.42 -1.99
C ARG H 259 20.67 -20.57 -2.85
N GLN H 260 20.10 -19.60 -3.57
CA GLN H 260 20.87 -18.62 -4.31
C GLN H 260 21.29 -17.45 -3.42
N SER H 261 22.08 -17.74 -2.38
CA SER H 261 22.32 -16.77 -1.32
C SER H 261 23.08 -15.55 -1.83
N SER H 262 23.96 -15.73 -2.82
CA SER H 262 24.81 -14.62 -3.23
C SER H 262 24.00 -13.40 -3.64
N GLU H 263 22.80 -13.61 -4.19
CA GLU H 263 21.97 -12.46 -4.57
C GLU H 263 21.45 -11.72 -3.34
N LEU H 264 21.00 -12.44 -2.31
CA LEU H 264 20.57 -11.77 -1.10
C LEU H 264 21.73 -11.04 -0.44
N LYS H 265 22.91 -11.67 -0.43
CA LYS H 265 24.08 -11.01 0.15
C LYS H 265 24.45 -9.75 -0.65
N ALA H 266 24.36 -9.82 -1.98
CA ALA H 266 24.62 -8.65 -2.80
C ALA H 266 23.61 -7.56 -2.53
N MET H 267 22.34 -7.93 -2.36
CA MET H 267 21.32 -6.93 -2.06
C MET H 267 21.60 -6.25 -0.72
N SER H 268 21.98 -7.03 0.29
CA SER H 268 22.32 -6.43 1.58
C SER H 268 23.54 -5.54 1.47
N GLU H 269 24.57 -5.97 0.73
CA GLU H 269 25.77 -5.16 0.55
C GLU H 269 25.41 -3.84 -0.13
N ARG H 270 24.65 -3.91 -1.22
CA ARG H 270 24.25 -2.70 -1.92
C ARG H 270 23.46 -1.79 -1.00
N LEU H 271 22.52 -2.36 -0.24
CA LEU H 271 21.78 -1.57 0.75
C LEU H 271 22.74 -0.85 1.68
N ARG H 272 23.74 -1.56 2.20
CA ARG H 272 24.72 -0.94 3.08
C ARG H 272 25.40 0.23 2.40
N VAL H 273 25.77 0.08 1.13
CA VAL H 273 26.40 1.17 0.40
C VAL H 273 25.43 2.31 0.19
N ILE H 274 24.14 1.99 -0.02
CA ILE H 274 23.15 3.02 -0.34
C ILE H 274 22.96 3.96 0.84
N LEU H 275 22.67 3.40 2.02
CA LEU H 275 22.32 4.23 3.15
C LEU H 275 23.51 5.02 3.67
N SER H 276 24.72 4.67 3.23
CA SER H 276 25.90 5.44 3.62
C SER H 276 25.95 6.79 2.91
N HIS H 277 25.39 6.86 1.70
CA HIS H 277 25.47 8.08 0.91
C HIS H 277 24.79 9.23 1.65
N PRO H 278 25.29 10.46 1.49
CA PRO H 278 24.67 11.59 2.19
C PRO H 278 23.18 11.75 1.89
N SER H 279 22.75 11.42 0.67
CA SER H 279 21.34 11.52 0.34
C SER H 279 20.48 10.75 1.31
N ALA H 280 20.93 9.56 1.74
CA ALA H 280 20.13 8.75 2.66
C ALA H 280 19.73 9.53 3.90
N SER H 281 20.65 10.32 4.47
CA SER H 281 20.33 11.10 5.65
C SER H 281 19.07 11.93 5.45
N ASP H 282 18.96 12.61 4.30
CA ASP H 282 17.76 13.40 4.01
C ASP H 282 16.55 12.50 3.73
N ALA H 283 16.78 11.39 3.03
CA ALA H 283 15.66 10.57 2.56
C ALA H 283 14.84 10.02 3.72
N LEU H 284 15.50 9.50 4.75
CA LEU H 284 14.83 8.76 5.81
C LEU H 284 15.43 9.09 7.16
N ASN H 285 14.62 8.93 8.20
CA ASN H 285 15.13 8.97 9.56
C ASN H 285 15.98 7.72 9.83
N ARG H 286 16.81 7.82 10.87
CA ARG H 286 17.75 6.73 11.14
C ARG H 286 17.04 5.40 11.36
N LEU H 287 15.82 5.43 11.92
CA LEU H 287 15.10 4.19 12.15
C LEU H 287 14.91 3.42 10.85
N GLN H 288 14.50 4.11 9.79
CA GLN H 288 14.23 3.44 8.53
C GLN H 288 15.51 2.93 7.88
N ARG H 289 16.60 3.69 7.99
CA ARG H 289 17.89 3.19 7.51
C ARG H 289 18.28 1.92 8.24
N HIS H 290 18.10 1.92 9.57
CA HIS H 290 18.40 0.73 10.36
C HIS H 290 17.56 -0.46 9.91
N ASP H 291 16.26 -0.25 9.69
CA ASP H 291 15.40 -1.34 9.26
C ASP H 291 15.80 -1.88 7.89
N LEU H 292 15.96 -0.99 6.91
CA LEU H 292 16.16 -1.44 5.54
C LEU H 292 17.45 -2.23 5.40
N ARG H 293 18.52 -1.75 6.03
CA ARG H 293 19.81 -2.44 5.96
C ARG H 293 19.67 -3.89 6.43
N TRP H 294 18.98 -4.09 7.55
CA TRP H 294 18.76 -5.42 8.08
C TRP H 294 17.41 -6.02 7.68
N LEU H 295 16.86 -5.59 6.54
CA LEU H 295 15.70 -6.27 5.98
C LEU H 295 16.07 -7.68 5.54
N VAL H 296 17.24 -7.84 4.93
CA VAL H 296 17.65 -9.15 4.44
C VAL H 296 17.71 -10.14 5.59
N LYS H 297 18.35 -9.76 6.70
CA LYS H 297 18.36 -10.63 7.87
C LYS H 297 16.96 -10.81 8.43
N ARG H 298 16.15 -9.75 8.43
CA ARG H 298 14.83 -9.82 9.05
C ARG H 298 13.93 -10.82 8.33
N LEU H 299 14.04 -10.92 7.00
CA LEU H 299 13.32 -11.97 6.29
C LEU H 299 13.76 -13.35 6.74
N VAL H 300 15.07 -13.54 6.92
CA VAL H 300 15.58 -14.82 7.40
C VAL H 300 14.98 -15.14 8.76
N ASP H 301 14.93 -14.15 9.66
CA ASP H 301 14.39 -14.38 10.99
C ASP H 301 12.93 -14.79 10.92
N GLU H 302 12.12 -14.07 10.16
CA GLU H 302 10.68 -14.31 10.16
C GLU H 302 10.35 -15.70 9.63
N SER H 303 11.03 -16.12 8.57
CA SER H 303 10.79 -17.47 8.04
C SER H 303 11.08 -18.53 9.08
N GLN H 304 12.00 -18.25 10.01
CA GLN H 304 12.28 -19.21 11.08
C GLN H 304 11.02 -19.53 11.87
N THR H 305 10.13 -18.55 12.04
CA THR H 305 8.90 -18.78 12.79
C THR H 305 8.03 -19.86 12.16
N VAL H 306 7.91 -19.85 10.83
CA VAL H 306 7.13 -20.88 10.16
C VAL H 306 7.76 -22.26 10.37
N LEU H 307 9.08 -22.34 10.20
CA LEU H 307 9.77 -23.61 10.39
C LEU H 307 9.51 -24.18 11.78
N GLN H 308 9.40 -23.32 12.79
CA GLN H 308 9.09 -23.81 14.13
C GLN H 308 7.73 -24.48 14.15
N ALA H 309 6.73 -23.88 13.50
CA ALA H 309 5.41 -24.52 13.43
C ALA H 309 5.47 -25.84 12.69
N ARG H 310 6.23 -25.89 11.59
CA ARG H 310 6.33 -27.14 10.83
C ARG H 310 6.95 -28.25 11.68
N ALA H 311 8.04 -27.93 12.38
CA ALA H 311 8.66 -28.92 13.27
C ALA H 311 7.72 -29.32 14.39
N ARG H 312 6.98 -28.35 14.93
CA ARG H 312 5.99 -28.65 15.96
C ARG H 312 4.99 -29.67 15.46
N SER H 313 4.46 -29.46 14.25
CA SER H 313 3.48 -30.40 13.69
C SER H 313 4.11 -31.78 13.49
N GLU H 314 5.35 -31.82 13.00
CA GLU H 314 6.05 -33.10 12.89
C GLU H 314 6.15 -33.78 14.25
N ARG H 315 6.25 -32.99 15.32
CA ARG H 315 6.25 -33.57 16.66
C ARG H 315 5.01 -34.40 16.92
N ASP H 316 3.82 -33.85 16.61
CA ASP H 316 2.60 -34.60 16.83
C ASP H 316 2.46 -35.77 15.86
N VAL H 317 2.97 -35.62 14.64
CA VAL H 317 3.00 -36.77 13.73
C VAL H 317 3.77 -37.92 14.38
N ARG H 318 4.97 -37.62 14.91
CA ARG H 318 5.74 -38.62 15.62
C ARG H 318 4.97 -39.19 16.80
N GLY H 319 4.31 -38.32 17.58
CA GLY H 319 3.56 -38.81 18.72
C GLY H 319 2.46 -39.78 18.32
N PHE H 320 1.82 -39.52 17.18
CA PHE H 320 0.71 -40.38 16.77
C PHE H 320 1.16 -41.57 15.95
N MET H 321 2.45 -41.65 15.61
CA MET H 321 2.94 -42.82 14.88
C MET H 321 2.75 -44.11 15.66
N LYS H 322 2.63 -44.04 16.99
CA LYS H 322 2.58 -45.23 17.83
C LYS H 322 1.13 -45.52 18.23
N THR H 323 0.60 -46.64 17.72
CA THR H 323 -0.67 -47.15 18.21
C THR H 323 -0.66 -48.67 18.37
N GLY H 324 0.39 -49.36 17.95
CA GLY H 324 0.56 -50.75 18.29
C GLY H 324 0.72 -50.86 19.80
N LEU H 325 -0.04 -51.74 20.45
CA LEU H 325 -0.17 -51.67 21.90
C LEU H 325 -0.47 -53.04 22.47
N ALA H 326 -0.16 -53.20 23.75
CA ALA H 326 -0.71 -54.30 24.52
C ALA H 326 -2.21 -54.10 24.66
N ALA H 327 -2.94 -55.21 24.85
CA ALA H 327 -4.40 -55.15 24.79
C ALA H 327 -4.96 -54.06 25.69
N GLU H 328 -4.54 -54.03 26.95
CA GLU H 328 -5.03 -53.01 27.88
C GLU H 328 -4.69 -51.61 27.38
N HIS H 329 -3.46 -51.43 26.90
CA HIS H 329 -3.06 -50.14 26.34
C HIS H 329 -3.95 -49.75 25.17
N HIS H 330 -4.26 -50.71 24.30
CA HIS H 330 -5.09 -50.41 23.13
C HIS H 330 -6.50 -50.00 23.56
N ARG H 331 -7.05 -50.70 24.55
CA ARG H 331 -8.38 -50.35 25.05
C ARG H 331 -8.39 -48.93 25.60
N VAL H 332 -7.41 -48.61 26.46
CA VAL H 332 -7.39 -47.27 27.04
C VAL H 332 -7.11 -46.23 25.98
N GLY H 333 -6.33 -46.57 24.95
CA GLY H 333 -6.07 -45.62 23.88
C GLY H 333 -7.33 -45.30 23.09
N HIS H 334 -8.10 -46.34 22.74
CA HIS H 334 -9.39 -46.10 22.12
C HIS H 334 -10.24 -45.18 22.99
N LEU H 335 -10.33 -45.49 24.29
CA LEU H 335 -11.15 -44.70 25.18
C LEU H 335 -10.69 -43.25 25.23
N LEU H 336 -9.38 -43.03 25.33
CA LEU H 336 -8.85 -41.67 25.46
C LEU H 336 -9.05 -40.88 24.18
N ASN H 337 -8.82 -41.50 23.02
CA ASN H 337 -9.06 -40.79 21.77
C ASN H 337 -10.53 -40.42 21.63
N GLU H 338 -11.43 -41.35 21.98
CA GLU H 338 -12.84 -41.02 21.97
C GLU H 338 -13.13 -39.83 22.88
N PHE H 339 -12.59 -39.86 24.09
CA PHE H 339 -12.83 -38.78 25.04
C PHE H 339 -12.32 -37.44 24.50
N LEU H 340 -11.13 -37.44 23.92
CA LEU H 340 -10.56 -36.20 23.40
C LEU H 340 -11.39 -35.67 22.23
N ASN H 341 -11.83 -36.54 21.33
CA ASN H 341 -12.73 -36.08 20.26
C ASN H 341 -13.98 -35.46 20.87
N LEU H 342 -14.57 -36.12 21.86
CA LEU H 342 -15.74 -35.56 22.52
C LEU H 342 -15.41 -34.21 23.17
N ALA H 343 -14.17 -34.04 23.64
CA ALA H 343 -13.81 -32.82 24.35
C ALA H 343 -13.79 -31.61 23.43
N LEU H 344 -13.33 -31.78 22.19
CA LEU H 344 -13.19 -30.63 21.30
C LEU H 344 -14.49 -29.85 21.15
N LYS H 345 -15.63 -30.55 21.17
CA LYS H 345 -16.90 -29.89 20.86
C LYS H 345 -17.41 -29.07 22.04
N LEU H 346 -16.88 -29.27 23.24
CA LEU H 346 -17.26 -28.43 24.36
C LEU H 346 -16.84 -26.99 24.10
N ASP H 347 -17.52 -26.05 24.77
CA ASP H 347 -17.25 -24.62 24.60
C ASP H 347 -16.27 -24.16 25.67
N TRP H 348 -15.00 -24.48 25.43
CA TRP H 348 -13.95 -24.23 26.42
C TRP H 348 -13.88 -22.78 26.86
N GLN H 349 -13.98 -21.84 25.91
CA GLN H 349 -13.77 -20.44 26.24
C GLN H 349 -14.67 -19.97 27.38
N ARG H 350 -15.91 -20.46 27.44
CA ARG H 350 -16.79 -20.13 28.55
C ARG H 350 -16.12 -20.50 29.88
N GLN H 351 -16.31 -19.65 30.89
CA GLN H 351 -15.71 -19.93 32.19
C GLN H 351 -16.38 -21.12 32.87
N MET H 352 -17.70 -21.13 32.91
CA MET H 352 -18.41 -22.12 33.74
C MET H 352 -18.21 -23.54 33.24
N ILE H 353 -18.03 -23.72 31.92
CA ILE H 353 -17.84 -25.07 31.39
C ILE H 353 -16.62 -25.72 32.04
N ARG H 354 -15.52 -24.98 32.14
CA ARG H 354 -14.24 -25.56 32.53
C ARG H 354 -14.30 -26.12 33.95
N LYS H 355 -14.95 -25.40 34.87
CA LYS H 355 -14.95 -25.76 36.28
C LYS H 355 -16.11 -26.66 36.67
N GLN H 356 -16.78 -27.28 35.71
CA GLN H 356 -17.82 -28.24 36.04
C GLN H 356 -17.22 -29.53 36.58
N GLU H 357 -17.90 -30.15 37.54
CA GLU H 357 -17.40 -31.38 38.14
C GLU H 357 -17.58 -32.55 37.19
N VAL H 358 -16.79 -33.60 37.41
CA VAL H 358 -16.85 -34.81 36.59
C VAL H 358 -16.98 -36.02 37.52
N PRO H 359 -17.60 -37.11 37.07
CA PRO H 359 -17.89 -38.22 37.99
C PRO H 359 -16.72 -39.17 38.21
N LEU H 360 -15.51 -38.74 37.87
CA LEU H 360 -14.36 -39.61 38.06
C LEU H 360 -14.27 -40.05 39.52
N PRO H 361 -14.02 -41.34 39.78
CA PRO H 361 -13.96 -41.81 41.16
C PRO H 361 -12.74 -41.28 41.90
N ALA H 362 -12.85 -41.23 43.21
CA ALA H 362 -11.78 -40.74 44.07
C ALA H 362 -10.82 -41.90 44.36
N VAL H 363 -9.60 -41.79 43.83
CA VAL H 363 -8.53 -42.73 44.11
C VAL H 363 -7.30 -41.94 44.51
N GLY H 364 -6.38 -42.59 45.22
CA GLY H 364 -5.30 -41.87 45.85
C GLY H 364 -5.78 -40.95 46.95
N VAL H 365 -6.97 -41.20 47.48
CA VAL H 365 -7.60 -40.32 48.45
C VAL H 365 -6.69 -40.20 49.67
N ALA H 366 -6.51 -38.97 50.15
CA ALA H 366 -5.74 -38.73 51.35
C ALA H 366 -6.59 -38.00 52.39
N VAL H 367 -6.56 -38.50 53.61
CA VAL H 367 -7.15 -37.82 54.76
C VAL H 367 -6.07 -36.97 55.40
N THR H 368 -6.45 -35.77 55.85
CA THR H 368 -5.46 -34.80 56.29
C THR H 368 -6.10 -33.86 57.30
N GLY H 369 -5.26 -33.00 57.87
CA GLY H 369 -5.75 -31.92 58.70
C GLY H 369 -6.70 -32.36 59.78
N ILE H 370 -6.38 -33.45 60.49
CA ILE H 370 -7.22 -33.89 61.60
C ILE H 370 -7.20 -32.77 62.62
N PRO H 371 -8.36 -32.19 62.99
CA PRO H 371 -8.40 -30.96 63.79
C PRO H 371 -8.31 -31.21 65.30
N ALA H 372 -7.18 -31.73 65.76
CA ALA H 372 -6.96 -31.89 67.19
C ALA H 372 -6.61 -30.55 67.80
N ILE H 373 -7.38 -30.13 68.81
CA ILE H 373 -7.14 -28.84 69.45
C ILE H 373 -5.76 -28.79 70.08
N GLU H 374 -5.20 -29.95 70.43
CA GLU H 374 -3.91 -30.00 71.11
C GLU H 374 -2.74 -29.67 70.18
N ARG H 375 -2.98 -29.53 68.89
CA ARG H 375 -1.94 -29.15 67.94
C ARG H 375 -1.73 -27.64 67.89
N LEU H 376 -2.45 -26.87 68.70
CA LEU H 376 -2.40 -25.42 68.61
C LEU H 376 -1.15 -24.88 69.31
N ARG H 377 -0.53 -23.88 68.68
CA ARG H 377 0.58 -23.13 69.25
C ARG H 377 0.36 -21.66 68.94
N PHE H 378 1.04 -20.80 69.69
CA PHE H 378 0.69 -19.39 69.71
C PHE H 378 1.93 -18.52 69.51
N LYS H 379 1.67 -17.26 69.18
CA LYS H 379 2.75 -16.32 68.90
C LYS H 379 3.63 -16.15 70.13
N GLU H 380 4.93 -15.96 69.89
CA GLU H 380 5.90 -15.72 70.95
C GLU H 380 6.61 -14.39 70.69
N VAL H 381 6.86 -13.67 71.78
CA VAL H 381 7.29 -12.27 71.70
C VAL H 381 8.55 -12.07 72.53
N ASP H 382 9.38 -13.11 72.65
CA ASP H 382 10.55 -13.04 73.51
C ASP H 382 11.60 -12.09 72.97
N ASP H 383 11.60 -11.84 71.65
CA ASP H 383 12.58 -10.97 71.02
C ASP H 383 12.13 -9.52 70.95
N GLU H 384 11.31 -9.05 71.90
CA GLU H 384 10.83 -7.67 71.91
C GLU H 384 11.96 -6.75 72.36
N ALA H 385 12.83 -6.42 71.41
CA ALA H 385 13.97 -5.56 71.66
C ALA H 385 14.32 -4.79 70.40
N GLU H 386 14.60 -3.51 70.55
CA GLU H 386 14.89 -2.64 69.41
C GLU H 386 16.37 -2.76 69.03
N GLN H 387 16.63 -2.94 67.74
CA GLN H 387 18.00 -2.87 67.25
C GLN H 387 18.34 -1.43 66.88
N THR H 388 19.39 -0.89 67.49
CA THR H 388 19.69 0.52 67.35
C THR H 388 19.89 0.89 65.89
N LEU H 389 19.28 2.00 65.48
CA LEU H 389 19.46 2.56 64.14
C LEU H 389 20.63 3.53 64.22
N ASP H 390 21.83 3.00 63.98
CA ASP H 390 23.07 3.76 64.18
C ASP H 390 23.36 4.60 62.94
N LEU H 391 22.60 5.69 62.81
CA LEU H 391 22.76 6.62 61.71
C LEU H 391 23.96 7.54 61.86
N SER H 392 24.68 7.45 62.98
CA SER H 392 25.80 8.36 63.22
C SER H 392 26.84 8.24 62.11
N ASN H 393 27.52 9.35 61.83
CA ASN H 393 28.59 9.36 60.83
C ASN H 393 29.85 8.75 61.42
N HIS H 394 30.25 7.59 60.90
CA HIS H 394 31.49 6.94 61.33
C HIS H 394 32.67 7.52 60.55
N ALA H 395 33.08 8.72 60.98
CA ALA H 395 34.14 9.44 60.29
C ALA H 395 35.46 8.70 60.41
N ALA H 396 36.48 9.25 59.74
CA ALA H 396 37.78 8.61 59.64
C ALA H 396 38.84 9.39 60.41
N ASP H 397 39.85 8.66 60.89
CA ASP H 397 40.99 9.24 61.59
C ASP H 397 42.13 9.33 60.58
N LEU H 398 42.37 10.54 60.06
CA LEU H 398 43.34 10.70 58.98
C LEU H 398 44.75 10.33 59.41
N THR H 399 45.16 10.74 60.62
CA THR H 399 46.53 10.50 61.05
C THR H 399 46.83 9.03 61.21
N GLN H 400 45.82 8.22 61.55
CA GLN H 400 46.05 6.80 61.80
C GLN H 400 46.66 6.11 60.58
N ILE H 401 46.42 6.65 59.39
CA ILE H 401 46.93 6.02 58.16
C ILE H 401 48.44 5.85 58.28
N GLY H 402 48.94 4.75 57.74
CA GLY H 402 50.35 4.41 57.90
C GLY H 402 51.27 5.36 57.16
N ASP H 403 52.53 5.35 57.58
CA ASP H 403 53.53 6.21 56.97
C ASP H 403 53.75 5.88 55.51
N ASP H 404 53.75 4.59 55.15
CA ASP H 404 53.97 4.21 53.75
C ASP H 404 52.96 4.90 52.84
N PHE H 405 51.71 5.04 53.30
CA PHE H 405 50.72 5.76 52.50
C PHE H 405 51.20 7.17 52.20
N TRP H 406 51.71 7.88 53.21
CA TRP H 406 52.18 9.24 52.99
C TRP H 406 53.41 9.26 52.10
N ASP H 407 54.32 8.30 52.28
CA ASP H 407 55.53 8.24 51.46
C ASP H 407 55.18 8.10 49.99
N ALA H 408 54.27 7.18 49.67
CA ALA H 408 53.79 7.06 48.29
C ALA H 408 53.05 8.32 47.88
N PHE H 409 52.33 8.93 48.83
CA PHE H 409 51.62 10.18 48.55
C PHE H 409 52.59 11.32 48.25
N ASN H 410 53.84 11.18 48.66
CA ASN H 410 54.87 12.19 48.42
C ASN H 410 55.96 11.66 47.50
N GLY H 411 55.60 10.75 46.60
CA GLY H 411 56.54 10.19 45.65
C GLY H 411 57.09 11.26 44.72
N LEU H 412 57.78 10.78 43.69
CA LEU H 412 58.37 11.69 42.72
C LEU H 412 57.33 12.17 41.72
N ASP H 413 57.32 13.47 41.44
CA ASP H 413 56.55 14.01 40.34
C ASP H 413 57.49 14.22 39.15
N ARG H 414 57.35 13.38 38.11
CA ARG H 414 58.28 13.47 37.00
C ARG H 414 58.17 14.79 36.27
N GLU H 415 57.03 15.48 36.38
CA GLU H 415 56.87 16.77 35.70
C GLU H 415 57.81 17.82 36.30
N VAL H 416 57.71 18.03 37.61
CA VAL H 416 58.57 19.03 38.25
C VAL H 416 60.03 18.62 38.15
N LEU H 417 60.31 17.32 38.26
CA LEU H 417 61.69 16.87 38.13
C LEU H 417 62.23 17.16 36.73
N ILE H 418 61.43 16.91 35.70
CA ILE H 418 61.85 17.21 34.34
C ILE H 418 62.10 18.69 34.17
N GLN H 419 61.18 19.52 34.68
CA GLN H 419 61.36 20.96 34.58
C GLN H 419 62.66 21.40 35.23
N GLN H 420 62.89 20.96 36.47
CA GLN H 420 64.09 21.38 37.20
C GLN H 420 65.36 20.87 36.54
N THR H 421 65.37 19.62 36.10
CA THR H 421 66.56 19.07 35.44
C THR H 421 66.86 19.80 34.15
N LEU H 422 65.83 20.08 33.35
CA LEU H 422 66.06 20.82 32.11
C LEU H 422 66.59 22.22 32.41
N GLN H 423 66.02 22.90 33.41
CA GLN H 423 66.50 24.23 33.75
C GLN H 423 67.95 24.20 34.20
N LEU H 424 68.30 23.25 35.07
CA LEU H 424 69.67 23.16 35.58
C LEU H 424 70.64 22.84 34.45
N LEU H 425 70.30 21.88 33.60
CA LEU H 425 71.20 21.52 32.50
C LEU H 425 71.30 22.63 31.48
N ALA H 426 70.26 23.46 31.36
CA ALA H 426 70.35 24.62 30.48
C ALA H 426 71.30 25.67 31.04
N LYS H 427 71.17 26.00 32.32
CA LYS H 427 72.06 27.01 32.89
C LYS H 427 73.50 26.53 32.91
N GLU H 428 73.73 25.27 33.29
CA GLU H 428 75.08 24.74 33.36
C GLU H 428 75.71 24.60 31.97
N ASN H 429 74.95 24.09 31.01
CA ASN H 429 75.38 24.03 29.61
C ASN H 429 76.63 23.18 29.43
N ARG H 430 76.52 21.91 29.82
CA ARG H 430 77.57 20.93 29.57
C ARG H 430 77.07 19.57 30.02
N PRO H 431 77.77 18.49 29.64
CA PRO H 431 77.40 17.16 30.14
C PRO H 431 77.53 17.07 31.66
N VAL H 432 76.45 16.73 32.35
CA VAL H 432 76.40 16.69 33.81
C VAL H 432 76.07 15.27 34.24
N GLY H 433 76.97 14.66 35.00
CA GLY H 433 76.78 13.29 35.43
C GLY H 433 75.72 13.16 36.51
N LEU H 434 75.42 11.90 36.85
CA LEU H 434 74.40 11.64 37.86
C LEU H 434 74.82 12.14 39.23
N ALA H 435 76.09 11.95 39.60
CA ALA H 435 76.57 12.51 40.86
C ALA H 435 76.62 14.03 40.81
N GLU H 436 77.01 14.60 39.68
CA GLU H 436 76.99 16.05 39.53
C GLU H 436 75.57 16.58 39.64
N LEU H 437 74.58 15.77 39.24
CA LEU H 437 73.18 16.17 39.42
C LEU H 437 72.72 15.93 40.85
N ALA H 438 73.35 14.98 41.54
CA ALA H 438 73.07 14.78 42.96
C ALA H 438 73.58 15.94 43.80
N GLU H 439 74.66 16.58 43.36
CA GLU H 439 75.18 17.76 44.03
C GLU H 439 74.50 19.06 43.59
N LEU H 440 74.36 19.27 42.27
CA LEU H 440 73.71 20.48 41.78
C LEU H 440 72.21 20.48 42.07
N LEU H 441 71.55 19.34 41.91
CA LEU H 441 70.12 19.20 42.17
C LEU H 441 69.91 18.05 43.14
N PRO H 442 70.15 18.28 44.43
CA PRO H 442 70.07 17.20 45.41
C PRO H 442 68.69 16.57 45.40
N PRO H 443 68.58 15.29 45.04
CA PRO H 443 67.26 14.65 45.00
C PRO H 443 66.74 14.31 46.39
N ALA H 444 65.41 14.31 46.51
CA ALA H 444 64.77 13.87 47.74
C ALA H 444 64.48 12.37 47.66
N HIS H 445 63.73 11.94 46.65
CA HIS H 445 63.50 10.52 46.39
C HIS H 445 64.67 9.99 45.56
N ASP H 446 65.78 9.76 46.26
CA ASP H 446 67.08 9.51 45.64
C ASP H 446 67.02 8.54 44.46
N LEU H 447 66.65 7.28 44.71
CA LEU H 447 66.68 6.29 43.63
C LEU H 447 65.66 6.60 42.56
N GLU H 448 64.48 7.08 42.97
CA GLU H 448 63.44 7.40 41.99
C GLU H 448 63.94 8.41 40.98
N THR H 449 64.73 9.38 41.42
CA THR H 449 65.28 10.37 40.49
C THR H 449 66.45 9.81 39.70
N PHE H 450 67.19 8.87 40.28
CA PHE H 450 68.32 8.28 39.55
C PHE H 450 67.83 7.55 38.31
N ALA H 451 66.87 6.65 38.47
CA ALA H 451 66.32 5.92 37.34
C ALA H 451 65.68 6.86 36.35
N VAL H 452 64.98 7.88 36.84
CA VAL H 452 64.35 8.83 35.93
C VAL H 452 65.38 9.62 35.14
N TRP H 453 66.53 9.95 35.76
CA TRP H 453 67.57 10.67 35.04
C TRP H 453 68.20 9.78 33.97
N ILE H 454 68.49 8.53 34.31
CA ILE H 454 68.99 7.61 33.28
C ILE H 454 67.93 7.43 32.20
N GLY H 455 66.66 7.53 32.56
CA GLY H 455 65.60 7.39 31.58
C GLY H 455 65.52 8.58 30.64
N MET H 456 65.73 9.79 31.16
CA MET H 456 65.83 10.95 30.29
C MET H 456 67.03 10.81 29.37
N ALA H 457 68.15 10.32 29.90
CA ALA H 457 69.33 10.10 29.07
C ALA H 457 69.01 9.15 27.92
N ARG H 458 68.40 8.00 28.22
CA ARG H 458 68.07 7.03 27.18
C ARG H 458 67.02 7.58 26.22
N GLU H 459 66.04 8.31 26.74
CA GLU H 459 64.98 8.86 25.90
C GLU H 459 65.54 9.86 24.90
N ALA H 460 66.56 10.63 25.30
CA ALA H 460 67.19 11.58 24.41
C ALA H 460 68.24 10.95 23.51
N GLY H 461 68.52 9.65 23.67
CA GLY H 461 69.53 9.01 22.88
C GLY H 461 70.95 9.30 23.32
N ILE H 462 71.11 9.90 24.51
CA ILE H 462 72.45 10.22 25.00
C ILE H 462 73.25 8.94 25.12
N GLU H 463 74.50 8.99 24.64
CA GLU H 463 75.38 7.84 24.70
C GLU H 463 75.56 7.36 26.14
N VAL H 464 75.95 6.11 26.29
CA VAL H 464 76.12 5.50 27.60
C VAL H 464 77.24 4.45 27.54
N ILE H 465 78.17 4.54 28.48
CA ILE H 465 79.10 3.46 28.79
C ILE H 465 79.01 3.20 30.28
N ASP H 466 79.06 1.92 30.66
CA ASP H 466 78.93 1.53 32.06
C ASP H 466 80.04 0.53 32.41
N SER H 467 81.21 1.06 32.75
CA SER H 467 82.21 0.27 33.47
C SER H 467 82.98 1.26 34.35
N GLN H 468 82.46 1.48 35.56
CA GLN H 468 83.11 2.32 36.56
C GLN H 468 82.23 2.34 37.78
N ARG H 469 82.83 2.66 38.93
CA ARG H 469 82.07 2.90 40.15
C ARG H 469 82.18 4.37 40.52
N GLU H 470 81.16 5.15 40.13
CA GLU H 470 81.10 6.58 40.41
C GLU H 470 80.04 6.83 41.47
N PHE H 471 80.43 7.50 42.54
CA PHE H 471 79.61 7.54 43.75
C PHE H 471 79.11 8.94 44.04
N ALA H 472 77.94 8.99 44.68
CA ALA H 472 77.42 10.19 45.31
C ALA H 472 76.75 9.77 46.61
N GLU H 473 76.67 10.70 47.56
CA GLU H 473 76.19 10.40 48.90
C GLU H 473 75.00 11.28 49.24
N LEU H 474 74.00 10.69 49.89
CA LEU H 474 72.80 11.40 50.27
C LEU H 474 72.27 10.82 51.58
N SER H 475 71.55 11.65 52.32
CA SER H 475 70.92 11.25 53.57
C SER H 475 69.41 11.17 53.39
N ASP H 476 68.80 10.22 54.08
CA ASP H 476 67.38 9.95 53.95
C ASP H 476 66.58 10.84 54.89
N GLY H 477 65.28 10.55 55.02
CA GLY H 477 64.40 11.34 55.87
C GLY H 477 64.68 11.23 57.35
N GLU H 478 65.38 10.20 57.79
CA GLU H 478 65.70 10.01 59.21
C GLU H 478 67.19 10.23 59.48
N GLY H 479 67.90 10.85 58.55
CA GLY H 479 69.27 11.25 58.77
C GLY H 479 70.33 10.23 58.39
N ARG H 480 69.97 8.95 58.24
CA ARG H 480 70.95 7.96 57.85
C ARG H 480 71.53 8.30 56.49
N ARG H 481 72.86 8.27 56.39
CA ARG H 481 73.56 8.62 55.17
C ARG H 481 73.66 7.39 54.27
N TRP H 482 73.94 7.63 52.99
CA TRP H 482 73.96 6.59 51.98
C TRP H 482 75.03 6.91 50.93
N ARG H 483 75.37 5.90 50.14
CA ARG H 483 76.44 6.00 49.15
C ARG H 483 76.03 5.25 47.90
N PHE H 484 75.46 5.97 46.93
CA PHE H 484 75.07 5.39 45.66
C PHE H 484 76.29 5.04 44.84
N ASN H 485 76.13 4.07 43.95
CA ASN H 485 77.18 3.64 43.04
C ASN H 485 76.58 3.61 41.64
N LEU H 486 77.20 4.32 40.72
CA LEU H 486 76.52 4.79 39.52
C LEU H 486 77.38 4.55 38.28
N PRO H 487 76.75 4.49 37.10
CA PRO H 487 77.51 4.57 35.85
C PRO H 487 77.71 6.02 35.44
N THR H 488 78.71 6.30 34.61
CA THR H 488 79.11 7.66 34.29
C THR H 488 78.72 8.01 32.87
N THR H 489 77.97 9.11 32.72
CA THR H 489 77.74 9.75 31.45
C THR H 489 77.14 11.12 31.72
N GLY H 490 77.33 12.04 30.78
CA GLY H 490 76.97 13.42 31.02
C GLY H 490 75.68 13.86 30.33
N LEU H 491 74.67 14.15 31.13
CA LEU H 491 73.41 14.66 30.61
C LEU H 491 73.64 15.95 29.84
N GLU H 492 73.11 15.99 28.62
CA GLU H 492 73.26 17.16 27.75
C GLU H 492 71.90 17.81 27.56
N SER H 493 71.84 19.12 27.84
CA SER H 493 70.56 19.80 27.92
C SER H 493 69.84 19.83 26.57
N GLN H 494 70.57 20.17 25.50
CA GLN H 494 69.93 20.40 24.21
C GLN H 494 69.17 19.16 23.73
N ALA H 495 69.78 17.99 23.85
CA ALA H 495 69.10 16.76 23.45
C ALA H 495 67.83 16.55 24.26
N LEU H 496 67.88 16.88 25.56
CA LEU H 496 66.73 16.65 26.42
C LEU H 496 65.58 17.58 26.09
N MET H 497 65.87 18.86 25.83
CA MET H 497 64.78 19.81 25.61
C MET H 497 63.93 19.42 24.41
N ASP H 498 64.55 18.87 23.37
CA ASP H 498 63.84 18.59 22.13
C ASP H 498 62.81 17.48 22.28
N ILE H 499 62.81 16.74 23.38
CA ILE H 499 61.93 15.59 23.55
C ILE H 499 60.74 16.00 24.41
N ASP H 500 59.57 15.51 24.05
CA ASP H 500 58.35 15.73 24.81
C ASP H 500 58.30 14.80 26.00
N TRP H 501 57.62 15.24 27.06
CA TRP H 501 57.47 14.46 28.28
C TRP H 501 56.02 14.54 28.75
N GLU H 502 55.62 13.53 29.52
CA GLU H 502 54.24 13.43 30.00
C GLU H 502 54.20 13.10 31.49
N SER I 12 25.64 15.27 30.67
CA SER I 12 25.54 13.89 31.11
C SER I 12 25.60 13.80 32.63
N PHE I 13 24.99 12.74 33.17
CA PHE I 13 24.98 12.56 34.61
C PHE I 13 26.33 12.06 35.10
N ILE I 14 26.66 12.44 36.34
CA ILE I 14 27.93 12.09 36.95
C ILE I 14 27.68 11.68 38.39
N LEU I 15 28.37 10.63 38.83
CA LEU I 15 28.15 10.04 40.14
C LEU I 15 29.00 10.75 41.18
N THR I 16 28.34 11.41 42.14
CA THR I 16 29.04 11.89 43.33
C THR I 16 28.14 11.66 44.54
N ARG I 17 28.14 10.41 45.03
CA ARG I 17 27.66 10.07 46.36
C ARG I 17 27.74 8.56 46.51
N ILE I 18 27.93 8.12 47.75
CA ILE I 18 27.50 6.78 48.17
C ILE I 18 27.07 6.88 49.63
N GLU I 19 25.76 6.87 49.87
CA GLU I 19 25.21 6.72 51.20
C GLU I 19 25.02 5.23 51.46
N LEU I 20 25.77 4.70 52.41
CA LEU I 20 25.90 3.26 52.57
C LEU I 20 25.80 2.90 54.05
N PHE I 21 25.11 1.81 54.35
CA PHE I 21 24.77 1.47 55.73
C PHE I 21 24.81 -0.04 55.92
N ASN I 22 25.48 -0.50 56.98
CA ASN I 22 25.52 -1.92 57.33
C ASN I 22 25.82 -2.79 56.12
N TRP I 23 26.70 -2.31 55.24
CA TRP I 23 27.15 -3.06 54.08
C TRP I 23 28.62 -3.39 54.25
N GLY I 24 29.01 -4.61 53.86
CA GLY I 24 30.40 -5.01 53.98
C GLY I 24 30.92 -4.81 55.39
N GLY I 25 32.15 -4.29 55.49
CA GLY I 25 32.75 -3.95 56.76
C GLY I 25 32.41 -2.57 57.26
N PHE I 26 31.39 -1.94 56.68
CA PHE I 26 31.02 -0.56 56.97
C PHE I 26 29.83 -0.56 57.91
N HIS I 27 30.12 -0.64 59.20
CA HIS I 27 29.07 -0.63 60.21
C HIS I 27 28.51 0.78 60.40
N GLY I 28 27.23 0.84 60.75
CA GLY I 28 26.61 2.14 60.84
C GLY I 28 26.52 2.80 59.46
N LEU I 29 26.40 4.12 59.48
CA LEU I 29 26.24 4.89 58.25
C LEU I 29 27.60 5.39 57.75
N HIS I 30 27.69 5.58 56.44
CA HIS I 30 28.86 6.10 55.78
C HIS I 30 28.44 6.95 54.59
N GLN I 31 29.33 7.82 54.14
CA GLN I 31 29.06 8.66 52.98
C GLN I 31 30.36 9.05 52.32
N ALA I 32 30.55 8.61 51.07
CA ALA I 32 31.70 9.00 50.26
C ALA I 32 31.21 9.92 49.15
N ALA I 33 31.77 11.12 49.11
CA ALA I 33 31.38 12.13 48.11
C ALA I 33 32.44 12.13 47.02
N ILE I 34 32.29 11.22 46.05
CA ILE I 34 33.13 11.27 44.87
C ILE I 34 32.98 12.65 44.23
N HIS I 35 33.98 13.04 43.44
CA HIS I 35 34.00 14.33 42.78
C HIS I 35 33.80 14.17 41.28
N GLN I 36 32.96 15.03 40.71
CA GLN I 36 32.67 14.97 39.28
C GLN I 36 33.84 15.41 38.42
N ASP I 37 34.88 16.00 39.01
CA ASP I 37 36.00 16.53 38.24
C ASP I 37 37.02 15.47 37.87
N GLY I 38 36.86 14.24 38.36
CA GLY I 38 37.87 13.20 38.19
C GLY I 38 38.42 12.79 39.54
N THR I 39 38.15 11.55 39.94
CA THR I 39 38.34 11.15 41.32
C THR I 39 39.03 9.80 41.40
N ALA I 40 39.71 9.58 42.52
CA ALA I 40 40.29 8.29 42.88
C ALA I 40 39.84 7.94 44.29
N VAL I 41 39.96 6.66 44.63
CA VAL I 41 39.65 6.17 45.96
C VAL I 41 40.75 5.20 46.35
N ILE I 42 41.23 5.31 47.60
CA ILE I 42 42.46 4.66 48.01
C ILE I 42 42.29 4.13 49.43
N GLY I 43 42.85 2.95 49.67
CA GLY I 43 42.87 2.36 50.97
C GLY I 43 43.77 1.14 51.02
N PRO I 44 44.23 0.76 52.21
CA PRO I 44 45.14 -0.39 52.31
C PRO I 44 44.49 -1.66 51.81
N THR I 45 45.29 -2.63 51.38
CA THR I 45 44.77 -3.94 51.04
C THR I 45 43.82 -4.41 52.13
N GLY I 46 42.65 -4.88 51.72
CA GLY I 46 41.62 -5.20 52.70
C GLY I 46 41.20 -3.98 53.49
N SER I 47 40.67 -2.97 52.80
CA SER I 47 40.14 -1.78 53.46
C SER I 47 38.68 -1.51 53.11
N GLY I 48 38.18 -2.00 51.99
CA GLY I 48 36.82 -1.77 51.57
C GLY I 48 36.68 -1.08 50.23
N LYS I 49 37.70 -1.11 49.38
CA LYS I 49 37.60 -0.45 48.08
C LYS I 49 36.70 -1.25 47.15
N THR I 50 37.05 -2.50 46.87
CA THR I 50 36.17 -3.34 46.08
C THR I 50 34.84 -3.58 46.79
N THR I 51 34.81 -3.47 48.12
CA THR I 51 33.52 -3.46 48.82
C THR I 51 32.63 -2.36 48.26
N LEU I 52 33.15 -1.13 48.19
CA LEU I 52 32.38 -0.03 47.65
C LEU I 52 32.05 -0.25 46.18
N VAL I 53 33.01 -0.74 45.39
CA VAL I 53 32.76 -1.00 43.98
C VAL I 53 31.57 -1.94 43.83
N ASP I 54 31.56 -3.03 44.59
CA ASP I 54 30.45 -3.97 44.54
C ASP I 54 29.16 -3.31 45.03
N ALA I 55 29.24 -2.49 46.07
CA ALA I 55 28.05 -1.76 46.52
C ALA I 55 27.46 -0.94 45.39
N LEU I 56 28.32 -0.48 44.46
CA LEU I 56 27.81 0.25 43.30
C LEU I 56 27.15 -0.67 42.29
N MET I 57 27.85 -1.74 41.89
CA MET I 57 27.33 -2.62 40.87
C MET I 57 26.03 -3.28 41.29
N THR I 58 25.75 -3.33 42.59
CA THR I 58 24.49 -3.91 43.06
C THR I 58 23.30 -3.19 42.46
N LEU I 59 23.39 -1.87 42.31
CA LEU I 59 22.24 -1.08 41.90
C LEU I 59 22.12 -0.98 40.39
N LEU I 60 23.03 -1.61 39.64
CA LEU I 60 23.07 -1.43 38.19
C LEU I 60 22.85 -2.72 37.41
N LEU I 61 22.79 -3.88 38.06
CA LEU I 61 22.65 -5.13 37.34
C LEU I 61 22.01 -6.18 38.24
N ALA I 62 21.34 -7.13 37.58
CA ALA I 62 20.83 -8.33 38.25
C ALA I 62 21.82 -9.49 38.20
N ASN I 63 22.93 -9.34 37.49
CA ASN I 63 23.98 -10.35 37.43
C ASN I 63 25.31 -9.73 37.83
N PRO I 64 25.40 -9.03 38.96
CA PRO I 64 26.66 -8.39 39.34
C PRO I 64 27.71 -9.42 39.71
N ARG I 65 28.71 -9.58 38.83
CA ARG I 65 29.83 -10.48 39.09
C ARG I 65 30.75 -9.82 40.10
N TYR I 66 30.38 -9.96 41.37
CA TYR I 66 31.03 -9.21 42.44
C TYR I 66 32.53 -9.47 42.46
N ASN I 67 33.28 -8.46 42.90
CA ASN I 67 34.70 -8.59 43.20
C ASN I 67 35.48 -9.17 42.02
N LEU I 68 35.05 -8.87 40.80
CA LEU I 68 35.71 -9.45 39.63
C LEU I 68 37.18 -9.01 39.54
N ALA I 69 37.50 -7.82 40.04
CA ALA I 69 38.88 -7.35 39.97
C ALA I 69 39.83 -8.31 40.67
N SER I 70 39.53 -8.66 41.92
CA SER I 70 40.35 -9.64 42.63
C SER I 70 40.24 -11.01 41.97
N THR I 71 39.02 -11.48 41.73
CA THR I 71 38.79 -12.75 41.06
C THR I 71 38.82 -12.55 39.55
N GLY I 72 40.03 -12.32 39.04
CA GLY I 72 40.21 -12.06 37.62
C GLY I 72 39.67 -13.17 36.75
N GLY I 73 38.60 -12.88 36.01
CA GLY I 73 38.03 -13.83 35.08
C GLY I 73 37.09 -14.85 35.67
N HIS I 74 36.59 -14.63 36.88
CA HIS I 74 35.64 -15.55 37.48
C HIS I 74 34.90 -14.83 38.61
N GLU I 75 34.04 -15.57 39.32
CA GLU I 75 33.13 -15.00 40.31
C GLU I 75 33.68 -15.25 41.71
N SER I 76 33.50 -14.26 42.58
CA SER I 76 33.92 -14.38 43.97
C SER I 76 32.84 -15.05 44.80
N ASP I 77 33.27 -15.69 45.90
CA ASP I 77 32.32 -16.25 46.85
C ASP I 77 31.39 -15.17 47.40
N ARG I 78 31.85 -13.93 47.40
CA ARG I 78 31.03 -12.83 47.91
C ARG I 78 29.73 -12.72 47.15
N ASP I 79 28.66 -12.47 47.88
CA ASP I 79 27.35 -12.20 47.29
C ASP I 79 26.62 -11.22 48.18
N LEU I 80 25.38 -10.89 47.78
CA LEU I 80 24.58 -9.93 48.54
C LEU I 80 24.47 -10.35 50.00
N ILE I 81 24.30 -11.65 50.25
CA ILE I 81 24.07 -12.13 51.60
C ILE I 81 25.25 -11.79 52.50
N SER I 82 26.45 -12.14 52.06
CA SER I 82 27.64 -11.89 52.88
C SER I 82 27.83 -10.41 53.12
N TYR I 83 27.72 -9.59 52.07
CA TYR I 83 27.92 -8.15 52.23
C TYR I 83 26.92 -7.59 53.25
N VAL I 84 25.65 -7.97 53.14
CA VAL I 84 24.66 -7.52 54.11
C VAL I 84 25.05 -8.01 55.51
N ARG I 85 25.58 -9.23 55.59
CA ARG I 85 25.92 -9.81 56.88
C ARG I 85 27.25 -9.29 57.42
N GLY I 86 28.01 -8.55 56.62
CA GLY I 86 29.33 -8.09 57.03
C GLY I 86 30.29 -9.24 57.27
N VAL I 87 30.27 -10.22 56.36
CA VAL I 87 31.16 -11.36 56.48
C VAL I 87 32.61 -10.90 56.37
N SER I 88 33.46 -11.41 57.25
CA SER I 88 34.87 -11.05 57.23
C SER I 88 35.70 -12.08 58.00
N SER I 98 32.24 -16.98 61.57
CA SER I 98 33.01 -16.46 60.45
C SER I 98 33.08 -14.93 60.51
N HIS I 99 33.07 -14.39 61.73
CA HIS I 99 33.18 -12.96 61.97
C HIS I 99 32.01 -12.17 61.39
N ILE I 100 30.86 -12.82 61.21
CA ILE I 100 29.68 -12.14 60.68
C ILE I 100 29.29 -11.01 61.62
N ALA I 101 29.37 -9.77 61.13
CA ALA I 101 29.09 -8.62 61.97
C ALA I 101 27.61 -8.48 62.32
N ARG I 102 26.72 -8.85 61.41
CA ARG I 102 25.28 -8.69 61.61
C ARG I 102 24.59 -10.01 61.29
N PRO I 103 24.76 -11.02 62.14
CA PRO I 103 24.19 -12.34 61.85
C PRO I 103 22.69 -12.40 62.03
N GLY I 104 22.16 -11.65 62.99
CA GLY I 104 20.75 -11.68 63.32
C GLY I 104 19.96 -10.62 62.60
N LYS I 105 18.80 -10.28 63.17
CA LYS I 105 17.94 -9.27 62.58
C LYS I 105 18.72 -7.99 62.30
N THR I 106 18.68 -7.54 61.05
CA THR I 106 19.49 -6.40 60.62
C THR I 106 18.81 -5.71 59.45
N VAL I 107 19.31 -4.52 59.14
CA VAL I 107 18.88 -3.75 57.97
C VAL I 107 20.11 -3.21 57.27
N THR I 108 20.12 -3.31 55.94
CA THR I 108 21.24 -2.87 55.13
C THR I 108 20.73 -1.85 54.11
N GLY I 109 21.61 -0.97 53.67
CA GLY I 109 21.23 0.10 52.77
C GLY I 109 22.32 0.43 51.79
N ILE I 110 21.89 0.90 50.61
CA ILE I 110 22.79 1.41 49.59
C ILE I 110 22.06 2.54 48.87
N ALA I 111 22.77 3.60 48.53
CA ALA I 111 22.19 4.70 47.78
C ALA I 111 23.27 5.48 47.06
N ALA I 112 23.37 5.30 45.76
CA ALA I 112 24.21 6.12 44.91
C ALA I 112 23.44 7.38 44.51
N THR I 113 24.15 8.37 44.01
CA THR I 113 23.52 9.61 43.56
C THR I 113 24.38 10.26 42.49
N LEU I 114 23.74 10.61 41.38
CA LEU I 114 24.38 11.29 40.26
C LEU I 114 23.62 12.58 39.98
N GLU I 115 24.28 13.53 39.33
CA GLU I 115 23.64 14.78 38.94
C GLU I 115 24.07 15.18 37.54
N ARG I 116 23.17 15.88 36.86
CA ARG I 116 23.49 16.56 35.61
C ARG I 116 22.87 17.95 35.66
N GLU I 117 23.72 18.98 35.60
CA GLU I 117 23.28 20.36 35.63
C GLU I 117 22.41 20.63 36.86
N GLY I 118 22.83 20.08 38.00
CA GLY I 118 22.18 20.35 39.25
C GLY I 118 20.90 19.58 39.52
N LYS I 119 20.62 18.53 38.75
CA LYS I 119 19.44 17.71 38.97
C LYS I 119 19.84 16.33 39.47
N GLN I 120 19.26 15.93 40.60
CA GLN I 120 19.68 14.72 41.31
C GLN I 120 18.93 13.49 40.80
N VAL I 121 19.64 12.37 40.80
CA VAL I 121 19.07 11.05 40.58
C VAL I 121 19.73 10.12 41.59
N ARG I 122 18.94 9.27 42.24
CA ARG I 122 19.42 8.51 43.38
C ARG I 122 18.93 7.07 43.28
N LEU I 123 19.88 6.14 43.15
CA LEU I 123 19.59 4.72 43.04
C LEU I 123 19.71 4.09 44.42
N GLY I 124 18.63 3.47 44.88
CA GLY I 124 18.55 3.03 46.26
C GLY I 124 18.23 1.56 46.37
N ALA I 125 18.38 1.04 47.59
CA ALA I 125 18.10 -0.36 47.89
C ALA I 125 18.05 -0.56 49.40
N LEU I 126 17.31 -1.58 49.83
CA LEU I 126 17.20 -1.96 51.22
C LEU I 126 17.18 -3.48 51.33
N LEU I 127 17.91 -4.02 52.29
CA LEU I 127 18.07 -5.46 52.45
C LEU I 127 18.16 -5.79 53.92
N TRP I 128 17.09 -6.38 54.47
CA TRP I 128 16.99 -6.62 55.89
C TRP I 128 16.62 -8.08 56.13
N PHE I 129 17.10 -8.62 57.24
CA PHE I 129 16.78 -9.99 57.65
C PHE I 129 15.93 -9.95 58.90
N ASP I 130 14.85 -10.73 58.90
CA ASP I 130 14.00 -10.83 60.08
C ASP I 130 14.56 -11.78 61.13
N SER I 131 15.55 -12.59 60.77
CA SER I 131 16.12 -13.58 61.68
C SER I 131 17.52 -13.91 61.20
N THR I 132 18.08 -15.00 61.74
CA THR I 132 19.43 -15.40 61.37
C THR I 132 19.47 -16.13 60.03
N SER I 133 18.33 -16.58 59.53
CA SER I 133 18.30 -17.30 58.26
C SER I 133 18.90 -16.43 57.17
N SER I 134 19.79 -17.03 56.36
CA SER I 134 20.56 -16.26 55.39
C SER I 134 20.50 -16.88 54.00
N SER I 135 19.44 -17.61 53.69
CA SER I 135 19.28 -18.13 52.33
C SER I 135 18.99 -16.98 51.37
N VAL I 136 19.29 -17.21 50.09
CA VAL I 136 19.12 -16.15 49.10
C VAL I 136 17.67 -15.69 49.05
N THR I 137 16.73 -16.63 49.05
CA THR I 137 15.31 -16.29 49.03
C THR I 137 14.83 -15.68 50.34
N ASP I 138 15.53 -15.92 51.45
CA ASP I 138 15.14 -15.30 52.71
C ASP I 138 15.35 -13.79 52.68
N MET I 139 16.29 -13.31 51.85
CA MET I 139 16.53 -11.87 51.75
C MET I 139 15.27 -11.16 51.27
N LYS I 140 14.80 -10.22 52.08
CA LYS I 140 13.70 -9.34 51.74
C LYS I 140 14.26 -8.05 51.14
N ARG I 141 13.83 -7.74 49.92
CA ARG I 141 14.42 -6.66 49.13
C ARG I 141 13.37 -5.59 48.83
N LEU I 142 13.83 -4.36 48.68
CA LEU I 142 12.99 -3.25 48.27
C LEU I 142 13.85 -2.20 47.59
N TRP I 143 13.86 -2.20 46.26
CA TRP I 143 14.61 -1.24 45.48
C TRP I 143 13.92 0.12 45.53
N LEU I 144 14.69 1.17 45.26
CA LEU I 144 14.20 2.53 45.31
C LEU I 144 14.83 3.34 44.18
N PHE I 145 14.08 4.28 43.63
CA PHE I 145 14.55 5.19 42.60
C PHE I 145 13.90 6.55 42.80
N SER I 146 14.73 7.58 42.99
CA SER I 146 14.20 8.90 43.28
C SER I 146 15.18 9.96 42.78
N ASP I 147 14.63 10.95 42.08
CA ASP I 147 15.38 12.14 41.69
C ASP I 147 15.20 13.28 42.67
N ASN I 148 14.25 13.19 43.59
CA ASN I 148 14.06 14.22 44.60
C ASN I 148 15.24 14.22 45.56
N PRO I 149 16.01 15.30 45.67
CA PRO I 149 17.20 15.27 46.55
C PRO I 149 16.87 14.96 48.01
N GLY I 150 15.73 15.43 48.52
CA GLY I 150 15.41 15.18 49.91
C GLY I 150 15.43 13.72 50.30
N GLN I 151 15.14 12.82 49.35
CA GLN I 151 15.23 11.41 49.62
C GLN I 151 16.68 10.99 49.79
N THR I 152 16.97 10.25 50.84
CA THR I 152 18.31 9.75 51.12
C THR I 152 18.20 8.39 51.81
N LEU I 153 19.25 7.58 51.67
CA LEU I 153 19.27 6.29 52.36
C LEU I 153 19.08 6.48 53.86
N GLU I 154 19.59 7.58 54.40
CA GLU I 154 19.37 7.87 55.82
C GLU I 154 17.89 7.98 56.13
N HIS I 155 17.15 8.75 55.33
CA HIS I 155 15.73 8.92 55.54
C HIS I 155 14.98 7.61 55.32
N TRP I 156 15.39 6.83 54.31
CA TRP I 156 14.76 5.54 54.06
C TRP I 156 14.95 4.60 55.23
N LEU I 157 16.16 4.56 55.79
CA LEU I 157 16.42 3.71 56.94
C LEU I 157 15.61 4.17 58.15
N ASN I 158 15.51 5.49 58.35
CA ASN I 158 14.68 6.01 59.42
C ASN I 158 13.25 5.54 59.27
N VAL I 159 12.70 5.65 58.06
CA VAL I 159 11.33 5.20 57.81
C VAL I 159 11.21 3.70 58.01
N TYR I 160 12.18 2.93 57.53
CA TYR I 160 12.15 1.49 57.70
C TYR I 160 12.07 1.11 59.17
N HIS I 161 12.90 1.74 60.00
CA HIS I 161 12.80 1.52 61.43
C HIS I 161 11.46 1.98 61.97
N GLU I 162 10.89 3.04 61.40
CA GLU I 162 9.64 3.57 61.89
C GLU I 162 8.47 2.60 61.69
N GLY I 163 8.28 2.10 60.47
CA GLY I 163 7.14 1.24 60.18
C GLY I 163 7.38 0.13 59.19
N GLY I 164 8.63 -0.05 58.76
CA GLY I 164 8.94 -1.17 57.90
C GLY I 164 8.45 -0.99 56.47
N THR I 165 8.45 -2.12 55.75
CA THR I 165 8.08 -2.12 54.34
C THR I 165 6.66 -1.62 54.12
N ARG I 166 5.72 -2.08 54.96
CA ARG I 166 4.34 -1.63 54.81
C ARG I 166 4.26 -0.11 54.79
N LEU I 167 5.10 0.56 55.60
CA LEU I 167 5.13 2.01 55.59
C LEU I 167 5.95 2.53 54.42
N LEU I 168 6.93 1.76 53.96
CA LEU I 168 7.83 2.25 52.92
C LEU I 168 7.10 2.47 51.60
N ARG I 169 6.34 1.48 51.13
CA ARG I 169 5.59 1.65 49.90
C ARG I 169 4.55 2.76 50.05
N GLN I 170 3.94 2.87 51.23
CA GLN I 170 3.07 3.99 51.51
C GLN I 170 3.83 5.30 51.38
N MET I 171 5.11 5.33 51.78
CA MET I 171 5.90 6.54 51.63
C MET I 171 6.11 6.85 50.16
N GLU I 172 6.40 5.82 49.36
CA GLU I 172 6.59 6.03 47.94
C GLU I 172 5.33 6.60 47.30
N LYS I 173 4.17 6.02 47.63
CA LYS I 173 2.92 6.54 47.06
C LYS I 173 2.66 7.97 47.52
N GLU I 174 2.90 8.26 48.80
CA GLU I 174 2.67 9.61 49.31
C GLU I 174 3.74 10.58 48.81
N ALA I 175 4.89 10.06 48.38
CA ALA I 175 6.00 10.92 48.02
C ALA I 175 5.98 11.21 46.52
N ILE I 176 6.84 12.13 46.09
CA ILE I 176 6.95 12.52 44.69
C ILE I 176 8.42 12.40 44.29
N GLY I 177 8.64 12.14 43.00
CA GLY I 177 9.99 11.89 42.54
C GLY I 177 10.62 10.67 43.18
N LEU I 178 9.80 9.69 43.54
CA LEU I 178 10.27 8.46 44.17
C LEU I 178 9.50 7.28 43.62
N TRP I 179 10.15 6.12 43.59
CA TRP I 179 9.55 4.89 43.11
C TRP I 179 10.12 3.74 43.94
N THR I 180 9.38 2.63 43.97
CA THR I 180 9.79 1.45 44.71
C THR I 180 9.41 0.21 43.94
N TYR I 181 10.37 -0.70 43.80
CA TYR I 181 10.21 -1.91 42.98
C TYR I 181 10.46 -3.13 43.86
N PRO I 182 9.41 -3.80 44.36
CA PRO I 182 9.64 -4.96 45.22
C PRO I 182 10.34 -6.11 44.50
N ASN I 183 10.61 -5.95 43.21
CA ASN I 183 11.43 -6.90 42.47
C ASN I 183 12.46 -6.12 41.67
N LYS I 184 13.51 -6.82 41.23
CA LYS I 184 14.64 -6.14 40.62
C LYS I 184 14.46 -5.91 39.12
N LYS I 185 13.79 -6.83 38.42
CA LYS I 185 13.68 -6.69 36.96
C LYS I 185 12.97 -5.39 36.60
N GLN I 186 11.87 -5.09 37.29
CA GLN I 186 11.15 -3.85 37.07
C GLN I 186 12.03 -2.64 37.38
N TYR I 187 12.77 -2.70 38.49
CA TYR I 187 13.69 -1.62 38.85
C TYR I 187 14.69 -1.36 37.73
N LEU I 188 15.33 -2.41 37.24
CA LEU I 188 16.34 -2.25 36.20
C LEU I 188 15.72 -1.78 34.89
N ALA I 189 14.50 -2.21 34.59
CA ALA I 189 13.81 -1.70 33.41
C ALA I 189 13.61 -0.19 33.53
N ARG I 190 13.12 0.27 34.69
CA ARG I 190 12.99 1.70 34.91
C ARG I 190 14.33 2.41 34.73
N LEU I 191 15.38 1.88 35.35
CA LEU I 191 16.68 2.54 35.28
C LEU I 191 17.16 2.62 33.84
N ARG I 192 17.02 1.53 33.09
CA ARG I 192 17.40 1.55 31.68
C ARG I 192 16.58 2.56 30.89
N ASP I 193 15.31 2.72 31.24
CA ASP I 193 14.49 3.73 30.58
C ASP I 193 15.03 5.13 30.86
N PHE I 194 15.36 5.41 32.12
CA PHE I 194 15.85 6.74 32.47
C PHE I 194 17.16 7.06 31.76
N PHE I 195 18.09 6.11 31.74
CA PHE I 195 19.38 6.31 31.07
C PHE I 195 19.34 5.91 29.60
N GLU I 196 18.21 5.43 29.11
CA GLU I 196 18.02 5.17 27.68
C GLU I 196 19.17 4.35 27.10
N VAL I 197 19.52 3.26 27.77
CA VAL I 197 20.52 2.33 27.29
C VAL I 197 20.09 0.91 27.63
N GLY I 198 20.45 -0.02 26.75
CA GLY I 198 20.09 -1.41 26.97
C GLY I 198 20.83 -2.03 28.13
N GLU I 199 20.33 -3.19 28.56
CA GLU I 199 20.97 -3.91 29.65
C GLU I 199 22.40 -4.28 29.30
N ASN I 200 22.67 -4.51 28.01
CA ASN I 200 24.04 -4.80 27.58
C ASN I 200 24.99 -3.71 28.05
N ALA I 201 24.55 -2.46 28.07
CA ALA I 201 25.42 -1.38 28.53
C ALA I 201 25.88 -1.61 29.97
N PHE I 202 24.94 -1.80 30.90
CA PHE I 202 25.31 -2.02 32.29
C PHE I 202 26.14 -3.28 32.44
N THR I 203 25.76 -4.35 31.74
CA THR I 203 26.48 -5.61 31.89
C THR I 203 27.93 -5.47 31.40
N LEU I 204 28.13 -4.80 30.28
CA LEU I 204 29.48 -4.55 29.79
C LEU I 204 30.25 -3.66 30.76
N LEU I 205 29.58 -2.68 31.35
CA LEU I 205 30.22 -1.83 32.35
C LEU I 205 30.76 -2.69 33.50
N ASN I 206 29.91 -3.57 34.03
CA ASN I 206 30.35 -4.43 35.13
C ASN I 206 31.46 -5.36 34.70
N ARG I 207 31.36 -5.93 33.49
CA ARG I 207 32.43 -6.79 33.00
C ARG I 207 33.75 -6.04 32.94
N ALA I 208 33.71 -4.79 32.46
CA ALA I 208 34.94 -4.01 32.31
C ALA I 208 35.50 -3.58 33.66
N ALA I 209 34.63 -3.29 34.63
CA ALA I 209 35.10 -2.75 35.90
C ALA I 209 36.13 -3.67 36.55
N GLY I 210 35.95 -4.97 36.44
CA GLY I 210 36.83 -5.94 37.07
C GLY I 210 37.81 -6.62 36.15
N LEU I 211 38.07 -6.07 34.95
CA LEU I 211 38.96 -6.71 33.99
C LEU I 211 40.41 -6.33 34.30
N LYS I 212 40.83 -6.70 35.51
CA LYS I 212 42.24 -6.61 35.87
C LYS I 212 43.09 -7.57 35.04
N GLN I 213 42.57 -8.77 34.76
CA GLN I 213 43.32 -9.75 33.99
C GLN I 213 43.68 -9.20 32.62
N LEU I 214 42.70 -8.68 31.89
CA LEU I 214 42.94 -7.86 30.70
C LEU I 214 43.78 -8.63 29.66
N ASN I 215 43.16 -9.68 29.11
CA ASN I 215 43.84 -10.58 28.19
C ASN I 215 43.87 -9.99 26.78
N SER I 216 44.24 -10.82 25.81
CA SER I 216 44.37 -10.38 24.42
C SER I 216 43.06 -9.87 23.88
N ILE I 217 43.14 -9.13 22.77
CA ILE I 217 41.98 -8.43 22.23
C ILE I 217 40.84 -9.41 21.95
N ASP I 218 41.16 -10.58 21.40
CA ASP I 218 40.11 -11.55 21.08
C ASP I 218 39.24 -11.83 22.29
N GLU I 219 39.86 -12.04 23.46
CA GLU I 219 39.08 -12.25 24.67
C GLU I 219 38.27 -11.01 25.02
N ILE I 220 38.82 -9.82 24.77
CA ILE I 220 38.09 -8.59 25.09
C ILE I 220 36.77 -8.56 24.35
N PHE I 221 36.79 -8.77 23.04
CA PHE I 221 35.55 -8.70 22.28
C PHE I 221 34.61 -9.84 22.64
N ARG I 222 35.03 -11.07 22.37
CA ARG I 222 34.12 -12.21 22.48
C ARG I 222 33.52 -12.32 23.86
N GLU I 223 34.32 -12.03 24.90
CA GLU I 223 33.82 -12.12 26.26
C GLU I 223 33.05 -10.86 26.66
N LEU I 224 33.69 -9.70 26.60
CA LEU I 224 33.11 -8.50 27.18
C LEU I 224 32.27 -7.72 26.17
N VAL I 225 32.86 -7.38 25.02
CA VAL I 225 32.30 -6.31 24.20
C VAL I 225 30.93 -6.70 23.67
N LEU I 226 30.82 -7.90 23.09
CA LEU I 226 29.70 -8.25 22.24
C LEU I 226 28.65 -9.04 23.01
N ASP I 227 27.40 -8.59 22.92
CA ASP I 227 26.29 -9.37 23.44
C ASP I 227 26.29 -10.76 22.81
N ASP I 228 25.62 -11.69 23.49
CA ASP I 228 25.70 -13.12 23.15
C ASP I 228 24.40 -13.56 22.52
N HIS I 229 24.48 -14.04 21.29
CA HIS I 229 23.34 -14.65 20.60
C HIS I 229 23.81 -15.92 19.89
N SER I 230 24.54 -16.77 20.61
CA SER I 230 25.02 -18.01 20.03
C SER I 230 23.86 -18.89 19.61
N ALA I 231 24.17 -19.96 18.89
CA ALA I 231 23.15 -20.79 18.25
C ALA I 231 23.36 -22.28 18.50
N PHE I 232 23.58 -22.67 19.75
CA PHE I 232 23.73 -24.09 20.06
C PHE I 232 22.38 -24.76 20.25
N ASP I 233 21.52 -24.17 21.09
CA ASP I 233 20.23 -24.78 21.35
C ASP I 233 19.39 -24.88 20.08
N ARG I 234 19.49 -23.89 19.19
CA ARG I 234 18.70 -23.94 17.96
C ARG I 234 19.19 -25.05 17.04
N ALA I 235 20.51 -25.23 16.94
CA ALA I 235 21.02 -26.36 16.18
C ALA I 235 20.58 -27.69 16.79
N ALA I 236 20.55 -27.76 18.12
CA ALA I 236 20.05 -28.97 18.77
C ALA I 236 18.59 -29.23 18.41
N GLU I 237 17.77 -28.18 18.38
CA GLU I 237 16.38 -28.33 18.01
C GLU I 237 16.24 -28.77 16.55
N VAL I 238 17.07 -28.22 15.66
CA VAL I 238 17.04 -28.64 14.26
C VAL I 238 17.37 -30.13 14.16
N ALA I 239 18.40 -30.56 14.87
CA ALA I 239 18.75 -31.99 14.88
C ALA I 239 17.61 -32.83 15.41
N ASN I 240 16.96 -32.35 16.48
CA ASN I 240 15.84 -33.10 17.05
C ASN I 240 14.71 -33.27 16.05
N SER I 241 14.36 -32.19 15.36
CA SER I 241 13.28 -32.28 14.36
C SER I 241 13.66 -33.23 13.24
N PHE I 242 14.91 -33.14 12.77
CA PHE I 242 15.34 -34.04 11.70
C PHE I 242 15.31 -35.49 12.16
N ASP I 243 15.72 -35.75 13.41
CA ASP I 243 15.67 -37.12 13.91
C ASP I 243 14.25 -37.63 14.03
N GLY I 244 13.32 -36.77 14.47
CA GLY I 244 11.92 -37.18 14.52
C GLY I 244 11.38 -37.52 13.14
N LEU I 245 11.70 -36.70 12.15
CA LEU I 245 11.28 -36.99 10.78
C LEU I 245 11.88 -38.30 10.28
N THR I 246 13.17 -38.53 10.60
CA THR I 246 13.78 -39.81 10.25
C THR I 246 13.06 -40.96 10.93
N GLU I 247 12.59 -40.75 12.16
CA GLU I 247 11.84 -41.78 12.87
C GLU I 247 10.53 -42.09 12.14
N ILE I 248 9.86 -41.06 11.63
CA ILE I 248 8.64 -41.30 10.85
C ILE I 248 8.98 -42.12 9.59
N HIS I 249 10.06 -41.73 8.92
CA HIS I 249 10.46 -42.47 7.71
C HIS I 249 10.77 -43.93 8.04
N GLN I 250 11.39 -44.18 9.19
CA GLN I 250 11.68 -45.55 9.58
C GLN I 250 10.40 -46.30 9.95
N GLU I 251 9.43 -45.62 10.54
CA GLU I 251 8.11 -46.22 10.71
C GLU I 251 7.56 -46.70 9.38
N LEU I 252 7.63 -45.85 8.35
CA LEU I 252 7.16 -46.25 7.03
C LEU I 252 7.94 -47.44 6.49
N GLU I 253 9.27 -47.42 6.67
CA GLU I 253 10.09 -48.53 6.21
C GLU I 253 9.68 -49.85 6.87
N THR I 254 9.50 -49.83 8.19
CA THR I 254 9.12 -51.05 8.88
C THR I 254 7.72 -51.50 8.49
N ALA I 255 6.81 -50.55 8.24
CA ALA I 255 5.48 -50.93 7.74
C ALA I 255 5.59 -51.62 6.39
N ARG I 256 6.44 -51.09 5.50
CA ARG I 256 6.64 -51.74 4.20
C ARG I 256 7.14 -53.16 4.39
N LYS I 257 8.18 -53.35 5.22
CA LYS I 257 8.70 -54.69 5.43
C LYS I 257 7.64 -55.61 6.03
N GLN I 258 6.88 -55.11 7.01
CA GLN I 258 5.87 -55.95 7.66
C GLN I 258 4.83 -56.42 6.66
N GLN I 259 4.31 -55.50 5.84
CA GLN I 259 3.30 -55.89 4.87
C GLN I 259 3.87 -56.86 3.84
N GLN I 260 5.08 -56.57 3.35
CA GLN I 260 5.68 -57.42 2.32
C GLN I 260 5.89 -58.84 2.85
N SER I 261 6.27 -58.97 4.12
CA SER I 261 6.49 -60.29 4.68
C SER I 261 5.17 -60.97 5.04
N LEU I 262 4.15 -60.19 5.40
CA LEU I 262 2.89 -60.78 5.81
C LEU I 262 2.07 -61.29 4.64
N GLN I 263 2.15 -60.64 3.48
CA GLN I 263 1.34 -61.06 2.35
C GLN I 263 1.54 -62.54 2.00
N PRO I 264 2.77 -63.04 1.89
CA PRO I 264 2.94 -64.48 1.63
C PRO I 264 2.24 -65.36 2.65
N VAL I 265 2.19 -64.94 3.92
CA VAL I 265 1.50 -65.73 4.93
C VAL I 265 0.03 -65.88 4.56
N ALA I 266 -0.61 -64.79 4.15
CA ALA I 266 -2.01 -64.86 3.75
C ALA I 266 -2.20 -65.71 2.50
N LEU I 267 -1.29 -65.58 1.52
CA LEU I 267 -1.40 -66.41 0.33
C LEU I 267 -1.35 -67.90 0.68
N SER I 268 -0.37 -68.29 1.49
CA SER I 268 -0.26 -69.67 1.92
C SER I 268 -1.47 -70.09 2.73
N TRP I 269 -2.01 -69.18 3.56
CA TRP I 269 -3.18 -69.52 4.34
C TRP I 269 -4.36 -69.85 3.44
N GLU I 270 -4.59 -69.05 2.41
CA GLU I 270 -5.73 -69.32 1.52
C GLU I 270 -5.50 -70.60 0.72
N LYS I 271 -4.27 -70.83 0.29
CA LYS I 271 -3.97 -72.09 -0.40
C LYS I 271 -4.27 -73.28 0.51
N TYR I 272 -3.79 -73.23 1.75
CA TYR I 272 -4.03 -74.31 2.70
C TYR I 272 -5.50 -74.45 3.02
N GLN I 273 -6.24 -73.33 3.04
CA GLN I 273 -7.68 -73.40 3.27
C GLN I 273 -8.40 -74.12 2.14
N LYS I 274 -8.05 -73.81 0.90
CA LYS I 274 -8.63 -74.52 -0.23
C LYS I 274 -8.34 -76.01 -0.12
N GLN I 275 -7.08 -76.35 0.19
CA GLN I 275 -6.72 -77.76 0.37
C GLN I 275 -7.54 -78.39 1.48
N GLU I 276 -7.77 -77.66 2.58
CA GLU I 276 -8.49 -78.21 3.72
C GLU I 276 -9.94 -78.51 3.35
N ARG I 277 -10.61 -77.58 2.67
CA ARG I 277 -11.98 -77.85 2.26
C ARG I 277 -12.04 -79.02 1.27
N GLN I 278 -11.10 -79.06 0.33
CA GLN I 278 -11.08 -80.18 -0.63
C GLN I 278 -10.94 -81.50 0.11
N LEU I 279 -10.01 -81.58 1.07
CA LEU I 279 -9.79 -82.84 1.78
C LEU I 279 -10.96 -83.18 2.69
N ALA I 280 -11.60 -82.17 3.28
CA ALA I 280 -12.77 -82.45 4.11
C ALA I 280 -13.89 -83.06 3.29
N ASP I 281 -14.16 -82.48 2.11
CA ASP I 281 -15.18 -83.06 1.24
C ASP I 281 -14.78 -84.45 0.76
N TRP I 282 -13.48 -84.65 0.48
CA TRP I 282 -13.02 -85.96 0.04
C TRP I 282 -13.20 -87.01 1.14
N LEU I 283 -12.91 -86.63 2.39
CA LEU I 283 -13.17 -87.53 3.51
C LEU I 283 -14.65 -87.84 3.62
N THR I 284 -15.51 -86.82 3.48
CA THR I 284 -16.94 -87.07 3.45
C THR I 284 -17.32 -88.05 2.35
N LEU I 285 -16.58 -88.01 1.23
CA LEU I 285 -16.86 -88.95 0.15
C LEU I 285 -16.57 -90.39 0.59
N GLU I 286 -15.48 -90.60 1.32
CA GLU I 286 -15.11 -91.95 1.75
C GLU I 286 -16.20 -92.57 2.63
N SER I 287 -16.94 -91.75 3.37
CA SER I 287 -17.97 -92.30 4.26
C SER I 287 -19.17 -92.80 3.48
N LEU I 288 -19.38 -92.30 2.25
CA LEU I 288 -20.52 -92.75 1.46
C LEU I 288 -20.22 -94.05 0.72
N LEU I 289 -18.94 -94.39 0.54
CA LEU I 289 -18.58 -95.58 -0.22
C LEU I 289 -19.24 -96.85 0.32
N PRO I 290 -19.21 -97.15 1.62
CA PRO I 290 -19.84 -98.39 2.09
C PRO I 290 -21.33 -98.49 1.77
N LEU I 291 -22.07 -97.38 1.90
CA LEU I 291 -23.51 -97.44 1.72
C LEU I 291 -23.88 -97.52 0.24
N TRP I 292 -23.12 -96.87 -0.64
CA TRP I 292 -23.34 -97.02 -2.08
C TRP I 292 -23.27 -98.47 -2.50
N PHE I 293 -22.13 -99.12 -2.23
CA PHE I 293 -21.99 -100.52 -2.54
C PHE I 293 -22.96 -101.38 -1.75
N ALA I 294 -23.38 -100.94 -0.56
CA ALA I 294 -24.37 -101.71 0.20
C ALA I 294 -25.71 -101.75 -0.51
N GLN I 295 -26.20 -100.58 -0.94
CA GLN I 295 -27.46 -100.54 -1.69
C GLN I 295 -27.35 -101.32 -2.99
N GLN I 296 -26.25 -101.13 -3.72
CA GLN I 296 -26.08 -101.85 -4.96
C GLN I 296 -26.04 -103.36 -4.73
N ALA I 297 -25.36 -103.78 -3.65
CA ALA I 297 -25.26 -105.20 -3.36
C ALA I 297 -26.61 -105.77 -2.95
N SER I 298 -27.40 -105.02 -2.19
CA SER I 298 -28.73 -105.50 -1.83
C SER I 298 -29.59 -105.70 -3.08
N HIS I 299 -29.61 -104.70 -3.97
CA HIS I 299 -30.38 -104.84 -5.20
C HIS I 299 -29.86 -105.97 -6.07
N LEU I 300 -28.54 -106.10 -6.19
CA LEU I 300 -27.96 -107.15 -7.02
C LEU I 300 -28.22 -108.52 -6.41
N TRP I 301 -28.27 -108.61 -5.07
CA TRP I 301 -28.56 -109.89 -4.43
C TRP I 301 -30.01 -110.28 -4.65
N ARG I 302 -30.92 -109.31 -4.65
CA ARG I 302 -32.30 -109.62 -5.00
C ARG I 302 -32.41 -110.08 -6.45
N GLU I 303 -31.68 -109.43 -7.36
CA GLU I 303 -31.67 -109.86 -8.75
C GLU I 303 -31.10 -111.28 -8.88
N LYS I 304 -30.02 -111.56 -8.16
CA LYS I 304 -29.42 -112.89 -8.16
C LYS I 304 -30.40 -113.92 -7.62
N ILE I 305 -31.16 -113.56 -6.58
CA ILE I 305 -32.17 -114.45 -6.03
C ILE I 305 -33.21 -114.78 -7.09
N ASN I 306 -33.66 -113.75 -7.83
CA ASN I 306 -34.66 -113.99 -8.88
C ASN I 306 -34.10 -114.89 -9.97
N LEU I 307 -32.87 -114.64 -10.40
CA LEU I 307 -32.27 -115.46 -11.44
C LEU I 307 -32.10 -116.91 -10.98
N LEU I 308 -31.66 -117.09 -9.74
CA LEU I 308 -31.54 -118.44 -9.19
C LEU I 308 -32.90 -119.11 -9.06
N ASN I 309 -33.94 -118.34 -8.75
CA ASN I 309 -35.28 -118.90 -8.72
C ASN I 309 -35.70 -119.41 -10.09
N ALA I 310 -35.41 -118.63 -11.13
CA ALA I 310 -35.74 -119.08 -12.50
C ALA I 310 -34.98 -120.36 -12.85
N ARG I 311 -33.68 -120.37 -12.56
CA ARG I 311 -32.87 -121.56 -12.85
C ARG I 311 -33.35 -122.77 -12.06
N LEU I 312 -33.73 -122.55 -10.79
CA LEU I 312 -34.25 -123.62 -9.96
C LEU I 312 -35.57 -124.15 -10.50
N ALA I 313 -36.42 -123.26 -11.02
CA ALA I 313 -37.66 -123.72 -11.65
C ALA I 313 -37.36 -124.58 -12.88
N GLU I 314 -36.39 -124.18 -13.69
CA GLU I 314 -36.00 -124.99 -14.84
C GLU I 314 -35.51 -126.37 -14.38
N ALA I 315 -34.66 -126.39 -13.36
CA ALA I 315 -34.13 -127.67 -12.87
C ALA I 315 -35.24 -128.53 -12.31
N GLN I 316 -36.20 -127.93 -11.61
CA GLN I 316 -37.31 -128.68 -11.06
C GLN I 316 -38.20 -129.26 -12.15
N THR I 317 -38.41 -128.51 -13.23
CA THR I 317 -39.15 -129.04 -14.36
C THR I 317 -38.44 -130.23 -14.97
N SER I 318 -37.12 -130.13 -15.12
CA SER I 318 -36.36 -131.27 -15.63
C SER I 318 -36.48 -132.48 -14.70
N GLU I 319 -36.40 -132.23 -13.38
CA GLU I 319 -36.53 -133.30 -12.41
C GLU I 319 -37.90 -133.96 -12.51
N GLU I 320 -38.97 -133.16 -12.67
CA GLU I 320 -40.29 -133.72 -12.81
C GLU I 320 -40.41 -134.55 -14.08
N GLN I 321 -39.80 -134.09 -15.18
CA GLN I 321 -39.83 -134.86 -16.41
C GLN I 321 -39.14 -136.21 -16.22
N LEU I 322 -37.97 -136.22 -15.57
CA LEU I 322 -37.27 -137.48 -15.33
C LEU I 322 -38.06 -138.38 -14.39
N GLN I 323 -38.71 -137.80 -13.38
CA GLN I 323 -39.55 -138.59 -12.49
C GLN I 323 -40.70 -139.24 -13.26
N SER I 324 -41.33 -138.48 -14.16
CA SER I 324 -42.40 -139.04 -14.98
C SER I 324 -41.89 -140.16 -15.87
N GLN I 325 -40.69 -140.00 -16.42
CA GLN I 325 -40.11 -141.07 -17.24
C GLN I 325 -39.86 -142.33 -16.41
N LEU I 326 -39.34 -142.16 -15.20
CA LEU I 326 -39.12 -143.32 -14.33
C LEU I 326 -40.43 -144.00 -13.98
N ASP I 327 -41.46 -143.22 -13.67
CA ASP I 327 -42.77 -143.80 -13.39
C ASP I 327 -43.33 -144.50 -14.61
N LEU I 328 -43.06 -143.97 -15.81
CA LEU I 328 -43.48 -144.64 -17.03
C LEU I 328 -42.78 -145.98 -17.20
N GLN I 329 -41.49 -146.05 -16.88
CA GLN I 329 -40.79 -147.33 -16.94
C GLN I 329 -41.37 -148.31 -15.94
N LYS I 330 -41.69 -147.84 -14.73
CA LYS I 330 -42.33 -148.72 -13.75
C LYS I 330 -43.69 -149.20 -14.26
N LYS I 331 -44.45 -148.32 -14.89
CA LYS I 331 -45.72 -148.72 -15.48
C LYS I 331 -45.52 -149.74 -16.58
N VAL I 332 -44.43 -149.61 -17.34
CA VAL I 332 -44.11 -150.62 -18.35
C VAL I 332 -43.86 -151.97 -17.70
N VAL I 333 -43.11 -151.97 -16.59
CA VAL I 333 -42.88 -153.22 -15.86
C VAL I 333 -44.22 -153.83 -15.41
N SER I 334 -45.10 -152.98 -14.88
CA SER I 334 -46.41 -153.47 -14.44
C SER I 334 -47.22 -154.01 -15.62
N ASP I 335 -47.19 -153.31 -16.75
CA ASP I 335 -47.91 -153.78 -17.93
C ASP I 335 -47.39 -155.13 -18.39
N HIS I 336 -46.08 -155.33 -18.32
CA HIS I 336 -45.51 -156.59 -18.78
C HIS I 336 -45.81 -157.73 -17.82
N MET I 337 -45.88 -157.46 -16.51
CA MET I 337 -46.39 -158.51 -15.65
C MET I 337 -47.83 -158.83 -15.98
N GLN I 338 -48.66 -157.81 -16.18
CA GLN I 338 -50.09 -158.06 -16.38
C GLN I 338 -50.30 -158.82 -17.68
N ARG I 339 -49.44 -158.60 -18.66
CA ARG I 339 -49.48 -159.40 -19.89
C ARG I 339 -49.14 -160.86 -19.60
N TYR I 340 -48.20 -161.10 -18.68
CA TYR I 340 -47.85 -162.47 -18.32
C TYR I 340 -49.05 -163.24 -17.79
N LEU I 341 -50.01 -162.55 -17.20
CA LEU I 341 -51.21 -163.18 -16.63
C LEU I 341 -52.43 -163.06 -17.52
N GLN I 342 -52.48 -162.05 -18.39
CA GLN I 342 -53.68 -161.81 -19.19
C GLN I 342 -53.87 -162.86 -20.27
N VAL I 343 -52.83 -163.61 -20.62
CA VAL I 343 -52.95 -164.63 -21.66
C VAL I 343 -53.32 -165.98 -21.02
N ASP I 689 -40.86 -167.57 -27.65
CA ASP I 689 -41.22 -166.18 -27.92
C ASP I 689 -42.69 -165.93 -27.63
N SER I 690 -43.27 -166.75 -26.75
CA SER I 690 -44.68 -166.58 -26.40
C SER I 690 -44.88 -165.26 -25.65
N ASP I 691 -46.14 -164.96 -25.35
CA ASP I 691 -46.45 -163.72 -24.64
C ASP I 691 -45.79 -163.70 -23.26
N ALA I 692 -45.83 -164.83 -22.54
CA ALA I 692 -45.27 -164.86 -21.20
C ALA I 692 -43.76 -164.69 -21.21
N SER I 693 -43.06 -165.36 -22.13
CA SER I 693 -41.60 -165.27 -22.17
C SER I 693 -41.15 -163.87 -22.56
N VAL I 694 -41.78 -163.30 -23.59
CA VAL I 694 -41.45 -161.93 -23.97
C VAL I 694 -41.78 -160.96 -22.84
N ALA I 695 -42.87 -161.22 -22.12
CA ALA I 695 -43.23 -160.37 -20.99
C ALA I 695 -42.16 -160.42 -19.92
N LYS I 696 -41.65 -161.62 -19.61
CA LYS I 696 -40.60 -161.75 -18.60
C LYS I 696 -39.32 -161.04 -19.05
N ALA I 697 -38.92 -161.27 -20.31
CA ALA I 697 -37.70 -160.64 -20.81
C ALA I 697 -37.82 -159.12 -20.80
N LYS I 698 -38.96 -158.60 -21.21
CA LYS I 698 -39.15 -157.15 -21.22
C LYS I 698 -39.32 -156.61 -19.81
N LEU I 699 -39.81 -157.42 -18.88
CA LEU I 699 -39.78 -157.04 -17.47
C LEU I 699 -38.36 -156.79 -17.02
N ASP I 700 -37.46 -157.75 -17.29
CA ASP I 700 -36.07 -157.56 -16.93
C ASP I 700 -35.47 -156.35 -17.62
N GLU I 701 -35.79 -156.17 -18.92
CA GLU I 701 -35.23 -155.05 -19.68
C GLU I 701 -35.71 -153.72 -19.11
N ALA I 702 -37.00 -153.63 -18.75
CA ALA I 702 -37.54 -152.39 -18.22
C ALA I 702 -37.01 -152.10 -16.83
N GLN I 703 -36.75 -153.16 -16.04
CA GLN I 703 -36.07 -152.95 -14.77
C GLN I 703 -34.66 -152.42 -14.98
N THR I 704 -33.96 -152.91 -16.01
CA THR I 704 -32.64 -152.39 -16.32
C THR I 704 -32.70 -150.92 -16.71
N ILE I 705 -33.65 -150.56 -17.59
CA ILE I 705 -33.77 -149.17 -18.03
C ILE I 705 -34.19 -148.27 -16.88
N GLU I 706 -34.96 -148.81 -15.93
CA GLU I 706 -35.43 -148.01 -14.80
C GLU I 706 -34.25 -147.47 -14.00
N SER I 707 -33.16 -148.23 -13.93
CA SER I 707 -31.99 -147.77 -13.19
C SER I 707 -31.36 -146.54 -13.84
N GLU I 708 -31.26 -146.54 -15.17
CA GLU I 708 -30.62 -145.42 -15.86
C GLU I 708 -31.42 -144.13 -15.67
N LEU I 709 -32.74 -144.20 -15.90
CA LEU I 709 -33.59 -143.03 -15.66
C LEU I 709 -33.46 -142.56 -14.22
N ASP I 710 -33.28 -143.50 -13.28
CA ASP I 710 -33.10 -143.12 -11.88
C ASP I 710 -31.80 -142.34 -11.70
N LYS I 711 -30.72 -142.76 -12.38
CA LYS I 711 -29.47 -142.03 -12.28
C LYS I 711 -29.59 -140.63 -12.87
N GLN I 712 -30.27 -140.51 -14.01
CA GLN I 712 -30.47 -139.17 -14.59
C GLN I 712 -31.32 -138.30 -13.68
N LEU I 713 -32.34 -138.89 -13.04
CA LEU I 713 -33.14 -138.16 -12.08
C LEU I 713 -32.29 -137.70 -10.89
N ARG I 714 -31.37 -138.55 -10.45
CA ARG I 714 -30.46 -138.16 -9.37
C ARG I 714 -29.57 -137.00 -9.78
N ALA I 715 -29.10 -137.01 -11.03
CA ALA I 715 -28.31 -135.88 -11.53
C ALA I 715 -29.15 -134.60 -11.53
N ALA I 716 -30.41 -134.70 -11.97
CA ALA I 716 -31.29 -133.54 -11.95
C ALA I 716 -31.50 -133.04 -10.52
N ASN I 717 -31.65 -133.97 -9.58
CA ASN I 717 -31.79 -133.59 -8.17
C ASN I 717 -30.53 -132.89 -7.67
N LYS I 718 -29.35 -133.35 -8.11
CA LYS I 718 -28.11 -132.69 -7.73
C LYS I 718 -28.08 -131.26 -8.25
N VAL I 719 -28.51 -131.06 -9.50
CA VAL I 719 -28.56 -129.70 -10.05
C VAL I 719 -29.52 -128.84 -9.23
N THR I 720 -30.70 -129.39 -8.91
CA THR I 720 -31.69 -128.64 -8.15
C THR I 720 -31.14 -128.25 -6.79
N CYS I 721 -30.45 -129.17 -6.12
CA CYS I 721 -29.89 -128.89 -4.81
C CYS I 721 -28.78 -127.86 -4.87
N VAL I 722 -27.95 -127.92 -5.92
CA VAL I 722 -26.92 -126.89 -6.09
C VAL I 722 -27.57 -125.51 -6.22
N LEU I 723 -28.61 -125.43 -7.06
CA LEU I 723 -29.30 -124.15 -7.23
C LEU I 723 -29.95 -123.69 -5.93
N ASP I 724 -30.52 -124.62 -5.17
CA ASP I 724 -31.13 -124.25 -3.89
C ASP I 724 -30.10 -123.73 -2.90
N THR I 725 -28.93 -124.36 -2.82
CA THR I 725 -27.87 -123.86 -1.95
C THR I 725 -27.43 -122.47 -2.38
N GLU I 726 -27.28 -122.26 -3.68
CA GLU I 726 -26.94 -120.93 -4.18
C GLU I 726 -28.00 -119.92 -3.77
N LEU I 727 -29.27 -120.30 -3.87
CA LEU I 727 -30.36 -119.40 -3.51
C LEU I 727 -30.31 -119.05 -2.02
N THR I 728 -30.03 -120.04 -1.17
CA THR I 728 -29.96 -119.78 0.27
C THR I 728 -28.82 -118.82 0.59
N LEU I 729 -27.65 -119.05 0.00
CA LEU I 729 -26.52 -118.15 0.22
C LEU I 729 -26.85 -116.74 -0.29
N ALA I 730 -27.50 -116.66 -1.45
CA ALA I 730 -27.89 -115.36 -1.97
C ALA I 730 -28.87 -114.66 -1.04
N ARG I 731 -29.80 -115.41 -0.45
CA ARG I 731 -30.75 -114.83 0.48
C ARG I 731 -30.05 -114.25 1.70
N ALA I 732 -29.10 -115.02 2.27
CA ALA I 732 -28.37 -114.52 3.43
C ALA I 732 -27.59 -113.26 3.09
N ALA I 733 -26.87 -113.27 1.98
CA ALA I 733 -26.10 -112.10 1.59
C ALA I 733 -27.01 -110.92 1.27
N GLU I 734 -28.18 -111.20 0.69
CA GLU I 734 -29.16 -110.15 0.44
C GLU I 734 -29.60 -109.49 1.74
N ARG I 735 -29.90 -110.31 2.76
CA ARG I 735 -30.32 -109.75 4.03
C ARG I 735 -29.22 -108.87 4.62
N LYS I 736 -27.97 -109.35 4.59
CA LYS I 736 -26.88 -108.56 5.15
C LYS I 736 -26.71 -107.25 4.40
N ALA I 737 -26.67 -107.29 3.06
CA ALA I 737 -26.50 -106.08 2.28
C ALA I 737 -27.70 -105.15 2.44
N GLN I 738 -28.86 -105.71 2.75
CA GLN I 738 -30.05 -104.88 3.01
C GLN I 738 -29.89 -104.11 4.30
N GLN I 739 -29.49 -104.80 5.38
CA GLN I 739 -29.29 -104.09 6.64
C GLN I 739 -28.17 -103.06 6.52
N THR I 740 -27.10 -103.39 5.80
CA THR I 740 -26.06 -102.39 5.56
C THR I 740 -26.59 -101.23 4.73
N ALA I 741 -27.50 -101.52 3.79
CA ALA I 741 -28.02 -100.47 2.92
C ALA I 741 -29.10 -99.64 3.60
N GLN I 742 -29.70 -100.15 4.67
CA GLN I 742 -30.82 -99.44 5.29
C GLN I 742 -30.42 -98.09 5.83
N GLN I 743 -29.13 -97.90 6.14
CA GLN I 743 -28.68 -96.58 6.58
C GLN I 743 -29.03 -95.52 5.55
N GLY I 744 -29.01 -95.88 4.28
CA GLY I 744 -29.60 -95.05 3.24
C GLY I 744 -28.82 -93.78 2.95
N MET I 745 -29.41 -92.98 2.06
CA MET I 745 -28.81 -91.72 1.64
C MET I 745 -29.92 -90.70 1.40
N LYS I 746 -29.63 -89.45 1.73
CA LYS I 746 -30.42 -88.35 1.21
C LYS I 746 -30.20 -88.23 -0.29
N GLU I 747 -30.99 -87.36 -0.94
CA GLU I 747 -30.86 -87.22 -2.38
C GLU I 747 -29.48 -86.70 -2.78
N GLU I 748 -28.99 -85.66 -2.08
CA GLU I 748 -27.68 -85.13 -2.42
C GLU I 748 -26.58 -86.14 -2.09
N GLU I 749 -26.76 -86.94 -1.04
CA GLU I 749 -25.80 -87.99 -0.74
C GLU I 749 -25.73 -89.01 -1.87
N ARG I 750 -26.88 -89.41 -2.40
CA ARG I 750 -26.90 -90.35 -3.51
C ARG I 750 -26.27 -89.74 -4.76
N GLU I 751 -26.56 -88.46 -5.03
CA GLU I 751 -25.93 -87.80 -6.17
C GLU I 751 -24.41 -87.76 -6.00
N LEU I 752 -23.94 -87.46 -4.79
CA LEU I 752 -22.52 -87.40 -4.53
C LEU I 752 -21.87 -88.77 -4.73
N SER I 753 -22.47 -89.81 -4.15
CA SER I 753 -21.90 -91.15 -4.28
C SER I 753 -21.88 -91.60 -5.74
N ALA I 754 -22.94 -91.30 -6.48
CA ALA I 754 -23.03 -91.75 -7.87
C ALA I 754 -21.98 -91.08 -8.74
N SER I 755 -21.70 -89.80 -8.50
CA SER I 755 -20.86 -89.02 -9.40
C SER I 755 -19.42 -89.52 -9.47
N HIS I 756 -18.97 -90.37 -8.55
CA HIS I 756 -17.61 -90.90 -8.62
C HIS I 756 -17.62 -92.43 -8.62
N PHE I 757 -18.53 -93.03 -7.87
CA PHE I 757 -18.52 -94.48 -7.72
C PHE I 757 -19.04 -95.15 -8.99
N PRO I 758 -18.50 -96.32 -9.33
CA PRO I 758 -18.96 -97.03 -10.53
C PRO I 758 -20.17 -97.91 -10.25
N VAL I 759 -20.77 -98.41 -11.34
CA VAL I 759 -21.84 -99.38 -11.23
C VAL I 759 -21.25 -100.77 -11.09
N VAL I 760 -21.98 -101.66 -10.43
CA VAL I 760 -21.51 -103.01 -10.11
C VAL I 760 -22.33 -104.02 -10.89
N THR I 761 -21.63 -104.96 -11.52
CA THR I 761 -22.27 -106.01 -12.30
C THR I 761 -22.74 -107.15 -11.40
N LEU I 762 -23.78 -107.85 -11.86
CA LEU I 762 -24.42 -108.87 -11.02
C LEU I 762 -23.48 -110.04 -10.72
N GLU I 763 -22.75 -110.53 -11.72
CA GLU I 763 -21.97 -111.75 -11.51
C GLU I 763 -20.72 -111.50 -10.67
N GLN I 764 -20.34 -110.25 -10.46
CA GLN I 764 -19.24 -109.92 -9.54
C GLN I 764 -19.81 -109.42 -8.23
N LEU I 765 -21.04 -109.84 -7.91
CA LEU I 765 -21.71 -109.33 -6.71
C LEU I 765 -20.97 -109.71 -5.44
N PRO I 766 -20.59 -110.96 -5.20
CA PRO I 766 -19.71 -111.23 -4.06
C PRO I 766 -18.38 -110.50 -4.16
N ASP I 767 -17.89 -110.29 -5.38
CA ASP I 767 -16.64 -109.57 -5.58
C ASP I 767 -16.78 -108.09 -5.26
N ILE I 768 -18.02 -107.62 -5.04
CA ILE I 768 -18.22 -106.21 -4.73
C ILE I 768 -17.48 -105.80 -3.47
N ARG I 769 -17.13 -106.77 -2.62
CA ARG I 769 -16.47 -106.44 -1.35
C ARG I 769 -14.98 -106.17 -1.56
N ASP I 770 -14.28 -107.08 -2.24
CA ASP I 770 -12.87 -106.82 -2.54
C ASP I 770 -12.72 -105.64 -3.48
N LEU I 771 -13.59 -105.51 -4.47
CA LEU I 771 -13.55 -104.37 -5.36
C LEU I 771 -13.90 -103.08 -4.63
N GLU I 772 -14.80 -103.15 -3.64
CA GLU I 772 -15.05 -102.00 -2.79
C GLU I 772 -13.80 -101.62 -2.01
N ARG I 773 -13.06 -102.62 -1.53
CA ARG I 773 -11.80 -102.33 -0.85
C ARG I 773 -10.80 -101.68 -1.80
N GLN I 774 -10.77 -102.12 -3.06
CA GLN I 774 -9.89 -101.49 -4.04
C GLN I 774 -10.28 -100.03 -4.28
N HIS I 775 -11.58 -99.77 -4.42
CA HIS I 775 -12.04 -98.39 -4.58
C HIS I 775 -11.70 -97.56 -3.36
N GLU I 776 -11.88 -98.14 -2.16
CA GLU I 776 -11.54 -97.47 -0.93
C GLU I 776 -10.05 -97.15 -0.88
N ARG I 777 -9.22 -98.07 -1.37
CA ARG I 777 -7.79 -97.84 -1.40
C ARG I 777 -7.41 -96.72 -2.37
N GLY I 778 -8.07 -96.66 -3.54
CA GLY I 778 -7.82 -95.54 -4.43
C GLY I 778 -8.20 -94.22 -3.80
N ILE I 779 -9.38 -94.17 -3.18
CA ILE I 779 -9.83 -92.95 -2.51
C ILE I 779 -8.86 -92.59 -1.38
N GLN I 780 -8.41 -93.61 -0.65
CA GLN I 780 -7.49 -93.38 0.47
C GLN I 780 -6.15 -92.86 -0.03
N HIS I 781 -5.65 -93.38 -1.15
CA HIS I 781 -4.39 -92.88 -1.68
C HIS I 781 -4.53 -91.42 -2.11
N GLU I 782 -5.63 -91.08 -2.78
CA GLU I 782 -5.82 -89.69 -3.18
C GLU I 782 -5.97 -88.78 -1.94
N ILE I 783 -6.73 -89.23 -0.94
CA ILE I 783 -6.91 -88.44 0.26
C ILE I 783 -5.58 -88.30 0.99
N GLU I 784 -4.75 -89.33 0.97
CA GLU I 784 -3.43 -89.26 1.59
C GLU I 784 -2.55 -88.25 0.87
N ARG I 785 -2.62 -88.22 -0.46
CA ARG I 785 -1.86 -87.22 -1.20
C ARG I 785 -2.31 -85.81 -0.84
N VAL I 786 -3.63 -85.59 -0.77
CA VAL I 786 -4.12 -84.27 -0.43
C VAL I 786 -3.75 -83.91 1.00
N LYS I 787 -3.79 -84.90 1.91
CA LYS I 787 -3.38 -84.66 3.29
C LYS I 787 -1.91 -84.31 3.37
N ALA I 788 -1.06 -84.97 2.58
CA ALA I 788 0.36 -84.63 2.54
C ALA I 788 0.56 -83.21 2.02
N GLU I 789 -0.24 -82.82 1.03
CA GLU I 789 -0.17 -81.44 0.55
C GLU I 789 -0.57 -80.46 1.65
N LEU I 790 -1.65 -80.75 2.38
CA LEU I 790 -2.04 -79.93 3.52
C LEU I 790 -0.91 -79.88 4.54
N HIS I 791 -0.20 -81.00 4.70
CA HIS I 791 0.82 -81.13 5.72
C HIS I 791 2.00 -80.23 5.39
N ARG I 792 2.48 -80.32 4.14
CA ARG I 792 3.52 -79.44 3.64
C ARG I 792 3.10 -77.98 3.72
N LEU I 793 1.84 -77.69 3.38
CA LEU I 793 1.37 -76.32 3.43
C LEU I 793 1.35 -75.78 4.85
N ASN I 794 0.99 -76.62 5.83
CA ASN I 794 1.08 -76.18 7.22
C ASN I 794 2.53 -75.92 7.62
N ILE I 795 3.46 -76.76 7.16
CA ILE I 795 4.87 -76.49 7.43
C ILE I 795 5.28 -75.12 6.87
N GLU I 796 4.94 -74.87 5.61
CA GLU I 796 5.25 -73.58 5.00
C GLU I 796 4.60 -72.43 5.75
N LEU I 797 3.34 -72.63 6.16
CA LEU I 797 2.60 -71.60 6.87
C LEU I 797 3.30 -71.24 8.16
N THR I 798 3.69 -72.24 8.95
CA THR I 798 4.37 -71.95 10.21
C THR I 798 5.73 -71.31 9.97
N LYS I 799 6.45 -71.74 8.93
CA LYS I 799 7.73 -71.11 8.62
C LYS I 799 7.54 -69.62 8.36
N ARG I 800 6.58 -69.27 7.51
CA ARG I 800 6.36 -67.85 7.21
C ARG I 800 5.77 -67.10 8.40
N MET I 801 4.99 -67.79 9.25
CA MET I 801 4.54 -67.19 10.50
C MET I 801 5.73 -66.78 11.36
N SER I 802 6.69 -67.69 11.53
CA SER I 802 7.89 -67.35 12.27
C SER I 802 8.65 -66.21 11.62
N GLU I 803 8.73 -66.21 10.28
CA GLU I 803 9.37 -65.11 9.58
C GLU I 803 8.69 -63.78 9.93
N ALA I 804 7.37 -63.75 9.95
CA ALA I 804 6.66 -62.52 10.26
C ALA I 804 6.97 -62.04 11.67
N LYS I 805 7.01 -62.96 12.63
CA LYS I 805 7.35 -62.58 14.00
C LYS I 805 8.69 -61.87 14.09
N ARG I 806 9.64 -62.27 13.24
CA ARG I 806 10.97 -61.68 13.29
C ARG I 806 10.92 -60.18 13.01
N VAL I 807 10.14 -59.77 12.01
CA VAL I 807 10.13 -58.38 11.60
C VAL I 807 9.12 -57.57 12.39
N ASP I 808 8.15 -58.23 13.03
CA ASP I 808 7.08 -57.54 13.72
C ASP I 808 7.57 -56.78 14.94
N THR I 809 6.83 -55.76 15.36
CA THR I 809 7.12 -55.04 16.59
C THR I 809 5.83 -54.50 17.18
N GLY I 810 5.34 -55.15 18.22
CA GLY I 810 4.23 -54.62 19.00
C GLY I 810 2.86 -55.19 18.73
N ALA I 811 2.70 -56.01 17.69
CA ALA I 811 1.38 -56.52 17.36
C ALA I 811 1.32 -58.06 17.38
N LEU I 812 2.36 -58.71 16.84
CA LEU I 812 2.38 -60.16 16.81
C LEU I 812 2.88 -60.75 18.14
N VAL I 813 3.36 -59.91 19.06
CA VAL I 813 3.90 -60.40 20.32
C VAL I 813 2.87 -61.21 21.08
N GLU I 814 1.61 -60.75 21.09
CA GLU I 814 0.58 -61.43 21.86
C GLU I 814 0.28 -62.83 21.33
N ALA I 815 0.60 -63.08 20.06
CA ALA I 815 0.18 -64.32 19.42
C ALA I 815 1.36 -65.27 19.20
N GLY I 816 1.01 -66.53 18.96
CA GLY I 816 1.99 -67.55 18.62
C GLY I 816 2.27 -67.62 17.14
N ALA I 817 2.70 -68.80 16.69
CA ALA I 817 3.07 -69.01 15.29
C ALA I 817 2.48 -70.31 14.76
N ASP I 818 1.17 -70.48 14.91
CA ASP I 818 0.52 -71.73 14.51
C ASP I 818 -0.84 -71.37 13.90
N LEU I 819 -1.68 -72.39 13.71
CA LEU I 819 -2.94 -72.20 13.00
C LEU I 819 -3.83 -71.19 13.70
N ASP I 820 -4.01 -71.34 15.02
CA ASP I 820 -4.91 -70.44 15.74
C ASP I 820 -4.43 -69.00 15.66
N ASP I 821 -3.15 -68.79 15.36
CA ASP I 821 -2.61 -67.42 15.32
C ASP I 821 -2.76 -66.79 13.95
N ILE I 822 -3.04 -67.57 12.92
CA ILE I 822 -3.24 -67.05 11.57
C ILE I 822 -4.33 -65.98 11.58
N PRO I 823 -5.45 -66.19 12.28
CA PRO I 823 -6.48 -65.15 12.34
C PRO I 823 -5.94 -63.77 12.67
N VAL I 824 -5.22 -63.63 13.78
CA VAL I 824 -4.72 -62.32 14.17
C VAL I 824 -3.66 -61.82 13.20
N TYR I 825 -2.85 -62.72 12.66
CA TYR I 825 -1.89 -62.32 11.63
C TYR I 825 -2.59 -61.64 10.46
N LEU I 826 -3.64 -62.27 9.93
CA LEU I 826 -4.33 -61.70 8.79
C LEU I 826 -5.13 -60.47 9.16
N GLN I 827 -5.64 -60.39 10.40
CA GLN I 827 -6.28 -59.17 10.87
C GLN I 827 -5.29 -58.01 10.87
N ARG I 828 -4.09 -58.25 11.38
CA ARG I 828 -3.05 -57.23 11.36
C ARG I 828 -2.68 -56.86 9.92
N LEU I 829 -2.60 -57.85 9.04
CA LEU I 829 -2.29 -57.56 7.65
C LEU I 829 -3.37 -56.69 7.01
N GLN I 830 -4.64 -57.00 7.29
CA GLN I 830 -5.73 -56.19 6.78
C GLN I 830 -5.63 -54.76 7.29
N GLU I 831 -5.40 -54.58 8.59
CA GLU I 831 -5.29 -53.23 9.13
C GLU I 831 -4.11 -52.48 8.53
N LEU I 832 -2.98 -53.17 8.37
CA LEU I 832 -1.79 -52.57 7.79
C LEU I 832 -2.05 -52.10 6.36
N THR I 833 -2.70 -52.95 5.56
CA THR I 833 -3.03 -52.56 4.19
C THR I 833 -4.03 -51.40 4.18
N GLU I 834 -4.99 -51.40 5.10
CA GLU I 834 -5.90 -50.27 5.21
C GLU I 834 -5.14 -48.98 5.47
N GLU I 835 -4.13 -49.03 6.34
CA GLU I 835 -3.32 -47.85 6.59
C GLU I 835 -2.63 -47.36 5.32
N ALA I 836 -2.24 -48.30 4.44
CA ALA I 836 -1.59 -47.99 3.17
C ALA I 836 -0.32 -47.18 3.35
N LEU I 837 0.29 -47.22 4.54
CA LEU I 837 1.49 -46.42 4.78
C LEU I 837 2.62 -46.72 3.79
N PRO I 838 2.93 -47.96 3.44
CA PRO I 838 4.08 -48.21 2.56
C PRO I 838 4.02 -47.46 1.24
N GLU I 839 2.84 -46.99 0.84
CA GLU I 839 2.73 -46.29 -0.44
C GLU I 839 3.34 -44.90 -0.37
N LYS I 840 3.31 -44.26 0.80
CA LYS I 840 3.73 -42.87 0.94
C LYS I 840 5.23 -42.66 0.77
N LEU I 841 6.02 -43.74 0.76
CA LEU I 841 7.46 -43.62 0.97
C LEU I 841 8.07 -42.48 0.16
N ASN I 842 7.93 -42.54 -1.17
CA ASN I 842 8.61 -41.57 -2.02
C ASN I 842 8.16 -40.15 -1.74
N ARG I 843 6.88 -39.95 -1.45
CA ARG I 843 6.38 -38.62 -1.12
C ARG I 843 6.99 -38.11 0.19
N PHE I 844 6.93 -38.92 1.24
CA PHE I 844 7.35 -38.48 2.55
C PHE I 844 8.86 -38.28 2.61
N LEU I 845 9.64 -39.11 1.92
CA LEU I 845 11.08 -38.91 1.91
C LEU I 845 11.44 -37.54 1.32
N ASP I 846 10.84 -37.19 0.19
CA ASP I 846 11.13 -35.91 -0.43
C ASP I 846 10.60 -34.75 0.40
N TYR I 847 9.44 -34.92 1.04
CA TYR I 847 8.96 -33.87 1.92
C TYR I 847 9.90 -33.65 3.11
N LEU I 848 10.37 -34.74 3.71
CA LEU I 848 11.37 -34.65 4.78
C LEU I 848 12.60 -33.91 4.30
N ASN I 849 13.06 -34.26 3.09
CA ASN I 849 14.19 -33.56 2.50
C ASN I 849 13.93 -32.07 2.47
N ARG I 850 12.79 -31.66 1.92
CA ARG I 850 12.47 -30.25 1.80
C ARG I 850 12.45 -29.56 3.16
N SER I 851 11.75 -30.15 4.13
CA SER I 851 11.57 -29.47 5.42
C SER I 851 12.89 -29.34 6.17
N SER I 852 13.63 -30.45 6.30
CA SER I 852 14.89 -30.37 7.03
C SER I 852 15.91 -29.52 6.30
N ASP I 853 15.92 -29.54 4.97
CA ASP I 853 16.78 -28.63 4.23
C ASP I 853 16.43 -27.18 4.52
N ASP I 854 15.14 -26.85 4.53
CA ASP I 854 14.74 -25.49 4.85
C ASP I 854 15.26 -25.09 6.23
N GLY I 855 15.07 -25.96 7.22
CA GLY I 855 15.53 -25.65 8.56
C GLY I 855 17.04 -25.40 8.60
N VAL I 856 17.81 -26.31 8.00
CA VAL I 856 19.26 -26.22 8.08
C VAL I 856 19.75 -24.97 7.37
N THR I 857 19.28 -24.73 6.16
CA THR I 857 19.72 -23.56 5.40
C THR I 857 19.33 -22.27 6.11
N GLN I 858 18.11 -22.20 6.64
CA GLN I 858 17.69 -21.00 7.35
C GLN I 858 18.59 -20.75 8.56
N LEU I 859 18.90 -21.79 9.32
CA LEU I 859 19.75 -21.61 10.49
C LEU I 859 21.13 -21.12 10.09
N LEU I 860 21.73 -21.73 9.07
CA LEU I 860 23.07 -21.32 8.66
C LEU I 860 23.09 -19.88 8.16
N SER I 861 22.11 -19.49 7.35
CA SER I 861 22.04 -18.11 6.91
C SER I 861 21.82 -17.16 8.08
N HIS I 862 21.03 -17.57 9.07
CA HIS I 862 20.85 -16.74 10.26
C HIS I 862 22.17 -16.50 10.97
N ILE I 863 22.99 -17.55 11.09
CA ILE I 863 24.30 -17.39 11.72
C ILE I 863 25.15 -16.41 10.91
N GLU I 864 25.13 -16.55 9.59
CA GLU I 864 25.92 -15.65 8.75
C GLU I 864 25.48 -14.20 8.92
N HIS I 865 24.18 -13.96 8.99
CA HIS I 865 23.69 -12.60 9.17
C HIS I 865 23.99 -12.06 10.56
N GLU I 866 24.02 -12.90 11.59
CA GLU I 866 24.54 -12.47 12.88
C GLU I 866 25.98 -12.01 12.75
N VAL I 867 26.79 -12.77 12.00
CA VAL I 867 28.18 -12.37 11.78
C VAL I 867 28.24 -11.00 11.13
N LEU I 868 27.39 -10.77 10.12
CA LEU I 868 27.38 -9.46 9.47
C LEU I 868 26.95 -8.35 10.43
N VAL I 869 25.99 -8.62 11.31
CA VAL I 869 25.59 -7.63 12.30
C VAL I 869 26.77 -7.24 13.18
N ILE I 870 27.54 -8.25 13.61
CA ILE I 870 28.72 -7.96 14.42
C ILE I 870 29.73 -7.14 13.61
N GLU I 871 29.92 -7.50 12.34
CA GLU I 871 30.86 -6.76 11.51
C GLU I 871 30.46 -5.30 11.37
N GLU I 872 29.16 -5.03 11.37
CA GLU I 872 28.71 -3.63 11.32
C GLU I 872 28.86 -2.94 12.68
N ARG I 873 28.66 -3.69 13.77
CA ARG I 873 28.95 -3.14 15.09
C ARG I 873 30.40 -2.66 15.17
N LEU I 874 31.31 -3.41 14.54
CA LEU I 874 32.70 -2.96 14.48
C LEU I 874 32.82 -1.60 13.79
N ASN I 875 32.10 -1.40 12.68
CA ASN I 875 32.14 -0.09 12.02
C ASN I 875 31.59 1.00 12.93
N GLU I 876 30.51 0.71 13.65
CA GLU I 876 29.96 1.69 14.58
C GLU I 876 31.01 2.12 15.60
N LEU I 877 31.64 1.15 16.27
CA LEU I 877 32.65 1.49 17.26
C LEU I 877 33.84 2.19 16.64
N ASN I 878 34.21 1.83 15.41
CA ASN I 878 35.28 2.54 14.72
C ASN I 878 34.91 3.99 14.51
N GLU I 879 33.66 4.26 14.16
CA GLU I 879 33.19 5.64 14.05
C GLU I 879 33.33 6.36 15.38
N THR I 880 32.95 5.69 16.47
CA THR I 880 33.12 6.32 17.78
C THR I 880 34.58 6.61 18.07
N MET I 881 35.48 5.70 17.67
CA MET I 881 36.88 5.82 18.07
C MET I 881 37.66 6.77 17.16
N PHE I 882 37.08 7.15 16.02
CA PHE I 882 37.71 8.17 15.19
C PHE I 882 37.59 9.55 15.81
N ARG I 883 36.78 9.68 16.86
CA ARG I 883 36.62 10.98 17.52
C ARG I 883 37.84 11.35 18.34
N VAL I 884 38.59 10.37 18.82
CA VAL I 884 39.62 10.60 19.84
C VAL I 884 40.94 9.99 19.35
N ASP I 885 42.04 10.50 19.91
CA ASP I 885 43.37 10.02 19.61
C ASP I 885 43.81 8.96 20.61
N PHE I 886 44.54 7.97 20.10
CA PHE I 886 45.24 7.00 20.93
C PHE I 886 46.69 7.38 21.12
N GLN I 887 47.29 8.04 20.14
CA GLN I 887 48.59 8.68 20.25
C GLN I 887 48.46 10.07 19.64
N PRO I 888 49.43 10.95 19.89
CA PRO I 888 49.23 12.37 19.53
C PRO I 888 48.77 12.60 18.10
N ASP I 889 49.32 11.88 17.12
CA ASP I 889 48.97 12.06 15.72
C ASP I 889 48.18 10.87 15.16
N ARG I 890 47.44 10.18 16.01
CA ARG I 890 46.90 8.86 15.65
C ARG I 890 45.59 8.61 16.37
N TYR I 891 44.70 7.87 15.72
CA TYR I 891 43.47 7.37 16.34
C TYR I 891 43.33 5.89 16.07
N LEU I 892 42.78 5.17 17.04
CA LEU I 892 42.72 3.72 17.01
C LEU I 892 41.49 3.27 16.23
N ARG I 893 41.68 2.27 15.37
CA ARG I 893 40.63 1.73 14.51
C ARG I 893 40.66 0.21 14.56
N LEU I 894 39.53 -0.41 14.24
CA LEU I 894 39.38 -1.86 14.28
C LEU I 894 39.17 -2.42 12.88
N ASP I 895 39.20 -3.75 12.79
CA ASP I 895 38.83 -4.47 11.59
C ASP I 895 38.84 -5.97 11.91
N THR I 896 38.22 -6.76 11.05
CA THR I 896 38.06 -8.18 11.28
C THR I 896 38.47 -9.00 10.07
N LYS I 897 39.03 -10.18 10.34
CA LYS I 897 39.29 -11.20 9.34
C LYS I 897 38.27 -12.30 9.53
N LYS I 898 38.26 -13.24 8.58
CA LYS I 898 37.35 -14.39 8.64
C LYS I 898 38.09 -15.60 9.16
N VAL I 899 37.61 -16.15 10.29
CA VAL I 899 38.22 -17.35 10.85
C VAL I 899 38.33 -18.42 9.79
N VAL I 900 39.48 -19.08 9.74
CA VAL I 900 39.68 -20.27 8.93
C VAL I 900 39.90 -21.43 9.89
N HIS I 901 39.03 -22.42 9.84
CA HIS I 901 39.02 -23.47 10.84
C HIS I 901 38.52 -24.75 10.18
N GLU I 902 38.88 -25.88 10.79
CA GLU I 902 38.51 -27.17 10.22
C GLU I 902 37.00 -27.37 10.21
N SER I 903 36.33 -27.05 11.33
CA SER I 903 34.89 -27.30 11.43
C SER I 903 34.12 -26.52 10.38
N LEU I 904 34.41 -25.22 10.26
CA LEU I 904 33.70 -24.40 9.28
C LEU I 904 33.98 -24.88 7.86
N ARG I 905 35.19 -25.34 7.61
CA ARG I 905 35.53 -25.86 6.29
C ARG I 905 34.75 -27.14 5.99
N THR I 906 34.60 -28.01 6.99
CA THR I 906 33.78 -29.20 6.81
C THR I 906 32.32 -28.83 6.56
N LEU I 907 31.83 -27.81 7.26
CA LEU I 907 30.47 -27.33 7.02
C LEU I 907 30.33 -26.83 5.58
N GLU I 908 31.33 -26.09 5.10
CA GLU I 908 31.32 -25.63 3.72
C GLU I 908 31.23 -26.80 2.75
N LYS I 909 32.07 -27.82 2.97
CA LYS I 909 32.04 -28.98 2.08
C LYS I 909 30.69 -29.68 2.13
N ALA I 910 30.12 -29.83 3.32
CA ALA I 910 28.85 -30.52 3.46
C ALA I 910 27.72 -29.74 2.78
N GLN I 911 27.73 -28.42 2.91
CA GLN I 911 26.71 -27.62 2.24
C GLN I 911 26.89 -27.64 0.74
N ARG I 912 28.14 -27.66 0.26
CA ARG I 912 28.37 -27.85 -1.17
C ARG I 912 27.72 -29.15 -1.64
N GLN I 913 27.97 -30.24 -0.92
CA GLN I 913 27.37 -31.52 -1.31
C GLN I 913 25.85 -31.46 -1.26
N LEU I 914 25.30 -30.82 -0.21
CA LEU I 914 23.85 -30.72 -0.08
C LEU I 914 23.25 -30.00 -1.28
N ASN I 915 23.78 -28.83 -1.61
CA ASN I 915 23.30 -28.10 -2.77
C ASN I 915 23.51 -28.88 -4.06
N ALA I 916 24.52 -29.74 -4.13
CA ALA I 916 24.68 -30.60 -5.29
C ALA I 916 23.65 -31.72 -5.31
N ALA I 917 23.16 -32.13 -4.14
CA ALA I 917 22.27 -33.29 -4.04
C ALA I 917 20.81 -32.94 -4.31
N ARG I 918 20.48 -31.66 -4.49
CA ARG I 918 19.10 -31.30 -4.76
C ARG I 918 18.64 -31.83 -6.12
N PHE I 919 19.52 -31.79 -7.11
CA PHE I 919 19.12 -32.04 -8.50
C PHE I 919 19.14 -33.52 -8.88
N VAL I 920 19.88 -34.35 -8.13
CA VAL I 920 20.07 -35.74 -8.53
C VAL I 920 18.71 -36.43 -8.63
N ASP I 921 18.44 -37.03 -9.78
CA ASP I 921 17.21 -37.81 -10.00
C ASP I 921 17.36 -39.18 -9.36
N ASP I 922 17.18 -39.20 -8.04
CA ASP I 922 17.40 -40.40 -7.24
C ASP I 922 16.30 -40.58 -6.19
N ASN I 923 15.13 -40.00 -6.43
CA ASN I 923 14.03 -40.04 -5.49
C ASN I 923 14.41 -39.40 -4.16
N GLY I 924 15.44 -38.56 -4.17
CA GLY I 924 15.85 -37.83 -2.99
C GLY I 924 16.76 -38.57 -2.04
N GLU I 925 17.27 -39.75 -2.43
CA GLU I 925 18.14 -40.50 -1.53
C GLU I 925 19.44 -39.73 -1.26
N SER I 926 20.04 -39.19 -2.32
CA SER I 926 21.27 -38.41 -2.14
C SER I 926 21.01 -37.16 -1.32
N HIS I 927 19.88 -36.49 -1.56
CA HIS I 927 19.49 -35.36 -0.73
C HIS I 927 19.43 -35.77 0.73
N TYR I 928 18.82 -36.93 0.99
CA TYR I 928 18.71 -37.41 2.37
C TYR I 928 20.07 -37.68 2.97
N LYS I 929 20.99 -38.26 2.20
CA LYS I 929 22.31 -38.56 2.72
C LYS I 929 23.06 -37.27 3.07
N ALA I 930 23.03 -36.29 2.17
CA ALA I 930 23.70 -35.01 2.44
C ALA I 930 23.09 -34.33 3.65
N LEU I 931 21.75 -34.32 3.74
CA LEU I 931 21.08 -33.71 4.88
C LEU I 931 21.43 -34.43 6.17
N GLN I 932 21.51 -35.76 6.13
CA GLN I 932 21.88 -36.52 7.32
C GLN I 932 23.28 -36.17 7.79
N VAL I 933 24.24 -36.07 6.87
CA VAL I 933 25.60 -35.75 7.29
C VAL I 933 25.67 -34.33 7.83
N LEU I 934 24.94 -33.39 7.23
CA LEU I 934 24.96 -32.02 7.73
C LEU I 934 24.32 -31.93 9.11
N VAL I 935 23.19 -32.60 9.32
CA VAL I 935 22.59 -32.62 10.65
C VAL I 935 23.49 -33.33 11.62
N ALA I 936 24.27 -34.31 11.16
CA ALA I 936 25.26 -34.94 12.04
C ALA I 936 26.29 -33.93 12.50
N GLN I 937 26.81 -33.12 11.58
CA GLN I 937 27.73 -32.05 11.97
C GLN I 937 27.09 -31.13 13.01
N LEU I 938 25.85 -30.70 12.74
CA LEU I 938 25.19 -29.76 13.66
C LEU I 938 25.01 -30.37 15.04
N ARG I 939 24.54 -31.62 15.09
CA ARG I 939 24.32 -32.27 16.38
C ARG I 939 25.64 -32.48 17.12
N ASP I 940 26.68 -32.94 16.40
CA ASP I 940 28.00 -33.08 17.00
C ASP I 940 28.44 -31.78 17.63
N ALA I 941 28.38 -30.69 16.88
CA ALA I 941 28.81 -29.40 17.43
C ALA I 941 27.96 -29.00 18.63
N SER I 942 26.63 -29.16 18.55
CA SER I 942 25.78 -28.76 19.66
C SER I 942 26.03 -29.61 20.90
N GLU I 943 26.55 -30.82 20.73
CA GLU I 943 26.84 -31.66 21.89
C GLU I 943 28.11 -31.19 22.60
N ARG I 944 29.24 -31.19 21.90
CA ARG I 944 30.51 -30.75 22.46
C ARG I 944 30.73 -29.26 22.21
N ASN I 945 29.86 -28.43 22.81
CA ASN I 945 29.89 -27.01 22.53
C ASN I 945 31.19 -26.33 22.94
N ARG I 946 31.81 -26.78 24.03
CA ARG I 946 32.99 -26.09 24.55
C ARG I 946 34.18 -26.17 23.60
N THR I 947 34.20 -27.12 22.66
CA THR I 947 35.32 -27.24 21.76
C THR I 947 35.36 -26.04 20.80
N LEU I 948 36.52 -25.85 20.18
CA LEU I 948 36.71 -24.68 19.33
C LEU I 948 35.85 -24.78 18.06
N GLY I 949 35.76 -25.96 17.47
CA GLY I 949 34.99 -26.10 16.24
C GLY I 949 33.51 -25.82 16.44
N ALA I 950 32.95 -26.30 17.55
CA ALA I 950 31.52 -26.08 17.80
C ALA I 950 31.21 -24.60 17.91
N LYS I 951 32.04 -23.85 18.62
CA LYS I 951 31.85 -22.41 18.71
C LYS I 951 32.07 -21.75 17.35
N ALA I 952 33.08 -22.20 16.61
CA ALA I 952 33.32 -21.65 15.27
C ALA I 952 32.11 -21.83 14.38
N LEU I 953 31.35 -22.91 14.57
CA LEU I 953 30.18 -23.13 13.74
C LEU I 953 28.97 -22.37 14.26
N LEU I 954 28.55 -22.65 15.49
CA LEU I 954 27.23 -22.21 15.94
C LEU I 954 27.28 -20.88 16.70
N ASP I 955 28.47 -20.35 16.98
CA ASP I 955 28.58 -19.09 17.70
C ASP I 955 29.01 -18.00 16.72
N PRO I 956 28.18 -16.99 16.46
CA PRO I 956 28.52 -16.03 15.39
C PRO I 956 29.89 -15.39 15.52
N ARG I 957 30.20 -14.78 16.67
CA ARG I 957 31.40 -13.97 16.77
C ARG I 957 32.67 -14.77 16.54
N PHE I 958 32.67 -16.06 16.92
CA PHE I 958 33.88 -16.87 16.74
C PHE I 958 34.19 -17.10 15.26
N ARG I 959 33.24 -16.82 14.37
CA ARG I 959 33.52 -16.94 12.94
C ARG I 959 34.47 -15.83 12.46
N LEU I 960 34.76 -14.86 13.32
CA LEU I 960 35.62 -13.73 12.97
C LEU I 960 36.84 -13.69 13.87
N GLU I 961 37.91 -13.09 13.36
CA GLU I 961 39.08 -12.75 14.17
C GLU I 961 39.15 -11.23 14.31
N PHE I 962 39.18 -10.76 15.55
CA PHE I 962 39.23 -9.33 15.82
C PHE I 962 40.67 -8.85 15.82
N ALA I 963 40.91 -7.74 15.12
CA ALA I 963 42.23 -7.17 14.98
C ALA I 963 42.17 -5.67 15.25
N VAL I 964 43.26 -5.14 15.79
CA VAL I 964 43.35 -3.74 16.19
C VAL I 964 44.49 -3.09 15.43
N SER I 965 44.33 -1.81 15.12
CA SER I 965 45.35 -1.05 14.42
C SER I 965 45.28 0.40 14.89
N VAL I 966 46.30 1.17 14.52
CA VAL I 966 46.37 2.59 14.83
C VAL I 966 46.58 3.34 13.52
N MET I 967 45.81 4.41 13.34
CA MET I 967 45.69 5.09 12.06
C MET I 967 46.31 6.48 12.15
N ASP I 968 46.89 6.94 11.05
CA ASP I 968 47.41 8.30 10.95
C ASP I 968 46.23 9.25 10.85
N ARG I 969 46.24 10.31 11.66
CA ARG I 969 45.10 11.21 11.71
C ARG I 969 44.79 11.81 10.34
N GLN I 970 45.82 12.16 9.57
CA GLN I 970 45.62 12.92 8.34
C GLN I 970 45.40 12.05 7.11
N SER I 971 45.75 10.78 7.16
CA SER I 971 45.72 9.95 5.96
C SER I 971 45.42 8.51 6.35
N GLY I 972 45.23 7.68 5.32
CA GLY I 972 45.04 6.25 5.50
C GLY I 972 46.29 5.50 5.93
N ASN I 973 47.42 6.20 6.01
CA ASN I 973 48.68 5.56 6.41
C ASN I 973 48.50 4.78 7.71
N VAL I 974 49.24 3.68 7.83
CA VAL I 974 49.17 2.85 9.02
C VAL I 974 50.47 2.08 9.17
N ILE I 975 51.04 2.13 10.36
CA ILE I 975 51.94 1.07 10.81
C ILE I 975 51.55 0.69 12.24
N GLU I 976 50.61 -0.25 12.36
CA GLU I 976 50.27 -0.86 13.64
C GLU I 976 49.23 -1.94 13.37
N SER I 977 49.41 -3.10 14.01
CA SER I 977 48.45 -4.18 13.88
C SER I 977 48.62 -5.12 15.06
N ARG I 978 47.51 -5.67 15.53
CA ARG I 978 47.53 -6.54 16.72
C ARG I 978 46.44 -7.59 16.54
N THR I 979 46.84 -8.77 16.07
CA THR I 979 45.96 -9.92 15.95
C THR I 979 46.81 -11.13 15.65
N GLY I 980 46.36 -12.29 16.13
CA GLY I 980 47.22 -13.45 16.12
C GLY I 980 48.29 -13.30 17.18
N SER I 981 49.52 -13.03 16.75
CA SER I 981 50.58 -12.71 17.70
C SER I 981 50.29 -11.36 18.35
N GLN I 982 49.73 -11.40 19.56
CA GLN I 982 49.40 -10.17 20.28
C GLN I 982 50.64 -9.34 20.59
N GLY I 983 51.83 -9.93 20.54
CA GLY I 983 53.05 -9.24 20.87
C GLY I 983 53.47 -9.32 22.32
N GLY I 984 52.54 -9.63 23.23
CA GLY I 984 52.90 -9.81 24.62
C GLY I 984 53.44 -8.57 25.30
N SER I 985 53.20 -7.40 24.73
CA SER I 985 53.68 -6.17 25.35
C SER I 985 52.99 -5.95 26.68
N GLY I 986 53.75 -6.03 27.76
CA GLY I 986 53.17 -5.89 29.08
C GLY I 986 52.55 -4.54 29.36
N GLY I 987 52.89 -3.51 28.59
CA GLY I 987 52.26 -2.22 28.75
C GLY I 987 51.36 -1.81 27.60
N GLU I 988 51.78 -2.09 26.37
CA GLU I 988 50.98 -1.67 25.21
C GLU I 988 49.68 -2.45 25.13
N LYS I 989 49.74 -3.76 25.42
CA LYS I 989 48.53 -4.57 25.46
C LYS I 989 47.50 -3.97 26.40
N GLU I 990 47.95 -3.50 27.56
CA GLU I 990 47.02 -3.00 28.57
C GLU I 990 46.38 -1.70 28.13
N ILE I 991 47.18 -0.76 27.62
CA ILE I 991 46.62 0.51 27.17
C ILE I 991 45.66 0.27 26.01
N ILE I 992 46.05 -0.60 25.07
CA ILE I 992 45.18 -0.90 23.93
C ILE I 992 43.85 -1.45 24.41
N ALA I 993 43.89 -2.46 25.29
CA ALA I 993 42.67 -3.09 25.77
C ALA I 993 41.79 -2.08 26.50
N SER I 994 42.37 -1.32 27.42
CA SER I 994 41.59 -0.34 28.16
C SER I 994 41.00 0.72 27.25
N TYR I 995 41.76 1.17 26.25
CA TYR I 995 41.27 2.18 25.32
C TYR I 995 40.07 1.66 24.53
N VAL I 996 40.21 0.49 23.92
CA VAL I 996 39.12 -0.05 23.11
C VAL I 996 37.91 -0.30 24.01
N LEU I 997 38.15 -0.82 25.22
CA LEU I 997 37.05 -1.09 26.13
C LEU I 997 36.32 0.19 26.52
N THR I 998 37.08 1.26 26.80
CA THR I 998 36.46 2.52 27.15
C THR I 998 35.62 3.06 25.99
N ALA I 999 36.16 3.00 24.77
CA ALA I 999 35.42 3.49 23.62
C ALA I 999 34.13 2.70 23.42
N SER I 1000 34.22 1.37 23.46
CA SER I 1000 33.03 0.54 23.32
C SER I 1000 32.01 0.86 24.42
N LEU I 1001 32.50 0.98 25.66
CA LEU I 1001 31.62 1.25 26.78
C LEU I 1001 30.92 2.60 26.62
N SER I 1002 31.64 3.60 26.13
CA SER I 1002 31.02 4.89 25.86
C SER I 1002 29.96 4.77 24.78
N TYR I 1003 30.26 4.06 23.70
CA TYR I 1003 29.27 3.91 22.64
C TYR I 1003 28.02 3.23 23.16
N ALA I 1004 28.18 2.16 23.95
CA ALA I 1004 27.02 1.50 24.53
C ALA I 1004 26.27 2.42 25.47
N LEU I 1005 27.00 3.23 26.24
CA LEU I 1005 26.40 4.11 27.23
C LEU I 1005 25.69 5.31 26.60
N SER I 1006 26.01 5.65 25.35
CA SER I 1006 25.44 6.83 24.71
C SER I 1006 24.14 6.47 24.03
N PRO I 1007 23.02 7.10 24.39
CA PRO I 1007 21.79 6.85 23.65
C PRO I 1007 21.96 7.15 22.17
N ALA I 1008 21.24 6.41 21.34
CA ALA I 1008 21.41 6.51 19.89
C ALA I 1008 21.43 7.95 19.44
N GLY I 1009 22.21 8.23 18.40
CA GLY I 1009 22.39 9.57 17.88
C GLY I 1009 23.40 10.42 18.61
N SER I 1010 23.27 10.57 19.93
CA SER I 1010 24.20 11.38 20.70
C SER I 1010 25.58 10.73 20.70
N ARG I 1011 26.61 11.57 20.59
CA ARG I 1011 27.99 11.13 20.72
C ARG I 1011 28.46 11.16 22.17
N TYR I 1012 27.61 11.54 23.11
CA TYR I 1012 27.95 11.64 24.51
C TYR I 1012 27.25 10.54 25.31
N PRO I 1013 27.87 10.04 26.37
CA PRO I 1013 27.15 9.12 27.26
C PRO I 1013 26.11 9.87 28.09
N LEU I 1014 25.10 9.13 28.51
CA LEU I 1014 24.11 9.65 29.46
C LEU I 1014 24.43 9.22 30.90
N PHE I 1015 25.01 8.04 31.06
CA PHE I 1015 25.59 7.62 32.34
C PHE I 1015 27.11 7.76 32.20
N GLY I 1016 27.64 8.90 32.63
CA GLY I 1016 29.01 9.26 32.35
C GLY I 1016 30.06 8.63 33.25
N THR I 1017 29.67 7.86 34.24
CA THR I 1017 30.62 7.29 35.20
C THR I 1017 31.11 5.93 34.72
N ILE I 1018 32.39 5.65 34.99
CA ILE I 1018 33.00 4.36 34.72
C ILE I 1018 33.86 3.99 35.92
N ILE I 1019 34.13 2.70 36.08
CA ILE I 1019 34.94 2.18 37.16
C ILE I 1019 36.13 1.44 36.56
N LEU I 1020 37.30 1.57 37.20
CA LEU I 1020 38.52 0.97 36.71
C LEU I 1020 39.40 0.57 37.88
N ASP I 1021 40.50 -0.12 37.56
CA ASP I 1021 41.36 -0.71 38.58
C ASP I 1021 42.81 -0.74 38.15
N GLU I 1022 43.62 -1.61 38.75
CA GLU I 1022 45.07 -1.55 38.69
C GLU I 1022 45.64 -1.91 37.31
N ALA I 1023 44.83 -1.98 36.26
CA ALA I 1023 45.38 -1.71 34.95
C ALA I 1023 46.20 -0.43 35.00
N PHE I 1024 45.81 0.50 35.87
CA PHE I 1024 46.65 1.64 36.20
C PHE I 1024 47.99 1.20 36.77
N SER I 1025 47.99 0.22 37.68
CA SER I 1025 49.25 -0.29 38.21
C SER I 1025 50.14 -0.82 37.09
N ARG I 1026 49.58 -1.57 36.14
CA ARG I 1026 50.37 -1.96 34.98
C ARG I 1026 50.74 -0.75 34.13
N SER I 1027 50.00 0.34 34.26
CA SER I 1027 50.22 1.53 33.45
C SER I 1027 51.42 2.34 33.97
N SER I 1028 52.30 2.73 33.05
CA SER I 1028 53.32 3.73 33.37
C SER I 1028 52.69 5.11 33.44
N HIS I 1029 53.53 6.11 33.74
CA HIS I 1029 53.03 7.49 33.75
C HIS I 1029 52.56 7.92 32.37
N ALA I 1030 53.33 7.62 31.33
CA ALA I 1030 52.97 8.06 29.98
C ALA I 1030 51.69 7.38 29.50
N VAL I 1031 51.64 6.04 29.60
CA VAL I 1031 50.46 5.33 29.13
C VAL I 1031 49.27 5.60 30.05
N ALA I 1032 49.53 5.90 31.32
CA ALA I 1032 48.44 6.30 32.22
C ALA I 1032 47.85 7.64 31.79
N GLY I 1033 48.72 8.59 31.42
CA GLY I 1033 48.22 9.85 30.89
C GLY I 1033 47.44 9.64 29.61
N ARG I 1034 47.93 8.77 28.73
CA ARG I 1034 47.17 8.40 27.54
C ARG I 1034 45.79 7.87 27.92
N ILE I 1035 45.74 6.99 28.92
CA ILE I 1035 44.48 6.38 29.33
C ILE I 1035 43.51 7.46 29.82
N ILE I 1036 44.00 8.35 30.69
CA ILE I 1036 43.13 9.37 31.27
C ILE I 1036 42.66 10.34 30.19
N ALA I 1037 43.55 10.73 29.29
CA ALA I 1037 43.14 11.62 28.21
C ALA I 1037 42.07 10.98 27.34
N ALA I 1038 42.27 9.72 26.97
CA ALA I 1038 41.26 9.02 26.17
C ALA I 1038 39.94 8.93 26.92
N LEU I 1039 39.99 8.60 28.21
CA LEU I 1039 38.77 8.45 28.99
C LEU I 1039 38.01 9.76 29.06
N ARG I 1040 38.72 10.87 29.30
CA ARG I 1040 38.05 12.17 29.33
C ARG I 1040 37.49 12.54 27.97
N GLU I 1041 38.24 12.26 26.90
CA GLU I 1041 37.85 12.72 25.57
C GLU I 1041 36.63 11.97 25.05
N PHE I 1042 36.45 10.72 25.45
CA PHE I 1042 35.25 9.98 25.07
C PHE I 1042 34.01 10.40 25.86
N GLY I 1043 34.07 11.48 26.61
CA GLY I 1043 32.94 11.94 27.38
C GLY I 1043 32.71 11.19 28.68
N LEU I 1044 33.70 10.45 29.15
CA LEU I 1044 33.53 9.66 30.36
C LEU I 1044 34.21 10.32 31.56
N HIS I 1045 33.42 10.56 32.60
CA HIS I 1045 33.93 10.76 33.94
C HIS I 1045 34.16 9.40 34.57
N ALA I 1046 35.22 9.28 35.37
CA ALA I 1046 35.65 7.98 35.86
C ALA I 1046 36.00 8.03 37.33
N VAL I 1047 36.07 6.84 37.92
CA VAL I 1047 36.50 6.63 39.30
C VAL I 1047 37.59 5.57 39.28
N PHE I 1048 38.74 5.88 39.87
CA PHE I 1048 39.90 4.99 39.84
C PHE I 1048 40.18 4.46 41.24
N ILE I 1049 40.27 3.13 41.34
CA ILE I 1049 40.59 2.46 42.59
C ILE I 1049 42.01 1.91 42.49
N THR I 1050 42.81 2.14 43.55
CA THR I 1050 44.16 1.61 43.61
C THR I 1050 44.49 1.30 45.07
N PRO I 1051 45.31 0.28 45.33
CA PRO I 1051 45.71 -0.04 46.72
C PRO I 1051 46.92 0.75 47.19
N ASN I 1052 46.73 2.06 47.33
CA ASN I 1052 47.75 2.95 47.89
C ASN I 1052 49.04 2.93 47.06
N LYS I 1053 48.92 3.12 45.75
CA LYS I 1053 50.10 3.23 44.89
C LYS I 1053 49.81 4.17 43.74
N GLU I 1054 50.88 4.80 43.24
CA GLU I 1054 50.83 5.65 42.06
C GLU I 1054 49.93 6.87 42.28
N MET I 1055 49.93 7.42 43.50
CA MET I 1055 49.12 8.60 43.77
C MET I 1055 49.60 9.82 42.98
N ARG I 1056 50.87 9.83 42.56
CA ARG I 1056 51.43 11.04 41.99
C ARG I 1056 50.75 11.42 40.68
N LEU I 1057 50.64 10.48 39.74
CA LEU I 1057 49.99 10.81 38.48
C LEU I 1057 48.49 11.03 38.67
N LEU I 1058 47.89 10.36 39.66
CA LEU I 1058 46.50 10.67 39.99
C LEU I 1058 46.35 12.12 40.39
N ARG I 1059 47.24 12.61 41.27
CA ARG I 1059 47.23 14.02 41.61
C ARG I 1059 47.47 14.88 40.38
N ASP I 1060 48.34 14.44 39.49
CA ASP I 1060 48.67 15.22 38.29
C ASP I 1060 47.46 15.37 37.38
N HIS I 1061 46.58 14.35 37.36
CA HIS I 1061 45.48 14.36 36.39
C HIS I 1061 44.14 14.04 37.02
N THR I 1062 43.99 14.27 38.32
CA THR I 1062 42.70 14.11 39.01
C THR I 1062 42.61 15.12 40.14
N ARG I 1063 41.38 15.46 40.50
CA ARG I 1063 41.13 16.56 41.44
C ARG I 1063 40.83 16.10 42.86
N SER I 1064 40.12 14.99 43.04
CA SER I 1064 39.66 14.60 44.37
C SER I 1064 40.16 13.21 44.70
N ALA I 1065 39.91 12.79 45.94
CA ALA I 1065 40.25 11.47 46.41
C ALA I 1065 39.37 11.10 47.59
N ILE I 1066 39.32 9.81 47.89
CA ILE I 1066 38.61 9.30 49.06
C ILE I 1066 39.52 8.27 49.73
N VAL I 1067 39.42 8.17 51.05
CA VAL I 1067 40.28 7.32 51.86
C VAL I 1067 39.40 6.34 52.62
N VAL I 1068 39.88 5.11 52.78
CA VAL I 1068 39.15 4.06 53.49
C VAL I 1068 40.10 3.43 54.50
N HIS I 1069 39.56 3.10 55.67
CA HIS I 1069 40.32 2.55 56.79
C HIS I 1069 40.05 1.06 56.92
N ARG I 1070 41.00 0.35 57.54
CA ARG I 1070 40.77 -0.99 58.04
C ARG I 1070 41.26 -1.06 59.47
N ARG I 1071 40.31 -1.14 60.41
CA ARG I 1071 40.61 -1.18 61.84
C ARG I 1071 40.03 -2.50 62.37
N GLY I 1072 40.84 -3.55 62.29
CA GLY I 1072 40.31 -4.88 62.54
C GLY I 1072 39.21 -5.20 61.55
N GLN I 1073 38.08 -5.69 62.07
CA GLN I 1073 36.90 -5.96 61.26
C GLN I 1073 36.01 -4.71 61.21
N ASN I 1074 36.55 -3.65 60.61
CA ASN I 1074 35.83 -2.40 60.47
C ASN I 1074 36.50 -1.57 59.38
N SER I 1075 35.77 -0.58 58.87
CA SER I 1075 36.31 0.35 57.88
C SER I 1075 35.55 1.67 57.99
N ASN I 1076 36.24 2.74 57.64
CA ASN I 1076 35.69 4.09 57.71
C ASN I 1076 36.18 4.90 56.52
N MET I 1077 35.30 5.73 55.98
CA MET I 1077 35.52 6.38 54.70
C MET I 1077 35.32 7.89 54.83
N ALA I 1078 36.23 8.66 54.23
CA ALA I 1078 36.18 10.11 54.26
C ALA I 1078 36.63 10.65 52.91
N SER I 1079 35.94 11.68 52.43
CA SER I 1079 36.23 12.29 51.14
C SER I 1079 37.05 13.56 51.33
N LEU I 1080 38.06 13.73 50.49
CA LEU I 1080 39.00 14.85 50.60
C LEU I 1080 39.29 15.41 49.23
N SER I 1081 39.85 16.61 49.21
CA SER I 1081 40.51 17.18 48.04
C SER I 1081 42.00 16.96 48.18
N TRP I 1082 42.70 16.84 47.04
CA TRP I 1082 44.13 16.55 47.08
C TRP I 1082 44.86 17.56 47.97
N GLU I 1083 44.50 18.84 47.87
CA GLU I 1083 45.20 19.86 48.63
C GLU I 1083 45.01 19.68 50.13
N GLU I 1084 43.80 19.32 50.57
CA GLU I 1084 43.59 19.05 51.99
C GLU I 1084 44.40 17.85 52.46
N LEU I 1085 44.53 16.82 51.60
CA LEU I 1085 45.36 15.68 51.96
C LEU I 1085 46.82 16.09 52.08
N GLU I 1086 47.30 16.96 51.18
CA GLU I 1086 48.67 17.44 51.27
C GLU I 1086 48.88 18.25 52.55
N ARG I 1087 47.91 19.09 52.89
CA ARG I 1087 48.02 19.86 54.13
C ARG I 1087 47.98 18.95 55.34
N HIS I 1088 47.22 17.86 55.28
CA HIS I 1088 47.23 16.91 56.39
C HIS I 1088 48.56 16.17 56.48
N TYR I 1089 49.20 15.91 55.34
CA TYR I 1089 50.57 15.38 55.38
C TYR I 1089 51.50 16.37 56.06
N GLN I 1090 51.39 17.65 55.72
CA GLN I 1090 52.23 18.66 56.36
C GLN I 1090 51.96 18.72 57.86
N ARG I 1091 50.68 18.62 58.25
CA ARG I 1091 50.33 18.62 59.67
C ARG I 1091 50.92 17.41 60.37
N ARG I 1092 50.86 16.24 59.73
CA ARG I 1092 51.51 15.07 60.30
C ARG I 1092 53.00 15.33 60.50
N GLY I 1093 53.63 15.97 59.52
CA GLY I 1093 55.04 16.29 59.66
C GLY I 1093 55.32 17.22 60.82
N ASN I 1094 54.46 18.24 61.01
CA ASN I 1094 54.71 19.23 62.06
C ASN I 1094 54.24 18.73 63.42
N ALA I 1095 52.95 18.50 63.57
CA ALA I 1095 52.38 18.03 64.84
C ALA I 1095 51.40 16.88 64.61
N MET J 1 68.11 -6.02 57.16
CA MET J 1 67.08 -7.02 56.75
C MET J 1 67.61 -8.03 55.73
N ASN J 2 68.35 -7.55 54.75
CA ASN J 2 68.89 -8.41 53.69
C ASN J 2 70.31 -8.88 54.00
N GLN J 3 70.79 -8.70 55.23
CA GLN J 3 72.11 -9.22 55.59
C GLN J 3 72.09 -10.74 55.64
N VAL J 4 70.92 -11.35 55.81
CA VAL J 4 70.83 -12.81 55.77
C VAL J 4 71.06 -13.33 54.36
N SER J 5 71.01 -12.44 53.37
CA SER J 5 71.28 -12.87 51.99
C SER J 5 72.68 -13.46 51.85
N GLY J 6 73.66 -12.89 52.56
CA GLY J 6 74.98 -13.50 52.58
C GLY J 6 74.95 -14.89 53.19
N LEU J 7 74.19 -15.08 54.26
CA LEU J 7 74.02 -16.40 54.83
C LEU J 7 73.42 -17.35 53.81
N ALA J 8 72.50 -16.85 52.98
CA ALA J 8 71.96 -17.66 51.89
C ALA J 8 73.05 -18.02 50.89
N GLY J 9 73.94 -17.07 50.59
CA GLY J 9 75.06 -17.39 49.71
C GLY J 9 75.96 -18.46 50.28
N LYS J 10 76.17 -18.45 51.60
CA LYS J 10 76.91 -19.54 52.23
C LYS J 10 76.13 -20.85 52.12
N GLU J 11 74.81 -20.79 52.29
CA GLU J 11 74.00 -22.00 52.23
C GLU J 11 73.75 -22.45 50.79
N SER J 12 73.93 -21.55 49.82
CA SER J 12 73.39 -21.75 48.49
C SER J 12 74.12 -20.89 47.47
N PHE J 13 73.99 -21.26 46.21
CA PHE J 13 74.38 -20.39 45.12
C PHE J 13 73.30 -19.32 44.90
N ILE J 14 73.73 -18.08 44.76
CA ILE J 14 72.83 -16.98 44.45
C ILE J 14 73.40 -16.20 43.27
N LEU J 15 72.50 -15.63 42.47
CA LEU J 15 72.83 -15.13 41.15
C LEU J 15 72.99 -13.62 41.18
N THR J 16 74.16 -13.12 40.76
CA THR J 16 74.29 -11.70 40.46
C THR J 16 75.23 -11.55 39.27
N ARG J 17 74.68 -11.69 38.06
CA ARG J 17 75.27 -11.20 36.82
C ARG J 17 74.37 -11.63 35.67
N ILE J 18 74.55 -10.97 34.53
CA ILE J 18 73.87 -11.35 33.29
C ILE J 18 74.75 -10.93 32.12
N GLU J 19 74.74 -11.75 31.07
CA GLU J 19 75.29 -11.39 29.77
C GLU J 19 74.28 -11.76 28.70
N LEU J 20 73.98 -10.81 27.82
CA LEU J 20 73.00 -11.00 26.75
C LEU J 20 73.62 -10.54 25.44
N PHE J 21 73.11 -11.10 24.34
CA PHE J 21 73.58 -10.77 23.00
C PHE J 21 72.44 -10.95 22.02
N ASN J 22 71.75 -9.86 21.68
CA ASN J 22 70.72 -9.88 20.65
C ASN J 22 69.50 -10.68 21.08
N TRP J 23 69.20 -10.64 22.38
CA TRP J 23 67.99 -11.27 22.90
C TRP J 23 66.84 -10.28 22.82
N GLY J 24 65.80 -10.64 22.07
CA GLY J 24 64.63 -9.78 21.98
C GLY J 24 65.02 -8.38 21.51
N GLY J 25 64.53 -7.38 22.23
CA GLY J 25 64.88 -6.00 21.91
C GLY J 25 66.30 -5.61 22.27
N PHE J 26 66.95 -6.39 23.14
CA PHE J 26 68.32 -6.12 23.57
C PHE J 26 69.28 -6.51 22.44
N HIS J 27 69.38 -5.63 21.45
CA HIS J 27 70.22 -5.88 20.30
C HIS J 27 71.70 -5.66 20.65
N GLY J 28 72.58 -6.26 19.86
CA GLY J 28 73.99 -6.15 20.17
C GLY J 28 74.33 -6.80 21.50
N LEU J 29 75.33 -6.25 22.18
CA LEU J 29 75.78 -6.75 23.47
C LEU J 29 75.22 -5.89 24.59
N HIS J 30 74.78 -6.53 25.66
CA HIS J 30 74.39 -5.87 26.89
C HIS J 30 74.74 -6.78 28.05
N GLN J 31 74.92 -6.19 29.23
CA GLN J 31 75.25 -6.95 30.42
C GLN J 31 74.73 -6.23 31.65
N ALA J 32 74.61 -6.99 32.74
CA ALA J 32 74.07 -6.46 34.00
C ALA J 32 74.82 -7.07 35.17
N ALA J 33 74.93 -6.32 36.25
CA ALA J 33 75.46 -6.81 37.52
C ALA J 33 74.45 -6.52 38.62
N ILE J 34 74.47 -7.35 39.67
CA ILE J 34 73.43 -7.32 40.68
C ILE J 34 74.06 -7.33 42.07
N HIS J 35 73.30 -6.84 43.05
CA HIS J 35 73.74 -6.81 44.43
C HIS J 35 73.20 -8.04 45.17
N GLN J 36 74.00 -8.54 46.11
CA GLN J 36 73.60 -9.72 46.87
C GLN J 36 72.34 -9.46 47.67
N ASP J 37 72.28 -8.33 48.39
CA ASP J 37 71.14 -7.98 49.23
C ASP J 37 69.96 -7.46 48.44
N GLY J 38 69.26 -8.33 47.72
CA GLY J 38 68.09 -7.90 46.96
C GLY J 38 68.47 -7.06 45.76
N THR J 39 67.55 -6.97 44.80
CA THR J 39 67.80 -6.20 43.59
C THR J 39 66.47 -5.84 42.93
N ALA J 40 66.54 -4.90 42.01
CA ALA J 40 65.37 -4.43 41.28
C ALA J 40 65.68 -4.25 39.80
N VAL J 41 64.62 -4.23 38.99
CA VAL J 41 64.69 -3.88 37.58
C VAL J 41 63.53 -2.94 37.29
N ILE J 42 63.80 -1.90 36.50
CA ILE J 42 62.86 -0.80 36.34
C ILE J 42 62.90 -0.32 34.89
N GLY J 43 61.77 0.21 34.44
CA GLY J 43 61.67 0.81 33.13
C GLY J 43 60.24 1.14 32.79
N PRO J 44 60.02 1.99 31.78
CA PRO J 44 58.66 2.28 31.36
C PRO J 44 57.95 1.03 30.88
N THR J 45 56.65 0.98 31.13
CA THR J 45 55.89 -0.22 30.79
C THR J 45 56.03 -0.54 29.32
N GLY J 46 56.23 -1.82 29.02
CA GLY J 46 56.47 -2.24 27.65
C GLY J 46 57.81 -1.77 27.12
N SER J 47 58.85 -1.89 27.94
CA SER J 47 60.20 -1.51 27.53
C SER J 47 61.18 -2.66 27.43
N GLY J 48 60.90 -3.82 28.01
CA GLY J 48 61.77 -4.97 27.87
C GLY J 48 62.12 -5.67 29.17
N LYS J 49 61.51 -5.24 30.29
CA LYS J 49 61.81 -5.88 31.56
C LYS J 49 61.36 -7.33 31.58
N THR J 50 60.11 -7.60 31.18
CA THR J 50 59.66 -8.98 31.11
C THR J 50 60.42 -9.76 30.05
N THR J 51 60.91 -9.07 29.01
CA THR J 51 61.78 -9.73 28.05
C THR J 51 63.05 -10.25 28.73
N LEU J 52 63.65 -9.43 29.59
CA LEU J 52 64.81 -9.87 30.34
C LEU J 52 64.46 -11.02 31.28
N VAL J 53 63.32 -10.91 31.96
CA VAL J 53 62.91 -11.98 32.87
C VAL J 53 62.79 -13.30 32.11
N ASP J 54 62.16 -13.27 30.94
CA ASP J 54 62.10 -14.47 30.11
C ASP J 54 63.48 -14.93 29.67
N ALA J 55 64.36 -13.98 29.31
CA ALA J 55 65.73 -14.34 28.97
C ALA J 55 66.36 -15.18 30.07
N LEU J 56 66.17 -14.76 31.32
CA LEU J 56 66.63 -15.58 32.43
C LEU J 56 65.95 -16.94 32.43
N MET J 57 64.64 -16.96 32.17
CA MET J 57 63.87 -18.18 32.36
C MET J 57 64.19 -19.19 31.27
N THR J 58 64.76 -18.75 30.14
CA THR J 58 65.08 -19.65 29.06
C THR J 58 66.13 -20.68 29.47
N LEU J 59 66.95 -20.36 30.47
CA LEU J 59 68.06 -21.24 30.83
C LEU J 59 67.63 -22.33 31.80
N LEU J 60 66.55 -22.12 32.55
CA LEU J 60 66.29 -22.93 33.73
C LEU J 60 65.29 -24.06 33.49
N LEU J 61 64.52 -24.03 32.41
CA LEU J 61 63.47 -25.00 32.19
C LEU J 61 63.50 -25.49 30.74
N ALA J 62 63.06 -26.76 30.56
CA ALA J 62 62.96 -27.29 29.21
C ALA J 62 62.07 -26.42 28.35
N ASN J 63 60.95 -25.97 28.89
CA ASN J 63 60.04 -25.05 28.20
C ASN J 63 59.36 -24.15 29.21
N PRO J 64 59.78 -22.89 29.33
CA PRO J 64 59.19 -22.00 30.34
C PRO J 64 57.87 -21.41 29.87
N ARG J 65 57.12 -20.89 30.84
CA ARG J 65 55.88 -20.17 30.59
C ARG J 65 56.23 -18.72 30.22
N TYR J 66 56.54 -18.53 28.94
CA TYR J 66 56.99 -17.21 28.49
C TYR J 66 55.96 -16.14 28.83
N ASN J 67 56.44 -15.04 29.38
CA ASN J 67 55.57 -13.90 29.70
C ASN J 67 54.37 -14.33 30.54
N LEU J 68 54.57 -15.34 31.39
CA LEU J 68 53.46 -15.84 32.21
C LEU J 68 52.90 -14.75 33.11
N ALA J 69 53.69 -13.71 33.39
CA ALA J 69 53.19 -12.60 34.20
C ALA J 69 52.02 -11.91 33.53
N SER J 70 52.12 -11.66 32.22
CA SER J 70 51.05 -10.98 31.50
C SER J 70 49.78 -11.83 31.45
N THR J 71 49.94 -13.14 31.24
CA THR J 71 48.80 -14.01 30.98
C THR J 71 47.99 -14.33 32.23
N GLY J 72 48.65 -14.51 33.37
CA GLY J 72 47.98 -14.99 34.55
C GLY J 72 47.49 -16.42 34.39
N GLY J 73 48.35 -17.27 33.82
CA GLY J 73 48.02 -18.66 33.57
C GLY J 73 47.56 -18.95 32.16
N HIS J 74 47.12 -17.95 31.42
CA HIS J 74 46.71 -18.16 30.04
C HIS J 74 47.93 -18.40 29.16
N GLU J 75 47.67 -18.90 27.95
CA GLU J 75 48.75 -19.32 27.07
C GLU J 75 49.72 -18.18 26.79
N SER J 76 51.01 -18.52 26.69
CA SER J 76 52.04 -17.52 26.45
C SER J 76 52.08 -17.11 24.99
N ASP J 77 51.86 -15.82 24.73
CA ASP J 77 51.89 -15.32 23.36
C ASP J 77 53.26 -15.50 22.73
N ARG J 78 54.33 -15.41 23.51
CA ARG J 78 55.68 -15.40 22.99
C ARG J 78 56.31 -16.79 23.08
N ASP J 79 57.57 -16.86 22.64
CA ASP J 79 58.32 -18.11 22.67
C ASP J 79 59.78 -17.79 22.38
N LEU J 80 60.63 -18.80 22.51
CA LEU J 80 62.07 -18.59 22.33
C LEU J 80 62.39 -18.15 20.90
N ILE J 81 61.67 -18.72 19.93
CA ILE J 81 61.93 -18.38 18.53
C ILE J 81 61.69 -16.89 18.28
N SER J 82 60.60 -16.35 18.83
CA SER J 82 60.32 -14.93 18.64
C SER J 82 61.40 -14.07 19.27
N TYR J 83 61.85 -14.42 20.48
CA TYR J 83 62.91 -13.66 21.12
C TYR J 83 64.19 -13.68 20.29
N VAL J 84 64.57 -14.85 19.77
CA VAL J 84 65.75 -14.89 18.91
C VAL J 84 65.49 -14.13 17.61
N ARG J 85 64.24 -14.00 17.20
CA ARG J 85 63.92 -13.29 15.97
C ARG J 85 63.69 -11.80 16.19
N GLY J 86 63.69 -11.35 17.45
CA GLY J 86 63.46 -9.95 17.74
C GLY J 86 62.09 -9.47 17.31
N VAL J 87 61.06 -10.28 17.58
CA VAL J 87 59.70 -9.84 17.31
C VAL J 87 59.39 -8.61 18.14
N SER J 88 58.57 -7.73 17.59
CA SER J 88 58.19 -6.49 18.26
C SER J 88 56.70 -6.18 18.16
N GLY J 89 55.89 -7.11 17.66
CA GLY J 89 54.49 -6.85 17.41
C GLY J 89 54.28 -6.33 16.01
N PRO J 90 53.33 -6.93 15.27
CA PRO J 90 53.19 -6.54 13.86
C PRO J 90 52.65 -5.12 13.70
N SER J 98 59.85 -5.55 9.31
CA SER J 98 60.47 -4.59 10.21
C SER J 98 60.23 -4.96 11.67
N HIS J 99 59.09 -5.57 11.94
CA HIS J 99 58.75 -5.99 13.30
C HIS J 99 59.66 -7.13 13.76
N ILE J 100 60.37 -7.74 12.81
CA ILE J 100 61.32 -8.82 13.10
C ILE J 100 62.72 -8.26 12.92
N ALA J 101 63.46 -8.17 14.02
CA ALA J 101 64.78 -7.55 13.99
C ALA J 101 65.85 -8.43 13.38
N ARG J 102 65.71 -9.75 13.49
CA ARG J 102 66.73 -10.70 13.04
C ARG J 102 66.08 -11.74 12.13
N PRO J 103 65.80 -11.38 10.88
CA PRO J 103 65.18 -12.34 9.96
C PRO J 103 66.13 -13.37 9.38
N GLY J 104 67.38 -13.00 9.11
CA GLY J 104 68.34 -13.88 8.49
C GLY J 104 69.08 -14.74 9.50
N LYS J 105 70.13 -15.40 9.01
CA LYS J 105 70.95 -16.25 9.86
C LYS J 105 71.63 -15.40 10.94
N THR J 106 71.20 -15.59 12.19
CA THR J 106 71.65 -14.72 13.27
C THR J 106 71.96 -15.56 14.49
N VAL J 107 72.51 -14.90 15.52
CA VAL J 107 72.89 -15.54 16.77
C VAL J 107 72.34 -14.72 17.93
N THR J 108 72.09 -15.41 19.05
CA THR J 108 71.71 -14.79 20.30
C THR J 108 72.43 -15.50 21.43
N GLY J 109 72.73 -14.78 22.50
CA GLY J 109 73.47 -15.32 23.62
C GLY J 109 72.87 -14.88 24.94
N ILE J 110 72.81 -15.80 25.90
CA ILE J 110 72.33 -15.52 27.25
C ILE J 110 73.18 -16.29 28.24
N ALA J 111 73.49 -15.67 29.37
CA ALA J 111 74.29 -16.30 30.40
C ALA J 111 73.97 -15.69 31.76
N ALA J 112 74.07 -16.51 32.79
CA ALA J 112 73.86 -16.10 34.16
C ALA J 112 75.05 -16.52 35.00
N THR J 113 75.20 -15.92 36.19
CA THR J 113 76.33 -16.19 37.05
C THR J 113 75.87 -16.17 38.50
N LEU J 114 76.41 -17.09 39.31
CA LEU J 114 76.06 -17.23 40.70
C LEU J 114 77.31 -17.43 41.54
N GLU J 115 77.13 -17.54 42.85
CA GLU J 115 78.24 -17.73 43.77
C GLU J 115 77.74 -18.35 45.07
N ARG J 116 78.49 -19.31 45.59
CA ARG J 116 78.26 -19.90 46.90
C ARG J 116 79.59 -20.02 47.61
N GLU J 117 79.74 -19.30 48.72
CA GLU J 117 80.98 -19.29 49.49
C GLU J 117 82.15 -18.78 48.67
N GLY J 118 81.90 -17.86 47.74
CA GLY J 118 82.95 -17.33 46.89
C GLY J 118 83.23 -18.14 45.64
N LYS J 119 82.57 -19.28 45.47
CA LYS J 119 82.76 -20.14 44.31
C LYS J 119 81.72 -19.80 43.26
N GLN J 120 82.18 -19.37 42.09
CA GLN J 120 81.32 -18.83 41.05
C GLN J 120 81.02 -19.89 39.99
N VAL J 121 79.76 -19.97 39.58
CA VAL J 121 79.30 -20.88 38.55
C VAL J 121 78.46 -20.10 37.54
N ARG J 122 78.83 -20.21 36.26
CA ARG J 122 78.14 -19.51 35.19
C ARG J 122 77.37 -20.50 34.33
N LEU J 123 76.11 -20.17 34.04
CA LEU J 123 75.29 -20.88 33.08
C LEU J 123 75.16 -20.05 31.81
N GLY J 124 74.54 -20.63 30.80
CA GLY J 124 74.31 -19.89 29.57
C GLY J 124 74.10 -20.84 28.41
N ALA J 125 73.96 -20.25 27.22
CA ALA J 125 73.72 -21.01 26.00
C ALA J 125 73.85 -20.10 24.79
N LEU J 126 74.16 -20.70 23.65
CA LEU J 126 74.22 -20.00 22.38
C LEU J 126 73.10 -20.50 21.48
N LEU J 127 72.25 -19.58 21.04
CA LEU J 127 71.18 -19.87 20.10
C LEU J 127 71.55 -19.27 18.75
N TRP J 128 71.01 -19.85 17.68
CA TRP J 128 71.22 -19.30 16.35
C TRP J 128 70.31 -19.99 15.36
N PHE J 129 69.74 -19.20 14.46
CA PHE J 129 69.06 -19.70 13.27
C PHE J 129 70.06 -19.77 12.13
N ASP J 130 70.39 -20.99 11.70
CA ASP J 130 71.16 -21.18 10.48
C ASP J 130 70.29 -21.17 9.25
N SER J 131 69.04 -20.70 9.38
CA SER J 131 68.10 -20.62 8.27
C SER J 131 67.24 -19.38 8.49
N THR J 132 66.52 -18.98 7.44
CA THR J 132 65.60 -17.86 7.55
C THR J 132 64.24 -18.27 8.10
N SER J 133 63.93 -19.57 8.14
CA SER J 133 62.70 -20.03 8.76
C SER J 133 62.87 -20.05 10.28
N SER J 134 61.74 -19.95 10.99
CA SER J 134 61.74 -19.75 12.43
C SER J 134 61.15 -20.95 13.17
N SER J 135 61.30 -22.15 12.62
CA SER J 135 60.82 -23.34 13.31
C SER J 135 61.76 -23.69 14.46
N VAL J 136 61.21 -24.41 15.45
CA VAL J 136 62.03 -24.88 16.55
C VAL J 136 63.13 -25.79 16.06
N THR J 137 62.88 -26.56 14.99
CA THR J 137 63.94 -27.33 14.37
C THR J 137 65.06 -26.42 13.86
N ASP J 138 64.70 -25.33 13.19
CA ASP J 138 65.67 -24.35 12.74
C ASP J 138 66.35 -23.63 13.90
N MET J 139 65.76 -23.69 15.10
CA MET J 139 66.29 -23.00 16.27
C MET J 139 67.43 -23.84 16.83
N LYS J 140 68.61 -23.66 16.23
CA LYS J 140 69.80 -24.36 16.69
C LYS J 140 70.28 -23.80 18.01
N ARG J 141 70.86 -24.67 18.84
CA ARG J 141 71.22 -24.29 20.20
C ARG J 141 72.38 -25.13 20.69
N LEU J 142 73.04 -24.63 21.74
CA LEU J 142 74.04 -25.40 22.47
C LEU J 142 74.14 -24.82 23.87
N TRP J 143 73.58 -25.52 24.86
CA TRP J 143 73.59 -25.07 26.24
C TRP J 143 74.93 -25.40 26.89
N LEU J 144 75.19 -24.75 28.02
CA LEU J 144 76.48 -24.88 28.69
C LEU J 144 76.31 -24.75 30.19
N PHE J 145 77.07 -25.56 30.93
CA PHE J 145 77.22 -25.44 32.37
C PHE J 145 78.68 -25.24 32.69
N SER J 146 78.99 -24.21 33.47
CA SER J 146 80.37 -23.78 33.67
C SER J 146 80.63 -23.61 35.17
N ASP J 147 81.27 -24.61 35.77
CA ASP J 147 81.83 -24.41 37.11
C ASP J 147 83.03 -23.50 37.08
N ASN J 148 83.56 -23.19 35.90
CA ASN J 148 84.72 -22.32 35.77
C ASN J 148 84.26 -20.86 35.68
N PRO J 149 84.57 -20.02 36.65
CA PRO J 149 84.13 -18.62 36.57
C PRO J 149 84.66 -17.88 35.36
N GLY J 150 85.88 -18.18 34.92
CA GLY J 150 86.53 -17.45 33.85
C GLY J 150 85.83 -17.52 32.51
N GLN J 151 85.03 -18.56 32.28
CA GLN J 151 84.25 -18.67 31.05
C GLN J 151 83.19 -17.58 31.03
N THR J 152 82.91 -17.04 29.85
CA THR J 152 81.97 -15.93 29.71
C THR J 152 81.16 -16.08 28.43
N LEU J 153 80.01 -15.42 28.40
CA LEU J 153 79.17 -15.45 27.21
C LEU J 153 79.91 -14.86 26.01
N GLU J 154 80.66 -13.79 26.23
CA GLU J 154 81.42 -13.18 25.14
C GLU J 154 82.46 -14.15 24.59
N HIS J 155 83.10 -14.93 25.47
CA HIS J 155 84.07 -15.92 25.01
C HIS J 155 83.41 -16.95 24.12
N TRP J 156 82.25 -17.47 24.53
CA TRP J 156 81.55 -18.46 23.72
C TRP J 156 81.12 -17.85 22.40
N LEU J 157 80.64 -16.60 22.42
CA LEU J 157 80.24 -15.94 21.19
C LEU J 157 81.41 -15.81 20.24
N ASN J 158 82.59 -15.41 20.76
CA ASN J 158 83.76 -15.29 19.93
C ASN J 158 84.13 -16.64 19.32
N VAL J 159 84.14 -17.70 20.14
CA VAL J 159 84.49 -19.02 19.63
C VAL J 159 83.52 -19.44 18.54
N TYR J 160 82.22 -19.22 18.76
CA TYR J 160 81.22 -19.57 17.75
C TYR J 160 81.46 -18.77 16.47
N HIS J 161 81.85 -17.50 16.59
CA HIS J 161 82.21 -16.74 15.41
C HIS J 161 83.40 -17.37 14.68
N GLU J 162 84.36 -17.89 15.42
CA GLU J 162 85.49 -18.55 14.78
C GLU J 162 85.06 -19.77 13.98
N GLY J 163 84.12 -20.55 14.51
CA GLY J 163 83.68 -21.75 13.80
C GLY J 163 82.43 -22.32 14.45
N GLY J 164 82.00 -23.45 13.90
CA GLY J 164 80.77 -24.08 14.33
C GLY J 164 80.82 -24.56 15.77
N THR J 165 79.79 -25.32 16.13
CA THR J 165 79.69 -25.82 17.50
C THR J 165 80.87 -26.70 17.87
N ARG J 166 81.51 -27.33 16.88
CA ARG J 166 82.65 -28.17 17.19
C ARG J 166 83.77 -27.37 17.85
N LEU J 167 83.91 -26.09 17.50
CA LEU J 167 84.84 -25.24 18.23
C LEU J 167 84.41 -25.05 19.69
N LEU J 168 83.11 -24.95 19.95
CA LEU J 168 82.64 -24.88 21.33
C LEU J 168 82.94 -26.15 22.10
N ARG J 169 82.67 -27.30 21.49
CA ARG J 169 83.06 -28.55 22.13
C ARG J 169 84.56 -28.52 22.40
N GLN J 170 85.32 -27.86 21.51
CA GLN J 170 86.78 -27.91 21.60
C GLN J 170 87.32 -27.16 22.81
N MET J 171 86.89 -25.91 23.03
CA MET J 171 87.40 -25.26 24.24
C MET J 171 86.64 -25.70 25.48
N GLU J 172 85.52 -26.41 25.31
CA GLU J 172 84.99 -27.14 26.45
C GLU J 172 85.94 -28.26 26.88
N LYS J 173 86.49 -29.01 25.92
CA LYS J 173 87.52 -30.00 26.25
C LYS J 173 88.76 -29.31 26.80
N GLU J 174 89.18 -28.21 26.17
CA GLU J 174 90.44 -27.58 26.57
C GLU J 174 90.32 -26.91 27.93
N ALA J 175 89.12 -26.45 28.29
CA ALA J 175 88.92 -25.64 29.49
C ALA J 175 88.34 -26.51 30.60
N ILE J 176 88.90 -26.38 31.79
CA ILE J 176 88.45 -27.18 32.93
C ILE J 176 87.13 -26.61 33.47
N GLY J 177 86.36 -27.47 34.13
CA GLY J 177 85.14 -27.04 34.78
C GLY J 177 84.09 -26.47 33.85
N LEU J 178 83.92 -27.06 32.67
CA LEU J 178 82.95 -26.59 31.69
C LEU J 178 82.37 -27.78 30.93
N TRP J 179 81.12 -27.61 30.48
CA TRP J 179 80.38 -28.67 29.82
C TRP J 179 79.46 -28.06 28.77
N THR J 180 79.09 -28.86 27.76
CA THR J 180 78.17 -28.44 26.72
C THR J 180 77.16 -29.55 26.48
N TYR J 181 75.91 -29.15 26.20
CA TYR J 181 74.82 -30.07 25.99
C TYR J 181 73.89 -29.46 24.94
N PRO J 182 73.85 -30.01 23.73
CA PRO J 182 72.97 -29.43 22.70
C PRO J 182 71.52 -29.77 22.95
N ASN J 183 71.28 -31.02 23.37
CA ASN J 183 69.94 -31.43 23.81
C ASN J 183 69.75 -30.91 25.23
N LYS J 184 68.68 -30.13 25.43
CA LYS J 184 68.53 -29.36 26.65
C LYS J 184 68.46 -30.26 27.89
N LYS J 185 67.77 -31.40 27.79
CA LYS J 185 67.54 -32.22 28.97
C LYS J 185 68.85 -32.67 29.61
N GLN J 186 69.90 -32.88 28.83
CA GLN J 186 71.19 -33.23 29.42
C GLN J 186 71.70 -32.11 30.32
N TYR J 187 71.66 -30.86 29.83
CA TYR J 187 72.10 -29.73 30.64
C TYR J 187 71.22 -29.57 31.87
N LEU J 188 69.91 -29.74 31.71
CA LEU J 188 69.00 -29.62 32.85
C LEU J 188 69.28 -30.68 33.90
N ALA J 189 69.55 -31.92 33.47
CA ALA J 189 69.89 -32.97 34.40
C ALA J 189 71.21 -32.68 35.10
N ARG J 190 72.19 -32.16 34.36
CA ARG J 190 73.43 -31.73 34.98
C ARG J 190 73.16 -30.71 36.09
N LEU J 191 72.33 -29.71 35.79
CA LEU J 191 72.01 -28.69 36.78
C LEU J 191 71.31 -29.30 37.99
N ARG J 192 70.34 -30.18 37.75
CA ARG J 192 69.62 -30.80 38.86
C ARG J 192 70.55 -31.61 39.75
N ASP J 193 71.45 -32.39 39.12
CA ASP J 193 72.41 -33.16 39.89
C ASP J 193 73.30 -32.24 40.72
N PHE J 194 73.70 -31.11 40.13
CA PHE J 194 74.50 -30.14 40.87
C PHE J 194 73.76 -29.62 42.10
N PHE J 195 72.44 -29.51 42.05
CA PHE J 195 71.67 -28.83 43.08
C PHE J 195 70.82 -29.77 43.92
N GLU J 196 70.96 -31.08 43.75
CA GLU J 196 70.29 -32.08 44.57
C GLU J 196 68.77 -31.99 44.46
N VAL J 197 68.24 -31.30 43.46
CA VAL J 197 66.81 -31.03 43.35
C VAL J 197 66.35 -31.31 41.94
N GLY J 198 65.13 -31.81 41.80
CA GLY J 198 64.59 -32.15 40.50
C GLY J 198 64.08 -30.94 39.74
N GLU J 199 63.62 -31.20 38.52
CA GLU J 199 63.15 -30.12 37.65
C GLU J 199 61.84 -29.52 38.16
N ASN J 200 61.13 -30.24 39.04
CA ASN J 200 59.90 -29.69 39.60
C ASN J 200 60.17 -28.38 40.33
N ALA J 201 61.35 -28.23 40.93
CA ALA J 201 61.71 -26.97 41.55
C ALA J 201 61.81 -25.85 40.51
N PHE J 202 62.38 -26.14 39.34
CA PHE J 202 62.41 -25.13 38.29
C PHE J 202 61.01 -24.81 37.78
N THR J 203 60.14 -25.81 37.69
CA THR J 203 58.75 -25.54 37.32
C THR J 203 58.09 -24.61 38.32
N LEU J 204 58.32 -24.86 39.61
CA LEU J 204 57.77 -23.98 40.65
C LEU J 204 58.38 -22.59 40.58
N LEU J 205 59.68 -22.51 40.28
CA LEU J 205 60.30 -21.21 40.07
C LEU J 205 59.62 -20.44 38.95
N ASN J 206 59.33 -21.13 37.85
CA ASN J 206 58.63 -20.49 36.74
C ASN J 206 57.23 -20.07 37.15
N ARG J 207 56.53 -20.91 37.92
CA ARG J 207 55.26 -20.51 38.50
C ARG J 207 55.40 -19.20 39.24
N ALA J 208 56.46 -19.07 40.05
CA ALA J 208 56.70 -17.84 40.79
C ALA J 208 56.93 -16.68 39.84
N ALA J 209 57.64 -16.93 38.72
CA ALA J 209 57.96 -15.86 37.79
C ALA J 209 56.71 -15.13 37.32
N GLY J 210 55.58 -15.83 37.22
CA GLY J 210 54.34 -15.23 36.78
C GLY J 210 53.23 -15.38 37.79
N LEU J 211 53.59 -15.45 39.07
CA LEU J 211 52.60 -15.59 40.14
C LEU J 211 51.53 -14.52 40.01
N LYS J 212 50.28 -14.94 39.80
CA LYS J 212 49.17 -14.00 39.65
C LYS J 212 47.87 -14.60 40.15
N GLN J 213 46.75 -14.02 39.70
CA GLN J 213 45.48 -14.11 40.40
C GLN J 213 45.04 -15.56 40.65
N LEU J 214 44.03 -15.68 41.51
CA LEU J 214 43.33 -16.93 41.79
C LEU J 214 42.17 -16.60 42.72
N ASN J 215 41.30 -17.58 42.96
CA ASN J 215 40.00 -17.31 43.55
C ASN J 215 39.79 -17.92 44.93
N SER J 216 40.61 -18.87 45.35
CA SER J 216 40.42 -19.50 46.65
C SER J 216 41.74 -20.07 47.13
N ILE J 217 41.80 -20.33 48.44
CA ILE J 217 43.00 -20.91 49.03
C ILE J 217 43.27 -22.29 48.45
N ASP J 218 42.21 -23.05 48.18
CA ASP J 218 42.37 -24.37 47.58
C ASP J 218 43.07 -24.28 46.23
N GLU J 219 42.68 -23.29 45.42
CA GLU J 219 43.33 -23.11 44.12
C GLU J 219 44.81 -22.84 44.27
N ILE J 220 45.22 -22.11 45.32
CA ILE J 220 46.64 -21.89 45.55
C ILE J 220 47.38 -23.21 45.49
N PHE J 221 47.05 -24.14 46.40
CA PHE J 221 47.72 -25.43 46.40
C PHE J 221 47.55 -26.13 45.06
N ARG J 222 46.30 -26.29 44.61
CA ARG J 222 46.05 -27.13 43.45
C ARG J 222 46.85 -26.68 42.24
N GLU J 223 46.82 -25.39 41.92
CA GLU J 223 47.52 -24.93 40.72
C GLU J 223 49.01 -24.73 41.01
N LEU J 224 49.35 -23.82 41.92
CA LEU J 224 50.75 -23.44 42.08
C LEU J 224 51.58 -24.56 42.68
N VAL J 225 51.11 -25.16 43.78
CA VAL J 225 51.99 -25.97 44.61
C VAL J 225 52.27 -27.31 43.96
N LEU J 226 51.23 -28.00 43.49
CA LEU J 226 51.30 -29.43 43.22
C LEU J 226 51.27 -29.70 41.73
N ASP J 227 52.21 -30.53 41.27
CA ASP J 227 52.09 -31.13 39.94
C ASP J 227 51.04 -32.23 39.98
N ASP J 228 50.22 -32.30 38.93
CA ASP J 228 49.01 -33.12 39.01
C ASP J 228 49.29 -34.59 38.71
N HIS J 229 49.85 -34.90 37.54
CA HIS J 229 49.98 -36.28 37.09
C HIS J 229 48.64 -37.01 37.20
N SER J 230 47.58 -36.43 36.64
CA SER J 230 46.30 -37.12 36.57
C SER J 230 46.45 -38.34 35.66
N ALA J 231 45.65 -39.37 35.94
CA ALA J 231 45.82 -40.67 35.30
C ALA J 231 44.87 -40.87 34.13
N PHE J 232 44.60 -39.79 33.38
CA PHE J 232 43.67 -39.90 32.26
C PHE J 232 44.15 -40.90 31.21
N ASP J 233 45.46 -40.99 30.98
CA ASP J 233 45.98 -42.00 30.07
C ASP J 233 45.67 -43.40 30.59
N ARG J 234 45.81 -43.61 31.90
CA ARG J 234 45.47 -44.89 32.48
C ARG J 234 44.00 -45.22 32.25
N ALA J 235 43.13 -44.24 32.45
CA ALA J 235 41.69 -44.47 32.23
C ALA J 235 41.41 -44.79 30.77
N ALA J 236 42.06 -44.10 29.85
CA ALA J 236 41.85 -44.36 28.43
C ALA J 236 42.25 -45.78 28.06
N GLU J 237 43.46 -46.19 28.47
CA GLU J 237 43.91 -47.54 28.14
C GLU J 237 43.05 -48.59 28.83
N VAL J 238 42.60 -48.30 30.07
CA VAL J 238 41.71 -49.22 30.77
C VAL J 238 40.42 -49.40 29.98
N ALA J 239 39.86 -48.28 29.50
CA ALA J 239 38.63 -48.36 28.71
C ALA J 239 38.84 -49.16 27.44
N ASN J 240 39.96 -48.96 26.76
CA ASN J 240 40.21 -49.71 25.52
C ASN J 240 40.37 -51.20 25.79
N SER J 241 41.13 -51.56 26.82
CA SER J 241 41.29 -52.97 27.16
C SER J 241 39.96 -53.58 27.56
N PHE J 242 39.14 -52.84 28.31
CA PHE J 242 37.83 -53.35 28.67
C PHE J 242 36.93 -53.46 27.45
N ASP J 243 37.11 -52.61 26.44
CA ASP J 243 36.36 -52.78 25.20
C ASP J 243 36.74 -54.08 24.51
N GLY J 244 38.03 -54.42 24.49
CA GLY J 244 38.43 -55.73 24.00
C GLY J 244 37.81 -56.85 24.80
N LEU J 245 37.80 -56.71 26.12
CA LEU J 245 37.15 -57.70 26.98
C LEU J 245 35.68 -57.82 26.64
N THR J 246 35.01 -56.70 26.37
CA THR J 246 33.61 -56.71 25.98
C THR J 246 33.41 -57.44 24.65
N GLU J 247 34.32 -57.23 23.70
CA GLU J 247 34.26 -58.00 22.46
C GLU J 247 34.27 -59.49 22.75
N ILE J 248 35.24 -59.94 23.55
CA ILE J 248 35.35 -61.37 23.83
C ILE J 248 34.12 -61.87 24.58
N HIS J 249 33.64 -61.09 25.56
CA HIS J 249 32.47 -61.50 26.34
C HIS J 249 31.23 -61.59 25.46
N GLN J 250 31.05 -60.65 24.54
CA GLN J 250 29.91 -60.69 23.63
C GLN J 250 30.00 -61.91 22.72
N GLU J 251 31.20 -62.25 22.25
CA GLU J 251 31.34 -63.46 21.44
C GLU J 251 30.99 -64.69 22.27
N LEU J 252 31.41 -64.72 23.54
CA LEU J 252 31.04 -65.81 24.43
C LEU J 252 29.52 -65.92 24.55
N GLU J 253 28.84 -64.79 24.75
CA GLU J 253 27.39 -64.80 24.86
C GLU J 253 26.73 -65.27 23.58
N THR J 254 27.26 -64.84 22.42
CA THR J 254 26.70 -65.29 21.14
C THR J 254 26.83 -66.81 21.00
N ALA J 255 28.00 -67.36 21.33
CA ALA J 255 28.19 -68.80 21.25
C ALA J 255 27.24 -69.51 22.22
N ARG J 256 27.10 -68.98 23.44
CA ARG J 256 26.23 -69.59 24.43
C ARG J 256 24.79 -69.64 23.93
N LYS J 257 24.29 -68.52 23.40
CA LYS J 257 22.91 -68.48 22.94
C LYS J 257 22.71 -69.36 21.71
N GLN J 258 23.70 -69.40 20.82
CA GLN J 258 23.61 -70.29 19.67
C GLN J 258 23.50 -71.75 20.11
N GLN J 259 24.33 -72.14 21.07
CA GLN J 259 24.27 -73.50 21.60
C GLN J 259 22.91 -73.77 22.23
N GLN J 260 22.42 -72.83 23.01
CA GLN J 260 21.14 -73.02 23.70
C GLN J 260 20.00 -73.15 22.71
N SER J 261 20.04 -72.39 21.61
CA SER J 261 18.99 -72.50 20.60
C SER J 261 19.11 -73.82 19.83
N LEU J 262 20.34 -74.23 19.50
CA LEU J 262 20.52 -75.41 18.67
C LEU J 262 20.25 -76.71 19.43
N GLN J 263 20.48 -76.74 20.74
CA GLN J 263 20.25 -77.98 21.49
C GLN J 263 18.82 -78.48 21.36
N PRO J 264 17.78 -77.66 21.58
CA PRO J 264 16.42 -78.16 21.35
C PRO J 264 16.20 -78.68 19.95
N VAL J 265 16.87 -78.12 18.95
CA VAL J 265 16.74 -78.62 17.59
C VAL J 265 17.15 -80.09 17.55
N ALA J 266 18.31 -80.41 18.09
CA ALA J 266 18.78 -81.79 18.11
C ALA J 266 17.84 -82.68 18.92
N LEU J 267 17.41 -82.20 20.10
CA LEU J 267 16.49 -82.99 20.90
C LEU J 267 15.24 -83.36 20.11
N SER J 268 14.60 -82.35 19.50
CA SER J 268 13.40 -82.59 18.73
C SER J 268 13.68 -83.51 17.55
N TRP J 269 14.83 -83.36 16.90
CA TRP J 269 15.14 -84.19 15.75
C TRP J 269 15.29 -85.65 16.17
N GLU J 270 15.98 -85.91 17.28
CA GLU J 270 16.13 -87.29 17.75
C GLU J 270 14.79 -87.90 18.13
N LYS J 271 13.95 -87.15 18.84
CA LYS J 271 12.66 -87.72 19.22
C LYS J 271 11.75 -87.89 18.02
N TYR J 272 11.88 -87.01 17.03
CA TYR J 272 11.17 -87.19 15.77
C TYR J 272 11.62 -88.46 15.05
N GLN J 273 12.93 -88.72 15.06
CA GLN J 273 13.43 -89.97 14.49
C GLN J 273 12.88 -91.17 15.24
N LYS J 274 12.80 -91.08 16.57
CA LYS J 274 12.25 -92.18 17.36
C LYS J 274 10.80 -92.46 16.96
N GLN J 275 9.98 -91.41 16.91
CA GLN J 275 8.59 -91.59 16.48
C GLN J 275 8.50 -92.08 15.05
N GLU J 276 9.44 -91.67 14.20
CA GLU J 276 9.47 -92.16 12.83
C GLU J 276 9.75 -93.66 12.78
N ARG J 277 10.67 -94.14 13.62
CA ARG J 277 10.90 -95.58 13.71
C ARG J 277 9.66 -96.30 14.21
N GLN J 278 8.98 -95.72 15.21
CA GLN J 278 7.74 -96.33 15.68
C GLN J 278 6.70 -96.43 14.57
N LEU J 279 6.54 -95.35 13.79
CA LEU J 279 5.62 -95.37 12.67
C LEU J 279 6.04 -96.39 11.63
N ALA J 280 7.35 -96.54 11.42
CA ALA J 280 7.84 -97.55 10.47
C ALA J 280 7.48 -98.95 10.94
N ASP J 281 7.62 -99.24 12.23
CA ASP J 281 7.21 -100.55 12.74
C ASP J 281 5.72 -100.75 12.56
N TRP J 282 4.92 -99.70 12.82
CA TRP J 282 3.48 -99.81 12.60
C TRP J 282 3.18 -100.10 11.13
N LEU J 283 3.87 -99.42 10.21
CA LEU J 283 3.67 -99.66 8.79
C LEU J 283 4.04 -101.09 8.42
N THR J 284 5.14 -101.60 8.97
CA THR J 284 5.53 -102.98 8.72
C THR J 284 4.46 -103.95 9.21
N LEU J 285 3.89 -103.67 10.39
CA LEU J 285 2.82 -104.51 10.89
C LEU J 285 1.62 -104.48 9.96
N GLU J 286 1.26 -103.29 9.47
CA GLU J 286 0.13 -103.19 8.55
C GLU J 286 0.38 -103.97 7.27
N SER J 287 1.60 -103.90 6.73
CA SER J 287 1.90 -104.59 5.49
C SER J 287 1.79 -106.10 5.65
N LEU J 288 2.14 -106.63 6.83
CA LEU J 288 2.09 -108.06 7.04
C LEU J 288 0.67 -108.57 7.25
N LEU J 289 -0.19 -107.79 7.89
CA LEU J 289 -1.51 -108.31 8.27
C LEU J 289 -2.24 -108.96 7.11
N PRO J 290 -2.31 -108.37 5.91
CA PRO J 290 -2.98 -109.07 4.80
C PRO J 290 -2.38 -110.43 4.52
N LEU J 291 -1.05 -110.56 4.51
CA LEU J 291 -0.44 -111.85 4.22
C LEU J 291 -0.61 -112.83 5.37
N TRP J 292 -0.54 -112.32 6.61
CA TRP J 292 -0.81 -113.17 7.77
C TRP J 292 -2.19 -113.80 7.69
N PHE J 293 -3.22 -112.96 7.47
CA PHE J 293 -4.56 -113.50 7.42
C PHE J 293 -4.81 -114.29 6.14
N ALA J 294 -4.05 -114.01 5.07
CA ALA J 294 -4.16 -114.84 3.87
C ALA J 294 -3.61 -116.24 4.12
N GLN J 295 -2.46 -116.35 4.79
CA GLN J 295 -1.91 -117.65 5.14
C GLN J 295 -2.83 -118.39 6.10
N GLN J 296 -3.38 -117.67 7.08
CA GLN J 296 -4.31 -118.29 8.01
C GLN J 296 -5.57 -118.75 7.29
N ALA J 297 -6.06 -117.97 6.34
CA ALA J 297 -7.21 -118.38 5.55
C ALA J 297 -6.89 -119.61 4.71
N SER J 298 -5.70 -119.67 4.13
CA SER J 298 -5.30 -120.83 3.36
C SER J 298 -5.27 -122.08 4.23
N HIS J 299 -4.67 -121.97 5.42
CA HIS J 299 -4.61 -123.11 6.32
C HIS J 299 -6.00 -123.54 6.77
N LEU J 300 -6.84 -122.57 7.15
CA LEU J 300 -8.18 -122.89 7.61
C LEU J 300 -9.04 -123.43 6.48
N TRP J 301 -8.76 -123.02 5.24
CA TRP J 301 -9.51 -123.55 4.11
C TRP J 301 -9.05 -124.96 3.77
N ARG J 302 -7.77 -125.28 3.95
CA ARG J 302 -7.33 -126.66 3.84
C ARG J 302 -8.01 -127.54 4.90
N GLU J 303 -8.07 -127.03 6.13
CA GLU J 303 -8.76 -127.76 7.19
C GLU J 303 -10.24 -127.91 6.86
N LYS J 304 -10.85 -126.86 6.30
CA LYS J 304 -12.24 -126.92 5.88
C LYS J 304 -12.44 -127.95 4.79
N ILE J 305 -11.50 -128.03 3.84
CA ILE J 305 -11.57 -129.05 2.80
C ILE J 305 -11.56 -130.43 3.41
N ASN J 306 -10.65 -130.67 4.35
CA ASN J 306 -10.57 -131.99 4.97
C ASN J 306 -11.84 -132.32 5.77
N LEU J 307 -12.33 -131.35 6.56
CA LEU J 307 -13.52 -131.59 7.36
C LEU J 307 -14.75 -131.80 6.49
N LEU J 308 -14.86 -131.02 5.40
CA LEU J 308 -15.96 -131.20 4.47
C LEU J 308 -15.87 -132.53 3.73
N ASN J 309 -14.65 -132.99 3.43
CA ASN J 309 -14.50 -134.32 2.87
C ASN J 309 -15.00 -135.38 3.84
N ALA J 310 -14.66 -135.24 5.12
CA ALA J 310 -15.12 -136.20 6.12
C ALA J 310 -16.65 -136.18 6.23
N ARG J 311 -17.24 -134.98 6.31
CA ARG J 311 -18.69 -134.87 6.43
C ARG J 311 -19.38 -135.38 5.18
N LEU J 312 -18.81 -135.11 4.01
CA LEU J 312 -19.38 -135.62 2.76
C LEU J 312 -19.30 -137.14 2.72
N ALA J 313 -18.22 -137.72 3.23
CA ALA J 313 -18.11 -139.17 3.31
C ALA J 313 -19.18 -139.74 4.23
N GLU J 314 -19.42 -139.08 5.37
CA GLU J 314 -20.47 -139.55 6.28
C GLU J 314 -21.84 -139.47 5.60
N ALA J 315 -22.11 -138.36 4.92
CA ALA J 315 -23.38 -138.21 4.22
C ALA J 315 -23.53 -139.26 3.12
N GLN J 316 -22.44 -139.56 2.43
CA GLN J 316 -22.48 -140.57 1.37
C GLN J 316 -22.66 -141.97 1.95
N THR J 317 -22.12 -142.23 3.15
CA THR J 317 -22.39 -143.50 3.81
C THR J 317 -23.87 -143.63 4.17
N SER J 318 -24.46 -142.55 4.68
CA SER J 318 -25.90 -142.56 4.94
C SER J 318 -26.68 -142.78 3.65
N GLU J 319 -26.25 -142.12 2.58
CA GLU J 319 -26.88 -142.30 1.27
C GLU J 319 -26.77 -143.74 0.81
N GLU J 320 -25.61 -144.37 1.02
CA GLU J 320 -25.44 -145.76 0.62
C GLU J 320 -26.33 -146.69 1.42
N GLN J 321 -26.48 -146.42 2.72
CA GLN J 321 -27.39 -147.23 3.52
C GLN J 321 -28.83 -147.07 3.05
N LEU J 322 -29.24 -145.84 2.74
CA LEU J 322 -30.58 -145.64 2.19
C LEU J 322 -30.72 -146.32 0.83
N GLN J 323 -29.66 -146.33 0.02
CA GLN J 323 -29.69 -147.02 -1.25
C GLN J 323 -29.88 -148.53 -1.06
N SER J 324 -29.18 -149.10 -0.08
CA SER J 324 -29.34 -150.52 0.22
C SER J 324 -30.76 -150.82 0.68
N GLN J 325 -31.32 -149.95 1.53
CA GLN J 325 -32.71 -150.14 1.95
C GLN J 325 -33.66 -150.03 0.76
N LEU J 326 -33.41 -149.10 -0.15
CA LEU J 326 -34.25 -148.95 -1.34
C LEU J 326 -34.18 -150.20 -2.20
N ASP J 327 -32.97 -150.76 -2.37
CA ASP J 327 -32.81 -151.97 -3.15
C ASP J 327 -33.52 -153.15 -2.49
N LEU J 328 -33.45 -153.24 -1.15
CA LEU J 328 -34.16 -154.28 -0.44
C LEU J 328 -35.66 -154.15 -0.62
N GLN J 329 -36.17 -152.92 -0.57
CA GLN J 329 -37.60 -152.70 -0.80
C GLN J 329 -37.98 -153.05 -2.24
N LYS J 330 -37.09 -152.77 -3.20
CA LYS J 330 -37.34 -153.20 -4.57
C LYS J 330 -37.36 -154.72 -4.69
N LYS J 331 -36.50 -155.40 -3.93
CA LYS J 331 -36.52 -156.86 -3.92
C LYS J 331 -37.83 -157.39 -3.34
N VAL J 332 -38.32 -156.75 -2.27
CA VAL J 332 -39.62 -157.12 -1.72
C VAL J 332 -40.72 -156.85 -2.73
N VAL J 333 -40.62 -155.73 -3.45
CA VAL J 333 -41.57 -155.43 -4.51
C VAL J 333 -41.57 -156.53 -5.55
N SER J 334 -40.38 -156.98 -5.96
CA SER J 334 -40.28 -158.05 -6.95
C SER J 334 -40.84 -159.35 -6.40
N ASP J 335 -40.64 -159.61 -5.11
CA ASP J 335 -41.19 -160.82 -4.51
C ASP J 335 -42.72 -160.81 -4.56
N HIS J 336 -43.33 -159.72 -4.10
CA HIS J 336 -44.79 -159.61 -4.19
C HIS J 336 -45.26 -159.62 -5.63
N MET J 337 -44.45 -159.07 -6.53
CA MET J 337 -44.78 -159.03 -7.96
C MET J 337 -44.81 -160.44 -8.54
N GLN J 338 -43.89 -161.30 -8.10
CA GLN J 338 -43.83 -162.67 -8.60
C GLN J 338 -44.99 -163.50 -8.08
N ARG J 339 -45.41 -163.27 -6.83
CA ARG J 339 -46.55 -164.02 -6.28
C ARG J 339 -47.79 -163.77 -7.12
N TYR J 340 -47.98 -162.54 -7.59
CA TYR J 340 -49.11 -162.25 -8.47
C TYR J 340 -48.98 -162.99 -9.80
N LEU J 341 -47.75 -163.17 -10.28
CA LEU J 341 -47.55 -163.95 -11.51
C LEU J 341 -47.94 -165.41 -11.33
N GLN J 342 -47.60 -166.00 -10.18
CA GLN J 342 -47.65 -167.43 -10.00
C GLN J 342 -48.98 -167.95 -9.47
N VAL J 343 -49.58 -167.27 -8.49
CA VAL J 343 -50.85 -167.72 -7.92
C VAL J 343 -51.97 -167.53 -8.92
N ASP J 689 -60.01 -160.57 -2.11
CA ASP J 689 -59.44 -161.24 -0.95
C ASP J 689 -58.73 -162.53 -1.36
N SER J 690 -58.73 -162.84 -2.65
CA SER J 690 -58.03 -164.00 -3.16
C SER J 690 -56.52 -163.80 -3.01
N ASP J 691 -55.78 -164.87 -3.32
CA ASP J 691 -54.32 -164.79 -3.23
C ASP J 691 -53.76 -163.76 -4.20
N ALA J 692 -54.30 -163.70 -5.42
CA ALA J 692 -53.84 -162.70 -6.38
C ALA J 692 -54.11 -161.29 -5.89
N SER J 693 -55.29 -161.06 -5.31
CA SER J 693 -55.62 -159.73 -4.79
C SER J 693 -54.68 -159.35 -3.65
N VAL J 694 -54.38 -160.29 -2.76
CA VAL J 694 -53.46 -160.01 -1.66
C VAL J 694 -52.08 -159.70 -2.19
N ALA J 695 -51.62 -160.47 -3.19
CA ALA J 695 -50.33 -160.20 -3.79
C ALA J 695 -50.28 -158.81 -4.41
N LYS J 696 -51.36 -158.43 -5.11
CA LYS J 696 -51.42 -157.10 -5.73
C LYS J 696 -51.38 -156.00 -4.66
N ALA J 697 -52.16 -156.17 -3.59
CA ALA J 697 -52.19 -155.16 -2.54
C ALA J 697 -50.83 -155.01 -1.86
N LYS J 698 -50.19 -156.14 -1.57
CA LYS J 698 -48.88 -156.07 -0.93
C LYS J 698 -47.82 -155.55 -1.90
N LEU J 699 -47.98 -155.81 -3.20
CA LEU J 699 -47.10 -155.20 -4.20
C LEU J 699 -47.24 -153.69 -4.18
N ASP J 700 -48.48 -153.20 -4.11
CA ASP J 700 -48.70 -151.75 -4.04
C ASP J 700 -48.10 -151.16 -2.77
N GLU J 701 -48.27 -151.84 -1.64
CA GLU J 701 -47.70 -151.36 -0.39
C GLU J 701 -46.17 -151.33 -0.46
N ALA J 702 -45.57 -152.38 -1.03
CA ALA J 702 -44.12 -152.42 -1.17
C ALA J 702 -43.64 -151.31 -2.08
N GLN J 703 -44.37 -151.03 -3.16
CA GLN J 703 -43.99 -149.92 -4.03
C GLN J 703 -44.11 -148.59 -3.32
N THR J 704 -45.13 -148.41 -2.49
CA THR J 704 -45.24 -147.17 -1.71
C THR J 704 -44.05 -147.01 -0.76
N ILE J 705 -43.68 -148.09 -0.08
CA ILE J 705 -42.53 -148.01 0.82
C ILE J 705 -41.25 -147.77 0.02
N GLU J 706 -41.16 -148.33 -1.18
CA GLU J 706 -40.00 -148.09 -2.04
C GLU J 706 -39.91 -146.63 -2.44
N SER J 707 -41.05 -146.02 -2.77
CA SER J 707 -41.06 -144.60 -3.11
C SER J 707 -40.68 -143.74 -1.91
N GLU J 708 -41.16 -144.10 -0.72
CA GLU J 708 -40.79 -143.36 0.48
C GLU J 708 -39.28 -143.45 0.73
N LEU J 709 -38.73 -144.66 0.58
CA LEU J 709 -37.29 -144.83 0.75
C LEU J 709 -36.51 -144.05 -0.31
N ASP J 710 -37.04 -143.99 -1.53
CA ASP J 710 -36.38 -143.23 -2.59
C ASP J 710 -36.38 -141.74 -2.26
N LYS J 711 -37.49 -141.24 -1.70
CA LYS J 711 -37.53 -139.84 -1.29
C LYS J 711 -36.55 -139.56 -0.15
N GLN J 712 -36.44 -140.49 0.79
CA GLN J 712 -35.43 -140.34 1.84
C GLN J 712 -34.02 -140.35 1.25
N LEU J 713 -33.78 -141.22 0.27
CA LEU J 713 -32.49 -141.23 -0.41
C LEU J 713 -32.24 -139.91 -1.13
N ARG J 714 -33.29 -139.30 -1.67
CA ARG J 714 -33.15 -138.00 -2.32
C ARG J 714 -32.82 -136.91 -1.30
N ALA J 715 -33.40 -137.00 -0.11
CA ALA J 715 -33.01 -136.07 0.95
C ALA J 715 -31.54 -136.25 1.33
N ALA J 716 -31.10 -137.50 1.44
CA ALA J 716 -29.68 -137.75 1.69
C ALA J 716 -28.82 -137.22 0.55
N ASN J 717 -29.31 -137.34 -0.69
CA ASN J 717 -28.59 -136.79 -1.84
C ASN J 717 -28.50 -135.29 -1.74
N LYS J 718 -29.56 -134.63 -1.26
CA LYS J 718 -29.51 -133.18 -1.06
C LYS J 718 -28.46 -132.81 -0.03
N VAL J 719 -28.39 -133.57 1.07
CA VAL J 719 -27.37 -133.31 2.07
C VAL J 719 -25.98 -133.46 1.46
N THR J 720 -25.78 -134.55 0.69
CA THR J 720 -24.50 -134.79 0.06
C THR J 720 -24.14 -133.68 -0.91
N CYS J 721 -25.11 -133.21 -1.68
CA CYS J 721 -24.87 -132.15 -2.65
C CYS J 721 -24.54 -130.83 -1.97
N VAL J 722 -25.22 -130.53 -0.86
CA VAL J 722 -24.90 -129.32 -0.11
C VAL J 722 -23.46 -129.40 0.39
N LEU J 723 -23.08 -130.54 0.96
CA LEU J 723 -21.72 -130.69 1.44
C LEU J 723 -20.70 -130.60 0.30
N ASP J 724 -21.03 -131.17 -0.86
CA ASP J 724 -20.12 -131.13 -2.00
C ASP J 724 -19.96 -129.71 -2.53
N THR J 725 -21.05 -128.95 -2.60
CA THR J 725 -20.96 -127.56 -3.04
C THR J 725 -20.13 -126.75 -2.05
N GLU J 726 -20.33 -126.98 -0.75
CA GLU J 726 -19.51 -126.31 0.24
C GLU J 726 -18.04 -126.68 0.07
N LEU J 727 -17.76 -127.96 -0.23
CA LEU J 727 -16.39 -128.39 -0.45
C LEU J 727 -15.78 -127.72 -1.67
N THR J 728 -16.56 -127.57 -2.75
CA THR J 728 -16.04 -126.91 -3.94
C THR J 728 -15.74 -125.44 -3.66
N LEU J 729 -16.66 -124.75 -2.96
CA LEU J 729 -16.40 -123.36 -2.60
C LEU J 729 -15.17 -123.26 -1.71
N ALA J 730 -15.02 -124.19 -0.77
CA ALA J 730 -13.85 -124.20 0.10
C ALA J 730 -12.58 -124.43 -0.70
N ARG J 731 -12.63 -125.30 -1.70
CA ARG J 731 -11.47 -125.53 -2.56
C ARG J 731 -11.08 -124.27 -3.30
N ALA J 732 -12.07 -123.57 -3.87
CA ALA J 732 -11.77 -122.33 -4.57
C ALA J 732 -11.17 -121.28 -3.64
N ALA J 733 -11.77 -121.10 -2.46
CA ALA J 733 -11.23 -120.13 -1.51
C ALA J 733 -9.84 -120.55 -1.03
N GLU J 734 -9.62 -121.85 -0.87
CA GLU J 734 -8.31 -122.35 -0.46
C GLU J 734 -7.26 -122.02 -1.51
N ARG J 735 -7.57 -122.27 -2.78
CA ARG J 735 -6.61 -121.95 -3.84
C ARG J 735 -6.35 -120.45 -3.89
N LYS J 736 -7.39 -119.64 -3.71
CA LYS J 736 -7.19 -118.18 -3.68
C LYS J 736 -6.24 -117.78 -2.55
N ALA J 737 -6.54 -118.22 -1.32
CA ALA J 737 -5.73 -117.85 -0.17
C ALA J 737 -4.34 -118.47 -0.27
N GLN J 738 -4.21 -119.57 -0.99
CA GLN J 738 -2.89 -120.18 -1.21
C GLN J 738 -2.05 -119.33 -2.13
N GLN J 739 -2.64 -118.88 -3.25
CA GLN J 739 -1.91 -117.98 -4.15
C GLN J 739 -1.56 -116.68 -3.46
N THR J 740 -2.48 -116.15 -2.63
CA THR J 740 -2.14 -114.98 -1.84
C THR J 740 -1.02 -115.30 -0.85
N ALA J 741 -1.02 -116.51 -0.28
CA ALA J 741 -0.01 -116.89 0.69
C ALA J 741 1.29 -117.32 0.02
N GLN J 742 1.25 -117.60 -1.29
CA GLN J 742 2.44 -118.11 -1.96
C GLN J 742 3.46 -117.01 -2.19
N GLN J 743 3.04 -115.74 -2.08
CA GLN J 743 4.00 -114.65 -2.19
C GLN J 743 5.05 -114.74 -1.09
N GLY J 744 4.70 -115.35 0.04
CA GLY J 744 5.67 -115.75 1.04
C GLY J 744 5.85 -114.73 2.14
N MET J 745 6.19 -115.24 3.33
CA MET J 745 6.56 -114.42 4.47
C MET J 745 7.79 -115.04 5.13
N LYS J 746 8.70 -114.17 5.56
CA LYS J 746 9.86 -114.66 6.30
C LYS J 746 9.43 -115.19 7.66
N GLU J 747 10.32 -115.97 8.28
CA GLU J 747 10.02 -116.52 9.60
C GLU J 747 9.85 -115.41 10.64
N GLU J 748 10.71 -114.39 10.59
CA GLU J 748 10.57 -113.27 11.52
C GLU J 748 9.25 -112.54 11.32
N GLU J 749 8.87 -112.29 10.07
CA GLU J 749 7.60 -111.65 9.80
C GLU J 749 6.44 -112.50 10.31
N ARG J 750 6.52 -113.81 10.12
CA ARG J 750 5.48 -114.71 10.59
C ARG J 750 5.37 -114.66 12.11
N GLU J 751 6.52 -114.66 12.79
CA GLU J 751 6.51 -114.60 14.26
C GLU J 751 5.90 -113.31 14.75
N LEU J 752 6.29 -112.17 14.16
CA LEU J 752 5.73 -110.89 14.58
C LEU J 752 4.23 -110.85 14.31
N SER J 753 3.79 -111.32 13.14
CA SER J 753 2.37 -111.30 12.82
C SER J 753 1.58 -112.20 13.76
N ALA J 754 2.14 -113.36 14.13
CA ALA J 754 1.43 -114.24 15.05
C ALA J 754 1.34 -113.64 16.44
N SER J 755 2.45 -113.08 16.94
CA SER J 755 2.44 -112.49 18.27
C SER J 755 1.53 -111.26 18.31
N HIS J 756 1.37 -110.57 17.18
CA HIS J 756 0.57 -109.35 17.17
C HIS J 756 -0.88 -109.62 16.78
N PHE J 757 -1.15 -110.71 16.06
CA PHE J 757 -2.45 -110.95 15.49
C PHE J 757 -3.04 -112.25 16.01
N PRO J 758 -4.37 -112.36 16.08
CA PRO J 758 -5.00 -113.61 16.51
C PRO J 758 -5.30 -114.53 15.32
N VAL J 759 -5.83 -115.71 15.65
CA VAL J 759 -6.35 -116.65 14.67
C VAL J 759 -7.65 -117.22 15.20
N VAL J 760 -8.53 -117.60 14.28
CA VAL J 760 -9.88 -118.03 14.62
C VAL J 760 -10.06 -119.49 14.24
N THR J 761 -10.95 -120.16 14.96
CA THR J 761 -11.22 -121.57 14.74
C THR J 761 -11.75 -121.82 13.34
N LEU J 762 -11.82 -123.11 12.98
CA LEU J 762 -12.20 -123.48 11.61
C LEU J 762 -13.64 -123.09 11.30
N GLU J 763 -14.58 -123.48 12.17
CA GLU J 763 -15.99 -123.22 11.89
C GLU J 763 -16.30 -121.72 11.87
N GLN J 764 -15.53 -120.89 12.57
CA GLN J 764 -15.63 -119.45 12.47
C GLN J 764 -14.67 -118.86 11.46
N LEU J 765 -14.31 -119.63 10.43
CA LEU J 765 -13.43 -119.13 9.38
C LEU J 765 -13.97 -117.88 8.71
N PRO J 766 -15.27 -117.78 8.38
CA PRO J 766 -15.77 -116.50 7.86
C PRO J 766 -15.53 -115.34 8.81
N ASP J 767 -15.55 -115.60 10.12
CA ASP J 767 -15.31 -114.54 11.09
C ASP J 767 -13.87 -114.05 11.06
N ILE J 768 -12.93 -114.91 10.66
CA ILE J 768 -11.52 -114.49 10.62
C ILE J 768 -11.31 -113.40 9.58
N ARG J 769 -12.04 -113.46 8.46
CA ARG J 769 -11.88 -112.44 7.43
C ARG J 769 -12.47 -111.11 7.86
N ASP J 770 -13.56 -111.14 8.64
CA ASP J 770 -14.05 -109.91 9.26
C ASP J 770 -13.04 -109.36 10.26
N LEU J 771 -12.42 -110.24 11.05
CA LEU J 771 -11.39 -109.79 11.99
C LEU J 771 -10.19 -109.22 11.25
N GLU J 772 -9.92 -109.70 10.03
CA GLU J 772 -8.87 -109.08 9.22
C GLU J 772 -9.21 -107.63 8.94
N ARG J 773 -10.46 -107.36 8.56
CA ARG J 773 -10.88 -105.99 8.28
C ARG J 773 -10.83 -105.13 9.55
N GLN J 774 -11.26 -105.68 10.68
CA GLN J 774 -11.22 -104.91 11.92
C GLN J 774 -9.78 -104.62 12.36
N HIS J 775 -8.89 -105.59 12.22
CA HIS J 775 -7.49 -105.37 12.53
C HIS J 775 -6.90 -104.32 11.59
N GLU J 776 -7.25 -104.38 10.32
CA GLU J 776 -6.83 -103.34 9.38
C GLU J 776 -7.28 -101.97 9.84
N ARG J 777 -8.55 -101.86 10.23
CA ARG J 777 -9.08 -100.58 10.70
C ARG J 777 -8.28 -100.08 11.90
N GLY J 778 -8.08 -100.94 12.90
CA GLY J 778 -7.38 -100.50 14.11
C GLY J 778 -5.93 -100.13 13.83
N ILE J 779 -5.24 -100.95 13.03
CA ILE J 779 -3.83 -100.69 12.73
C ILE J 779 -3.70 -99.38 11.94
N GLN J 780 -4.61 -99.15 10.99
CA GLN J 780 -4.55 -97.90 10.23
C GLN J 780 -4.86 -96.70 11.12
N HIS J 781 -5.79 -96.86 12.06
CA HIS J 781 -6.08 -95.77 12.99
C HIS J 781 -4.85 -95.43 13.82
N GLU J 782 -4.17 -96.45 14.35
CA GLU J 782 -2.96 -96.19 15.11
C GLU J 782 -1.86 -95.60 14.23
N ILE J 783 -1.77 -96.04 12.97
CA ILE J 783 -0.77 -95.50 12.05
C ILE J 783 -1.01 -94.02 11.82
N GLU J 784 -2.26 -93.63 11.59
CA GLU J 784 -2.55 -92.21 11.39
C GLU J 784 -2.33 -91.41 12.67
N ARG J 785 -2.62 -91.99 13.83
CA ARG J 785 -2.33 -91.29 15.09
C ARG J 785 -0.83 -91.03 15.24
N VAL J 786 -0.01 -92.05 15.00
CA VAL J 786 1.43 -91.87 15.13
C VAL J 786 1.94 -90.91 14.07
N LYS J 787 1.36 -90.92 12.88
CA LYS J 787 1.76 -89.96 11.84
C LYS J 787 1.41 -88.54 12.27
N ALA J 788 0.25 -88.35 12.88
CA ALA J 788 -0.12 -87.03 13.40
C ALA J 788 0.86 -86.57 14.45
N GLU J 789 1.25 -87.47 15.36
CA GLU J 789 2.25 -87.11 16.36
C GLU J 789 3.59 -86.80 15.71
N LEU J 790 3.95 -87.54 14.65
CA LEU J 790 5.19 -87.27 13.94
C LEU J 790 5.17 -85.88 13.34
N HIS J 791 4.04 -85.48 12.76
CA HIS J 791 3.95 -84.13 12.20
C HIS J 791 3.94 -83.08 13.29
N ARG J 792 3.35 -83.37 14.44
CA ARG J 792 3.39 -82.42 15.54
C ARG J 792 4.83 -82.19 15.98
N LEU J 793 5.60 -83.27 16.08
CA LEU J 793 7.02 -83.15 16.36
C LEU J 793 7.74 -82.38 15.25
N ASN J 794 7.37 -82.61 13.99
CA ASN J 794 7.97 -81.87 12.88
C ASN J 794 7.67 -80.39 12.98
N ILE J 795 6.46 -80.02 13.40
CA ILE J 795 6.10 -78.62 13.53
C ILE J 795 6.84 -77.97 14.68
N GLU J 796 6.97 -78.69 15.80
CA GLU J 796 7.79 -78.18 16.89
C GLU J 796 9.23 -78.01 16.45
N LEU J 797 9.73 -78.96 15.67
CA LEU J 797 11.07 -78.86 15.11
C LEU J 797 11.20 -77.65 14.19
N THR J 798 10.16 -77.38 13.40
CA THR J 798 10.17 -76.20 12.53
C THR J 798 10.27 -74.93 13.35
N LYS J 799 9.43 -74.81 14.38
CA LYS J 799 9.48 -73.61 15.22
C LYS J 799 10.85 -73.49 15.90
N ARG J 800 11.40 -74.60 16.36
CA ARG J 800 12.71 -74.55 17.02
C ARG J 800 13.80 -74.13 16.06
N MET J 801 13.97 -74.86 14.95
CA MET J 801 15.06 -74.60 14.03
C MET J 801 14.94 -73.23 13.39
N SER J 802 13.72 -72.82 13.01
CA SER J 802 13.54 -71.47 12.49
C SER J 802 13.96 -70.44 13.52
N GLU J 803 13.59 -70.64 14.78
CA GLU J 803 14.05 -69.75 15.84
C GLU J 803 15.57 -69.76 15.93
N ALA J 804 16.20 -70.91 15.69
CA ALA J 804 17.66 -70.97 15.70
C ALA J 804 18.25 -70.09 14.63
N LYS J 805 17.66 -70.11 13.42
CA LYS J 805 18.14 -69.22 12.36
C LYS J 805 17.87 -67.77 12.69
N ARG J 806 16.79 -67.49 13.42
CA ARG J 806 16.50 -66.11 13.83
C ARG J 806 17.58 -65.58 14.76
N VAL J 807 17.90 -66.33 15.81
CA VAL J 807 18.98 -65.95 16.71
C VAL J 807 20.34 -66.19 16.09
N ASP J 808 20.38 -66.91 14.95
CA ASP J 808 21.64 -67.27 14.34
C ASP J 808 22.45 -66.03 13.98
N THR J 809 23.77 -66.22 13.90
CA THR J 809 24.69 -65.13 13.58
C THR J 809 25.74 -65.56 12.55
N GLY J 810 25.37 -66.41 11.59
CA GLY J 810 26.28 -66.78 10.52
C GLY J 810 26.68 -68.24 10.52
N ALA J 811 25.99 -69.06 11.33
CA ALA J 811 26.24 -70.49 11.39
C ALA J 811 25.13 -71.35 10.82
N LEU J 812 23.91 -70.82 10.71
CA LEU J 812 22.78 -71.56 10.16
C LEU J 812 22.09 -70.83 9.02
N VAL J 813 22.40 -69.55 8.79
CA VAL J 813 21.76 -68.79 7.72
C VAL J 813 22.10 -69.37 6.36
N GLU J 814 23.29 -69.95 6.21
CA GLU J 814 23.68 -70.57 4.95
C GLU J 814 22.74 -71.69 4.53
N ALA J 815 22.03 -72.31 5.48
CA ALA J 815 21.09 -73.37 5.20
C ALA J 815 19.69 -72.93 5.58
N GLY J 816 18.71 -73.74 5.20
CA GLY J 816 17.31 -73.44 5.45
C GLY J 816 16.86 -73.94 6.80
N ALA J 817 15.53 -73.91 6.99
CA ALA J 817 14.92 -74.34 8.24
C ALA J 817 14.03 -75.56 7.99
N ASP J 818 14.51 -76.51 7.19
CA ASP J 818 13.76 -77.70 6.85
C ASP J 818 14.54 -78.92 7.29
N LEU J 819 13.94 -80.10 7.06
CA LEU J 819 14.54 -81.35 7.52
C LEU J 819 15.76 -81.77 6.70
N ASP J 820 15.91 -81.27 5.48
CA ASP J 820 17.10 -81.57 4.69
C ASP J 820 18.34 -80.84 5.20
N ASP J 821 18.17 -79.79 5.99
CA ASP J 821 19.30 -79.05 6.54
C ASP J 821 19.74 -79.57 7.91
N ILE J 822 19.10 -80.63 8.40
CA ILE J 822 19.40 -81.18 9.73
C ILE J 822 20.88 -81.48 9.88
N PRO J 823 21.56 -82.07 8.90
CA PRO J 823 22.99 -82.37 9.09
C PRO J 823 23.81 -81.15 9.47
N VAL J 824 23.57 -80.02 8.81
CA VAL J 824 24.31 -78.80 9.14
C VAL J 824 23.92 -78.31 10.54
N TYR J 825 22.62 -78.39 10.86
CA TYR J 825 22.17 -78.03 12.20
C TYR J 825 22.94 -78.80 13.26
N LEU J 826 23.04 -80.12 13.10
CA LEU J 826 23.66 -80.95 14.11
C LEU J 826 25.17 -80.73 14.16
N GLN J 827 25.82 -80.62 13.00
CA GLN J 827 27.25 -80.35 13.00
C GLN J 827 27.55 -79.03 13.70
N ARG J 828 26.78 -77.98 13.39
CA ARG J 828 26.98 -76.70 14.05
C ARG J 828 26.73 -76.80 15.54
N LEU J 829 25.67 -77.53 15.94
CA LEU J 829 25.38 -77.68 17.35
C LEU J 829 26.55 -78.32 18.09
N GLN J 830 27.04 -79.44 17.58
CA GLN J 830 28.12 -80.14 18.27
C GLN J 830 29.39 -79.31 18.27
N GLU J 831 29.70 -78.65 17.15
CA GLU J 831 30.89 -77.80 17.11
C GLU J 831 30.80 -76.68 18.12
N LEU J 832 29.66 -76.00 18.19
CA LEU J 832 29.50 -74.91 19.13
C LEU J 832 29.57 -75.40 20.57
N THR J 833 28.94 -76.54 20.86
CA THR J 833 28.91 -77.04 22.23
C THR J 833 30.29 -77.46 22.70
N GLU J 834 31.07 -78.10 21.82
CA GLU J 834 32.35 -78.64 22.27
C GLU J 834 33.48 -77.63 22.11
N GLU J 835 33.66 -77.09 20.90
CA GLU J 835 34.76 -76.17 20.65
C GLU J 835 34.44 -74.75 21.12
N ALA J 836 33.34 -74.19 20.63
CA ALA J 836 33.12 -72.75 20.76
C ALA J 836 33.01 -72.32 22.22
N LEU J 837 32.14 -72.96 23.00
CA LEU J 837 31.89 -72.47 24.36
C LEU J 837 33.14 -72.53 25.23
N PRO J 838 33.81 -73.68 25.40
CA PRO J 838 35.03 -73.68 26.23
C PRO J 838 36.10 -72.74 25.73
N GLU J 839 36.32 -72.71 24.42
CA GLU J 839 37.38 -71.86 23.86
C GLU J 839 37.11 -70.40 24.14
N LYS J 840 35.87 -69.95 23.88
CA LYS J 840 35.53 -68.55 24.12
C LYS J 840 35.59 -68.22 25.60
N LEU J 841 35.11 -69.13 26.47
CA LEU J 841 35.17 -68.87 27.89
C LEU J 841 36.61 -68.74 28.37
N ASN J 842 37.50 -69.60 27.87
CA ASN J 842 38.90 -69.55 28.30
C ASN J 842 39.59 -68.29 27.78
N ARG J 843 39.31 -67.91 26.53
CA ARG J 843 39.87 -66.66 26.02
C ARG J 843 39.38 -65.47 26.86
N PHE J 844 38.08 -65.45 27.17
CA PHE J 844 37.53 -64.38 28.00
C PHE J 844 38.22 -64.34 29.35
N LEU J 845 38.38 -65.49 29.99
CA LEU J 845 39.02 -65.53 31.30
C LEU J 845 40.46 -65.06 31.24
N ASP J 846 41.22 -65.53 30.24
CA ASP J 846 42.62 -65.14 30.14
C ASP J 846 42.75 -63.64 29.94
N TYR J 847 42.00 -63.08 29.00
CA TYR J 847 42.07 -61.64 28.77
C TYR J 847 41.59 -60.88 30.01
N LEU J 848 40.56 -61.38 30.68
CA LEU J 848 40.03 -60.71 31.87
C LEU J 848 41.07 -60.66 32.98
N ASN J 849 41.79 -61.76 33.21
CA ASN J 849 42.80 -61.77 34.25
C ASN J 849 44.00 -60.91 33.87
N ARG J 850 44.40 -60.92 32.60
CA ARG J 850 45.47 -60.03 32.18
C ARG J 850 45.09 -58.56 32.41
N SER J 851 43.85 -58.21 32.05
CA SER J 851 43.39 -56.85 32.32
C SER J 851 43.31 -56.57 33.81
N SER J 852 42.89 -57.54 34.61
CA SER J 852 42.90 -57.36 36.06
C SER J 852 44.29 -56.99 36.55
N ASP J 853 45.32 -57.68 36.03
CA ASP J 853 46.69 -57.30 36.36
C ASP J 853 47.00 -55.88 35.88
N ASP J 854 46.52 -55.53 34.69
CA ASP J 854 46.89 -54.25 34.10
C ASP J 854 45.82 -53.17 34.31
N GLY J 855 44.80 -53.44 35.12
CA GLY J 855 43.57 -52.70 35.04
C GLY J 855 43.21 -51.76 36.19
N VAL J 856 41.92 -51.79 36.55
CA VAL J 856 41.35 -50.75 37.41
C VAL J 856 42.04 -50.71 38.77
N THR J 857 42.30 -51.87 39.36
CA THR J 857 42.93 -51.89 40.67
C THR J 857 44.28 -51.18 40.65
N GLN J 858 45.08 -51.41 39.60
CA GLN J 858 46.36 -50.74 39.50
C GLN J 858 46.20 -49.23 39.39
N LEU J 859 45.22 -48.78 38.61
CA LEU J 859 44.99 -47.34 38.47
C LEU J 859 44.59 -46.71 39.80
N LEU J 860 43.66 -47.35 40.52
CA LEU J 860 43.22 -46.83 41.80
C LEU J 860 44.39 -46.79 42.80
N SER J 861 45.18 -47.86 42.83
CA SER J 861 46.34 -47.87 43.73
C SER J 861 47.33 -46.79 43.36
N HIS J 862 47.54 -46.55 42.07
CA HIS J 862 48.46 -45.49 41.64
C HIS J 862 47.95 -44.12 42.07
N ILE J 863 46.65 -43.87 41.93
CA ILE J 863 46.11 -42.57 42.33
C ILE J 863 46.23 -42.40 43.84
N GLU J 864 45.96 -43.45 44.61
CA GLU J 864 46.15 -43.37 46.04
C GLU J 864 47.62 -43.15 46.40
N HIS J 865 48.54 -43.74 45.63
CA HIS J 865 49.95 -43.52 45.85
C HIS J 865 50.31 -42.05 45.60
N GLU J 866 49.75 -41.45 44.55
CA GLU J 866 49.96 -40.02 44.32
C GLU J 866 49.40 -39.19 45.46
N VAL J 867 48.23 -39.56 45.98
CA VAL J 867 47.66 -38.84 47.12
C VAL J 867 48.59 -38.94 48.32
N LEU J 868 49.15 -40.12 48.56
CA LEU J 868 50.06 -40.30 49.69
C LEU J 868 51.34 -39.49 49.50
N VAL J 869 51.86 -39.43 48.27
CA VAL J 869 53.01 -38.58 47.99
C VAL J 869 52.69 -37.13 48.29
N ILE J 870 51.51 -36.68 47.86
CA ILE J 870 51.07 -35.31 48.15
C ILE J 870 51.04 -35.10 49.66
N GLU J 871 50.50 -36.05 50.40
CA GLU J 871 50.42 -35.92 51.85
C GLU J 871 51.81 -35.82 52.48
N GLU J 872 52.73 -36.68 52.05
CA GLU J 872 54.07 -36.67 52.62
C GLU J 872 54.76 -35.34 52.37
N ARG J 873 54.74 -34.88 51.12
CA ARG J 873 55.41 -33.62 50.80
C ARG J 873 54.72 -32.44 51.47
N LEU J 874 53.40 -32.48 51.58
CA LEU J 874 52.69 -31.40 52.28
C LEU J 874 53.06 -31.36 53.75
N ASN J 875 53.16 -32.53 54.40
CA ASN J 875 53.58 -32.55 55.80
C ASN J 875 55.00 -32.02 55.96
N GLU J 876 55.91 -32.43 55.07
CA GLU J 876 57.28 -31.94 55.16
C GLU J 876 57.32 -30.43 54.96
N LEU J 877 56.52 -29.91 54.03
CA LEU J 877 56.41 -28.47 53.86
C LEU J 877 55.88 -27.81 55.13
N ASN J 878 54.84 -28.40 55.73
CA ASN J 878 54.24 -27.83 56.93
C ASN J 878 55.26 -27.74 58.06
N GLU J 879 56.11 -28.76 58.20
CA GLU J 879 57.17 -28.69 59.21
C GLU J 879 58.08 -27.50 58.95
N THR J 880 58.41 -27.25 57.68
CA THR J 880 59.23 -26.10 57.34
C THR J 880 58.57 -24.80 57.80
N MET J 881 57.24 -24.71 57.66
CA MET J 881 56.53 -23.54 58.18
C MET J 881 56.74 -23.38 59.67
N PHE J 882 56.73 -24.50 60.42
CA PHE J 882 56.97 -24.40 61.85
C PHE J 882 58.35 -23.84 62.14
N ARG J 883 59.28 -23.94 61.19
CA ARG J 883 60.59 -23.32 61.36
C ARG J 883 60.50 -21.80 61.43
N VAL J 884 59.65 -21.20 60.59
CA VAL J 884 59.60 -19.75 60.43
C VAL J 884 58.26 -19.23 60.94
N ASP J 885 58.14 -17.91 60.96
CA ASP J 885 56.95 -17.23 61.44
C ASP J 885 56.28 -16.50 60.28
N PHE J 886 54.99 -16.81 60.06
CA PHE J 886 54.24 -16.08 59.05
C PHE J 886 54.03 -14.62 59.47
N GLN J 887 53.80 -14.39 60.75
CA GLN J 887 53.68 -13.06 61.33
C GLN J 887 54.56 -13.00 62.57
N PRO J 888 54.91 -11.80 63.04
CA PRO J 888 55.78 -11.70 64.21
C PRO J 888 55.26 -12.47 65.41
N ASP J 889 53.93 -12.53 65.56
CA ASP J 889 53.30 -13.22 66.68
C ASP J 889 52.52 -14.45 66.25
N ARG J 890 52.65 -14.88 64.99
CA ARG J 890 51.94 -16.05 64.48
C ARG J 890 52.88 -16.90 63.65
N TYR J 891 52.59 -18.20 63.61
CA TYR J 891 53.18 -19.11 62.63
C TYR J 891 52.04 -19.85 61.94
N LEU J 892 52.32 -20.36 60.74
CA LEU J 892 51.29 -20.87 59.85
C LEU J 892 51.47 -22.36 59.64
N ARG J 893 50.35 -23.09 59.66
CA ARG J 893 50.32 -24.52 59.48
C ARG J 893 49.41 -24.89 58.33
N LEU J 894 49.76 -25.98 57.63
CA LEU J 894 48.98 -26.49 56.51
C LEU J 894 48.16 -27.68 56.97
N ASP J 895 46.95 -27.80 56.44
CA ASP J 895 46.01 -28.85 56.79
C ASP J 895 45.44 -29.46 55.53
N THR J 896 44.95 -30.69 55.62
CA THR J 896 44.43 -31.38 54.45
C THR J 896 43.44 -32.46 54.88
N LYS J 897 42.58 -32.85 53.95
CA LYS J 897 41.60 -33.90 54.17
C LYS J 897 41.35 -34.61 52.85
N LYS J 898 40.64 -35.73 52.91
CA LYS J 898 40.20 -36.44 51.73
C LYS J 898 38.74 -36.08 51.42
N VAL J 899 38.45 -35.87 50.14
CA VAL J 899 37.11 -35.45 49.74
C VAL J 899 36.10 -36.45 50.27
N VAL J 900 35.03 -35.94 50.88
CA VAL J 900 34.07 -36.80 51.58
C VAL J 900 32.91 -37.22 50.70
N HIS J 901 32.78 -36.67 49.50
CA HIS J 901 31.55 -36.84 48.73
C HIS J 901 31.36 -38.31 48.33
N GLU J 902 30.10 -38.65 48.02
CA GLU J 902 29.73 -40.04 47.80
C GLU J 902 30.41 -40.65 46.57
N SER J 903 30.98 -39.83 45.68
CA SER J 903 31.56 -40.38 44.46
C SER J 903 32.70 -41.34 44.77
N LEU J 904 33.67 -40.90 45.58
CA LEU J 904 34.79 -41.78 45.91
C LEU J 904 34.33 -42.93 46.81
N ARG J 905 33.29 -42.70 47.61
CA ARG J 905 32.73 -43.80 48.39
C ARG J 905 32.20 -44.89 47.46
N THR J 906 31.48 -44.49 46.40
CA THR J 906 30.97 -45.45 45.44
C THR J 906 32.11 -46.14 44.68
N LEU J 907 33.17 -45.39 44.37
CA LEU J 907 34.33 -46.02 43.73
C LEU J 907 34.94 -47.09 44.63
N GLU J 908 35.10 -46.79 45.92
CA GLU J 908 35.65 -47.75 46.86
C GLU J 908 34.71 -48.96 47.00
N LYS J 909 33.41 -48.70 47.05
CA LYS J 909 32.44 -49.80 47.14
C LYS J 909 32.51 -50.68 45.90
N ALA J 910 32.67 -50.07 44.72
CA ALA J 910 32.81 -50.83 43.49
C ALA J 910 34.07 -51.68 43.52
N GLN J 911 35.17 -51.13 44.02
CA GLN J 911 36.38 -51.94 44.14
C GLN J 911 36.19 -53.10 45.11
N ARG J 912 35.50 -52.85 46.22
CA ARG J 912 35.23 -53.92 47.18
C ARG J 912 34.37 -55.01 46.55
N GLN J 913 33.35 -54.61 45.79
CA GLN J 913 32.47 -55.58 45.15
C GLN J 913 33.18 -56.30 44.01
N LEU J 914 34.17 -55.66 43.39
CA LEU J 914 35.04 -56.35 42.45
C LEU J 914 35.86 -57.42 43.19
N ASN J 915 36.37 -57.07 44.37
CA ASN J 915 37.06 -58.07 45.17
C ASN J 915 36.14 -59.25 45.48
N ALA J 916 34.91 -58.96 45.90
CA ALA J 916 33.97 -60.04 46.20
C ALA J 916 33.65 -60.85 44.95
N ALA J 917 33.50 -60.19 43.81
CA ALA J 917 33.14 -60.89 42.58
C ALA J 917 34.23 -61.86 42.15
N ARG J 918 35.50 -61.45 42.25
CA ARG J 918 36.59 -62.36 41.93
C ARG J 918 36.61 -63.56 42.87
N PHE J 919 36.30 -63.32 44.15
CA PHE J 919 36.34 -64.40 45.14
C PHE J 919 35.33 -65.49 44.80
N VAL J 920 34.08 -65.11 44.54
CA VAL J 920 33.06 -66.07 44.12
C VAL J 920 33.35 -66.47 42.68
N ASP J 921 33.45 -67.77 42.44
CA ASP J 921 33.90 -68.29 41.15
C ASP J 921 32.69 -68.62 40.28
N ASP J 922 32.62 -67.98 39.10
CA ASP J 922 31.65 -68.34 38.09
C ASP J 922 32.27 -68.37 36.70
N ASN J 923 33.60 -68.33 36.62
CA ASN J 923 34.34 -68.21 35.36
C ASN J 923 34.30 -66.79 34.80
N GLY J 924 34.32 -65.79 35.68
CA GLY J 924 34.67 -64.44 35.30
C GLY J 924 33.53 -63.52 34.90
N GLU J 925 32.28 -63.89 35.17
CA GLU J 925 31.16 -63.06 34.75
C GLU J 925 30.87 -61.96 35.74
N SER J 926 30.73 -62.31 37.02
CA SER J 926 30.52 -61.27 38.04
C SER J 926 31.76 -60.40 38.19
N HIS J 927 32.94 -61.01 38.14
CA HIS J 927 34.18 -60.25 38.09
C HIS J 927 34.15 -59.26 36.93
N TYR J 928 33.76 -59.74 35.74
CA TYR J 928 33.69 -58.88 34.58
C TYR J 928 32.68 -57.77 34.77
N LYS J 929 31.59 -58.03 35.48
CA LYS J 929 30.56 -57.02 35.67
C LYS J 929 31.01 -55.94 36.64
N ALA J 930 31.70 -56.33 37.71
CA ALA J 930 32.28 -55.33 38.60
C ALA J 930 33.35 -54.51 37.90
N LEU J 931 34.17 -55.17 37.08
CA LEU J 931 35.14 -54.44 36.26
C LEU J 931 34.43 -53.48 35.32
N GLN J 932 33.28 -53.88 34.79
CA GLN J 932 32.48 -53.01 33.93
C GLN J 932 31.98 -51.80 34.70
N VAL J 933 31.54 -52.00 35.93
CA VAL J 933 31.09 -50.87 36.75
C VAL J 933 32.24 -49.89 36.96
N LEU J 934 33.42 -50.41 37.33
CA LEU J 934 34.56 -49.54 37.56
C LEU J 934 34.96 -48.81 36.29
N VAL J 935 34.99 -49.51 35.16
CA VAL J 935 35.37 -48.89 33.89
C VAL J 935 34.35 -47.85 33.48
N ALA J 936 33.06 -48.11 33.74
CA ALA J 936 32.04 -47.11 33.43
C ALA J 936 32.24 -45.85 34.25
N GLN J 937 32.52 -46.01 35.55
CA GLN J 937 32.81 -44.84 36.37
C GLN J 937 34.01 -44.07 35.83
N LEU J 938 35.09 -44.79 35.49
CA LEU J 938 36.30 -44.14 34.99
C LEU J 938 36.03 -43.42 33.68
N ARG J 939 35.30 -44.04 32.76
CA ARG J 939 35.01 -43.41 31.48
C ARG J 939 34.12 -42.19 31.67
N ASP J 940 33.12 -42.29 32.54
CA ASP J 940 32.24 -41.14 32.80
C ASP J 940 33.04 -39.99 33.39
N ALA J 941 33.99 -40.28 34.28
CA ALA J 941 34.87 -39.24 34.78
C ALA J 941 35.73 -38.65 33.67
N SER J 942 36.26 -39.50 32.79
CA SER J 942 37.09 -39.01 31.70
C SER J 942 36.28 -38.10 30.77
N GLU J 943 34.97 -38.34 30.66
CA GLU J 943 34.14 -37.52 29.77
C GLU J 943 33.70 -36.23 30.46
N ARG J 944 33.49 -36.28 31.78
CA ARG J 944 33.08 -35.12 32.56
C ARG J 944 34.27 -34.40 33.22
N ASN J 945 35.43 -34.41 32.58
CA ASN J 945 36.64 -33.85 33.19
C ASN J 945 36.50 -32.37 33.51
N ARG J 946 35.51 -31.67 32.97
CA ARG J 946 35.35 -30.25 33.27
C ARG J 946 34.72 -30.01 34.63
N THR J 947 34.26 -31.05 35.32
CA THR J 947 33.58 -30.92 36.62
C THR J 947 34.49 -31.44 37.73
N LEU J 948 34.23 -30.98 38.95
CA LEU J 948 35.12 -31.27 40.06
C LEU J 948 35.11 -32.74 40.45
N GLY J 949 33.95 -33.40 40.40
CA GLY J 949 33.89 -34.79 40.80
C GLY J 949 34.68 -35.71 39.88
N ALA J 950 34.54 -35.50 38.57
CA ALA J 950 35.30 -36.32 37.62
C ALA J 950 36.79 -36.13 37.81
N LYS J 951 37.23 -34.89 38.02
CA LYS J 951 38.64 -34.64 38.28
C LYS J 951 39.07 -35.31 39.58
N ALA J 952 38.24 -35.22 40.62
CA ALA J 952 38.53 -35.95 41.85
C ALA J 952 38.77 -37.42 41.59
N LEU J 953 37.97 -38.02 40.70
CA LEU J 953 38.21 -39.40 40.32
C LEU J 953 39.53 -39.56 39.59
N LEU J 954 39.85 -38.62 38.70
CA LEU J 954 40.99 -38.81 37.80
C LEU J 954 42.25 -38.06 38.23
N ASP J 955 42.22 -37.34 39.34
CA ASP J 955 43.27 -36.38 39.67
C ASP J 955 43.69 -36.52 41.12
N PRO J 956 44.95 -36.82 41.43
CA PRO J 956 45.38 -36.86 42.83
C PRO J 956 45.14 -35.56 43.58
N ARG J 957 45.33 -34.42 42.92
CA ARG J 957 45.12 -33.13 43.57
C ARG J 957 43.67 -32.98 44.05
N PHE J 958 42.71 -33.29 43.19
CA PHE J 958 41.31 -33.15 43.57
C PHE J 958 40.89 -34.17 44.62
N ARG J 959 41.64 -35.26 44.75
CA ARG J 959 41.31 -36.29 45.74
C ARG J 959 41.32 -35.75 47.16
N LEU J 960 42.06 -34.68 47.43
CA LEU J 960 42.21 -34.16 48.78
C LEU J 960 42.07 -32.65 48.77
N GLU J 961 41.46 -32.12 49.83
CA GLU J 961 41.28 -30.69 50.02
C GLU J 961 42.43 -30.13 50.85
N PHE J 962 42.66 -28.82 50.70
CA PHE J 962 43.71 -28.11 51.43
C PHE J 962 43.12 -26.88 52.11
N ALA J 963 43.63 -26.60 53.32
CA ALA J 963 43.25 -25.41 54.07
C ALA J 963 44.44 -24.99 54.92
N VAL J 964 44.41 -23.75 55.39
CA VAL J 964 45.50 -23.18 56.16
C VAL J 964 44.94 -22.55 57.43
N SER J 965 45.73 -22.60 58.50
CA SER J 965 45.32 -22.10 59.81
C SER J 965 46.41 -21.22 60.41
N VAL J 966 45.97 -20.17 61.11
CA VAL J 966 46.85 -19.31 61.89
C VAL J 966 47.20 -20.03 63.18
N MET J 967 48.40 -19.80 63.68
CA MET J 967 48.88 -20.51 64.85
C MET J 967 49.65 -19.57 65.77
N ASP J 968 49.90 -20.05 66.99
CA ASP J 968 50.69 -19.34 67.98
C ASP J 968 52.08 -19.98 68.05
N ARG J 969 53.11 -19.16 67.98
CA ARG J 969 54.48 -19.68 67.96
C ARG J 969 54.81 -20.40 69.26
N GLN J 970 54.43 -19.82 70.40
CA GLN J 970 54.87 -20.37 71.68
C GLN J 970 54.28 -21.74 71.95
N SER J 971 52.95 -21.82 72.05
CA SER J 971 52.29 -23.07 72.40
C SER J 971 52.20 -24.04 71.23
N GLY J 972 52.24 -23.55 70.00
CA GLY J 972 52.04 -24.40 68.83
C GLY J 972 50.58 -24.67 68.50
N ASN J 973 49.65 -24.09 69.26
CA ASN J 973 48.24 -24.35 69.05
C ASN J 973 47.70 -23.52 67.89
N VAL J 974 46.46 -23.83 67.49
CA VAL J 974 45.80 -23.06 66.44
C VAL J 974 45.12 -21.85 67.05
N ILE J 975 45.32 -20.69 66.44
CA ILE J 975 44.58 -19.48 66.79
C ILE J 975 43.31 -19.35 65.97
N GLU J 976 43.40 -19.59 64.66
CA GLU J 976 42.26 -19.56 63.76
C GLU J 976 42.27 -20.83 62.92
N SER J 977 41.10 -21.47 62.82
CA SER J 977 40.97 -22.73 62.11
C SER J 977 41.06 -22.58 60.59
N ARG J 978 40.92 -21.36 60.07
CA ARG J 978 40.99 -21.13 58.64
C ARG J 978 41.48 -19.70 58.41
N THR J 979 41.88 -19.43 57.17
CA THR J 979 42.20 -18.07 56.80
C THR J 979 41.01 -17.16 57.09
N GLY J 980 41.31 -15.87 57.30
CA GLY J 980 40.28 -14.93 57.68
C GLY J 980 39.22 -14.72 56.62
N SER J 981 39.49 -15.21 55.41
CA SER J 981 38.56 -15.04 54.30
C SER J 981 38.43 -16.35 53.54
N GLN J 982 37.22 -16.60 53.03
CA GLN J 982 36.97 -17.65 52.06
C GLN J 982 37.16 -17.14 50.64
N GLY J 983 36.78 -15.90 50.39
CA GLY J 983 37.13 -15.21 49.17
C GLY J 983 38.43 -14.47 49.37
N GLY J 984 38.39 -13.13 49.32
CA GLY J 984 39.55 -12.34 49.66
C GLY J 984 39.57 -10.99 48.99
N SER J 985 40.12 -9.99 49.65
CA SER J 985 40.35 -8.71 49.01
C SER J 985 41.41 -8.85 47.93
N GLY J 986 41.60 -7.77 47.17
CA GLY J 986 42.54 -7.83 46.06
C GLY J 986 43.93 -8.27 46.50
N GLY J 987 44.41 -7.72 47.62
CA GLY J 987 45.74 -8.04 48.08
C GLY J 987 45.79 -9.12 49.16
N GLU J 988 44.70 -9.29 49.91
CA GLU J 988 44.73 -10.22 51.04
C GLU J 988 45.14 -11.61 50.59
N LYS J 989 44.45 -12.15 49.57
CA LYS J 989 44.82 -13.46 49.04
C LYS J 989 46.18 -13.46 48.36
N GLU J 990 46.64 -12.30 47.87
CA GLU J 990 48.00 -12.21 47.35
C GLU J 990 49.01 -12.56 48.43
N ILE J 991 48.76 -12.13 49.67
CA ILE J 991 49.66 -12.46 50.78
C ILE J 991 49.79 -13.97 50.92
N ILE J 992 48.65 -14.66 50.98
CA ILE J 992 48.67 -16.10 51.17
C ILE J 992 49.34 -16.80 49.99
N ALA J 993 48.98 -16.40 48.78
CA ALA J 993 49.59 -17.01 47.60
C ALA J 993 51.10 -16.86 47.61
N SER J 994 51.57 -15.63 47.83
CA SER J 994 53.01 -15.38 47.82
C SER J 994 53.71 -16.18 48.92
N TYR J 995 53.16 -16.17 50.14
CA TYR J 995 53.82 -16.88 51.23
C TYR J 995 53.87 -18.38 50.95
N VAL J 996 52.77 -18.96 50.48
CA VAL J 996 52.75 -20.38 50.21
C VAL J 996 53.72 -20.74 49.10
N LEU J 997 53.74 -19.94 48.03
CA LEU J 997 54.64 -20.22 46.92
C LEU J 997 56.10 -20.11 47.35
N THR J 998 56.44 -19.06 48.10
CA THR J 998 57.80 -18.92 48.60
C THR J 998 58.17 -20.12 49.49
N ALA J 999 57.26 -20.52 50.37
CA ALA J 999 57.51 -21.67 51.22
C ALA J 999 57.81 -22.92 50.40
N SER J 1000 56.94 -23.21 49.43
CA SER J 1000 57.11 -24.42 48.63
C SER J 1000 58.37 -24.36 47.78
N LEU J 1001 58.70 -23.18 47.24
CA LEU J 1001 59.88 -23.06 46.40
C LEU J 1001 61.15 -23.22 47.21
N SER J 1002 61.20 -22.64 48.41
CA SER J 1002 62.36 -22.84 49.27
C SER J 1002 62.49 -24.30 49.69
N TYR J 1003 61.37 -24.93 50.06
CA TYR J 1003 61.43 -26.32 50.50
C TYR J 1003 61.86 -27.24 49.37
N ALA J 1004 61.36 -27.00 48.15
CA ALA J 1004 61.74 -27.84 47.02
C ALA J 1004 63.21 -27.62 46.64
N LEU J 1005 63.70 -26.39 46.78
CA LEU J 1005 65.06 -26.05 46.41
C LEU J 1005 66.09 -26.46 47.46
N SER J 1006 65.64 -26.94 48.62
CA SER J 1006 66.57 -27.35 49.67
C SER J 1006 66.92 -28.83 49.50
N PRO J 1007 68.18 -29.23 49.70
CA PRO J 1007 68.52 -30.65 49.65
C PRO J 1007 67.71 -31.47 50.65
N ALA J 1008 67.84 -32.79 50.60
CA ALA J 1008 67.10 -33.67 51.49
C ALA J 1008 67.27 -33.26 52.94
N GLY J 1009 66.16 -32.84 53.57
CA GLY J 1009 66.16 -32.50 54.97
C GLY J 1009 66.95 -31.26 55.34
N SER J 1010 67.43 -30.49 54.36
CA SER J 1010 68.19 -29.29 54.67
C SER J 1010 67.26 -28.17 55.14
N ARG J 1011 67.72 -27.41 56.13
CA ARG J 1011 66.98 -26.27 56.63
C ARG J 1011 67.13 -25.03 55.77
N TYR J 1012 68.06 -25.03 54.82
CA TYR J 1012 68.31 -23.89 53.96
C TYR J 1012 68.49 -24.39 52.53
N PRO J 1013 68.24 -23.53 51.54
CA PRO J 1013 68.28 -23.98 50.15
C PRO J 1013 69.72 -24.15 49.65
N LEU J 1014 69.84 -24.85 48.52
CA LEU J 1014 71.07 -24.88 47.75
C LEU J 1014 71.00 -24.02 46.50
N PHE J 1015 69.82 -23.50 46.16
CA PHE J 1015 69.66 -22.49 45.12
C PHE J 1015 68.58 -21.53 45.60
N GLY J 1016 69.01 -20.38 46.13
CA GLY J 1016 68.13 -19.48 46.84
C GLY J 1016 67.58 -18.30 46.06
N THR J 1017 67.84 -18.21 44.76
CA THR J 1017 67.39 -17.09 43.95
C THR J 1017 65.94 -17.31 43.55
N ILE J 1018 65.14 -16.24 43.61
CA ILE J 1018 63.73 -16.27 43.23
C ILE J 1018 63.42 -15.02 42.44
N ILE J 1019 62.65 -15.17 41.37
CA ILE J 1019 62.29 -14.07 40.48
C ILE J 1019 60.84 -13.69 40.75
N LEU J 1020 60.52 -12.41 40.59
CA LEU J 1020 59.16 -11.90 40.78
C LEU J 1020 58.93 -10.75 39.80
N ASP J 1021 58.38 -11.07 38.63
CA ASP J 1021 57.94 -10.03 37.71
C ASP J 1021 56.62 -9.44 38.19
N GLU J 1022 56.44 -8.15 37.95
CA GLU J 1022 55.30 -7.41 38.49
C GLU J 1022 55.21 -7.66 39.99
N ALA J 1023 56.28 -7.29 40.70
CA ALA J 1023 56.55 -7.75 42.05
C ALA J 1023 55.33 -7.75 42.95
N PHE J 1024 54.73 -6.57 43.16
CA PHE J 1024 53.60 -6.45 44.09
C PHE J 1024 52.49 -5.59 43.50
N SER J 1025 52.24 -5.69 42.20
CA SER J 1025 51.24 -4.83 41.56
C SER J 1025 49.90 -4.91 42.26
N ARG J 1026 49.48 -6.13 42.63
CA ARG J 1026 48.12 -6.34 43.12
C ARG J 1026 47.97 -5.97 44.59
N SER J 1027 49.07 -5.61 45.26
CA SER J 1027 49.06 -5.45 46.71
C SER J 1027 49.61 -4.07 47.08
N SER J 1028 49.42 -3.73 48.36
CA SER J 1028 49.84 -2.45 48.90
C SER J 1028 51.29 -2.52 49.39
N HIS J 1029 51.76 -1.39 49.92
CA HIS J 1029 53.15 -1.26 50.33
C HIS J 1029 53.46 -2.15 51.54
N ALA J 1030 52.62 -2.07 52.58
CA ALA J 1030 52.87 -2.85 53.79
C ALA J 1030 52.80 -4.35 53.49
N VAL J 1031 51.90 -4.75 52.60
CA VAL J 1031 51.81 -6.17 52.23
C VAL J 1031 53.10 -6.61 51.54
N ALA J 1032 53.65 -5.76 50.68
CA ALA J 1032 54.93 -6.09 50.05
C ALA J 1032 56.06 -6.15 51.06
N GLY J 1033 56.04 -5.26 52.06
CA GLY J 1033 57.01 -5.37 53.14
C GLY J 1033 56.91 -6.69 53.87
N ARG J 1034 55.68 -7.14 54.14
CA ARG J 1034 55.48 -8.46 54.72
C ARG J 1034 55.99 -9.55 53.80
N ILE J 1035 55.81 -9.39 52.48
CA ILE J 1035 56.32 -10.38 51.54
C ILE J 1035 57.83 -10.49 51.64
N ILE J 1036 58.51 -9.35 51.70
CA ILE J 1036 59.96 -9.37 51.81
C ILE J 1036 60.39 -9.95 53.15
N ALA J 1037 59.64 -9.67 54.21
CA ALA J 1037 59.94 -10.26 55.51
C ALA J 1037 59.83 -11.77 55.45
N ALA J 1038 58.77 -12.28 54.80
CA ALA J 1038 58.62 -13.72 54.64
C ALA J 1038 59.77 -14.30 53.83
N LEU J 1039 60.16 -13.62 52.74
CA LEU J 1039 61.33 -14.05 51.99
C LEU J 1039 62.56 -14.15 52.88
N ARG J 1040 62.75 -13.17 53.77
CA ARG J 1040 63.87 -13.22 54.70
C ARG J 1040 63.76 -14.42 55.62
N GLU J 1041 62.56 -14.72 56.10
CA GLU J 1041 62.38 -15.87 56.97
C GLU J 1041 62.84 -17.15 56.28
N PHE J 1042 62.56 -17.27 54.98
CA PHE J 1042 63.00 -18.42 54.20
C PHE J 1042 64.40 -18.23 53.61
N GLY J 1043 65.03 -17.09 53.84
CA GLY J 1043 66.42 -16.90 53.44
C GLY J 1043 66.66 -17.02 51.96
N LEU J 1044 65.87 -16.34 51.14
CA LEU J 1044 66.01 -16.39 49.70
C LEU J 1044 66.47 -15.06 49.13
N HIS J 1045 67.40 -15.12 48.19
CA HIS J 1045 67.78 -13.98 47.37
C HIS J 1045 66.65 -13.71 46.38
N ALA J 1046 66.23 -12.44 46.30
CA ALA J 1046 65.04 -12.08 45.56
C ALA J 1046 65.37 -11.09 44.45
N VAL J 1047 64.60 -11.13 43.38
CA VAL J 1047 64.69 -10.19 42.26
C VAL J 1047 63.29 -9.68 41.98
N PHE J 1048 63.13 -8.36 41.98
CA PHE J 1048 61.84 -7.72 41.77
C PHE J 1048 61.88 -6.87 40.52
N ILE J 1049 60.77 -6.85 39.79
CA ILE J 1049 60.60 -6.04 38.58
C ILE J 1049 59.38 -5.14 38.80
N THR J 1050 59.49 -3.89 38.36
CA THR J 1050 58.39 -2.95 38.56
C THR J 1050 58.42 -1.85 37.51
N PRO J 1051 57.27 -1.47 36.95
CA PRO J 1051 57.22 -0.30 36.05
C PRO J 1051 57.08 1.00 36.82
N ASN J 1052 58.08 1.30 37.63
CA ASN J 1052 58.14 2.55 38.40
C ASN J 1052 56.96 2.66 39.37
N LYS J 1053 56.82 1.67 40.24
CA LYS J 1053 55.91 1.73 41.37
C LYS J 1053 56.58 1.11 42.60
N GLU J 1054 56.14 1.55 43.77
CA GLU J 1054 56.69 1.10 45.05
C GLU J 1054 58.19 1.40 45.17
N MET J 1055 58.64 2.51 44.58
CA MET J 1055 60.06 2.86 44.71
C MET J 1055 60.45 3.02 46.16
N ARG J 1056 59.53 3.52 46.99
CA ARG J 1056 59.79 3.63 48.42
C ARG J 1056 60.21 2.27 49.00
N LEU J 1057 59.40 1.25 48.73
CA LEU J 1057 59.67 -0.06 49.31
C LEU J 1057 60.99 -0.62 48.82
N LEU J 1058 61.20 -0.64 47.50
CA LEU J 1058 62.45 -1.21 46.97
C LEU J 1058 63.66 -0.45 47.49
N ARG J 1059 63.59 0.87 47.52
CA ARG J 1059 64.69 1.66 48.05
C ARG J 1059 64.94 1.34 49.52
N ASP J 1060 63.89 1.03 50.27
CA ASP J 1060 64.06 0.66 51.67
C ASP J 1060 64.67 -0.74 51.81
N HIS J 1061 64.29 -1.66 50.91
CA HIS J 1061 64.64 -3.06 51.11
C HIS J 1061 65.84 -3.48 50.26
N THR J 1062 65.72 -3.39 48.94
CA THR J 1062 66.79 -3.82 48.05
C THR J 1062 67.97 -2.86 48.13
N ARG J 1063 69.03 -3.19 47.40
CA ARG J 1063 70.23 -2.36 47.38
C ARG J 1063 70.79 -2.13 45.99
N SER J 1064 70.10 -2.54 44.92
CA SER J 1064 70.57 -2.26 43.57
C SER J 1064 69.38 -2.30 42.62
N ALA J 1065 69.58 -1.68 41.45
CA ALA J 1065 68.56 -1.59 40.42
C ALA J 1065 69.21 -1.75 39.05
N ILE J 1066 68.41 -2.24 38.10
CA ILE J 1066 68.82 -2.36 36.71
C ILE J 1066 67.83 -1.57 35.87
N VAL J 1067 68.34 -0.57 35.16
CA VAL J 1067 67.51 0.36 34.39
C VAL J 1067 67.21 -0.27 33.04
N VAL J 1068 65.99 -0.07 32.56
CA VAL J 1068 65.52 -0.62 31.31
C VAL J 1068 64.84 0.49 30.52
N HIS J 1069 65.24 0.65 29.26
CA HIS J 1069 64.65 1.67 28.40
C HIS J 1069 64.63 1.14 26.97
N ARG J 1070 63.67 1.65 26.18
CA ARG J 1070 63.51 1.23 24.80
C ARG J 1070 63.34 2.46 23.93
N ARG J 1071 64.26 2.63 22.97
CA ARG J 1071 64.16 3.65 21.94
C ARG J 1071 63.84 2.96 20.63
N GLY J 1072 62.69 3.28 20.04
CA GLY J 1072 62.26 2.58 18.85
C GLY J 1072 62.12 1.10 19.11
N GLN J 1073 62.71 0.29 18.25
CA GLN J 1073 62.65 -1.17 18.38
C GLN J 1073 63.81 -1.73 19.17
N ASN J 1074 64.70 -0.89 19.69
CA ASN J 1074 65.89 -1.33 20.42
C ASN J 1074 65.73 -1.02 21.90
N SER J 1075 66.29 -1.87 22.74
CA SER J 1075 66.28 -1.70 24.19
C SER J 1075 67.68 -1.87 24.75
N ASN J 1076 67.96 -1.18 25.85
CA ASN J 1076 69.25 -1.22 26.50
C ASN J 1076 69.04 -1.12 28.00
N MET J 1077 70.03 -1.59 28.78
CA MET J 1077 69.95 -1.51 30.22
C MET J 1077 71.16 -0.81 30.80
N ALA J 1078 71.07 -0.44 32.07
CA ALA J 1078 72.16 0.15 32.83
C ALA J 1078 72.17 -0.45 34.22
N SER J 1079 73.27 -0.25 34.94
CA SER J 1079 73.45 -0.79 36.28
C SER J 1079 73.52 0.34 37.29
N LEU J 1080 72.95 0.11 38.48
CA LEU J 1080 72.93 1.11 39.54
C LEU J 1080 72.90 0.40 40.88
N SER J 1081 73.27 1.12 41.93
CA SER J 1081 73.32 0.52 43.27
C SER J 1081 73.26 1.62 44.32
N TRP J 1082 72.99 1.21 45.55
CA TRP J 1082 73.02 2.09 46.71
C TRP J 1082 73.31 1.25 47.95
N GLU J 1083 74.00 1.85 48.91
CA GLU J 1083 74.37 1.16 50.14
C GLU J 1083 74.39 2.14 51.30
N GLU J 1084 74.19 1.62 52.51
CA GLU J 1084 74.21 2.44 53.71
C GLU J 1084 75.63 2.53 54.25
N LEU J 1085 75.98 3.70 54.77
CA LEU J 1085 77.31 3.93 55.32
C LEU J 1085 77.31 3.75 56.84
PB ADP M . -42.19 5.11 -46.31
O1B ADP M . -42.50 3.82 -45.60
O2B ADP M . -42.85 5.12 -47.67
O3B ADP M . -40.68 5.23 -46.47
PA ADP M . -44.22 6.34 -44.67
O1A ADP M . -45.17 5.55 -45.53
O2A ADP M . -44.11 5.69 -43.32
O3A ADP M . -42.75 6.37 -45.41
O5' ADP M . -44.78 7.89 -44.51
C5' ADP M . -45.26 8.35 -43.28
C4' ADP M . -46.75 8.05 -43.14
O4' ADP M . -47.33 8.85 -41.85
C3' ADP M . -47.40 8.47 -44.20
O3' ADP M . -48.04 7.31 -44.89
C2' ADP M . -48.50 9.43 -43.68
O2' ADP M . -49.69 8.77 -43.55
C1' ADP M . -47.99 9.88 -42.31
N9 ADP M . -47.08 11.03 -42.46
C8 ADP M . -46.86 11.48 -41.24
N7 ADP M . -46.05 12.53 -41.39
C5 ADP M . -45.79 12.69 -42.72
C6 ADP M . -45.02 13.59 -43.42
N6 ADP M . -44.28 14.63 -42.71
N1 ADP M . -44.93 13.51 -44.73
C2 ADP M . -45.61 12.55 -45.40
N3 ADP M . -46.36 11.66 -44.73
C4 ADP M . -46.45 11.74 -43.39
H5'1 ADP M . -45.10 9.42 -43.21
H5'2 ADP M . -44.71 7.87 -42.49
H4' ADP M . -46.90 6.99 -43.01
H3' ADP M . -46.75 9.01 -44.87
HO3' ADP M . -47.36 6.77 -45.28
H2' ADP M . -48.61 10.27 -44.34
HO2' ADP M . -50.00 8.53 -44.40
H1' ADP M . -48.81 10.12 -41.64
H8 ADP M . -47.26 11.09 -40.31
HN61 ADP M . -43.58 15.16 -43.19
HN62 ADP M . -44.49 14.82 -41.74
H2 ADP M . -45.53 12.49 -46.49
PB ADP N . -23.46 -2.09 -59.91
O1B ADP N . -23.86 -0.70 -60.31
O2B ADP N . -23.98 -3.09 -60.92
O3B ADP N . -24.05 -2.41 -58.55
PA ADP N . -20.90 -2.18 -61.23
O1A ADP N . -21.82 -2.02 -62.42
O2A ADP N . -19.94 -1.02 -61.18
O3A ADP N . -21.82 -2.19 -59.86
O5' ADP N . -20.09 -3.60 -61.35
C5' ADP N . -18.72 -3.60 -61.65
C4' ADP N . -18.00 -4.57 -60.73
O4' ADP N . -16.44 -4.68 -61.14
C3' ADP N . -18.04 -4.14 -59.50
O3' ADP N . -18.24 -5.30 -58.57
C2' ADP N . -16.70 -3.46 -59.22
O2' ADP N . -16.18 -3.92 -58.05
C1' ADP N . -15.76 -3.86 -60.39
N9 ADP N . -15.33 -2.65 -61.12
C8 ADP N . -15.73 -2.80 -62.39
N7 ADP N . -15.31 -1.68 -63.01
C5 ADP N . -14.69 -0.88 -62.11
C6 ADP N . -14.10 0.35 -62.24
N6 ADP N . -14.08 1.04 -63.51
N1 ADP N . -13.54 0.93 -61.18
C2 ADP N . -13.56 0.30 -59.98
N3 ADP N . -14.14 -0.91 -59.86
C4 ADP N . -14.69 -1.49 -60.93
H5'1 ADP N . -18.31 -2.61 -61.52
H5'2 ADP N . -18.57 -3.91 -62.68
H4' ADP N . -18.46 -5.55 -60.79
H3' ADP N . -18.85 -3.42 -59.38
HO3' ADP N . -17.44 -5.78 -58.50
H2' ADP N . -16.81 -2.39 -59.19
HO2' ADP N . -15.76 -3.20 -57.59
H1' ADP N . -14.88 -4.37 -59.99
H8 ADP N . -16.26 -3.61 -62.84
HN61 ADP N . -13.75 1.98 -63.57
HN62 ADP N . -14.38 0.56 -64.35
H2 ADP N . -13.10 0.77 -59.13
PB ADP O . 40.47 -4.62 47.87
O1B ADP O . 39.97 -3.19 47.88
O2B ADP O . 41.76 -4.70 48.64
O3B ADP O . 40.71 -5.04 46.43
PA ADP O . 38.50 -5.12 49.90
O1A ADP O . 39.44 -4.34 50.79
O2A ADP O . 37.33 -4.24 49.50
O3A ADP O . 39.33 -5.58 48.55
O5' ADP O . 37.96 -6.45 50.72
C5' ADP O . 36.62 -6.54 51.09
C4' ADP O . 36.39 -5.93 52.46
O4' ADP O . 34.93 -6.36 53.00
C3' ADP O . 37.27 -6.36 53.33
O3' ADP O . 38.09 -5.22 53.83
C2' ADP O . 36.48 -6.98 54.50
O2' ADP O . 36.34 -6.08 55.51
C1' ADP O . 35.10 -7.30 53.88
N9 ADP O . 35.13 -8.61 53.23
C8 ADP O . 33.86 -8.90 52.99
N7 ADP O . 33.88 -10.11 52.40
C5 ADP O . 35.17 -10.51 52.29
C6 ADP O . 35.73 -11.65 51.77
N6 ADP O . 34.90 -12.69 51.18
N1 ADP O . 37.04 -11.80 51.79
C2 ADP O . 37.84 -10.84 52.33
N3 ADP O . 37.29 -9.72 52.84
C4 ADP O . 35.95 -9.57 52.82
H5'1 ADP O . 36.34 -7.59 51.13
H5'2 ADP O . 36.00 -6.05 50.35
H4' ADP O . 36.45 -4.84 52.40
H3' ADP O . 37.91 -7.12 52.89
HO3' ADP O . 38.63 -4.90 53.12
H2' ADP O . 36.95 -7.89 54.85
HO2' ADP O . 37.19 -5.84 55.83
H1' ADP O . 34.32 -7.26 54.64
H8 ADP O . 32.98 -8.31 53.22
HN61 ADP O . 35.33 -13.45 50.67
HN62 ADP O . 33.91 -12.66 51.30
H2 ADP O . 38.92 -10.98 52.34
PB ADP P . 56.60 -5.09 29.87
O1B ADP P . 56.56 -6.38 30.66
O2B ADP P . 57.79 -4.27 30.29
O3B ADP P . 55.34 -4.30 30.14
PA ADP P . 58.17 -5.82 27.58
O1A ADP P . 59.21 -5.94 28.67
O2A ADP P . 58.04 -7.14 26.86
O3A ADP P . 56.73 -5.43 28.26
O5' ADP P . 58.62 -4.62 26.53
C5' ADP P . 59.07 -4.96 25.25
C4' ADP P . 58.44 -4.05 24.22
O4' ADP P . 58.99 -4.41 22.74
C3' ADP P . 57.14 -4.21 24.20
O3' ADP P . 56.46 -2.89 23.97
C2' ADP P . 56.84 -5.15 23.01
O2' ADP P . 55.82 -4.66 22.27
C1' ADP P . 58.13 -5.21 22.16
N9 ADP P . 58.61 -6.61 22.10
C8 ADP P . 59.86 -6.62 22.58
N7 ADP P . 60.25 -7.90 22.49
C5 ADP P . 59.24 -8.63 21.98
C6 ADP P . 59.12 -9.97 21.69
N6 ADP P . 60.22 -10.88 21.95
N1 ADP P . 58.00 -10.45 21.16
C2 ADP P . 56.96 -9.61 20.92
N3 ADP P . 57.07 -8.30 21.19
C4 ADP P . 58.21 -7.82 21.73
H5'1 ADP P . 58.82 -5.99 25.02
H5'2 ADP P . 60.15 -4.84 25.21
H4' ADP P . 58.67 -3.01 24.45
H3' ADP P . 56.79 -4.66 25.11
HO3' ADP P . 56.55 -2.64 23.06
H2' ADP P . 56.60 -6.14 23.38
HO2' ADP P . 55.26 -5.38 22.00
H1' ADP P . 57.93 -4.85 21.17
H8 ADP P . 60.45 -5.80 22.95
HN61 ADP P . 60.12 -11.87 21.78
HN62 ADP P . 61.10 -10.52 22.29
H2 ADP P . 56.05 -10.00 20.50
#